data_8XMI
#
_entry.id   8XMI
#
_cell.length_a   1.00
_cell.length_b   1.00
_cell.length_c   1.00
_cell.angle_alpha   90.00
_cell.angle_beta   90.00
_cell.angle_gamma   90.00
#
_symmetry.space_group_name_H-M   'P 1'
#
loop_
_entity.id
_entity.type
_entity.pdbx_description
1 polymer 'Ktr system potassium uptake protein A'
2 polymer 'Ktr system potassium uptake protein B'
3 non-polymer "ADENOSINE-5'-TRIPHOSPHATE"
4 non-polymer 'SODIUM ION'
5 non-polymer 'POTASSIUM ION'
#
loop_
_entity_poly.entity_id
_entity_poly.type
_entity_poly.pdbx_seq_one_letter_code
_entity_poly.pdbx_strand_id
1 'polypeptide(L)'
;MGRIKNKQFAVIGLGRFGGSICKELHRMGHEVLAVDINEEKVNAYASYATHAVIANATEENELLSLGIRNFEYVIVAIGA
NIQASTLTTLLLKELDIPNIWVKAQNYYHHKVLEKIGADRIIHPEKDMGVKIAQSLSDENVLNYIDLSDEYSIVELLATR
KLDSKSIIDLNVRAKYGCTILAIKHHGDICLSPAPEDIIREQDCLVIMGHKKDIKRFENEGM
;
A,B,C,D,E,F,G,H
2 'polypeptide(L)'
;MTLQKDKVIKWVRFTPPQVLAIGFFLTIIIGAVLLMLPISTTKPLSWIDALFTAASATTVTGLAVVDTGTQFTVFGQTVI
MGLIQIGGLGFMTFAVLIVMILGKKIGLKERMLVQEALNQPTIGGVIGLVKVLFLFSISIELIAALILSIRLVPQYGWSS
GLFASLFHAISAFNNAGFSLWPDNLMSYVGDPTVNLVITFLFITGGIGFTVLFDVMKNRRFKTFSLHTKLMLTGTLMLNA
IAMLTVFILEYSNPGTLGHLHIVDKLWASYFQAVTPRTAGFNSLDFGSMREGTIVFTLLLMFIGAGSASTASGIKLTTFI
VILTSVIAYLRGKKETVIFRRSIKYPIIIKALAVSVTSLFIVFLGIFALTITEQAPFLQIVFETFSAFGTVGLTMGLTPE
LTTAGKCIIIVIMFIGRIGPLTFVFSFAKTEQSNIRYPDGEVFTG
;
I,J,K,L
#
loop_
_chem_comp.id
_chem_comp.type
_chem_comp.name
_chem_comp.formula
ATP non-polymer ADENOSINE-5'-TRIPHOSPHATE 'C10 H16 N5 O13 P3'
K non-polymer 'POTASSIUM ION' 'K 1'
NA non-polymer 'SODIUM ION' 'Na 1'
#
# COMPACT_ATOMS: atom_id res chain seq x y z
N LYS A 7 33.69 26.26 14.88
CA LYS A 7 32.73 25.33 15.46
C LYS A 7 32.32 24.26 14.45
N GLN A 8 31.93 23.09 14.95
CA GLN A 8 31.44 22.00 14.14
C GLN A 8 29.95 21.83 14.39
N PHE A 9 29.17 21.89 13.32
CA PHE A 9 27.71 21.79 13.40
C PHE A 9 27.24 20.49 12.79
N ALA A 10 26.18 19.92 13.36
CA ALA A 10 25.52 18.75 12.80
C ALA A 10 24.05 19.09 12.60
N VAL A 11 23.53 18.80 11.41
CA VAL A 11 22.13 19.04 11.10
C VAL A 11 21.50 17.69 10.78
N ILE A 12 20.54 17.28 11.61
CA ILE A 12 19.93 15.96 11.51
C ILE A 12 18.54 16.13 10.91
N GLY A 13 18.35 15.58 9.71
CA GLY A 13 17.11 15.75 9.00
C GLY A 13 17.20 16.90 8.02
N LEU A 14 17.30 16.58 6.74
CA LEU A 14 17.47 17.61 5.70
C LEU A 14 16.12 17.84 5.04
N GLY A 15 15.28 18.61 5.71
CA GLY A 15 14.03 19.05 5.16
C GLY A 15 14.16 20.39 4.48
N ARG A 16 13.04 21.10 4.40
CA ARG A 16 13.09 22.49 3.96
C ARG A 16 13.75 23.36 5.00
N PHE A 17 13.56 23.04 6.28
CA PHE A 17 14.20 23.78 7.35
C PHE A 17 15.63 23.29 7.60
N GLY A 18 15.82 21.98 7.65
CA GLY A 18 17.16 21.45 7.86
C GLY A 18 18.09 21.68 6.69
N GLY A 19 17.57 21.57 5.48
CA GLY A 19 18.40 21.79 4.30
C GLY A 19 18.80 23.23 4.10
N SER A 20 18.03 24.16 4.66
CA SER A 20 18.38 25.57 4.57
C SER A 20 19.52 25.94 5.51
N ILE A 21 19.59 25.28 6.67
CA ILE A 21 20.69 25.54 7.60
C ILE A 21 22.00 24.97 7.05
N CYS A 22 21.92 23.84 6.36
CA CYS A 22 23.11 23.26 5.75
C CYS A 22 23.69 24.16 4.68
N LYS A 23 22.83 24.71 3.82
CA LYS A 23 23.32 25.58 2.75
C LYS A 23 23.85 26.90 3.29
N GLU A 24 23.21 27.45 4.32
CA GLU A 24 23.63 28.75 4.83
C GLU A 24 24.92 28.66 5.63
N LEU A 25 25.05 27.63 6.48
CA LEU A 25 26.27 27.49 7.27
C LEU A 25 27.45 27.11 6.38
N HIS A 26 27.20 26.34 5.32
CA HIS A 26 28.26 26.06 4.35
C HIS A 26 28.63 27.29 3.55
N ARG A 27 27.67 28.18 3.32
CA ARG A 27 27.95 29.44 2.64
C ARG A 27 28.88 30.32 3.47
N MET A 28 28.68 30.34 4.79
CA MET A 28 29.51 31.14 5.67
C MET A 28 30.85 30.49 5.98
N GLY A 29 31.06 29.24 5.56
CA GLY A 29 32.33 28.58 5.78
C GLY A 29 32.44 27.85 7.10
N HIS A 30 31.51 26.93 7.37
CA HIS A 30 31.52 26.15 8.60
C HIS A 30 31.48 24.66 8.26
N GLU A 31 32.00 23.86 9.18
CA GLU A 31 32.00 22.40 9.02
C GLU A 31 30.64 21.88 9.47
N VAL A 32 29.85 21.36 8.53
CA VAL A 32 28.49 20.92 8.77
C VAL A 32 28.37 19.45 8.42
N LEU A 33 27.84 18.67 9.34
CA LEU A 33 27.50 17.27 9.08
C LEU A 33 26.00 17.18 8.79
N ALA A 34 25.65 16.66 7.63
CA ALA A 34 24.27 16.56 7.20
C ALA A 34 23.83 15.10 7.27
N VAL A 35 23.00 14.78 8.25
CA VAL A 35 22.50 13.43 8.47
C VAL A 35 21.06 13.38 8.04
N ASP A 36 20.70 12.37 7.25
CA ASP A 36 19.33 12.17 6.83
C ASP A 36 19.13 10.68 6.58
N ILE A 37 17.90 10.22 6.83
CA ILE A 37 17.58 8.81 6.60
C ILE A 37 17.21 8.52 5.16
N ASN A 38 17.00 9.56 4.36
CA ASN A 38 16.59 9.42 2.97
C ASN A 38 17.81 9.50 2.06
N GLU A 39 17.90 8.55 1.13
CA GLU A 39 19.05 8.50 0.22
C GLU A 39 19.03 9.67 -0.75
N GLU A 40 17.85 10.05 -1.24
CA GLU A 40 17.75 11.11 -2.24
C GLU A 40 18.08 12.48 -1.67
N LYS A 41 17.72 12.73 -0.41
CA LYS A 41 18.01 14.01 0.22
C LYS A 41 19.51 14.20 0.40
N VAL A 42 20.23 13.15 0.79
CA VAL A 42 21.66 13.28 1.07
C VAL A 42 22.43 13.53 -0.22
N ASN A 43 22.01 12.90 -1.32
CA ASN A 43 22.66 13.16 -2.61
C ASN A 43 22.44 14.59 -3.07
N ALA A 44 21.36 15.23 -2.61
CA ALA A 44 21.12 16.63 -2.94
C ALA A 44 22.04 17.55 -2.14
N TYR A 45 22.24 17.25 -0.86
CA TYR A 45 23.03 18.11 0.02
C TYR A 45 24.44 17.58 0.24
N ALA A 46 24.88 16.61 -0.54
CA ALA A 46 26.26 16.14 -0.45
C ALA A 46 27.24 17.24 -0.84
N SER A 47 26.89 18.04 -1.85
CA SER A 47 27.73 19.14 -2.31
C SER A 47 27.59 20.40 -1.45
N TYR A 48 26.53 20.51 -0.65
CA TYR A 48 26.31 21.66 0.20
C TYR A 48 26.69 21.41 1.65
N ALA A 49 27.36 20.31 1.94
CA ALA A 49 27.78 19.99 3.30
C ALA A 49 29.20 19.46 3.28
N THR A 50 29.92 19.71 4.37
CA THR A 50 31.27 19.17 4.51
C THR A 50 31.25 17.66 4.55
N HIS A 51 30.28 17.08 5.27
CA HIS A 51 30.15 15.64 5.42
C HIS A 51 28.67 15.32 5.41
N ALA A 52 28.26 14.38 4.56
CA ALA A 52 26.87 13.99 4.42
C ALA A 52 26.76 12.48 4.57
N VAL A 53 25.91 12.03 5.49
CA VAL A 53 25.78 10.61 5.83
C VAL A 53 24.32 10.21 5.72
N ILE A 54 24.07 9.04 5.15
CA ILE A 54 22.73 8.44 5.14
C ILE A 54 22.63 7.54 6.36
N ALA A 55 22.00 8.02 7.44
CA ALA A 55 21.94 7.26 8.67
C ALA A 55 20.63 7.56 9.38
N ASN A 56 20.21 6.58 10.19
CA ASN A 56 19.06 6.73 11.08
C ASN A 56 19.58 7.26 12.42
N ALA A 57 19.07 8.41 12.84
CA ALA A 57 19.58 9.07 14.03
C ALA A 57 18.91 8.60 15.30
N THR A 58 17.88 7.77 15.22
CA THR A 58 17.26 7.21 16.41
C THR A 58 18.03 6.00 16.96
N GLU A 59 19.06 5.55 16.26
CA GLU A 59 19.85 4.40 16.67
C GLU A 59 21.19 4.88 17.22
N GLU A 60 21.57 4.36 18.39
CA GLU A 60 22.79 4.81 19.06
C GLU A 60 24.03 4.35 18.30
N ASN A 61 23.99 3.17 17.69
CA ASN A 61 25.16 2.65 17.00
C ASN A 61 25.49 3.48 15.77
N GLU A 62 24.47 3.94 15.04
CA GLU A 62 24.72 4.82 13.90
C GLU A 62 25.10 6.23 14.35
N LEU A 63 24.67 6.64 15.53
CA LEU A 63 24.98 7.97 16.02
C LEU A 63 26.41 8.06 16.53
N LEU A 64 26.92 6.98 17.12
CA LEU A 64 28.29 6.98 17.61
C LEU A 64 29.31 6.81 16.50
N SER A 65 28.90 6.28 15.34
CA SER A 65 29.81 6.12 14.23
C SER A 65 30.19 7.44 13.57
N LEU A 66 29.32 8.46 13.66
CA LEU A 66 29.56 9.74 13.04
C LEU A 66 30.52 10.62 13.84
N GLY A 67 30.92 10.20 15.03
CA GLY A 67 31.64 11.09 15.90
C GLY A 67 30.79 12.25 16.35
N ILE A 68 29.53 11.99 16.70
CA ILE A 68 28.59 13.04 17.02
C ILE A 68 28.95 13.73 18.33
N ARG A 69 29.83 13.14 19.14
CA ARG A 69 30.29 13.80 20.35
C ARG A 69 31.29 14.91 20.06
N ASN A 70 31.79 15.02 18.82
CA ASN A 70 32.75 16.04 18.45
C ASN A 70 32.10 17.35 18.04
N PHE A 71 30.77 17.41 18.00
CA PHE A 71 30.03 18.56 17.52
C PHE A 71 29.49 19.36 18.70
N GLU A 72 29.72 20.68 18.68
CA GLU A 72 29.21 21.52 19.75
C GLU A 72 27.70 21.73 19.61
N TYR A 73 27.23 21.99 18.40
CA TYR A 73 25.82 22.22 18.11
C TYR A 73 25.29 21.05 17.30
N VAL A 74 24.14 20.53 17.71
CA VAL A 74 23.37 19.59 16.89
C VAL A 74 21.99 20.18 16.70
N ILE A 75 21.54 20.27 15.46
CA ILE A 75 20.23 20.78 15.12
C ILE A 75 19.40 19.61 14.61
N VAL A 76 18.36 19.25 15.37
CA VAL A 76 17.49 18.13 15.02
C VAL A 76 16.31 18.73 14.27
N ALA A 77 16.40 18.73 12.95
CA ALA A 77 15.35 19.32 12.11
C ALA A 77 14.35 18.27 11.64
N ILE A 78 13.85 17.49 12.57
CA ILE A 78 12.76 16.55 12.32
C ILE A 78 11.56 17.07 13.08
N GLY A 79 10.51 17.45 12.36
CA GLY A 79 9.39 18.11 13.01
C GLY A 79 8.04 17.60 12.55
N ALA A 80 8.01 16.45 11.89
CA ALA A 80 6.75 15.78 11.58
C ALA A 80 6.69 14.39 12.17
N ASN A 81 7.81 13.77 12.47
CA ASN A 81 7.88 12.50 13.17
C ASN A 81 8.20 12.82 14.62
N ILE A 82 7.19 12.75 15.49
CA ILE A 82 7.41 13.04 16.90
C ILE A 82 8.26 11.95 17.53
N GLN A 83 8.06 10.70 17.12
CA GLN A 83 8.86 9.61 17.67
C GLN A 83 10.33 9.74 17.30
N ALA A 84 10.61 10.07 16.04
CA ALA A 84 11.99 10.21 15.60
C ALA A 84 12.64 11.45 16.19
N SER A 85 11.87 12.50 16.42
CA SER A 85 12.44 13.74 16.96
C SER A 85 12.74 13.61 18.45
N THR A 86 11.84 12.98 19.21
CA THR A 86 12.05 12.87 20.65
C THR A 86 13.06 11.79 21.01
N LEU A 87 13.13 10.73 20.21
CA LEU A 87 14.09 9.68 20.47
C LEU A 87 15.51 10.13 20.15
N THR A 88 15.65 11.00 19.17
CA THR A 88 16.97 11.50 18.79
C THR A 88 17.55 12.39 19.88
N THR A 89 16.76 13.36 20.38
CA THR A 89 17.29 14.27 21.39
C THR A 89 17.45 13.60 22.74
N LEU A 90 16.79 12.46 22.96
CA LEU A 90 17.09 11.66 24.14
C LEU A 90 18.46 11.02 24.04
N LEU A 91 18.84 10.58 22.83
CA LEU A 91 20.17 10.05 22.61
C LEU A 91 21.24 11.13 22.77
N LEU A 92 20.99 12.31 22.20
CA LEU A 92 21.99 13.37 22.22
C LEU A 92 22.15 13.96 23.62
N LYS A 93 21.07 13.96 24.40
CA LYS A 93 21.19 14.40 25.79
C LYS A 93 22.02 13.43 26.61
N GLU A 94 21.91 12.13 26.29
CA GLU A 94 22.73 11.12 26.96
C GLU A 94 24.19 11.25 26.59
N LEU A 95 24.48 11.74 25.38
CA LEU A 95 25.84 11.87 24.88
C LEU A 95 26.48 13.20 25.24
N ASP A 96 25.82 14.00 26.08
CA ASP A 96 26.37 15.23 26.64
C ASP A 96 26.71 16.26 25.56
N ILE A 97 25.79 16.42 24.60
CA ILE A 97 25.93 17.46 23.58
C ILE A 97 25.64 18.80 24.25
N PRO A 98 26.52 19.79 24.13
CA PRO A 98 26.29 21.06 24.84
C PRO A 98 25.06 21.81 24.37
N ASN A 99 24.75 21.80 23.08
CA ASN A 99 23.62 22.55 22.53
C ASN A 99 22.84 21.65 21.59
N ILE A 100 21.60 21.33 21.96
CA ILE A 100 20.70 20.57 21.12
C ILE A 100 19.52 21.48 20.78
N TRP A 101 19.43 21.86 19.51
CA TRP A 101 18.36 22.71 19.02
C TRP A 101 17.40 21.84 18.24
N VAL A 102 16.14 21.82 18.65
CA VAL A 102 15.16 20.91 18.08
C VAL A 102 14.03 21.71 17.45
N LYS A 103 13.56 21.22 16.31
CA LYS A 103 12.40 21.79 15.62
C LYS A 103 11.16 21.03 16.05
N ALA A 104 10.15 21.74 16.55
CA ALA A 104 8.95 21.12 17.08
C ALA A 104 7.82 21.16 16.05
N GLN A 105 6.74 20.46 16.38
CA GLN A 105 5.57 20.36 15.51
C GLN A 105 4.35 21.09 16.08
N ASN A 106 3.96 20.77 17.30
CA ASN A 106 2.78 21.37 17.91
C ASN A 106 3.09 21.68 19.36
N TYR A 107 2.04 21.98 20.13
CA TYR A 107 2.21 22.31 21.55
C TYR A 107 2.71 21.12 22.34
N TYR A 108 2.17 19.93 22.06
CA TYR A 108 2.53 18.75 22.84
C TYR A 108 3.94 18.28 22.54
N HIS A 109 4.36 18.37 21.28
CA HIS A 109 5.73 18.03 20.92
C HIS A 109 6.72 18.99 21.57
N HIS A 110 6.34 20.26 21.74
CA HIS A 110 7.18 21.20 22.47
C HIS A 110 7.36 20.77 23.91
N LYS A 111 6.30 20.21 24.52
CA LYS A 111 6.36 19.87 25.94
C LYS A 111 7.18 18.60 26.20
N VAL A 112 7.17 17.65 25.28
CA VAL A 112 8.01 16.47 25.42
C VAL A 112 9.48 16.86 25.36
N LEU A 113 9.84 17.71 24.38
CA LEU A 113 11.23 18.11 24.22
C LEU A 113 11.72 18.96 25.37
N GLU A 114 10.82 19.69 26.03
CA GLU A 114 11.21 20.43 27.23
C GLU A 114 11.55 19.49 28.38
N LYS A 115 10.82 18.39 28.52
CA LYS A 115 11.09 17.44 29.60
C LYS A 115 12.43 16.75 29.42
N ILE A 116 12.76 16.34 28.20
CA ILE A 116 13.93 15.50 27.97
C ILE A 116 15.14 16.36 27.66
N GLY A 117 15.03 17.66 27.91
CA GLY A 117 16.19 18.55 27.90
C GLY A 117 16.66 19.00 26.54
N ALA A 118 15.80 19.66 25.78
CA ALA A 118 16.19 20.35 24.56
C ALA A 118 16.64 21.75 24.92
N ASP A 119 17.83 22.12 24.47
CA ASP A 119 18.40 23.41 24.87
C ASP A 119 17.63 24.57 24.24
N ARG A 120 17.13 24.38 23.02
CA ARG A 120 16.30 25.41 22.38
C ARG A 120 15.34 24.73 21.42
N ILE A 121 14.07 25.11 21.50
CA ILE A 121 13.01 24.51 20.71
C ILE A 121 12.48 25.55 19.72
N ILE A 122 12.40 25.18 18.45
CA ILE A 122 12.14 26.11 17.36
C ILE A 122 10.85 25.71 16.67
N HIS A 123 10.01 26.70 16.38
CA HIS A 123 8.80 26.53 15.57
C HIS A 123 8.96 27.38 14.32
N PRO A 124 9.42 26.80 13.21
CA PRO A 124 9.67 27.62 12.01
C PRO A 124 8.41 28.14 11.34
N GLU A 125 7.41 27.28 11.14
CA GLU A 125 6.20 27.71 10.45
C GLU A 125 5.28 28.53 11.35
N LYS A 126 5.29 28.26 12.66
CA LYS A 126 4.45 29.01 13.56
C LYS A 126 4.97 30.44 13.73
N ASP A 127 6.28 30.61 13.74
CA ASP A 127 6.84 31.96 13.85
C ASP A 127 6.65 32.74 12.56
N MET A 128 6.80 32.09 11.41
CA MET A 128 6.64 32.78 10.13
C MET A 128 5.17 33.02 9.82
N GLY A 129 4.29 32.15 10.29
CA GLY A 129 2.86 32.36 10.09
C GLY A 129 2.36 33.59 10.84
N VAL A 130 2.84 33.79 12.06
CA VAL A 130 2.44 34.96 12.84
C VAL A 130 3.00 36.24 12.21
N LYS A 131 4.22 36.19 11.71
CA LYS A 131 4.80 37.36 11.05
C LYS A 131 4.08 37.68 9.74
N ILE A 132 3.65 36.65 9.01
CA ILE A 132 2.88 36.87 7.79
C ILE A 132 1.49 37.41 8.13
N ALA A 133 0.87 36.87 9.18
CA ALA A 133 -0.48 37.29 9.55
C ALA A 133 -0.49 38.70 10.10
N GLN A 134 0.65 39.24 10.51
CA GLN A 134 0.72 40.65 10.86
C GLN A 134 0.76 41.52 9.61
N SER A 135 1.36 41.01 8.53
CA SER A 135 1.39 41.76 7.28
C SER A 135 0.05 41.72 6.56
N LEU A 136 -0.68 40.61 6.70
CA LEU A 136 -2.02 40.53 6.11
C LEU A 136 -3.00 41.45 6.83
N SER A 137 -2.89 41.53 8.16
CA SER A 137 -3.78 42.40 8.93
C SER A 137 -3.54 43.86 8.60
N ASP A 138 -2.28 44.25 8.47
CA ASP A 138 -1.91 45.64 8.17
C ASP A 138 -0.94 45.62 7.01
N GLU A 139 -1.40 46.05 5.84
CA GLU A 139 -0.58 46.03 4.64
C GLU A 139 0.48 47.11 4.61
N ASN A 140 0.44 48.06 5.53
CA ASN A 140 1.46 49.10 5.56
C ASN A 140 2.78 48.59 6.10
N VAL A 141 2.76 47.53 6.90
CA VAL A 141 3.99 46.97 7.43
C VAL A 141 4.59 46.00 6.41
N LEU A 142 5.91 45.92 6.39
CA LEU A 142 6.63 45.02 5.51
C LEU A 142 7.42 43.98 6.27
N ASN A 143 8.11 44.39 7.33
CA ASN A 143 8.83 43.50 8.21
C ASN A 143 8.90 44.17 9.58
N TYR A 144 8.94 43.36 10.63
CA TYR A 144 8.98 43.90 11.98
C TYR A 144 9.73 42.95 12.90
N ILE A 145 10.15 43.50 14.04
CA ILE A 145 10.85 42.72 15.05
C ILE A 145 10.39 43.21 16.40
N ASP A 146 9.97 42.31 17.27
CA ASP A 146 9.44 42.65 18.59
C ASP A 146 10.59 42.73 19.59
N LEU A 147 10.88 43.93 20.08
CA LEU A 147 11.84 44.07 21.18
C LEU A 147 11.26 43.53 22.47
N SER A 148 9.97 43.77 22.71
CA SER A 148 9.28 43.26 23.88
C SER A 148 7.82 43.01 23.49
N ASP A 149 6.96 42.86 24.49
CA ASP A 149 5.54 42.67 24.22
C ASP A 149 4.83 43.98 23.90
N GLU A 150 5.48 45.12 24.08
CA GLU A 150 4.87 46.41 23.79
C GLU A 150 5.74 47.35 22.96
N TYR A 151 6.98 46.97 22.64
CA TYR A 151 7.86 47.79 21.82
C TYR A 151 8.30 47.00 20.60
N SER A 152 8.29 47.65 19.44
CA SER A 152 8.59 46.96 18.20
C SER A 152 9.24 47.92 17.21
N ILE A 153 10.07 47.37 16.34
CA ILE A 153 10.68 48.10 15.24
C ILE A 153 10.01 47.63 13.96
N VAL A 154 9.27 48.52 13.31
CA VAL A 154 8.45 48.17 12.15
C VAL A 154 8.96 48.93 10.94
N GLU A 155 9.21 48.21 9.86
CA GLU A 155 9.60 48.81 8.59
C GLU A 155 8.34 49.07 7.78
N LEU A 156 7.81 50.29 7.89
CA LEU A 156 6.53 50.64 7.29
C LEU A 156 6.68 50.93 5.80
N LEU A 157 5.55 51.10 5.13
CA LEU A 157 5.50 51.47 3.72
C LEU A 157 4.79 52.81 3.59
N ALA A 158 5.42 53.74 2.89
CA ALA A 158 4.94 55.12 2.78
C ALA A 158 3.76 55.17 1.81
N THR A 159 2.72 55.90 2.20
CA THR A 159 1.55 56.10 1.36
C THR A 159 1.60 57.46 0.67
N ARG A 160 0.50 57.82 0.02
CA ARG A 160 0.45 59.08 -0.71
C ARG A 160 0.34 60.27 0.22
N LYS A 161 -0.28 60.09 1.40
CA LYS A 161 -0.45 61.22 2.31
C LYS A 161 0.86 61.58 3.00
N LEU A 162 1.79 60.63 3.09
CA LEU A 162 3.09 60.93 3.66
C LEU A 162 4.08 61.41 2.59
N ASP A 163 3.67 61.44 1.33
CA ASP A 163 4.54 61.93 0.27
C ASP A 163 4.71 63.44 0.39
N SER A 164 5.90 63.91 -0.02
CA SER A 164 6.29 65.32 0.04
C SER A 164 6.17 65.88 1.46
N LYS A 165 6.55 65.08 2.45
CA LYS A 165 6.50 65.49 3.85
C LYS A 165 7.89 65.31 4.46
N SER A 166 8.28 66.27 5.29
CA SER A 166 9.59 66.22 5.92
C SER A 166 9.50 65.54 7.28
N ILE A 167 10.66 65.22 7.84
CA ILE A 167 10.73 64.58 9.15
C ILE A 167 10.19 65.51 10.24
N ILE A 168 10.61 66.78 10.20
CA ILE A 168 10.15 67.75 11.20
C ILE A 168 8.66 68.01 11.05
N ASP A 169 8.14 67.88 9.82
CA ASP A 169 6.70 68.03 9.61
C ASP A 169 5.92 66.93 10.33
N LEU A 170 6.44 65.70 10.29
CA LEU A 170 5.83 64.62 11.04
C LEU A 170 6.09 64.80 12.53
N ASN A 171 5.05 64.58 13.33
CA ASN A 171 5.12 64.72 14.77
C ASN A 171 5.30 63.39 15.49
N VAL A 172 6.07 62.47 14.90
CA VAL A 172 6.23 61.14 15.46
C VAL A 172 6.98 61.20 16.80
N ARG A 173 7.94 62.11 16.91
CA ARG A 173 8.78 62.16 18.11
C ARG A 173 8.01 62.67 19.31
N ALA A 174 7.14 63.66 19.11
CA ALA A 174 6.43 64.29 20.23
C ALA A 174 5.03 63.76 20.41
N LYS A 175 4.19 63.84 19.36
CA LYS A 175 2.80 63.43 19.49
C LYS A 175 2.66 61.92 19.62
N TYR A 176 3.36 61.16 18.79
CA TYR A 176 3.28 59.71 18.81
C TYR A 176 4.32 59.06 19.72
N GLY A 177 5.35 59.79 20.11
CA GLY A 177 6.40 59.22 20.95
C GLY A 177 7.17 58.10 20.29
N CYS A 178 7.44 58.23 19.00
CA CYS A 178 8.14 57.21 18.23
C CYS A 178 9.26 57.86 17.44
N THR A 179 10.35 57.11 17.27
CA THR A 179 11.55 57.61 16.60
C THR A 179 11.67 56.92 15.25
N ILE A 180 11.90 57.71 14.20
CA ILE A 180 12.18 57.12 12.89
C ILE A 180 13.65 56.74 12.83
N LEU A 181 13.89 55.46 12.54
CA LEU A 181 15.24 54.92 12.52
C LEU A 181 16.00 55.12 11.24
N ALA A 182 15.41 54.72 10.12
CA ALA A 182 16.06 54.86 8.82
C ALA A 182 14.99 54.94 7.74
N ILE A 183 15.36 55.53 6.61
CA ILE A 183 14.44 55.65 5.49
C ILE A 183 15.12 55.16 4.21
N LYS A 184 14.71 54.00 3.72
CA LYS A 184 15.23 53.50 2.45
C LYS A 184 14.68 54.34 1.32
N HIS A 185 15.53 54.64 0.33
CA HIS A 185 15.14 55.42 -0.83
C HIS A 185 15.64 54.75 -2.10
N HIS A 186 14.87 53.80 -2.62
CA HIS A 186 15.12 53.16 -3.91
C HIS A 186 16.54 52.58 -3.99
N GLY A 187 16.83 51.66 -3.08
CA GLY A 187 18.16 51.08 -3.02
C GLY A 187 19.18 51.89 -2.24
N ASP A 188 18.79 53.05 -1.72
CA ASP A 188 19.67 53.88 -0.92
C ASP A 188 19.07 54.03 0.48
N ILE A 189 19.88 53.84 1.50
CA ILE A 189 19.43 53.77 2.88
C ILE A 189 20.04 54.93 3.65
N CYS A 190 19.24 55.57 4.49
CA CYS A 190 19.65 56.74 5.27
C CYS A 190 19.50 56.41 6.76
N LEU A 191 20.58 55.93 7.36
CA LEU A 191 20.57 55.61 8.78
C LEU A 191 20.50 56.88 9.62
N SER A 192 19.59 56.89 10.60
CA SER A 192 19.38 57.98 11.55
C SER A 192 19.21 59.32 10.86
N PRO A 193 18.07 59.56 10.21
CA PRO A 193 17.90 60.81 9.46
C PRO A 193 17.87 62.02 10.37
N ALA A 194 18.40 63.12 9.87
CA ALA A 194 18.37 64.39 10.57
C ALA A 194 17.32 65.30 9.96
N PRO A 195 16.70 66.17 10.76
CA PRO A 195 15.71 67.10 10.20
C PRO A 195 16.35 68.09 9.25
N GLU A 196 15.85 68.14 8.02
CA GLU A 196 14.70 67.33 7.60
C GLU A 196 14.92 66.65 6.25
N ASP A 197 14.36 65.47 6.10
CA ASP A 197 14.39 64.72 4.85
C ASP A 197 12.98 64.48 4.35
N ILE A 198 12.78 64.65 3.05
CA ILE A 198 11.45 64.54 2.45
C ILE A 198 11.17 63.07 2.14
N ILE A 199 10.03 62.58 2.62
CA ILE A 199 9.62 61.21 2.35
C ILE A 199 9.04 61.13 0.94
N ARG A 200 9.42 60.09 0.21
CA ARG A 200 8.94 59.92 -1.16
C ARG A 200 7.59 59.22 -1.17
N GLU A 201 7.17 58.80 -2.37
CA GLU A 201 5.85 58.20 -2.52
C GLU A 201 5.76 56.85 -1.83
N GLN A 202 6.58 55.89 -2.24
CA GLN A 202 6.58 54.55 -1.65
C GLN A 202 7.99 54.21 -1.22
N ASP A 203 8.28 54.39 0.07
CA ASP A 203 9.60 54.13 0.61
C ASP A 203 9.44 53.56 2.01
N CYS A 204 10.50 52.89 2.47
CA CYS A 204 10.48 52.31 3.81
C CYS A 204 10.49 53.41 4.86
N LEU A 205 9.82 53.14 5.98
CA LEU A 205 9.63 54.12 7.03
C LEU A 205 9.93 53.46 8.38
N VAL A 206 11.13 52.87 8.49
CA VAL A 206 11.58 52.18 9.69
C VAL A 206 11.39 53.07 10.91
N ILE A 207 10.61 52.59 11.88
CA ILE A 207 10.21 53.37 13.03
C ILE A 207 10.36 52.49 14.26
N MET A 208 10.53 53.14 15.42
CA MET A 208 10.67 52.45 16.69
C MET A 208 9.83 53.18 17.73
N GLY A 209 9.06 52.41 18.50
CA GLY A 209 8.25 53.02 19.53
C GLY A 209 7.36 51.98 20.19
N HIS A 210 6.39 52.47 20.95
CA HIS A 210 5.40 51.59 21.55
C HIS A 210 4.56 50.93 20.46
N LYS A 211 4.11 49.72 20.75
CA LYS A 211 3.38 48.94 19.74
C LYS A 211 2.05 49.59 19.38
N LYS A 212 1.33 50.10 20.38
CA LYS A 212 0.06 50.76 20.11
C LYS A 212 0.25 52.16 19.52
N ASP A 213 1.39 52.79 19.78
CA ASP A 213 1.62 54.14 19.26
C ASP A 213 1.92 54.13 17.78
N ILE A 214 2.49 53.04 17.25
CA ILE A 214 2.73 52.95 15.82
C ILE A 214 1.42 52.78 15.07
N LYS A 215 0.48 52.01 15.63
CA LYS A 215 -0.81 51.80 14.96
C LYS A 215 -1.60 53.10 14.85
N ARG A 216 -1.51 53.98 15.85
CA ARG A 216 -2.14 55.28 15.75
C ARG A 216 -1.51 56.12 14.65
N PHE A 217 -0.19 56.01 14.48
CA PHE A 217 0.50 56.75 13.42
C PHE A 217 0.07 56.28 12.04
N GLU A 218 -0.14 54.96 11.88
CA GLU A 218 -0.50 54.43 10.57
C GLU A 218 -1.91 54.85 10.17
N ASN A 219 -2.85 54.85 11.12
CA ASN A 219 -4.22 55.23 10.81
C ASN A 219 -4.32 56.72 10.53
N GLU A 220 -3.70 57.54 11.39
CA GLU A 220 -3.81 58.99 11.21
C GLU A 220 -2.94 59.49 10.07
N GLY A 221 -1.74 58.94 9.93
CA GLY A 221 -0.83 59.40 8.89
C GLY A 221 0.05 58.31 8.31
N LYS B 7 -11.82 43.55 5.81
CA LYS B 7 -10.90 42.56 5.29
C LYS B 7 -11.40 41.14 5.55
N GLN B 8 -11.61 40.38 4.49
CA GLN B 8 -12.01 38.99 4.56
C GLN B 8 -10.89 38.13 4.02
N PHE B 9 -10.47 37.15 4.82
CA PHE B 9 -9.34 36.29 4.49
C PHE B 9 -9.83 34.86 4.29
N ALA B 10 -9.19 34.16 3.37
CA ALA B 10 -9.41 32.74 3.17
C ALA B 10 -8.06 32.03 3.22
N VAL B 11 -7.95 31.02 4.06
CA VAL B 11 -6.71 30.27 4.21
C VAL B 11 -6.98 28.84 3.75
N ILE B 12 -6.38 28.47 2.62
CA ILE B 12 -6.58 27.16 2.03
C ILE B 12 -5.38 26.30 2.40
N GLY B 13 -5.64 25.25 3.18
CA GLY B 13 -4.57 24.42 3.69
C GLY B 13 -4.25 24.74 5.13
N LEU B 14 -4.71 23.90 6.05
CA LEU B 14 -4.53 24.11 7.48
C LEU B 14 -3.37 23.23 7.96
N GLY B 15 -2.15 23.65 7.64
CA GLY B 15 -0.96 22.99 8.08
C GLY B 15 -0.40 23.62 9.34
N ARG B 16 0.92 23.51 9.49
CA ARG B 16 1.58 24.23 10.58
C ARG B 16 1.69 25.71 10.26
N PHE B 17 1.78 26.05 8.98
CA PHE B 17 1.88 27.45 8.56
C PHE B 17 0.50 28.05 8.35
N GLY B 18 -0.37 27.35 7.63
CA GLY B 18 -1.71 27.85 7.42
C GLY B 18 -2.54 27.88 8.70
N GLY B 19 -2.31 26.90 9.58
CA GLY B 19 -3.01 26.89 10.85
C GLY B 19 -2.64 28.06 11.74
N SER B 20 -1.38 28.49 11.69
CA SER B 20 -0.95 29.63 12.49
C SER B 20 -1.52 30.94 11.96
N ILE B 21 -1.73 31.03 10.64
CA ILE B 21 -2.32 32.24 10.07
C ILE B 21 -3.80 32.33 10.42
N CYS B 22 -4.50 31.19 10.43
CA CYS B 22 -5.90 31.19 10.88
C CYS B 22 -6.01 31.59 12.34
N LYS B 23 -5.15 31.03 13.20
CA LYS B 23 -5.23 31.31 14.62
C LYS B 23 -4.84 32.75 14.94
N GLU B 24 -3.85 33.31 14.24
CA GLU B 24 -3.44 34.67 14.54
C GLU B 24 -4.44 35.69 14.02
N LEU B 25 -4.94 35.50 12.80
CA LEU B 25 -5.90 36.46 12.23
C LEU B 25 -7.22 36.45 12.98
N HIS B 26 -7.71 35.26 13.36
CA HIS B 26 -8.92 35.16 14.15
C HIS B 26 -8.72 35.75 15.54
N ARG B 27 -7.51 35.68 16.08
CA ARG B 27 -7.22 36.30 17.36
C ARG B 27 -7.29 37.82 17.28
N MET B 28 -6.83 38.39 16.16
CA MET B 28 -6.86 39.83 15.98
C MET B 28 -8.25 40.36 15.67
N GLY B 29 -9.22 39.50 15.42
CA GLY B 29 -10.57 39.93 15.11
C GLY B 29 -10.78 40.16 13.62
N HIS B 30 -10.49 39.16 12.81
CA HIS B 30 -10.68 39.21 11.37
C HIS B 30 -11.55 38.05 10.94
N GLU B 31 -12.16 38.19 9.76
CA GLU B 31 -12.98 37.13 9.20
C GLU B 31 -12.09 36.19 8.39
N VAL B 32 -11.92 34.97 8.86
CA VAL B 32 -11.07 33.97 8.22
C VAL B 32 -11.93 32.78 7.82
N LEU B 33 -11.81 32.36 6.57
CA LEU B 33 -12.40 31.12 6.10
C LEU B 33 -11.28 30.08 6.00
N ALA B 34 -11.45 28.96 6.70
CA ALA B 34 -10.47 27.89 6.71
C ALA B 34 -10.95 26.77 5.81
N VAL B 35 -10.19 26.46 4.77
CA VAL B 35 -10.53 25.41 3.82
C VAL B 35 -9.45 24.35 3.88
N ASP B 36 -9.86 23.09 4.04
CA ASP B 36 -8.93 21.98 4.05
C ASP B 36 -9.64 20.73 3.53
N ILE B 37 -8.86 19.86 2.88
CA ILE B 37 -9.41 18.61 2.36
C ILE B 37 -9.51 17.53 3.42
N ASN B 38 -8.91 17.75 4.58
CA ASN B 38 -8.87 16.76 5.65
C ASN B 38 -9.98 17.07 6.66
N GLU B 39 -10.77 16.04 6.99
CA GLU B 39 -11.87 16.23 7.93
C GLU B 39 -11.37 16.57 9.32
N GLU B 40 -10.33 15.87 9.79
CA GLU B 40 -9.83 16.10 11.14
C GLU B 40 -9.19 17.47 11.28
N LYS B 41 -8.55 17.97 10.22
CA LYS B 41 -7.99 19.32 10.25
C LYS B 41 -9.06 20.38 10.39
N VAL B 42 -10.17 20.22 9.68
CA VAL B 42 -11.24 21.22 9.71
C VAL B 42 -11.89 21.27 11.07
N ASN B 43 -12.17 20.10 11.66
CA ASN B 43 -12.82 20.05 12.96
C ASN B 43 -11.94 20.66 14.05
N ALA B 44 -10.62 20.47 13.94
CA ALA B 44 -9.70 21.05 14.91
C ALA B 44 -9.66 22.56 14.82
N TYR B 45 -9.78 23.10 13.61
CA TYR B 45 -9.77 24.54 13.39
C TYR B 45 -11.17 25.12 13.24
N ALA B 46 -12.19 24.39 13.70
CA ALA B 46 -13.55 24.92 13.64
C ALA B 46 -13.72 26.12 14.55
N SER B 47 -13.10 26.09 15.73
CA SER B 47 -13.20 27.19 16.68
C SER B 47 -12.15 28.27 16.47
N TYR B 48 -11.21 28.07 15.56
CA TYR B 48 -10.16 29.05 15.29
C TYR B 48 -10.42 29.84 14.01
N ALA B 49 -11.60 29.72 13.42
CA ALA B 49 -11.92 30.42 12.19
C ALA B 49 -13.39 30.82 12.20
N THR B 50 -13.71 31.81 11.37
CA THR B 50 -15.11 32.21 11.23
C THR B 50 -15.94 31.06 10.64
N HIS B 51 -15.39 30.37 9.65
CA HIS B 51 -16.04 29.22 9.05
C HIS B 51 -14.98 28.25 8.56
N ALA B 52 -15.15 26.97 8.85
CA ALA B 52 -14.24 25.93 8.40
C ALA B 52 -14.99 24.96 7.50
N VAL B 53 -14.50 24.77 6.29
CA VAL B 53 -15.18 23.97 5.27
C VAL B 53 -14.25 22.85 4.82
N ILE B 54 -14.81 21.65 4.67
CA ILE B 54 -14.09 20.53 4.09
C ILE B 54 -14.28 20.60 2.58
N ALA B 55 -13.26 21.07 1.86
CA ALA B 55 -13.39 21.23 0.42
C ALA B 55 -12.04 20.97 -0.24
N ASN B 56 -12.11 20.61 -1.51
CA ASN B 56 -10.93 20.44 -2.36
C ASN B 56 -10.77 21.71 -3.18
N ALA B 57 -9.58 22.31 -3.11
CA ALA B 57 -9.35 23.59 -3.76
C ALA B 57 -9.01 23.47 -5.24
N THR B 58 -8.67 22.27 -5.71
CA THR B 58 -8.32 22.09 -7.12
C THR B 58 -9.54 21.93 -8.00
N GLU B 59 -10.74 21.87 -7.44
CA GLU B 59 -11.98 21.78 -8.20
C GLU B 59 -12.67 23.14 -8.18
N GLU B 60 -12.99 23.65 -9.37
CA GLU B 60 -13.63 24.96 -9.45
C GLU B 60 -15.06 24.91 -8.92
N ASN B 61 -15.74 23.79 -9.11
CA ASN B 61 -17.12 23.64 -8.65
C ASN B 61 -17.22 23.72 -7.13
N GLU B 62 -16.26 23.10 -6.42
CA GLU B 62 -16.24 23.22 -4.98
C GLU B 62 -15.70 24.57 -4.53
N LEU B 63 -14.88 25.22 -5.37
CA LEU B 63 -14.28 26.49 -4.99
C LEU B 63 -15.29 27.63 -5.07
N LEU B 64 -16.18 27.59 -6.05
CA LEU B 64 -17.22 28.61 -6.15
C LEU B 64 -18.34 28.40 -5.14
N SER B 65 -18.43 27.20 -4.56
CA SER B 65 -19.43 26.95 -3.53
C SER B 65 -19.08 27.58 -2.20
N LEU B 66 -17.82 28.01 -2.02
CA LEU B 66 -17.38 28.67 -0.80
C LEU B 66 -17.64 30.17 -0.82
N GLY B 67 -18.08 30.72 -1.94
CA GLY B 67 -18.10 32.17 -2.07
C GLY B 67 -16.70 32.74 -2.07
N ILE B 68 -15.77 32.11 -2.79
CA ILE B 68 -14.36 32.47 -2.73
C ILE B 68 -14.10 33.81 -3.40
N ARG B 69 -15.03 34.32 -4.21
CA ARG B 69 -14.85 35.61 -4.85
C ARG B 69 -15.03 36.77 -3.88
N ASN B 70 -15.53 36.52 -2.67
CA ASN B 70 -15.82 37.56 -1.69
C ASN B 70 -14.62 37.90 -0.83
N PHE B 71 -13.48 37.26 -1.03
CA PHE B 71 -12.30 37.43 -0.19
C PHE B 71 -11.23 38.20 -0.96
N GLU B 72 -10.71 39.26 -0.34
CA GLU B 72 -9.63 40.02 -0.99
C GLU B 72 -8.30 39.31 -0.84
N TYR B 73 -8.06 38.65 0.28
CA TYR B 73 -6.83 37.91 0.52
C TYR B 73 -7.15 36.42 0.58
N VAL B 74 -6.45 35.64 -0.23
CA VAL B 74 -6.48 34.18 -0.15
C VAL B 74 -5.06 33.70 0.01
N ILE B 75 -4.84 32.82 0.99
CA ILE B 75 -3.53 32.28 1.28
C ILE B 75 -3.58 30.79 0.98
N VAL B 76 -2.76 30.35 0.04
CA VAL B 76 -2.66 28.93 -0.32
C VAL B 76 -1.46 28.39 0.44
N ALA B 77 -1.69 27.85 1.63
CA ALA B 77 -0.62 27.31 2.46
C ALA B 77 -0.44 25.81 2.25
N ILE B 78 -0.27 25.41 0.98
CA ILE B 78 0.05 24.05 0.62
C ILE B 78 1.46 24.08 0.03
N GLY B 79 2.40 23.41 0.68
CA GLY B 79 3.79 23.48 0.25
C GLY B 79 4.46 22.12 0.13
N ALA B 80 3.68 21.04 0.17
CA ALA B 80 4.20 19.71 -0.05
C ALA B 80 3.55 19.00 -1.22
N ASN B 81 2.59 19.63 -1.88
CA ASN B 81 1.97 19.12 -3.10
C ASN B 81 2.00 20.26 -4.11
N ILE B 82 2.94 20.19 -5.06
CA ILE B 82 3.04 21.23 -6.08
C ILE B 82 1.81 21.21 -6.98
N GLN B 83 1.32 20.02 -7.31
CA GLN B 83 0.16 19.91 -8.19
C GLN B 83 -1.09 20.50 -7.55
N ALA B 84 -1.29 20.26 -6.25
CA ALA B 84 -2.44 20.83 -5.57
C ALA B 84 -2.28 22.33 -5.38
N SER B 85 -1.05 22.79 -5.11
CA SER B 85 -0.84 24.20 -4.84
C SER B 85 -0.90 25.03 -6.12
N THR B 86 -0.31 24.54 -7.21
CA THR B 86 -0.30 25.33 -8.45
C THR B 86 -1.65 25.29 -9.15
N LEU B 87 -2.42 24.22 -9.00
CA LEU B 87 -3.76 24.19 -9.56
C LEU B 87 -4.69 25.12 -8.80
N THR B 88 -4.51 25.24 -7.48
CA THR B 88 -5.35 26.14 -6.69
C THR B 88 -5.12 27.60 -7.08
N THR B 89 -3.86 28.01 -7.18
CA THR B 89 -3.56 29.39 -7.55
C THR B 89 -3.88 29.69 -9.01
N LEU B 90 -3.99 28.66 -9.84
CA LEU B 90 -4.46 28.88 -11.21
C LEU B 90 -5.96 29.17 -11.23
N LEU B 91 -6.72 28.49 -10.38
CA LEU B 91 -8.16 28.73 -10.30
C LEU B 91 -8.46 30.10 -9.70
N LEU B 92 -7.74 30.47 -8.63
CA LEU B 92 -7.98 31.75 -7.99
C LEU B 92 -7.57 32.91 -8.88
N LYS B 93 -6.50 32.73 -9.66
CA LYS B 93 -6.09 33.78 -10.59
C LYS B 93 -7.12 33.96 -11.69
N GLU B 94 -7.74 32.86 -12.14
CA GLU B 94 -8.76 32.96 -13.17
C GLU B 94 -10.08 33.46 -12.60
N LEU B 95 -10.23 33.47 -11.28
CA LEU B 95 -11.42 33.97 -10.60
C LEU B 95 -11.27 35.42 -10.15
N ASP B 96 -10.16 36.08 -10.52
CA ASP B 96 -9.89 37.48 -10.19
C ASP B 96 -9.88 37.72 -8.69
N ILE B 97 -8.98 37.03 -7.99
CA ILE B 97 -8.73 37.30 -6.58
C ILE B 97 -7.65 38.37 -6.50
N PRO B 98 -7.89 39.49 -5.81
CA PRO B 98 -6.92 40.60 -5.83
C PRO B 98 -5.56 40.26 -5.26
N ASN B 99 -5.51 39.44 -4.20
CA ASN B 99 -4.25 39.13 -3.53
C ASN B 99 -4.19 37.65 -3.24
N ILE B 100 -3.23 36.96 -3.87
CA ILE B 100 -2.98 35.55 -3.62
C ILE B 100 -1.56 35.42 -3.08
N TRP B 101 -1.44 34.87 -1.87
CA TRP B 101 -0.16 34.60 -1.24
C TRP B 101 0.01 33.10 -1.16
N VAL B 102 1.11 32.58 -1.66
CA VAL B 102 1.32 31.15 -1.78
C VAL B 102 2.58 30.76 -1.01
N LYS B 103 2.47 29.69 -0.23
CA LYS B 103 3.63 29.10 0.44
C LYS B 103 4.27 28.11 -0.51
N ALA B 104 5.54 28.33 -0.82
CA ALA B 104 6.26 27.52 -1.80
C ALA B 104 7.04 26.40 -1.11
N GLN B 105 7.58 25.50 -1.93
CA GLN B 105 8.35 24.37 -1.47
C GLN B 105 9.85 24.53 -1.72
N ASN B 106 10.24 24.79 -2.97
CA ASN B 106 11.64 24.84 -3.35
C ASN B 106 11.81 25.95 -4.38
N TYR B 107 12.96 25.93 -5.05
CA TYR B 107 13.26 26.93 -6.07
C TYR B 107 12.39 26.78 -7.30
N TYR B 108 12.11 25.54 -7.70
CA TYR B 108 11.31 25.31 -8.89
C TYR B 108 9.84 25.60 -8.66
N HIS B 109 9.31 25.23 -7.49
CA HIS B 109 7.94 25.58 -7.15
C HIS B 109 7.77 27.10 -7.04
N HIS B 110 8.80 27.80 -6.59
CA HIS B 110 8.77 29.26 -6.56
C HIS B 110 8.69 29.83 -7.98
N LYS B 111 9.33 29.18 -8.94
CA LYS B 111 9.33 29.68 -10.31
C LYS B 111 8.02 29.41 -11.04
N VAL B 112 7.39 28.26 -10.77
CA VAL B 112 6.11 27.96 -11.39
C VAL B 112 5.05 28.95 -10.92
N LEU B 113 5.02 29.24 -9.62
CA LEU B 113 3.98 30.10 -9.06
C LEU B 113 4.10 31.53 -9.56
N GLU B 114 5.31 31.99 -9.82
CA GLU B 114 5.47 33.35 -10.33
C GLU B 114 5.01 33.46 -11.78
N LYS B 115 5.10 32.36 -12.55
CA LYS B 115 4.64 32.38 -13.93
C LYS B 115 3.12 32.50 -14.03
N ILE B 116 2.41 31.80 -13.15
CA ILE B 116 0.95 31.73 -13.25
C ILE B 116 0.30 32.81 -12.40
N GLY B 117 1.10 33.76 -11.92
CA GLY B 117 0.56 34.94 -11.27
C GLY B 117 0.25 34.83 -9.79
N ALA B 118 1.25 34.47 -8.99
CA ALA B 118 1.13 34.54 -7.54
C ALA B 118 1.68 35.88 -7.08
N ASP B 119 0.90 36.61 -6.29
CA ASP B 119 1.25 37.99 -5.95
C ASP B 119 2.42 38.04 -4.97
N ARG B 120 2.47 37.11 -4.02
CA ARG B 120 3.59 37.02 -3.11
C ARG B 120 3.83 35.57 -2.74
N ILE B 121 5.08 35.13 -2.82
CA ILE B 121 5.45 33.74 -2.59
C ILE B 121 6.33 33.68 -1.35
N ILE B 122 5.99 32.78 -0.43
CA ILE B 122 6.56 32.73 0.90
C ILE B 122 7.27 31.39 1.10
N HIS B 123 8.47 31.44 1.67
CA HIS B 123 9.21 30.25 2.10
C HIS B 123 9.38 30.32 3.60
N PRO B 124 8.50 29.68 4.37
CA PRO B 124 8.58 29.81 5.84
C PRO B 124 9.80 29.15 6.44
N GLU B 125 10.05 27.88 6.12
CA GLU B 125 11.19 27.17 6.70
C GLU B 125 12.51 27.64 6.11
N LYS B 126 12.52 28.07 4.84
CA LYS B 126 13.76 28.54 4.24
C LYS B 126 14.18 29.88 4.82
N ASP B 127 13.22 30.75 5.14
CA ASP B 127 13.56 32.03 5.74
C ASP B 127 13.97 31.88 7.19
N MET B 128 13.33 30.96 7.92
CA MET B 128 13.69 30.74 9.32
C MET B 128 15.00 29.99 9.43
N GLY B 129 15.29 29.09 8.49
CA GLY B 129 16.56 28.37 8.53
C GLY B 129 17.75 29.29 8.35
N VAL B 130 17.60 30.32 7.50
CA VAL B 130 18.65 31.32 7.34
C VAL B 130 18.77 32.18 8.60
N LYS B 131 17.64 32.52 9.22
CA LYS B 131 17.67 33.31 10.45
C LYS B 131 18.26 32.50 11.60
N ILE B 132 17.94 31.21 11.69
CA ILE B 132 18.48 30.38 12.75
C ILE B 132 19.98 30.15 12.55
N ALA B 133 20.41 29.92 11.32
CA ALA B 133 21.82 29.64 11.04
C ALA B 133 22.70 30.85 11.32
N GLN B 134 22.12 32.06 11.32
CA GLN B 134 22.88 33.22 11.77
C GLN B 134 23.07 33.21 13.28
N SER B 135 22.11 32.62 14.01
CA SER B 135 22.24 32.55 15.46
C SER B 135 23.21 31.45 15.89
N LEU B 136 23.27 30.35 15.14
CA LEU B 136 24.27 29.31 15.45
C LEU B 136 25.68 29.84 15.24
N SER B 137 25.91 30.53 14.13
CA SER B 137 27.25 31.00 13.78
C SER B 137 27.77 32.01 14.79
N ASP B 138 26.91 32.92 15.24
CA ASP B 138 27.26 33.91 16.25
C ASP B 138 26.23 33.84 17.37
N GLU B 139 26.62 33.23 18.49
CA GLU B 139 25.73 33.04 19.62
C GLU B 139 25.45 34.34 20.38
N ASN B 140 26.20 35.40 20.11
CA ASN B 140 25.97 36.67 20.79
C ASN B 140 24.65 37.30 20.34
N VAL B 141 24.29 37.10 19.08
CA VAL B 141 23.06 37.68 18.57
C VAL B 141 21.86 36.85 19.01
N LEU B 142 20.69 37.49 19.09
CA LEU B 142 19.46 36.80 19.47
C LEU B 142 18.40 36.92 18.39
N ASN B 143 18.32 38.07 17.73
CA ASN B 143 17.32 38.32 16.71
C ASN B 143 17.81 39.47 15.84
N TYR B 144 17.71 39.30 14.53
CA TYR B 144 18.19 40.32 13.60
C TYR B 144 17.14 40.54 12.53
N ILE B 145 17.15 41.75 11.96
CA ILE B 145 16.27 42.13 10.87
C ILE B 145 17.10 42.83 9.82
N ASP B 146 16.95 42.42 8.56
CA ASP B 146 17.74 42.96 7.46
C ASP B 146 17.01 44.15 6.86
N LEU B 147 17.50 45.36 7.15
CA LEU B 147 16.99 46.55 6.47
C LEU B 147 17.35 46.50 4.98
N SER B 148 18.57 46.06 4.67
CA SER B 148 19.01 45.92 3.29
C SER B 148 20.01 44.77 3.22
N ASP B 149 20.73 44.67 2.10
CA ASP B 149 21.76 43.66 1.97
C ASP B 149 23.05 44.03 2.67
N GLU B 150 23.21 45.28 3.08
CA GLU B 150 24.43 45.74 3.74
C GLU B 150 24.19 46.42 5.08
N TYR B 151 22.93 46.62 5.49
CA TYR B 151 22.61 47.24 6.76
C TYR B 151 21.55 46.40 7.46
N SER B 152 21.65 46.33 8.79
CA SER B 152 20.72 45.50 9.55
C SER B 152 20.69 45.98 10.99
N ILE B 153 19.61 45.59 11.69
CA ILE B 153 19.43 45.86 13.11
C ILE B 153 19.55 44.53 13.84
N VAL B 154 20.52 44.42 14.73
CA VAL B 154 20.80 43.17 15.42
C VAL B 154 20.65 43.37 16.92
N GLU B 155 19.90 42.47 17.55
CA GLU B 155 19.70 42.48 19.00
C GLU B 155 20.74 41.56 19.64
N LEU B 156 21.72 42.17 20.31
CA LEU B 156 22.89 41.47 20.81
C LEU B 156 22.75 41.18 22.29
N LEU B 157 23.12 39.98 22.70
CA LEU B 157 23.25 39.67 24.11
C LEU B 157 24.53 40.28 24.65
N ALA B 158 24.46 40.84 25.86
CA ALA B 158 25.58 41.55 26.46
C ALA B 158 26.60 40.56 27.02
N THR B 159 27.87 40.80 26.71
CA THR B 159 28.94 39.94 27.18
C THR B 159 29.37 40.33 28.58
N ARG B 160 30.18 39.51 29.22
CA ARG B 160 30.64 39.80 30.56
C ARG B 160 31.67 40.93 30.57
N LYS B 161 32.33 41.17 29.43
CA LYS B 161 33.30 42.26 29.37
C LYS B 161 32.60 43.62 29.29
N LEU B 162 31.32 43.62 28.90
CA LEU B 162 30.54 44.84 28.82
C LEU B 162 29.72 45.11 30.08
N ASP B 163 29.87 44.29 31.11
CA ASP B 163 29.10 44.48 32.33
C ASP B 163 29.57 45.75 33.04
N SER B 164 28.60 46.53 33.52
CA SER B 164 28.84 47.81 34.19
C SER B 164 29.68 48.76 33.33
N LYS B 165 29.28 48.90 32.07
CA LYS B 165 29.95 49.79 31.12
C LYS B 165 28.97 50.83 30.62
N SER B 166 29.44 52.07 30.51
CA SER B 166 28.58 53.16 30.06
C SER B 166 28.36 53.09 28.56
N ILE B 167 27.32 53.80 28.10
CA ILE B 167 27.11 53.95 26.66
C ILE B 167 28.20 54.83 26.05
N ILE B 168 28.58 55.90 26.74
CA ILE B 168 29.65 56.76 26.26
C ILE B 168 31.00 56.08 26.43
N ASP B 169 31.07 55.04 27.25
CA ASP B 169 32.30 54.25 27.37
C ASP B 169 32.63 53.56 26.05
N LEU B 170 31.62 53.05 25.36
CA LEU B 170 31.80 52.42 24.06
C LEU B 170 31.63 53.47 22.96
N ASN B 171 32.71 53.73 22.23
CA ASN B 171 32.68 54.72 21.15
C ASN B 171 32.25 54.04 19.85
N VAL B 172 31.04 53.48 19.88
CA VAL B 172 30.50 52.81 18.70
C VAL B 172 30.18 53.81 17.61
N ARG B 173 29.81 55.03 17.98
CA ARG B 173 29.45 56.06 17.01
C ARG B 173 30.66 56.48 16.18
N ALA B 174 31.83 56.55 16.82
CA ALA B 174 33.02 57.02 16.13
C ALA B 174 33.85 55.87 15.57
N LYS B 175 34.20 54.90 16.43
CA LYS B 175 35.13 53.85 16.02
C LYS B 175 34.50 52.90 15.02
N TYR B 176 33.26 52.47 15.28
CA TYR B 176 32.58 51.51 14.42
C TYR B 176 31.54 52.14 13.50
N GLY B 177 31.11 53.36 13.78
CA GLY B 177 30.06 53.97 12.97
C GLY B 177 28.72 53.29 13.11
N CYS B 178 28.35 52.89 14.33
CA CYS B 178 27.07 52.24 14.59
C CYS B 178 26.36 53.00 15.70
N THR B 179 25.04 52.89 15.71
CA THR B 179 24.20 53.56 16.69
C THR B 179 23.49 52.54 17.56
N ILE B 180 23.65 52.68 18.88
CA ILE B 180 22.92 51.83 19.80
C ILE B 180 21.49 52.36 19.95
N LEU B 181 20.52 51.45 19.83
CA LEU B 181 19.11 51.82 19.75
C LEU B 181 18.34 51.58 21.03
N ALA B 182 18.46 50.39 21.63
CA ALA B 182 17.67 50.06 22.81
C ALA B 182 18.41 49.04 23.66
N ILE B 183 18.11 49.04 24.96
CA ILE B 183 18.66 48.08 25.91
C ILE B 183 17.49 47.45 26.64
N LYS B 184 17.45 46.12 26.66
CA LYS B 184 16.40 45.37 27.35
C LYS B 184 16.94 44.90 28.70
N HIS B 185 16.71 45.69 29.74
CA HIS B 185 17.32 45.49 31.05
C HIS B 185 16.43 44.64 31.93
N HIS B 186 16.51 43.31 31.75
CA HIS B 186 15.86 42.33 32.61
C HIS B 186 14.35 42.56 32.69
N GLY B 187 13.67 42.43 31.56
CA GLY B 187 12.25 42.68 31.50
C GLY B 187 11.85 44.13 31.34
N ASP B 188 12.83 45.04 31.32
CA ASP B 188 12.57 46.47 31.14
C ASP B 188 13.27 46.92 29.87
N ILE B 189 12.52 47.61 29.01
CA ILE B 189 13.08 48.08 27.75
C ILE B 189 13.26 49.60 27.76
N CYS B 190 14.44 50.04 27.38
CA CYS B 190 14.79 51.46 27.35
C CYS B 190 14.87 51.91 25.90
N LEU B 191 14.20 53.02 25.59
CA LEU B 191 14.08 53.50 24.23
C LEU B 191 14.94 54.75 24.05
N SER B 192 15.84 54.69 23.08
CA SER B 192 16.81 55.74 22.74
C SER B 192 17.58 56.19 23.97
N PRO B 193 18.49 55.35 24.52
CA PRO B 193 19.19 55.73 25.74
C PRO B 193 20.25 56.79 25.51
N ALA B 194 20.06 57.97 26.10
CA ALA B 194 21.04 59.03 26.01
C ALA B 194 22.26 58.70 26.87
N PRO B 195 23.45 59.13 26.47
CA PRO B 195 24.65 58.85 27.27
C PRO B 195 24.60 59.57 28.61
N GLU B 196 24.88 58.84 29.69
CA GLU B 196 25.28 57.44 29.60
C GLU B 196 24.40 56.54 30.48
N ASP B 197 24.23 55.30 30.03
CA ASP B 197 23.48 54.28 30.76
C ASP B 197 24.38 53.07 31.00
N ILE B 198 24.10 52.34 32.06
CA ILE B 198 24.90 51.20 32.47
C ILE B 198 24.36 49.93 31.82
N ILE B 199 25.26 49.18 31.19
CA ILE B 199 24.94 47.91 30.55
C ILE B 199 25.23 46.79 31.56
N ARG B 200 24.22 45.97 31.84
CA ARG B 200 24.37 44.93 32.84
C ARG B 200 25.08 43.72 32.24
N GLU B 201 25.04 42.61 32.99
CA GLU B 201 25.74 41.40 32.58
C GLU B 201 25.06 40.74 31.39
N GLN B 202 23.81 40.30 31.56
CA GLN B 202 23.09 39.56 30.53
C GLN B 202 21.83 40.35 30.17
N ASP B 203 21.92 41.15 29.12
CA ASP B 203 20.79 41.94 28.63
C ASP B 203 20.91 42.07 27.12
N CYS B 204 19.79 42.36 26.48
CA CYS B 204 19.80 42.60 25.05
C CYS B 204 20.34 43.99 24.75
N LEU B 205 21.08 44.09 23.65
CA LEU B 205 21.70 45.36 23.24
C LEU B 205 21.38 45.55 21.76
N VAL B 206 20.24 46.20 21.48
CA VAL B 206 19.83 46.43 20.11
C VAL B 206 20.73 47.48 19.48
N ILE B 207 21.27 47.16 18.31
CA ILE B 207 22.22 48.02 17.62
C ILE B 207 21.79 48.16 16.17
N MET B 208 22.20 49.27 15.56
CA MET B 208 21.97 49.53 14.14
C MET B 208 23.26 50.00 13.51
N GLY B 209 23.63 49.41 12.39
CA GLY B 209 24.84 49.80 11.71
C GLY B 209 25.05 48.99 10.46
N HIS B 210 26.22 49.18 9.85
CA HIS B 210 26.58 48.42 8.67
C HIS B 210 26.75 46.95 9.01
N LYS B 211 26.47 46.09 8.03
CA LYS B 211 26.51 44.65 8.27
C LYS B 211 27.91 44.17 8.65
N LYS B 212 28.93 44.71 7.99
CA LYS B 212 30.30 44.36 8.34
C LYS B 212 30.76 45.02 9.63
N ASP B 213 30.22 46.21 9.94
CA ASP B 213 30.67 46.93 11.13
C ASP B 213 30.15 46.32 12.41
N ILE B 214 28.98 45.68 12.37
CA ILE B 214 28.42 45.07 13.57
C ILE B 214 29.26 43.88 14.01
N LYS B 215 29.71 43.06 13.05
CA LYS B 215 30.54 41.90 13.39
C LYS B 215 31.90 42.32 13.93
N ARG B 216 32.40 43.48 13.51
CA ARG B 216 33.63 43.99 14.09
C ARG B 216 33.42 44.44 15.54
N PHE B 217 32.24 44.97 15.84
CA PHE B 217 31.93 45.42 17.19
C PHE B 217 31.91 44.26 18.17
N GLU B 218 31.32 43.12 17.77
CA GLU B 218 31.24 41.97 18.66
C GLU B 218 32.62 41.38 18.93
N ASN B 219 33.47 41.33 17.90
CA ASN B 219 34.81 40.78 18.07
C ASN B 219 35.65 41.64 19.00
N GLU B 220 35.50 42.95 18.92
CA GLU B 220 36.27 43.87 19.75
C GLU B 220 35.55 44.27 21.03
N GLY B 221 34.38 43.70 21.30
CA GLY B 221 33.65 43.99 22.52
C GLY B 221 32.89 45.29 22.50
N LYS C 7 17.94 18.08 -38.02
CA LYS C 7 16.93 18.10 -36.97
C LYS C 7 17.13 16.98 -35.97
N GLN C 8 17.38 17.35 -34.73
CA GLN C 8 17.55 16.40 -33.64
C GLN C 8 16.38 16.54 -32.68
N PHE C 9 15.65 15.45 -32.47
CA PHE C 9 14.46 15.43 -31.64
C PHE C 9 14.75 14.68 -30.35
N ALA C 10 14.06 15.06 -29.29
CA ALA C 10 14.08 14.33 -28.03
C ALA C 10 12.64 14.12 -27.58
N VAL C 11 12.29 12.89 -27.27
CA VAL C 11 10.95 12.54 -26.80
C VAL C 11 11.08 12.09 -25.36
N ILE C 12 10.46 12.83 -24.45
CA ILE C 12 10.52 12.56 -23.02
C ILE C 12 9.21 11.91 -22.60
N GLY C 13 9.29 10.67 -22.16
CA GLY C 13 8.09 9.93 -21.81
C GLY C 13 7.64 9.06 -22.96
N LEU C 14 7.85 7.74 -22.84
CA LEU C 14 7.52 6.80 -23.90
C LEU C 14 6.25 6.05 -23.52
N GLY C 15 5.11 6.68 -23.78
CA GLY C 15 3.83 6.05 -23.62
C GLY C 15 3.28 5.52 -24.94
N ARG C 16 1.96 5.50 -25.04
CA ARG C 16 1.33 5.18 -26.32
C ARG C 16 1.52 6.33 -27.30
N PHE C 17 1.55 7.56 -26.80
CA PHE C 17 1.70 8.72 -27.66
C PHE C 17 3.16 9.00 -27.98
N GLY C 18 4.01 9.11 -26.95
CA GLY C 18 5.41 9.36 -27.20
C GLY C 18 6.12 8.17 -27.81
N GLY C 19 5.60 6.97 -27.59
CA GLY C 19 6.14 5.80 -28.26
C GLY C 19 5.94 5.82 -29.76
N SER C 20 4.80 6.37 -30.22
CA SER C 20 4.55 6.44 -31.64
C SER C 20 5.36 7.54 -32.31
N ILE C 21 5.65 8.62 -31.58
CA ILE C 21 6.48 9.69 -32.13
C ILE C 21 7.92 9.22 -32.28
N CYS C 22 8.43 8.48 -31.30
CA CYS C 22 9.77 7.92 -31.42
C CYS C 22 9.87 6.95 -32.58
N LYS C 23 8.87 6.09 -32.74
CA LYS C 23 8.91 5.11 -33.82
C LYS C 23 8.73 5.76 -35.18
N GLU C 24 7.89 6.79 -35.27
CA GLU C 24 7.66 7.44 -36.55
C GLU C 24 8.85 8.29 -36.97
N LEU C 25 9.41 9.06 -36.05
CA LEU C 25 10.56 9.89 -36.37
C LEU C 25 11.78 9.05 -36.69
N HIS C 26 11.94 7.92 -36.01
CA HIS C 26 13.04 7.01 -36.32
C HIS C 26 12.86 6.35 -37.68
N ARG C 27 11.62 6.09 -38.08
CA ARG C 27 11.37 5.51 -39.40
C ARG C 27 11.67 6.50 -40.51
N MET C 28 11.36 7.78 -40.29
CA MET C 28 11.66 8.81 -41.28
C MET C 28 13.15 9.14 -41.36
N GLY C 29 13.97 8.62 -40.45
CA GLY C 29 15.40 8.84 -40.51
C GLY C 29 15.85 10.06 -39.75
N HIS C 30 15.42 10.18 -38.50
CA HIS C 30 15.78 11.32 -37.66
C HIS C 30 16.50 10.83 -36.42
N GLU C 31 17.27 11.73 -35.82
CA GLU C 31 18.00 11.43 -34.60
C GLU C 31 17.10 11.71 -33.41
N VAL C 32 16.58 10.65 -32.79
CA VAL C 32 15.62 10.76 -31.70
C VAL C 32 16.26 10.24 -30.43
N LEU C 33 16.21 11.03 -29.38
CA LEU C 33 16.63 10.60 -28.05
C LEU C 33 15.38 10.27 -27.25
N ALA C 34 15.21 9.01 -26.90
CA ALA C 34 14.07 8.55 -26.12
C ALA C 34 14.45 8.56 -24.65
N VAL C 35 13.72 9.33 -23.85
CA VAL C 35 13.97 9.44 -22.42
C VAL C 35 12.75 8.91 -21.69
N ASP C 36 12.96 8.01 -20.74
CA ASP C 36 11.87 7.53 -19.90
C ASP C 36 12.41 7.16 -18.53
N ILE C 37 11.62 7.44 -17.50
CA ILE C 37 12.00 7.10 -16.13
C ILE C 37 11.82 5.63 -15.83
N ASN C 38 11.14 4.89 -16.70
CA ASN C 38 10.85 3.48 -16.49
C ASN C 38 11.89 2.66 -17.24
N GLU C 39 12.49 1.68 -16.55
CA GLU C 39 13.57 0.90 -17.14
C GLU C 39 13.05 -0.05 -18.20
N GLU C 40 11.82 -0.54 -18.04
CA GLU C 40 11.25 -1.44 -19.04
C GLU C 40 10.94 -0.72 -20.34
N LYS C 41 10.48 0.53 -20.27
CA LYS C 41 10.16 1.28 -21.48
C LYS C 41 11.42 1.55 -22.30
N VAL C 42 12.53 1.84 -21.64
CA VAL C 42 13.76 2.19 -22.33
C VAL C 42 14.32 0.99 -23.09
N ASN C 43 14.21 -0.21 -22.50
CA ASN C 43 14.69 -1.42 -23.18
C ASN C 43 13.85 -1.73 -24.41
N ALA C 44 12.54 -1.49 -24.34
CA ALA C 44 11.68 -1.76 -25.48
C ALA C 44 11.90 -0.76 -26.61
N TYR C 45 12.23 0.49 -26.27
CA TYR C 45 12.44 1.53 -27.26
C TYR C 45 13.91 1.81 -27.53
N ALA C 46 14.80 0.92 -27.12
CA ALA C 46 16.20 1.06 -27.51
C ALA C 46 16.36 0.80 -29.00
N SER C 47 15.57 -0.12 -29.55
CA SER C 47 15.65 -0.46 -30.96
C SER C 47 14.86 0.50 -31.85
N TYR C 48 13.96 1.29 -31.28
CA TYR C 48 13.14 2.22 -32.05
C TYR C 48 13.60 3.67 -31.91
N ALA C 49 14.78 3.91 -31.34
CA ALA C 49 15.30 5.25 -31.18
C ALA C 49 16.80 5.23 -31.41
N THR C 50 17.35 6.39 -31.74
CA THR C 50 18.79 6.50 -31.91
C THR C 50 19.53 6.21 -30.60
N HIS C 51 19.02 6.74 -29.50
CA HIS C 51 19.57 6.45 -28.18
C HIS C 51 18.44 6.52 -27.17
N ALA C 52 18.35 5.52 -26.30
CA ALA C 52 17.33 5.46 -25.27
C ALA C 52 18.00 5.53 -23.90
N VAL C 53 17.57 6.48 -23.07
CA VAL C 53 18.22 6.80 -21.82
C VAL C 53 17.20 6.72 -20.69
N ILE C 54 17.59 6.09 -19.58
CA ILE C 54 16.79 6.07 -18.36
C ILE C 54 17.16 7.30 -17.54
N ALA C 55 16.23 8.26 -17.43
CA ALA C 55 16.50 9.46 -16.67
C ALA C 55 15.19 10.02 -16.14
N ASN C 56 15.29 10.84 -15.11
CA ASN C 56 14.17 11.59 -14.56
C ASN C 56 14.27 13.01 -15.07
N ALA C 57 13.40 13.38 -16.01
CA ALA C 57 13.46 14.69 -16.65
C ALA C 57 13.06 15.82 -15.73
N THR C 58 12.47 15.52 -14.57
CA THR C 58 12.20 16.55 -13.58
C THR C 58 13.46 16.99 -12.84
N GLU C 59 14.57 16.28 -12.99
CA GLU C 59 15.83 16.63 -12.37
C GLU C 59 16.70 17.37 -13.38
N GLU C 60 17.22 18.53 -12.98
CA GLU C 60 18.04 19.32 -13.88
C GLU C 60 19.41 18.68 -14.11
N ASN C 61 19.98 18.08 -13.06
CA ASN C 61 21.29 17.46 -13.19
C ASN C 61 21.23 16.25 -14.12
N GLU C 62 20.18 15.45 -14.03
CA GLU C 62 20.02 14.32 -14.94
C GLU C 62 19.71 14.79 -16.35
N LEU C 63 19.08 15.95 -16.49
CA LEU C 63 18.75 16.47 -17.81
C LEU C 63 19.97 17.03 -18.52
N LEU C 64 20.88 17.69 -17.78
CA LEU C 64 22.11 18.19 -18.37
C LEU C 64 23.07 17.08 -18.76
N SER C 65 23.01 15.92 -18.09
CA SER C 65 23.84 14.79 -18.47
C SER C 65 23.45 14.22 -19.82
N LEU C 66 22.21 14.45 -20.26
CA LEU C 66 21.76 14.00 -21.58
C LEU C 66 22.31 14.85 -22.71
N GLY C 67 22.83 16.04 -22.41
CA GLY C 67 23.11 17.00 -23.46
C GLY C 67 21.84 17.48 -24.14
N ILE C 68 20.81 17.80 -23.35
CA ILE C 68 19.52 18.16 -23.91
C ILE C 68 19.54 19.53 -24.55
N ARG C 69 20.58 20.34 -24.29
CA ARG C 69 20.67 21.67 -24.89
C ARG C 69 20.96 21.62 -26.38
N ASN C 70 21.30 20.45 -26.93
CA ASN C 70 21.66 20.30 -28.33
C ASN C 70 20.48 19.91 -29.21
N PHE C 71 19.28 19.83 -28.65
CA PHE C 71 18.09 19.42 -29.39
C PHE C 71 17.22 20.63 -29.67
N GLU C 72 16.83 20.79 -30.94
CA GLU C 72 15.89 21.86 -31.28
C GLU C 72 14.50 21.56 -30.78
N TYR C 73 14.03 20.33 -31.00
CA TYR C 73 12.68 19.92 -30.62
C TYR C 73 12.76 18.96 -29.45
N VAL C 74 12.07 19.28 -28.37
CA VAL C 74 11.84 18.36 -27.26
C VAL C 74 10.35 18.21 -27.08
N ILE C 75 9.88 16.97 -27.12
CA ILE C 75 8.46 16.65 -26.95
C ILE C 75 8.31 15.96 -25.62
N VAL C 76 7.54 16.55 -24.71
CA VAL C 76 7.31 16.02 -23.38
C VAL C 76 5.98 15.29 -23.43
N ALA C 77 6.02 13.99 -23.71
CA ALA C 77 4.80 13.22 -23.89
C ALA C 77 4.35 12.56 -22.59
N ILE C 78 4.26 13.34 -21.52
CA ILE C 78 3.75 12.89 -20.24
C ILE C 78 2.44 13.61 -20.01
N GLY C 79 1.33 12.87 -20.02
CA GLY C 79 0.03 13.50 -19.94
C GLY C 79 -0.87 12.91 -18.87
N ALA C 80 -0.29 12.22 -17.91
CA ALA C 80 -1.03 11.77 -16.74
C ALA C 80 -0.39 12.21 -15.43
N ASN C 81 0.80 12.82 -15.48
CA ASN C 81 1.48 13.35 -14.31
C ASN C 81 1.67 14.83 -14.57
N ILE C 82 0.78 15.66 -14.03
CA ILE C 82 0.85 17.10 -14.25
C ILE C 82 2.11 17.67 -13.62
N GLN C 83 2.46 17.21 -12.42
CA GLN C 83 3.65 17.72 -11.75
C GLN C 83 4.92 17.39 -12.50
N ALA C 84 5.01 16.19 -13.07
CA ALA C 84 6.18 15.83 -13.86
C ALA C 84 6.18 16.57 -15.18
N SER C 85 5.00 16.86 -15.74
CA SER C 85 4.94 17.52 -17.04
C SER C 85 5.22 19.01 -16.93
N THR C 86 4.73 19.66 -15.87
CA THR C 86 4.97 21.09 -15.72
C THR C 86 6.38 21.37 -15.22
N LEU C 87 6.97 20.44 -14.48
CA LEU C 87 8.33 20.62 -14.00
C LEU C 87 9.32 20.44 -15.14
N THR C 88 9.08 19.47 -16.01
CA THR C 88 9.98 19.20 -17.11
C THR C 88 10.03 20.37 -18.08
N THR C 89 8.86 20.88 -18.47
CA THR C 89 8.83 21.96 -19.45
C THR C 89 9.28 23.29 -18.86
N LEU C 90 9.31 23.41 -17.54
CA LEU C 90 9.91 24.60 -16.92
C LEU C 90 11.44 24.53 -16.98
N LEU C 91 11.99 23.32 -16.81
CA LEU C 91 13.43 23.14 -16.93
C LEU C 91 13.90 23.39 -18.35
N LEU C 92 13.17 22.88 -19.34
CA LEU C 92 13.56 23.05 -20.73
C LEU C 92 13.46 24.51 -21.16
N LYS C 93 12.47 25.24 -20.65
CA LYS C 93 12.38 26.67 -20.93
C LYS C 93 13.53 27.43 -20.28
N GLU C 94 13.97 26.98 -19.09
CA GLU C 94 15.14 27.55 -18.45
C GLU C 94 16.40 27.29 -19.25
N LEU C 95 16.52 26.09 -19.82
CA LEU C 95 17.68 25.70 -20.61
C LEU C 95 17.61 26.20 -22.05
N ASP C 96 16.58 26.99 -22.38
CA ASP C 96 16.45 27.69 -23.67
C ASP C 96 16.37 26.72 -24.84
N ILE C 97 15.38 25.83 -24.79
CA ILE C 97 15.05 24.96 -25.92
C ILE C 97 14.13 25.75 -26.86
N PRO C 98 14.44 25.83 -28.14
CA PRO C 98 13.60 26.66 -29.04
C PRO C 98 12.17 26.18 -29.18
N ASN C 99 11.94 24.86 -29.21
CA ASN C 99 10.61 24.31 -29.44
C ASN C 99 10.32 23.27 -28.38
N ILE C 100 9.25 23.48 -27.61
CA ILE C 100 8.81 22.55 -26.59
C ILE C 100 7.34 22.22 -26.88
N TRP C 101 7.07 20.96 -27.18
CA TRP C 101 5.72 20.49 -27.44
C TRP C 101 5.32 19.55 -26.31
N VAL C 102 4.16 19.81 -25.69
CA VAL C 102 3.75 19.06 -24.51
C VAL C 102 2.40 18.40 -24.79
N LYS C 103 2.26 17.17 -24.30
CA LYS C 103 0.99 16.47 -24.29
C LYS C 103 0.26 16.80 -22.99
N ALA C 104 -0.94 17.33 -23.10
CA ALA C 104 -1.71 17.76 -21.94
C ALA C 104 -2.68 16.68 -21.48
N GLN C 105 -3.20 16.86 -20.28
CA GLN C 105 -4.20 15.97 -19.70
C GLN C 105 -5.61 16.55 -19.78
N ASN C 106 -5.80 17.74 -19.24
CA ASN C 106 -7.12 18.36 -19.19
C ASN C 106 -6.97 19.84 -19.51
N TYR C 107 -8.03 20.60 -19.22
CA TYR C 107 -8.04 22.02 -19.56
C TYR C 107 -7.17 22.84 -18.62
N TYR C 108 -7.12 22.47 -17.34
CA TYR C 108 -6.30 23.20 -16.39
C TYR C 108 -4.82 22.93 -16.59
N HIS C 109 -4.46 21.71 -17.01
CA HIS C 109 -3.09 21.43 -17.39
C HIS C 109 -2.69 22.24 -18.61
N HIS C 110 -3.61 22.43 -19.55
CA HIS C 110 -3.34 23.25 -20.73
C HIS C 110 -3.10 24.70 -20.36
N LYS C 111 -3.74 25.17 -19.28
CA LYS C 111 -3.57 26.55 -18.86
C LYS C 111 -2.22 26.79 -18.18
N VAL C 112 -1.75 25.82 -17.40
CA VAL C 112 -0.46 25.98 -16.72
C VAL C 112 0.68 25.97 -17.73
N LEU C 113 0.65 25.04 -18.68
CA LEU C 113 1.73 24.93 -19.67
C LEU C 113 1.79 26.14 -20.57
N GLU C 114 0.65 26.78 -20.83
CA GLU C 114 0.65 28.03 -21.59
C GLU C 114 1.38 29.13 -20.84
N LYS C 115 1.22 29.20 -19.52
CA LYS C 115 1.87 30.24 -18.73
C LYS C 115 3.37 30.05 -18.66
N ILE C 116 3.83 28.81 -18.50
CA ILE C 116 5.25 28.55 -18.29
C ILE C 116 5.97 28.37 -19.62
N GLY C 117 5.29 28.69 -20.71
CA GLY C 117 5.95 28.78 -22.01
C GLY C 117 6.08 27.49 -22.78
N ALA C 118 4.97 26.83 -23.07
CA ALA C 118 4.94 25.69 -23.96
C ALA C 118 4.53 26.16 -25.35
N ASP C 119 5.35 25.84 -26.35
CA ASP C 119 5.12 26.37 -27.69
C ASP C 119 3.89 25.73 -28.33
N ARG C 120 3.72 24.42 -28.18
CA ARG C 120 2.50 23.76 -28.65
C ARG C 120 2.06 22.76 -27.61
N ILE C 121 0.75 22.74 -27.34
CA ILE C 121 0.16 21.83 -26.37
C ILE C 121 -0.81 20.93 -27.12
N ILE C 122 -0.67 19.61 -26.94
CA ILE C 122 -1.34 18.62 -27.77
C ILE C 122 -2.29 17.82 -26.90
N HIS C 123 -3.53 17.66 -27.38
CA HIS C 123 -4.54 16.82 -26.75
C HIS C 123 -4.82 15.65 -27.68
N PRO C 124 -4.09 14.53 -27.53
CA PRO C 124 -4.24 13.44 -28.52
C PRO C 124 -5.58 12.73 -28.44
N GLU C 125 -6.04 12.38 -27.24
CA GLU C 125 -7.32 11.68 -27.12
C GLU C 125 -8.50 12.64 -27.28
N LYS C 126 -8.35 13.89 -26.84
CA LYS C 126 -9.44 14.84 -26.97
C LYS C 126 -9.67 15.22 -28.42
N ASP C 127 -8.61 15.32 -29.22
CA ASP C 127 -8.78 15.62 -30.63
C ASP C 127 -9.25 14.40 -31.41
N MET C 128 -8.83 13.21 -30.99
CA MET C 128 -9.31 11.99 -31.65
C MET C 128 -10.74 11.66 -31.24
N GLY C 129 -11.10 11.93 -29.98
CA GLY C 129 -12.45 11.66 -29.53
C GLY C 129 -13.48 12.51 -30.24
N VAL C 130 -13.11 13.75 -30.57
CA VAL C 130 -13.99 14.61 -31.35
C VAL C 130 -14.16 14.06 -32.76
N LYS C 131 -13.07 13.59 -33.38
CA LYS C 131 -13.17 13.04 -34.73
C LYS C 131 -13.97 11.73 -34.74
N ILE C 132 -13.79 10.89 -33.72
CA ILE C 132 -14.57 9.66 -33.65
C ILE C 132 -16.05 9.96 -33.43
N ALA C 133 -16.35 10.96 -32.60
CA ALA C 133 -17.75 11.33 -32.35
C ALA C 133 -18.42 11.88 -33.61
N GLN C 134 -17.64 12.45 -34.53
CA GLN C 134 -18.22 12.89 -35.80
C GLN C 134 -18.60 11.69 -36.67
N SER C 135 -17.83 10.61 -36.58
CA SER C 135 -18.16 9.41 -37.36
C SER C 135 -19.35 8.67 -36.76
N LEU C 136 -19.52 8.73 -35.44
CA LEU C 136 -20.71 8.16 -34.82
C LEU C 136 -21.97 8.92 -35.20
N SER C 137 -21.86 10.25 -35.28
CA SER C 137 -23.03 11.08 -35.59
C SER C 137 -23.55 10.81 -36.99
N ASP C 138 -22.66 10.69 -37.97
CA ASP C 138 -23.03 10.42 -39.35
C ASP C 138 -22.13 9.31 -39.88
N GLU C 139 -22.75 8.20 -40.27
CA GLU C 139 -22.01 7.02 -40.70
C GLU C 139 -21.46 7.13 -42.12
N ASN C 140 -21.87 8.14 -42.88
CA ASN C 140 -21.42 8.27 -44.26
C ASN C 140 -20.00 8.81 -44.35
N VAL C 141 -19.50 9.42 -43.28
CA VAL C 141 -18.16 9.98 -43.31
C VAL C 141 -17.15 8.93 -42.88
N LEU C 142 -15.91 9.08 -43.32
CA LEU C 142 -14.82 8.19 -42.96
C LEU C 142 -13.63 8.96 -42.38
N ASN C 143 -13.39 10.18 -42.86
CA ASN C 143 -12.34 11.04 -42.35
C ASN C 143 -12.69 12.46 -42.76
N TYR C 144 -12.33 13.42 -41.91
CA TYR C 144 -12.66 14.82 -42.19
C TYR C 144 -11.58 15.72 -41.60
N ILE C 145 -11.33 16.82 -42.33
CA ILE C 145 -10.35 17.81 -41.89
C ILE C 145 -11.00 19.18 -42.02
N ASP C 146 -11.01 19.97 -40.96
CA ASP C 146 -11.65 21.28 -40.94
C ASP C 146 -10.65 22.31 -41.43
N LEU C 147 -10.86 22.81 -42.65
CA LEU C 147 -10.04 23.89 -43.16
C LEU C 147 -10.24 25.17 -42.35
N SER C 148 -11.47 25.44 -41.94
CA SER C 148 -11.80 26.58 -41.11
C SER C 148 -12.99 26.21 -40.24
N ASP C 149 -13.61 27.21 -39.62
CA ASP C 149 -14.79 26.98 -38.79
C ASP C 149 -16.04 26.71 -39.60
N GLU C 150 -16.05 27.02 -40.89
CA GLU C 150 -17.21 26.79 -41.74
C GLU C 150 -16.91 25.98 -43.00
N TYR C 151 -15.64 25.83 -43.39
CA TYR C 151 -15.27 25.09 -44.58
C TYR C 151 -14.44 23.88 -44.17
N SER C 152 -14.83 22.70 -44.68
CA SER C 152 -14.19 21.46 -44.29
C SER C 152 -14.16 20.51 -45.46
N ILE C 153 -13.16 19.62 -45.45
CA ILE C 153 -13.03 18.55 -46.43
C ILE C 153 -13.55 17.28 -45.77
N VAL C 154 -14.53 16.64 -46.40
CA VAL C 154 -15.16 15.44 -45.86
C VAL C 154 -14.96 14.31 -46.85
N GLU C 155 -14.42 13.19 -46.37
CA GLU C 155 -14.23 11.99 -47.18
C GLU C 155 -15.45 11.09 -46.99
N LEU C 156 -16.44 11.29 -47.83
CA LEU C 156 -17.72 10.60 -47.71
C LEU C 156 -17.62 9.17 -48.20
N LEU C 157 -18.71 8.43 -48.04
CA LEU C 157 -18.76 7.06 -48.52
C LEU C 157 -19.97 6.90 -49.41
N ALA C 158 -19.83 6.15 -50.48
CA ALA C 158 -20.89 5.99 -51.46
C ALA C 158 -22.02 5.11 -50.94
N THR C 159 -23.25 5.46 -51.29
CA THR C 159 -24.43 4.73 -50.87
C THR C 159 -25.14 4.18 -52.10
N ARG C 160 -26.34 3.62 -51.87
CA ARG C 160 -27.10 3.04 -52.98
C ARG C 160 -27.57 4.11 -53.96
N LYS C 161 -27.95 5.29 -53.46
CA LYS C 161 -28.45 6.34 -54.34
C LYS C 161 -27.32 6.99 -55.13
N LEU C 162 -26.08 6.84 -54.65
CA LEU C 162 -24.95 7.40 -55.40
C LEU C 162 -24.38 6.39 -56.38
N ASP C 163 -24.90 5.17 -56.40
CA ASP C 163 -24.42 4.16 -57.33
C ASP C 163 -24.87 4.49 -58.76
N SER C 164 -23.94 4.31 -59.70
CA SER C 164 -24.18 4.52 -61.13
C SER C 164 -24.68 5.93 -61.43
N LYS C 165 -24.07 6.92 -60.76
CA LYS C 165 -24.43 8.32 -60.95
C LYS C 165 -23.21 9.07 -61.47
N SER C 166 -23.42 9.87 -62.51
CA SER C 166 -22.32 10.65 -63.08
C SER C 166 -22.09 11.92 -62.27
N ILE C 167 -21.01 12.62 -62.62
CA ILE C 167 -20.70 13.89 -61.95
C ILE C 167 -21.75 14.94 -62.27
N ILE C 168 -22.17 15.01 -63.54
CA ILE C 168 -23.18 15.99 -63.93
C ILE C 168 -24.55 15.60 -63.40
N ASP C 169 -24.73 14.33 -63.04
CA ASP C 169 -25.95 13.93 -62.34
C ASP C 169 -26.04 14.60 -60.98
N LEU C 170 -24.90 14.69 -60.28
CA LEU C 170 -24.86 15.39 -59.00
C LEU C 170 -24.83 16.90 -59.23
N ASN C 171 -25.70 17.61 -58.53
CA ASN C 171 -25.75 19.07 -58.58
C ASN C 171 -24.98 19.71 -57.44
N VAL C 172 -23.89 19.09 -56.99
CA VAL C 172 -23.15 19.59 -55.84
C VAL C 172 -22.47 20.92 -56.16
N ARG C 173 -22.00 21.09 -57.40
CA ARG C 173 -21.26 22.30 -57.75
C ARG C 173 -22.18 23.52 -57.78
N ALA C 174 -23.40 23.35 -58.28
CA ALA C 174 -24.33 24.46 -58.47
C ALA C 174 -25.35 24.58 -57.34
N LYS C 175 -26.11 23.51 -57.08
CA LYS C 175 -27.17 23.59 -56.08
C LYS C 175 -26.59 23.62 -54.67
N TYR C 176 -25.61 22.77 -54.39
CA TYR C 176 -25.03 22.68 -53.06
C TYR C 176 -23.79 23.56 -52.88
N GLY C 177 -23.11 23.91 -53.96
CA GLY C 177 -21.87 24.68 -53.84
C GLY C 177 -20.74 23.92 -53.18
N CYS C 178 -20.67 22.61 -53.41
CA CYS C 178 -19.63 21.76 -52.85
C CYS C 178 -18.86 21.11 -53.99
N THR C 179 -17.54 21.24 -53.97
CA THR C 179 -16.72 20.72 -55.04
C THR C 179 -16.20 19.33 -54.70
N ILE C 180 -16.42 18.38 -55.60
CA ILE C 180 -15.90 17.03 -55.45
C ILE C 180 -14.43 17.03 -55.83
N LEU C 181 -13.61 16.42 -54.98
CA LEU C 181 -12.16 16.46 -55.13
C LEU C 181 -11.58 15.19 -55.72
N ALA C 182 -12.02 14.02 -55.25
CA ALA C 182 -11.48 12.76 -55.73
C ALA C 182 -12.52 11.67 -55.53
N ILE C 183 -12.40 10.60 -56.32
CA ILE C 183 -13.31 9.47 -56.27
C ILE C 183 -12.48 8.19 -56.18
N LYS C 184 -12.78 7.35 -55.20
CA LYS C 184 -12.16 6.04 -55.13
C LYS C 184 -12.91 5.08 -56.05
N HIS C 185 -12.20 4.03 -56.50
CA HIS C 185 -12.78 3.06 -57.42
C HIS C 185 -12.22 1.65 -57.20
N HIS C 186 -12.79 0.92 -56.24
CA HIS C 186 -12.42 -0.48 -55.98
C HIS C 186 -10.94 -0.61 -55.63
N GLY C 187 -10.47 0.25 -54.72
CA GLY C 187 -9.07 0.24 -54.37
C GLY C 187 -8.18 1.03 -55.31
N ASP C 188 -8.76 1.86 -56.16
CA ASP C 188 -8.01 2.76 -57.03
C ASP C 188 -8.58 4.17 -56.88
N ILE C 189 -7.69 5.15 -56.95
CA ILE C 189 -8.03 6.54 -56.67
C ILE C 189 -7.71 7.40 -57.88
N CYS C 190 -8.66 8.26 -58.27
CA CYS C 190 -8.46 9.25 -59.31
C CYS C 190 -8.63 10.64 -58.71
N LEU C 191 -7.81 11.59 -59.16
CA LEU C 191 -7.79 12.93 -58.61
C LEU C 191 -8.35 13.91 -59.62
N SER C 192 -9.11 14.89 -59.11
CA SER C 192 -9.78 15.90 -59.91
C SER C 192 -10.63 15.29 -61.03
N PRO C 193 -11.78 14.70 -60.69
CA PRO C 193 -12.63 14.07 -61.72
C PRO C 193 -13.16 15.10 -62.70
N ALA C 194 -13.27 14.68 -63.95
CA ALA C 194 -13.80 15.48 -65.04
C ALA C 194 -15.18 14.98 -65.44
N PRO C 195 -16.05 15.87 -65.92
CA PRO C 195 -17.39 15.43 -66.37
C PRO C 195 -17.33 14.56 -67.60
N GLU C 196 -17.84 13.32 -67.51
CA GLU C 196 -18.46 12.81 -66.28
C GLU C 196 -17.84 11.49 -65.86
N ASP C 197 -17.80 11.26 -64.54
CA ASP C 197 -17.28 10.01 -63.97
C ASP C 197 -18.38 9.30 -63.21
N ILE C 198 -18.51 8.00 -63.44
CA ILE C 198 -19.57 7.23 -62.82
C ILE C 198 -19.11 6.71 -61.46
N ILE C 199 -19.91 7.00 -60.43
CA ILE C 199 -19.67 6.51 -59.07
C ILE C 199 -20.31 5.14 -58.95
N ARG C 200 -19.52 4.14 -58.56
CA ARG C 200 -19.98 2.76 -58.54
C ARG C 200 -19.64 2.12 -57.19
N GLU C 201 -20.54 1.24 -56.74
CA GLU C 201 -20.40 0.41 -55.54
C GLU C 201 -20.31 1.34 -54.33
N GLN C 202 -19.48 1.05 -53.33
CA GLN C 202 -19.37 1.86 -52.12
C GLN C 202 -17.89 2.21 -51.91
N ASP C 203 -17.50 3.38 -52.42
CA ASP C 203 -16.13 3.84 -52.36
C ASP C 203 -16.07 5.25 -51.78
N CYS C 204 -14.85 5.66 -51.42
CA CYS C 204 -14.65 6.97 -50.81
C CYS C 204 -14.90 8.07 -51.82
N LEU C 205 -15.68 9.07 -51.43
CA LEU C 205 -16.02 10.21 -52.27
C LEU C 205 -15.56 11.47 -51.54
N VAL C 206 -14.37 11.97 -51.92
CA VAL C 206 -13.83 13.15 -51.27
C VAL C 206 -14.56 14.38 -51.79
N ILE C 207 -15.09 15.19 -50.87
CA ILE C 207 -15.84 16.38 -51.20
C ILE C 207 -15.33 17.53 -50.34
N MET C 208 -15.44 18.74 -50.88
CA MET C 208 -15.02 19.96 -50.18
C MET C 208 -16.13 20.98 -50.30
N GLY C 209 -16.46 21.63 -49.19
CA GLY C 209 -17.51 22.63 -49.21
C GLY C 209 -17.78 23.17 -47.83
N HIS C 210 -18.85 23.94 -47.74
CA HIS C 210 -19.26 24.52 -46.46
C HIS C 210 -19.68 23.43 -45.48
N LYS C 211 -19.50 23.70 -44.19
CA LYS C 211 -19.80 22.71 -43.17
C LYS C 211 -21.29 22.36 -43.15
N LYS C 212 -22.16 23.36 -43.27
CA LYS C 212 -23.58 23.09 -43.33
C LYS C 212 -24.01 22.54 -44.69
N ASP C 213 -23.32 22.94 -45.77
CA ASP C 213 -23.73 22.52 -47.10
C ASP C 213 -23.43 21.05 -47.37
N ILE C 214 -22.31 20.55 -46.84
CA ILE C 214 -21.98 19.13 -47.01
C ILE C 214 -22.97 18.27 -46.25
N LYS C 215 -23.35 18.69 -45.04
CA LYS C 215 -24.32 17.92 -44.27
C LYS C 215 -25.70 17.95 -44.91
N ARG C 216 -26.02 19.03 -45.63
CA ARG C 216 -27.24 19.04 -46.44
C ARG C 216 -27.15 18.02 -47.57
N PHE C 217 -25.98 17.89 -48.19
CA PHE C 217 -25.80 16.92 -49.27
C PHE C 217 -25.97 15.49 -48.77
N GLU C 218 -25.46 15.19 -47.58
CA GLU C 218 -25.59 13.85 -47.02
C GLU C 218 -27.05 13.51 -46.71
N ASN C 219 -27.79 14.47 -46.17
CA ASN C 219 -29.19 14.22 -45.81
C ASN C 219 -30.06 14.11 -47.06
N GLU C 220 -29.89 15.04 -48.01
CA GLU C 220 -30.72 15.02 -49.21
C GLU C 220 -30.32 13.91 -50.16
N GLY C 221 -29.01 13.71 -50.36
CA GLY C 221 -28.54 12.70 -51.28
C GLY C 221 -27.31 11.96 -50.79
N LYS D 7 -30.81 6.96 -32.98
CA LYS D 7 -29.41 6.77 -32.63
C LYS D 7 -29.18 6.97 -31.13
N GLN D 8 -28.99 5.86 -30.42
CA GLN D 8 -28.62 5.86 -29.02
C GLN D 8 -27.20 5.33 -28.88
N PHE D 9 -26.34 6.08 -28.20
CA PHE D 9 -24.95 5.74 -28.06
C PHE D 9 -24.64 5.41 -26.60
N ALA D 10 -23.80 4.40 -26.39
CA ALA D 10 -23.29 4.06 -25.08
C ALA D 10 -21.78 4.22 -25.10
N VAL D 11 -21.24 4.93 -24.12
CA VAL D 11 -19.80 5.13 -24.00
C VAL D 11 -19.37 4.52 -22.68
N ILE D 12 -18.55 3.48 -22.75
CA ILE D 12 -18.12 2.72 -21.58
C ILE D 12 -16.67 3.08 -21.29
N GLY D 13 -16.44 3.65 -20.12
CA GLY D 13 -15.12 4.12 -19.75
C GLY D 13 -14.97 5.60 -20.00
N LEU D 14 -15.00 6.40 -18.95
CA LEU D 14 -14.92 7.86 -19.07
C LEU D 14 -13.51 8.30 -18.71
N GLY D 15 -12.61 8.16 -19.68
CA GLY D 15 -11.27 8.67 -19.57
C GLY D 15 -11.09 9.96 -20.34
N ARG D 16 -9.87 10.19 -20.82
CA ARG D 16 -9.64 11.32 -21.71
C ARG D 16 -10.28 11.09 -23.07
N PHE D 17 -10.30 9.85 -23.53
CA PHE D 17 -10.88 9.55 -24.83
C PHE D 17 -12.40 9.36 -24.73
N GLY D 18 -12.86 8.60 -23.74
CA GLY D 18 -14.28 8.38 -23.60
C GLY D 18 -15.04 9.62 -23.17
N GLY D 19 -14.45 10.41 -22.27
CA GLY D 19 -15.09 11.65 -21.84
C GLY D 19 -15.19 12.67 -22.96
N SER D 20 -14.31 12.60 -23.94
CA SER D 20 -14.38 13.51 -25.08
C SER D 20 -15.47 13.08 -26.06
N ILE D 21 -15.74 11.78 -26.16
CA ILE D 21 -16.84 11.32 -27.01
C ILE D 21 -18.19 11.68 -26.38
N CYS D 22 -18.28 11.59 -25.05
CA CYS D 22 -19.51 11.97 -24.37
C CYS D 22 -19.82 13.46 -24.53
N LYS D 23 -18.81 14.31 -24.35
CA LYS D 23 -19.05 15.75 -24.42
C LYS D 23 -19.37 16.20 -25.83
N GLU D 24 -18.74 15.59 -26.84
CA GLU D 24 -19.03 15.99 -28.21
C GLU D 24 -20.41 15.50 -28.65
N LEU D 25 -20.77 14.26 -28.32
CA LEU D 25 -22.06 13.73 -28.74
C LEU D 25 -23.20 14.40 -27.99
N HIS D 26 -22.98 14.78 -26.73
CA HIS D 26 -24.00 15.52 -26.00
C HIS D 26 -24.16 16.93 -26.55
N ARG D 27 -23.08 17.49 -27.12
CA ARG D 27 -23.19 18.78 -27.78
C ARG D 27 -24.00 18.70 -29.06
N MET D 28 -23.80 17.63 -29.84
CA MET D 28 -24.48 17.48 -31.12
C MET D 28 -25.96 17.15 -30.98
N GLY D 29 -26.43 16.85 -29.77
CA GLY D 29 -27.83 16.54 -29.56
C GLY D 29 -28.13 15.07 -29.71
N HIS D 30 -27.36 14.23 -29.03
CA HIS D 30 -27.56 12.79 -29.04
C HIS D 30 -27.70 12.30 -27.62
N GLU D 31 -28.41 11.18 -27.46
CA GLU D 31 -28.57 10.54 -26.16
C GLU D 31 -27.39 9.62 -25.92
N VAL D 32 -26.64 9.89 -24.86
CA VAL D 32 -25.40 9.17 -24.55
C VAL D 32 -25.54 8.56 -23.17
N LEU D 33 -25.27 7.27 -23.07
CA LEU D 33 -25.15 6.59 -21.79
C LEU D 33 -23.67 6.50 -21.44
N ALA D 34 -23.28 7.12 -20.33
CA ALA D 34 -21.91 7.12 -19.87
C ALA D 34 -21.77 6.14 -18.73
N VAL D 35 -20.94 5.12 -18.91
CA VAL D 35 -20.70 4.09 -17.90
C VAL D 35 -19.24 4.15 -17.50
N ASP D 36 -18.98 4.11 -16.20
CA ASP D 36 -17.62 4.07 -15.69
C ASP D 36 -17.62 3.36 -14.35
N ILE D 37 -16.45 2.88 -13.94
CA ILE D 37 -16.31 2.23 -12.65
C ILE D 37 -15.91 3.20 -11.56
N ASN D 38 -15.48 4.40 -11.93
CA ASN D 38 -14.97 5.39 -10.98
C ASN D 38 -16.09 6.36 -10.63
N GLU D 39 -16.29 6.59 -9.34
CA GLU D 39 -17.37 7.46 -8.89
C GLU D 39 -17.08 8.92 -9.22
N GLU D 40 -15.81 9.33 -9.13
CA GLU D 40 -15.46 10.71 -9.41
C GLU D 40 -15.62 11.05 -10.89
N LYS D 41 -15.38 10.08 -11.78
CA LYS D 41 -15.57 10.32 -13.20
C LYS D 41 -17.03 10.51 -13.55
N VAL D 42 -17.92 9.68 -12.98
CA VAL D 42 -19.32 9.72 -13.35
C VAL D 42 -19.98 11.01 -12.86
N ASN D 43 -19.58 11.49 -11.67
CA ASN D 43 -20.14 12.73 -11.16
C ASN D 43 -19.76 13.93 -12.03
N ALA D 44 -18.55 13.91 -12.60
CA ALA D 44 -18.13 14.99 -13.47
C ALA D 44 -18.87 14.97 -14.81
N TYR D 45 -19.09 13.80 -15.37
CA TYR D 45 -19.76 13.66 -16.66
C TYR D 45 -21.24 13.37 -16.54
N ALA D 46 -21.81 13.50 -15.33
CA ALA D 46 -23.26 13.38 -15.18
C ALA D 46 -23.97 14.50 -15.91
N SER D 47 -23.40 15.70 -15.90
CA SER D 47 -23.97 16.84 -16.61
C SER D 47 -23.77 16.78 -18.11
N TYR D 48 -22.75 16.07 -18.58
CA TYR D 48 -22.43 15.99 -20.00
C TYR D 48 -22.93 14.70 -20.65
N ALA D 49 -23.79 13.95 -19.96
CA ALA D 49 -24.35 12.73 -20.51
C ALA D 49 -25.84 12.68 -20.19
N THR D 50 -26.61 12.09 -21.10
CA THR D 50 -28.04 11.94 -20.85
C THR D 50 -28.29 11.01 -19.67
N HIS D 51 -27.59 9.88 -19.62
CA HIS D 51 -27.69 8.91 -18.55
C HIS D 51 -26.29 8.51 -18.13
N ALA D 52 -26.00 8.56 -16.84
CA ALA D 52 -24.69 8.22 -16.31
C ALA D 52 -24.84 7.25 -15.15
N VAL D 53 -24.05 6.19 -15.17
CA VAL D 53 -24.12 5.19 -14.12
C VAL D 53 -22.74 4.79 -13.67
N ILE D 54 -22.65 4.23 -12.47
CA ILE D 54 -21.39 3.76 -11.91
C ILE D 54 -21.45 2.25 -11.88
N ALA D 55 -21.00 1.61 -12.95
CA ALA D 55 -21.16 0.17 -13.09
C ALA D 55 -19.86 -0.43 -13.61
N ASN D 56 -19.68 -1.72 -13.33
CA ASN D 56 -18.60 -2.51 -13.87
C ASN D 56 -19.11 -3.22 -15.12
N ALA D 57 -18.58 -2.83 -16.28
CA ALA D 57 -19.09 -3.32 -17.55
C ALA D 57 -18.70 -4.77 -17.84
N THR D 58 -17.79 -5.34 -17.06
CA THR D 58 -17.40 -6.74 -17.25
C THR D 58 -18.40 -7.70 -16.64
N GLU D 59 -19.39 -7.21 -15.91
CA GLU D 59 -20.44 -8.03 -15.32
C GLU D 59 -21.65 -8.05 -16.24
N GLU D 60 -22.17 -9.25 -16.51
CA GLU D 60 -23.31 -9.37 -17.41
C GLU D 60 -24.60 -8.90 -16.73
N ASN D 61 -24.68 -9.05 -15.40
CA ASN D 61 -25.87 -8.60 -14.69
C ASN D 61 -25.96 -7.08 -14.66
N GLU D 62 -24.83 -6.39 -14.45
CA GLU D 62 -24.84 -4.93 -14.46
C GLU D 62 -25.05 -4.38 -15.86
N LEU D 63 -24.63 -5.12 -16.88
CA LEU D 63 -24.80 -4.65 -18.25
C LEU D 63 -26.26 -4.72 -18.68
N LEU D 64 -26.99 -5.74 -18.24
CA LEU D 64 -28.39 -5.88 -18.59
C LEU D 64 -29.27 -4.90 -17.81
N SER D 65 -28.83 -4.45 -16.64
CA SER D 65 -29.59 -3.47 -15.88
C SER D 65 -29.63 -2.11 -16.56
N LEU D 66 -28.63 -1.79 -17.38
CA LEU D 66 -28.58 -0.53 -18.09
C LEU D 66 -29.45 -0.53 -19.34
N GLY D 67 -30.02 -1.66 -19.72
CA GLY D 67 -30.70 -1.75 -20.99
C GLY D 67 -29.76 -1.55 -22.16
N ILE D 68 -28.60 -2.21 -22.13
CA ILE D 68 -27.57 -1.97 -23.14
C ILE D 68 -27.95 -2.56 -24.48
N ARG D 69 -28.94 -3.44 -24.53
CA ARG D 69 -29.35 -4.02 -25.81
C ARG D 69 -30.10 -3.03 -26.69
N ASN D 70 -30.50 -1.88 -26.15
CA ASN D 70 -31.22 -0.87 -26.90
C ASN D 70 -30.31 0.13 -27.59
N PHE D 71 -29.00 -0.03 -27.49
CA PHE D 71 -28.04 0.90 -28.05
C PHE D 71 -27.45 0.31 -29.32
N GLU D 72 -27.48 1.10 -30.40
CA GLU D 72 -26.91 0.63 -31.67
C GLU D 72 -25.39 0.72 -31.65
N TYR D 73 -24.85 1.74 -30.99
CA TYR D 73 -23.41 1.94 -30.90
C TYR D 73 -22.99 1.86 -29.44
N VAL D 74 -22.02 0.98 -29.15
CA VAL D 74 -21.36 0.96 -27.86
C VAL D 74 -19.88 1.21 -28.10
N ILE D 75 -19.32 2.17 -27.38
CA ILE D 75 -17.91 2.54 -27.51
C ILE D 75 -17.22 2.13 -26.21
N VAL D 76 -16.35 1.14 -26.30
CA VAL D 76 -15.60 0.65 -25.15
C VAL D 76 -14.30 1.45 -25.14
N ALA D 77 -14.30 2.59 -24.46
CA ALA D 77 -13.12 3.44 -24.41
C ALA D 77 -12.24 3.11 -23.21
N ILE D 78 -11.93 1.84 -23.05
CA ILE D 78 -10.98 1.36 -22.05
C ILE D 78 -9.76 0.88 -22.81
N GLY D 79 -8.65 1.58 -22.64
CA GLY D 79 -7.48 1.28 -23.44
C GLY D 79 -6.20 1.07 -22.66
N ALA D 80 -6.31 0.90 -21.34
CA ALA D 80 -5.17 0.57 -20.51
C ALA D 80 -5.38 -0.68 -19.69
N ASN D 81 -6.62 -1.12 -19.51
CA ASN D 81 -6.96 -2.37 -18.84
C ASN D 81 -7.38 -3.34 -19.94
N ILE D 82 -6.47 -4.25 -20.31
CA ILE D 82 -6.76 -5.20 -21.37
C ILE D 82 -7.81 -6.20 -20.91
N GLN D 83 -7.78 -6.60 -19.63
CA GLN D 83 -8.77 -7.54 -19.12
C GLN D 83 -10.16 -6.94 -19.13
N ALA D 84 -10.29 -5.67 -18.76
CA ALA D 84 -11.61 -5.03 -18.76
C ALA D 84 -12.10 -4.77 -20.17
N SER D 85 -11.19 -4.47 -21.09
CA SER D 85 -11.59 -4.14 -22.45
C SER D 85 -12.00 -5.38 -23.23
N THR D 86 -11.28 -6.49 -23.06
CA THR D 86 -11.58 -7.69 -23.84
C THR D 86 -12.80 -8.43 -23.28
N LEU D 87 -12.98 -8.40 -21.96
CA LEU D 87 -14.15 -9.04 -21.38
C LEU D 87 -15.42 -8.29 -21.74
N THR D 88 -15.36 -6.96 -21.76
CA THR D 88 -16.55 -6.17 -22.05
C THR D 88 -17.03 -6.39 -23.47
N THR D 89 -16.12 -6.40 -24.44
CA THR D 89 -16.53 -6.57 -25.83
C THR D 89 -17.00 -7.99 -26.13
N LEU D 90 -16.62 -8.97 -25.30
CA LEU D 90 -17.15 -10.31 -25.48
C LEU D 90 -18.59 -10.40 -24.99
N LEU D 91 -18.92 -9.68 -23.92
CA LEU D 91 -20.30 -9.62 -23.46
C LEU D 91 -21.19 -8.91 -24.48
N LEU D 92 -20.72 -7.80 -25.03
CA LEU D 92 -21.52 -7.04 -26.00
C LEU D 92 -21.69 -7.82 -27.29
N LYS D 93 -20.68 -8.59 -27.69
CA LYS D 93 -20.84 -9.51 -28.81
C LYS D 93 -21.85 -10.59 -28.48
N GLU D 94 -21.85 -11.07 -27.24
CA GLU D 94 -22.84 -12.05 -26.80
C GLU D 94 -24.22 -11.45 -26.73
N LEU D 95 -24.32 -10.16 -26.39
CA LEU D 95 -25.59 -9.46 -26.27
C LEU D 95 -26.06 -8.90 -27.60
N ASP D 96 -25.32 -9.16 -28.68
CA ASP D 96 -25.73 -8.83 -30.06
C ASP D 96 -25.89 -7.32 -30.25
N ILE D 97 -24.82 -6.59 -29.96
CA ILE D 97 -24.76 -5.16 -30.28
C ILE D 97 -24.32 -5.01 -31.72
N PRO D 98 -25.05 -4.27 -32.56
CA PRO D 98 -24.67 -4.17 -33.98
C PRO D 98 -23.31 -3.53 -34.22
N ASN D 99 -22.90 -2.57 -33.41
CA ASN D 99 -21.65 -1.86 -33.62
C ASN D 99 -20.92 -1.70 -32.29
N ILE D 100 -19.78 -2.36 -32.17
CA ILE D 100 -18.91 -2.24 -31.00
C ILE D 100 -17.60 -1.66 -31.47
N TRP D 101 -17.24 -0.49 -30.95
CA TRP D 101 -16.01 0.19 -31.30
C TRP D 101 -15.13 0.23 -30.06
N VAL D 102 -13.92 -0.32 -30.17
CA VAL D 102 -13.06 -0.52 -29.02
C VAL D 102 -11.78 0.28 -29.20
N LYS D 103 -11.35 0.93 -28.11
CA LYS D 103 -10.07 1.60 -28.06
C LYS D 103 -9.03 0.61 -27.56
N ALA D 104 -8.01 0.36 -28.37
CA ALA D 104 -6.98 -0.61 -28.06
C ALA D 104 -5.76 0.06 -27.46
N GLN D 105 -4.86 -0.77 -26.92
CA GLN D 105 -3.64 -0.30 -26.30
C GLN D 105 -2.40 -0.51 -27.17
N ASN D 106 -2.19 -1.74 -27.63
CA ASN D 106 -0.99 -2.06 -28.38
C ASN D 106 -1.38 -2.99 -29.52
N TYR D 107 -0.36 -3.61 -30.12
CA TYR D 107 -0.59 -4.51 -31.24
C TYR D 107 -1.29 -5.79 -30.79
N TYR D 108 -0.91 -6.32 -29.63
CA TYR D 108 -1.49 -7.58 -29.17
C TYR D 108 -2.91 -7.40 -28.66
N HIS D 109 -3.21 -6.27 -28.01
CA HIS D 109 -4.58 -5.96 -27.66
C HIS D 109 -5.45 -5.82 -28.91
N HIS D 110 -4.91 -5.21 -29.97
CA HIS D 110 -5.63 -5.14 -31.23
C HIS D 110 -5.94 -6.53 -31.78
N LYS D 111 -4.98 -7.45 -31.66
CA LYS D 111 -5.14 -8.79 -32.21
C LYS D 111 -6.19 -9.60 -31.44
N VAL D 112 -6.30 -9.39 -30.13
CA VAL D 112 -7.32 -10.08 -29.35
C VAL D 112 -8.71 -9.63 -29.75
N LEU D 113 -8.91 -8.30 -29.84
CA LEU D 113 -10.24 -7.77 -30.14
C LEU D 113 -10.67 -8.11 -31.56
N GLU D 114 -9.73 -8.27 -32.47
CA GLU D 114 -10.07 -8.72 -33.81
C GLU D 114 -10.59 -10.16 -33.80
N LYS D 115 -10.10 -10.99 -32.88
CA LYS D 115 -10.56 -12.37 -32.79
C LYS D 115 -11.97 -12.45 -32.24
N ILE D 116 -12.28 -11.68 -31.20
CA ILE D 116 -13.54 -11.84 -30.47
C ILE D 116 -14.63 -10.93 -31.04
N GLY D 117 -14.37 -10.35 -32.21
CA GLY D 117 -15.41 -9.67 -32.95
C GLY D 117 -15.67 -8.23 -32.59
N ALA D 118 -14.64 -7.38 -32.67
CA ALA D 118 -14.80 -5.95 -32.52
C ALA D 118 -14.99 -5.34 -33.91
N ASP D 119 -16.03 -4.51 -34.05
CA ASP D 119 -16.39 -4.01 -35.38
C ASP D 119 -15.41 -2.95 -35.85
N ARG D 120 -14.86 -2.16 -34.95
CA ARG D 120 -13.84 -1.18 -35.32
C ARG D 120 -12.93 -0.95 -34.13
N ILE D 121 -11.63 -0.97 -34.37
CA ILE D 121 -10.61 -0.85 -33.33
C ILE D 121 -9.82 0.43 -33.56
N ILE D 122 -9.69 1.23 -32.50
CA ILE D 122 -9.21 2.61 -32.60
C ILE D 122 -7.97 2.78 -31.75
N HIS D 123 -6.96 3.44 -32.31
CA HIS D 123 -5.75 3.83 -31.59
C HIS D 123 -5.67 5.35 -31.58
N PRO D 124 -6.15 6.02 -30.51
CA PRO D 124 -6.16 7.48 -30.53
C PRO D 124 -4.78 8.11 -30.39
N GLU D 125 -3.96 7.62 -29.46
CA GLU D 125 -2.62 8.20 -29.28
C GLU D 125 -1.69 7.81 -30.41
N LYS D 126 -1.85 6.61 -30.97
CA LYS D 126 -0.98 6.18 -32.07
C LYS D 126 -1.31 6.92 -33.35
N ASP D 127 -2.59 7.22 -33.59
CA ASP D 127 -2.95 7.98 -34.78
C ASP D 127 -2.49 9.42 -34.68
N MET D 128 -2.63 10.04 -33.50
CA MET D 128 -2.14 11.40 -33.32
C MET D 128 -0.63 11.45 -33.30
N GLY D 129 0.02 10.45 -32.69
CA GLY D 129 1.47 10.44 -32.63
C GLY D 129 2.10 10.33 -34.00
N VAL D 130 1.47 9.58 -34.91
CA VAL D 130 1.91 9.55 -36.30
C VAL D 130 1.63 10.89 -36.97
N LYS D 131 0.47 11.49 -36.67
CA LYS D 131 0.12 12.77 -37.27
C LYS D 131 1.01 13.89 -36.75
N ILE D 132 1.33 13.87 -35.46
CA ILE D 132 2.20 14.89 -34.88
C ILE D 132 3.63 14.75 -35.42
N ALA D 133 4.14 13.52 -35.49
CA ALA D 133 5.52 13.31 -35.90
C ALA D 133 5.75 13.67 -37.36
N GLN D 134 4.68 13.73 -38.16
CA GLN D 134 4.82 14.24 -39.52
C GLN D 134 4.95 15.75 -39.52
N SER D 135 4.38 16.41 -38.52
CA SER D 135 4.47 17.87 -38.44
C SER D 135 5.83 18.33 -37.93
N LEU D 136 6.46 17.56 -37.04
CA LEU D 136 7.78 17.93 -36.53
C LEU D 136 8.84 17.87 -37.63
N SER D 137 8.81 16.82 -38.46
CA SER D 137 9.82 16.67 -39.50
C SER D 137 9.66 17.72 -40.59
N ASP D 138 8.43 18.04 -40.96
CA ASP D 138 8.14 19.06 -41.97
C ASP D 138 7.37 20.18 -41.30
N GLU D 139 8.08 21.22 -40.87
CA GLU D 139 7.47 22.31 -40.10
C GLU D 139 6.55 23.18 -40.95
N ASN D 140 6.56 23.04 -42.27
CA ASN D 140 5.67 23.83 -43.12
C ASN D 140 4.25 23.29 -43.08
N VAL D 141 4.08 21.99 -42.89
CA VAL D 141 2.73 21.41 -42.90
C VAL D 141 2.03 21.73 -41.59
N LEU D 142 0.69 21.74 -41.64
CA LEU D 142 -0.12 21.99 -40.46
C LEU D 142 -1.04 20.83 -40.14
N ASN D 143 -1.78 20.33 -41.13
CA ASN D 143 -2.71 19.24 -40.91
C ASN D 143 -2.95 18.54 -42.24
N TYR D 144 -2.82 17.22 -42.24
CA TYR D 144 -2.95 16.44 -43.46
C TYR D 144 -3.80 15.22 -43.20
N ILE D 145 -4.46 14.74 -44.25
CA ILE D 145 -5.18 13.46 -44.21
C ILE D 145 -4.70 12.65 -45.41
N ASP D 146 -4.81 11.33 -45.31
CA ASP D 146 -4.36 10.43 -46.38
C ASP D 146 -5.57 9.85 -47.08
N LEU D 147 -5.88 10.39 -48.27
CA LEU D 147 -6.88 9.76 -49.12
C LEU D 147 -6.44 8.38 -49.56
N SER D 148 -5.15 8.25 -49.90
CA SER D 148 -4.55 6.97 -50.27
C SER D 148 -3.12 6.96 -49.76
N ASP D 149 -2.44 5.84 -50.01
CA ASP D 149 -1.04 5.74 -49.64
C ASP D 149 -0.18 6.68 -50.48
N GLU D 150 -0.54 6.86 -51.75
CA GLU D 150 0.28 7.66 -52.65
C GLU D 150 -0.16 9.12 -52.66
N TYR D 151 -1.45 9.38 -52.50
CA TYR D 151 -2.01 10.73 -52.63
C TYR D 151 -2.58 11.18 -51.29
N SER D 152 -2.28 12.42 -50.92
CA SER D 152 -2.73 12.98 -49.65
C SER D 152 -2.96 14.48 -49.80
N ILE D 153 -3.85 15.01 -48.97
CA ILE D 153 -4.16 16.43 -48.94
C ILE D 153 -3.37 17.05 -47.79
N VAL D 154 -2.46 17.97 -48.11
CA VAL D 154 -1.58 18.57 -47.12
C VAL D 154 -1.87 20.06 -47.05
N GLU D 155 -2.19 20.54 -45.85
CA GLU D 155 -2.49 21.94 -45.61
C GLU D 155 -1.19 22.62 -45.17
N LEU D 156 -0.47 23.17 -46.14
CA LEU D 156 0.81 23.82 -45.86
C LEU D 156 0.59 25.17 -45.19
N LEU D 157 1.70 25.76 -44.75
CA LEU D 157 1.71 27.11 -44.20
C LEU D 157 2.38 28.03 -45.21
N ALA D 158 1.74 29.16 -45.48
CA ALA D 158 2.25 30.06 -46.51
C ALA D 158 3.55 30.71 -46.06
N THR D 159 4.55 30.67 -46.95
CA THR D 159 5.85 31.28 -46.68
C THR D 159 6.13 32.32 -47.75
N ARG D 160 7.33 32.88 -47.70
CA ARG D 160 7.74 33.89 -48.66
C ARG D 160 8.19 33.25 -49.96
N LYS D 165 3.67 35.85 -54.41
CA LYS D 165 3.72 35.16 -55.69
C LYS D 165 2.34 34.71 -56.14
N SER D 166 2.09 34.82 -57.44
CA SER D 166 0.78 34.48 -57.98
C SER D 166 0.62 32.97 -58.10
N ILE D 167 -0.63 32.54 -58.36
CA ILE D 167 -0.91 31.12 -58.54
C ILE D 167 -0.23 30.60 -59.81
N ILE D 168 -0.25 31.40 -60.88
CA ILE D 168 0.38 30.99 -62.13
C ILE D 168 1.89 30.91 -61.97
N ASP D 169 2.46 31.73 -61.07
CA ASP D 169 3.88 31.65 -60.79
C ASP D 169 4.23 30.33 -60.12
N LEU D 170 3.36 29.84 -59.25
CA LEU D 170 3.54 28.53 -58.62
C LEU D 170 3.08 27.46 -59.60
N ASN D 171 4.02 26.92 -60.37
CA ASN D 171 3.71 25.94 -61.42
C ASN D 171 3.46 24.55 -60.85
N VAL D 172 2.52 24.45 -59.91
CA VAL D 172 2.22 23.17 -59.29
C VAL D 172 1.42 22.29 -60.24
N ARG D 173 0.68 22.91 -61.17
CA ARG D 173 -0.17 22.14 -62.06
C ARG D 173 0.66 21.42 -63.13
N ALA D 174 1.76 22.03 -63.57
CA ALA D 174 2.58 21.49 -64.64
C ALA D 174 3.88 20.88 -64.13
N LYS D 175 4.68 21.65 -63.39
CA LYS D 175 5.99 21.15 -62.96
C LYS D 175 5.85 20.09 -61.87
N TYR D 176 4.98 20.32 -60.89
CA TYR D 176 4.83 19.41 -59.76
C TYR D 176 3.67 18.43 -59.92
N GLY D 177 2.70 18.72 -60.78
CA GLY D 177 1.53 17.88 -60.88
C GLY D 177 0.65 17.89 -59.65
N CYS D 178 0.47 19.06 -59.05
CA CYS D 178 -0.31 19.22 -57.83
C CYS D 178 -1.35 20.32 -58.03
N THR D 179 -2.44 20.23 -57.30
CA THR D 179 -3.53 21.20 -57.44
C THR D 179 -3.69 21.98 -56.13
N ILE D 180 -3.70 23.31 -56.23
CA ILE D 180 -3.98 24.13 -55.07
C ILE D 180 -5.48 24.11 -54.80
N LEU D 181 -5.86 23.80 -53.57
CA LEU D 181 -7.26 23.57 -53.22
C LEU D 181 -7.90 24.74 -52.49
N ALA D 182 -7.14 25.46 -51.65
CA ALA D 182 -7.70 26.57 -50.90
C ALA D 182 -6.59 27.52 -50.51
N ILE D 183 -6.98 28.75 -50.21
CA ILE D 183 -6.08 29.78 -49.70
C ILE D 183 -6.69 30.38 -48.45
N LYS D 184 -5.92 30.40 -47.37
CA LYS D 184 -6.41 30.93 -46.10
C LYS D 184 -5.84 32.33 -45.84
N ILE D 189 -9.66 30.14 -46.65
CA ILE D 189 -10.96 30.78 -46.71
C ILE D 189 -11.44 30.84 -48.16
N CYS D 190 -10.55 31.27 -49.06
CA CYS D 190 -10.87 31.39 -50.48
C CYS D 190 -10.72 30.01 -51.13
N LEU D 191 -11.83 29.30 -51.27
CA LEU D 191 -11.80 27.97 -51.85
C LEU D 191 -11.73 28.05 -53.37
N SER D 192 -11.25 26.96 -53.97
CA SER D 192 -11.10 26.79 -55.42
C SER D 192 -10.30 27.94 -56.05
N PRO D 193 -8.99 28.02 -55.80
CA PRO D 193 -8.21 29.11 -56.40
C PRO D 193 -8.05 28.92 -57.90
N ALA D 194 -7.93 30.03 -58.61
CA ALA D 194 -7.71 30.03 -60.05
C ALA D 194 -6.64 31.06 -60.36
N PRO D 195 -5.88 30.86 -61.44
CA PRO D 195 -4.86 31.84 -61.80
C PRO D 195 -5.49 33.16 -62.22
N GLU D 196 -4.97 34.26 -61.66
CA GLU D 196 -3.87 34.22 -60.70
C GLU D 196 -4.22 34.98 -59.43
N ASP D 197 -3.57 34.62 -58.33
CA ASP D 197 -3.81 35.25 -57.03
C ASP D 197 -2.52 35.24 -56.23
N ILE D 198 -2.11 36.42 -55.78
CA ILE D 198 -0.90 36.56 -54.97
C ILE D 198 -1.20 36.20 -53.52
N CYS D 204 -2.77 29.49 -44.76
CA CYS D 204 -2.73 28.05 -45.02
C CYS D 204 -2.96 27.77 -46.50
N LEU D 205 -2.00 27.08 -47.11
CA LEU D 205 -2.07 26.71 -48.52
C LEU D 205 -2.34 25.22 -48.64
N VAL D 206 -3.50 24.87 -49.20
CA VAL D 206 -3.94 23.48 -49.30
C VAL D 206 -3.57 22.97 -50.69
N ILE D 207 -2.79 21.88 -50.70
CA ILE D 207 -2.32 21.31 -51.94
C ILE D 207 -2.58 19.82 -51.99
N MET D 208 -3.20 19.36 -53.08
CA MET D 208 -3.48 17.94 -53.27
C MET D 208 -2.59 17.40 -54.38
N GLY D 209 -1.94 16.27 -54.12
CA GLY D 209 -1.09 15.66 -55.12
C GLY D 209 -0.42 14.42 -54.58
N HIS D 210 0.47 13.88 -55.39
CA HIS D 210 1.23 12.70 -54.99
C HIS D 210 2.17 13.08 -53.85
N LYS D 211 2.42 12.11 -52.95
CA LYS D 211 3.18 12.39 -51.74
C LYS D 211 4.60 12.82 -52.06
N LYS D 212 5.23 12.19 -53.05
CA LYS D 212 6.58 12.57 -53.44
C LYS D 212 6.59 13.94 -54.11
N ASP D 213 5.52 14.28 -54.84
CA ASP D 213 5.49 15.54 -55.57
C ASP D 213 5.35 16.73 -54.62
N ILE D 214 4.60 16.56 -53.52
CA ILE D 214 4.42 17.66 -52.57
C ILE D 214 5.73 17.93 -51.83
N LYS D 215 6.50 16.89 -51.53
CA LYS D 215 7.78 17.07 -50.88
C LYS D 215 8.75 17.85 -51.75
N ARG D 216 8.73 17.58 -53.06
CA ARG D 216 9.55 18.37 -53.99
C ARG D 216 9.07 19.81 -54.06
N PHE D 217 7.75 20.03 -54.00
CA PHE D 217 7.22 21.38 -54.00
C PHE D 217 7.63 22.15 -52.74
N GLU D 218 7.63 21.47 -51.60
CA GLU D 218 8.04 22.12 -50.35
C GLU D 218 9.52 22.48 -50.38
N ASN D 219 10.36 21.59 -50.91
CA ASN D 219 11.79 21.85 -50.95
C ASN D 219 12.14 22.98 -51.91
N GLU D 220 11.46 23.04 -53.04
CA GLU D 220 11.69 24.07 -54.04
C GLU D 220 10.79 25.28 -53.88
N GLY D 221 9.90 25.28 -52.88
CA GLY D 221 9.02 26.41 -52.67
C GLY D 221 8.67 26.61 -51.20
N LYS E 7 9.70 -36.13 -25.95
CA LYS E 7 8.84 -34.96 -25.93
C LYS E 7 9.35 -33.92 -24.94
N GLN E 8 9.22 -32.64 -25.30
CA GLN E 8 9.58 -31.53 -24.44
C GLN E 8 8.32 -30.75 -24.09
N PHE E 9 8.15 -30.46 -22.81
CA PHE E 9 6.98 -29.76 -22.31
C PHE E 9 7.41 -28.45 -21.67
N ALA E 10 6.60 -27.41 -21.84
CA ALA E 10 6.78 -26.14 -21.16
C ALA E 10 5.56 -25.87 -20.32
N VAL E 11 5.76 -25.57 -19.04
CA VAL E 11 4.69 -25.23 -18.13
C VAL E 11 4.91 -23.81 -17.65
N ILE E 12 3.98 -22.93 -17.96
CA ILE E 12 4.09 -21.50 -17.65
C ILE E 12 3.15 -21.20 -16.49
N GLY E 13 3.71 -20.71 -15.40
CA GLY E 13 2.94 -20.47 -14.20
C GLY E 13 3.05 -21.63 -13.24
N LEU E 14 3.84 -21.46 -12.18
CA LEU E 14 4.08 -22.53 -11.21
C LEU E 14 3.22 -22.26 -9.98
N GLY E 15 1.92 -22.47 -10.14
CA GLY E 15 0.97 -22.42 -9.06
C GLY E 15 0.76 -23.78 -8.45
N ARG E 16 -0.40 -23.96 -7.84
CA ARG E 16 -0.78 -25.28 -7.34
C ARG E 16 -1.03 -26.24 -8.48
N PHE E 17 -1.50 -25.72 -9.61
CA PHE E 17 -1.78 -26.58 -10.77
C PHE E 17 -0.54 -26.82 -11.60
N GLY E 18 0.14 -25.75 -12.02
CA GLY E 18 1.33 -25.89 -12.84
C GLY E 18 2.48 -26.55 -12.11
N GLY E 19 2.60 -26.28 -10.81
CA GLY E 19 3.63 -26.93 -10.02
C GLY E 19 3.44 -28.43 -9.93
N SER E 20 2.19 -28.89 -9.97
CA SER E 20 1.91 -30.32 -9.98
C SER E 20 2.32 -30.97 -11.29
N ILE E 21 2.15 -30.27 -12.41
CA ILE E 21 2.49 -30.84 -13.71
C ILE E 21 4.00 -30.91 -13.90
N CYS E 22 4.73 -29.93 -13.36
CA CYS E 22 6.19 -29.97 -13.42
C CYS E 22 6.73 -31.15 -12.62
N LYS E 23 6.22 -31.35 -11.41
CA LYS E 23 6.73 -32.44 -10.56
C LYS E 23 6.35 -33.80 -11.12
N GLU E 24 5.16 -33.90 -11.72
CA GLU E 24 4.72 -35.20 -12.22
C GLU E 24 5.45 -35.58 -13.51
N LEU E 25 5.62 -34.63 -14.42
CA LEU E 25 6.31 -34.93 -15.67
C LEU E 25 7.80 -35.14 -15.45
N HIS E 26 8.37 -34.44 -14.46
CA HIS E 26 9.76 -34.68 -14.09
C HIS E 26 9.94 -36.04 -13.43
N ARG E 27 8.92 -36.50 -12.71
CA ARG E 27 8.97 -37.83 -12.10
C ARG E 27 8.95 -38.92 -13.17
N MET E 28 8.18 -38.72 -14.23
CA MET E 28 8.12 -39.70 -15.32
C MET E 28 9.34 -39.63 -16.23
N GLY E 29 10.22 -38.65 -16.07
CA GLY E 29 11.42 -38.56 -16.86
C GLY E 29 11.24 -37.80 -18.16
N HIS E 30 10.77 -36.56 -18.06
CA HIS E 30 10.54 -35.72 -19.23
C HIS E 30 11.30 -34.41 -19.08
N GLU E 31 11.55 -33.76 -20.21
CA GLU E 31 12.21 -32.46 -20.24
C GLU E 31 11.15 -31.38 -20.05
N VAL E 32 11.13 -30.76 -18.88
CA VAL E 32 10.13 -29.76 -18.53
C VAL E 32 10.81 -28.41 -18.37
N LEU E 33 10.29 -27.41 -19.05
CA LEU E 33 10.68 -26.03 -18.84
C LEU E 33 9.65 -25.38 -17.93
N ALA E 34 10.10 -24.83 -16.82
CA ALA E 34 9.21 -24.23 -15.83
C ALA E 34 9.44 -22.73 -15.79
N VAL E 35 8.46 -21.98 -16.29
CA VAL E 35 8.53 -20.52 -16.35
C VAL E 35 7.56 -19.96 -15.32
N ASP E 36 8.02 -18.96 -14.56
CA ASP E 36 7.17 -18.24 -13.64
C ASP E 36 7.75 -16.86 -13.41
N ILE E 37 6.87 -15.87 -13.30
CA ILE E 37 7.30 -14.49 -13.06
C ILE E 37 7.77 -14.27 -11.63
N ASN E 38 7.49 -15.21 -10.73
CA ASN E 38 7.82 -15.07 -9.32
C ASN E 38 9.18 -15.71 -9.07
N GLU E 39 10.07 -14.96 -8.41
CA GLU E 39 11.41 -15.45 -8.17
C GLU E 39 11.43 -16.61 -7.17
N GLU E 40 10.60 -16.52 -6.12
CA GLU E 40 10.61 -17.56 -5.10
C GLU E 40 9.93 -18.83 -5.59
N LYS E 41 8.99 -18.72 -6.51
CA LYS E 41 8.37 -19.92 -7.09
C LYS E 41 9.36 -20.71 -7.92
N VAL E 42 10.18 -20.03 -8.72
CA VAL E 42 11.13 -20.71 -9.59
C VAL E 42 12.23 -21.37 -8.77
N ASN E 43 12.65 -20.73 -7.68
CA ASN E 43 13.69 -21.31 -6.82
C ASN E 43 13.21 -22.60 -6.17
N ALA E 44 11.93 -22.68 -5.84
CA ALA E 44 11.39 -23.89 -5.22
C ALA E 44 11.28 -25.03 -6.24
N TYR E 45 10.88 -24.72 -7.46
CA TYR E 45 10.71 -25.72 -8.51
C TYR E 45 11.92 -25.85 -9.41
N ALA E 46 13.05 -25.22 -9.05
CA ALA E 46 14.24 -25.33 -9.88
C ALA E 46 14.76 -26.76 -9.89
N SER E 47 14.66 -27.46 -8.76
CA SER E 47 15.10 -28.84 -8.66
C SER E 47 14.13 -29.82 -9.32
N TYR E 48 12.89 -29.41 -9.55
CA TYR E 48 11.86 -30.29 -10.11
C TYR E 48 11.64 -30.07 -11.60
N ALA E 49 12.53 -29.33 -12.26
CA ALA E 49 12.39 -29.09 -13.69
C ALA E 49 13.75 -29.20 -14.36
N THR E 50 13.74 -29.62 -15.62
CA THR E 50 14.96 -29.69 -16.40
C THR E 50 15.55 -28.30 -16.60
N HIS E 51 14.69 -27.31 -16.81
CA HIS E 51 15.08 -25.92 -17.02
C HIS E 51 14.05 -25.03 -16.37
N ALA E 52 14.48 -24.10 -15.52
CA ALA E 52 13.58 -23.20 -14.83
C ALA E 52 14.04 -21.76 -15.03
N VAL E 53 13.15 -20.90 -15.52
CA VAL E 53 13.49 -19.53 -15.87
C VAL E 53 12.54 -18.58 -15.15
N ILE E 54 13.08 -17.48 -14.63
CA ILE E 54 12.27 -16.43 -14.03
C ILE E 54 11.96 -15.41 -15.14
N ALA E 55 10.88 -15.64 -15.87
CA ALA E 55 10.57 -14.80 -17.01
C ALA E 55 9.10 -14.44 -16.99
N ASN E 56 8.78 -13.35 -17.69
CA ASN E 56 7.41 -12.92 -17.92
C ASN E 56 7.01 -13.39 -19.31
N ALA E 57 5.96 -14.21 -19.39
CA ALA E 57 5.61 -14.87 -20.64
C ALA E 57 4.70 -14.03 -21.53
N THR E 58 4.24 -12.88 -21.06
CA THR E 58 3.45 -11.99 -21.90
C THR E 58 4.30 -11.17 -22.87
N GLU E 59 5.62 -11.26 -22.76
CA GLU E 59 6.55 -10.57 -23.65
C GLU E 59 7.07 -11.54 -24.69
N GLU E 60 7.03 -11.14 -25.96
CA GLU E 60 7.50 -12.01 -27.02
C GLU E 60 9.01 -12.16 -27.01
N ASN E 61 9.72 -11.09 -26.61
CA ASN E 61 11.17 -11.15 -26.56
C ASN E 61 11.66 -12.17 -25.54
N GLU E 62 11.02 -12.23 -24.36
CA GLU E 62 11.39 -13.22 -23.37
C GLU E 62 10.95 -14.62 -23.80
N LEU E 63 9.86 -14.72 -24.55
CA LEU E 63 9.37 -16.03 -24.99
C LEU E 63 10.29 -16.63 -26.05
N LEU E 64 10.87 -15.80 -26.91
CA LEU E 64 11.83 -16.30 -27.89
C LEU E 64 13.19 -16.59 -27.28
N SER E 65 13.50 -16.01 -26.12
CA SER E 65 14.77 -16.28 -25.46
C SER E 65 14.82 -17.69 -24.87
N LEU E 66 13.67 -18.28 -24.55
CA LEU E 66 13.61 -19.61 -23.98
C LEU E 66 13.66 -20.71 -25.02
N GLY E 67 13.65 -20.37 -26.31
CA GLY E 67 13.49 -21.37 -27.33
C GLY E 67 12.14 -22.05 -27.27
N ILE E 68 11.08 -21.27 -27.08
CA ILE E 68 9.75 -21.84 -26.88
C ILE E 68 9.22 -22.50 -28.15
N ARG E 69 9.81 -22.22 -29.31
CA ARG E 69 9.39 -22.84 -30.55
C ARG E 69 9.82 -24.30 -30.64
N ASN E 70 10.68 -24.77 -29.74
CA ASN E 70 11.14 -26.15 -29.75
C ASN E 70 10.27 -27.07 -28.90
N PHE E 71 9.23 -26.55 -28.26
CA PHE E 71 8.38 -27.33 -27.38
C PHE E 71 7.08 -27.66 -28.12
N GLU E 72 6.75 -28.95 -28.18
CA GLU E 72 5.51 -29.36 -28.83
C GLU E 72 4.30 -29.05 -27.97
N TYR E 73 4.41 -29.24 -26.66
CA TYR E 73 3.32 -28.99 -25.72
C TYR E 73 3.71 -27.83 -24.82
N VAL E 74 2.89 -26.79 -24.81
CA VAL E 74 3.03 -25.68 -23.87
C VAL E 74 1.76 -25.62 -23.03
N ILE E 75 1.92 -25.62 -21.71
CA ILE E 75 0.81 -25.57 -20.78
C ILE E 75 0.87 -24.22 -20.08
N VAL E 76 -0.18 -23.42 -20.27
CA VAL E 76 -0.27 -22.11 -19.64
C VAL E 76 -1.13 -22.28 -18.40
N ALA E 77 -0.49 -22.49 -17.26
CA ALA E 77 -1.20 -22.71 -16.01
C ALA E 77 -1.39 -21.40 -15.23
N ILE E 78 -1.92 -20.39 -15.91
CA ILE E 78 -2.32 -19.14 -15.29
C ILE E 78 -3.84 -19.07 -15.38
N GLY E 79 -4.50 -19.03 -14.24
CA GLY E 79 -5.95 -19.09 -14.22
C GLY E 79 -6.58 -18.13 -13.24
N ALA E 80 -5.83 -17.11 -12.83
CA ALA E 80 -6.37 -16.01 -12.05
C ALA E 80 -6.08 -14.66 -12.66
N ASN E 81 -5.26 -14.60 -13.70
CA ASN E 81 -4.97 -13.37 -14.43
C ASN E 81 -5.40 -13.61 -15.88
N ILE E 82 -6.55 -13.05 -16.25
CA ILE E 82 -7.06 -13.24 -17.61
C ILE E 82 -6.19 -12.49 -18.61
N GLN E 83 -5.68 -11.32 -18.21
CA GLN E 83 -4.81 -10.56 -19.11
C GLN E 83 -3.50 -11.29 -19.37
N ALA E 84 -2.92 -11.89 -18.34
CA ALA E 84 -1.66 -12.62 -18.51
C ALA E 84 -1.89 -13.94 -19.25
N SER E 85 -3.04 -14.58 -19.03
CA SER E 85 -3.30 -15.86 -19.65
C SER E 85 -3.65 -15.72 -21.13
N THR E 86 -4.45 -14.70 -21.48
CA THR E 86 -4.86 -14.55 -22.88
C THR E 86 -3.76 -13.95 -23.73
N LEU E 87 -2.94 -13.09 -23.15
CA LEU E 87 -1.83 -12.51 -23.91
C LEU E 87 -0.76 -13.57 -24.16
N THR E 88 -0.60 -14.51 -23.24
CA THR E 88 0.38 -15.57 -23.42
C THR E 88 -0.02 -16.53 -24.52
N THR E 89 -1.29 -16.95 -24.53
CA THR E 89 -1.72 -17.94 -25.52
C THR E 89 -1.96 -17.34 -26.88
N LEU E 90 -2.03 -16.02 -26.98
CA LEU E 90 -2.03 -15.38 -28.30
C LEU E 90 -0.63 -15.38 -28.89
N LEU E 91 0.38 -15.16 -28.05
CA LEU E 91 1.76 -15.23 -28.51
C LEU E 91 2.15 -16.63 -28.96
N LEU E 92 1.75 -17.65 -28.19
CA LEU E 92 2.12 -19.01 -28.52
C LEU E 92 1.41 -19.49 -29.78
N LYS E 93 0.19 -19.01 -30.02
CA LYS E 93 -0.48 -19.29 -31.27
C LYS E 93 0.23 -18.60 -32.44
N GLU E 94 0.78 -17.40 -32.19
CA GLU E 94 1.58 -16.72 -33.19
C GLU E 94 2.88 -17.47 -33.48
N LEU E 95 3.51 -18.04 -32.45
CA LEU E 95 4.77 -18.80 -32.64
C LEU E 95 4.53 -20.19 -33.22
N ASP E 96 3.30 -20.50 -33.58
CA ASP E 96 2.93 -21.77 -34.20
C ASP E 96 3.27 -22.97 -33.29
N ILE E 97 2.81 -22.89 -32.05
CA ILE E 97 2.92 -24.01 -31.12
C ILE E 97 1.82 -25.02 -31.47
N PRO E 98 2.17 -26.30 -31.68
CA PRO E 98 1.13 -27.28 -32.06
C PRO E 98 0.06 -27.50 -31.01
N ASN E 99 0.41 -27.45 -29.72
CA ASN E 99 -0.53 -27.81 -28.67
C ASN E 99 -0.40 -26.84 -27.50
N ILE E 100 -1.40 -25.98 -27.32
CA ILE E 100 -1.45 -25.04 -26.22
C ILE E 100 -2.62 -25.44 -25.33
N TRP E 101 -2.31 -25.76 -24.07
CA TRP E 101 -3.31 -26.15 -23.09
C TRP E 101 -3.38 -25.08 -22.02
N VAL E 102 -4.56 -24.50 -21.82
CA VAL E 102 -4.72 -23.34 -20.96
C VAL E 102 -5.66 -23.68 -19.81
N LYS E 103 -5.33 -23.18 -18.64
CA LYS E 103 -6.17 -23.29 -17.46
C LYS E 103 -7.06 -22.05 -17.39
N ALA E 104 -8.37 -22.25 -17.38
CA ALA E 104 -9.33 -21.15 -17.39
C ALA E 104 -9.77 -20.80 -15.97
N GLN E 105 -10.39 -19.63 -15.84
CA GLN E 105 -10.87 -19.12 -14.56
C GLN E 105 -12.38 -19.22 -14.41
N ASN E 106 -13.13 -18.72 -15.39
CA ASN E 106 -14.59 -18.76 -15.35
C ASN E 106 -15.09 -19.08 -16.74
N TYR E 107 -16.39 -18.88 -16.94
CA TYR E 107 -17.01 -19.18 -18.23
C TYR E 107 -16.58 -18.19 -19.30
N TYR E 108 -16.37 -16.93 -18.92
CA TYR E 108 -15.96 -15.92 -19.89
C TYR E 108 -14.51 -16.08 -20.30
N HIS E 109 -13.65 -16.48 -19.37
CA HIS E 109 -12.26 -16.79 -19.73
C HIS E 109 -12.18 -17.97 -20.68
N HIS E 110 -13.09 -18.93 -20.54
CA HIS E 110 -13.14 -20.06 -21.48
C HIS E 110 -13.50 -19.59 -22.88
N LYS E 111 -14.37 -18.57 -22.98
CA LYS E 111 -14.83 -18.11 -24.28
C LYS E 111 -13.79 -17.25 -24.99
N VAL E 112 -12.98 -16.50 -24.25
CA VAL E 112 -11.90 -15.74 -24.88
C VAL E 112 -10.86 -16.69 -25.46
N LEU E 113 -10.43 -17.68 -24.67
CA LEU E 113 -9.38 -18.58 -25.11
C LEU E 113 -9.82 -19.49 -26.24
N GLU E 114 -11.11 -19.76 -26.34
CA GLU E 114 -11.61 -20.53 -27.47
C GLU E 114 -11.54 -19.74 -28.77
N LYS E 115 -11.67 -18.42 -28.69
CA LYS E 115 -11.56 -17.58 -29.88
C LYS E 115 -10.10 -17.42 -30.31
N ILE E 116 -9.19 -17.25 -29.36
CA ILE E 116 -7.81 -16.89 -29.69
C ILE E 116 -6.95 -18.13 -29.87
N GLY E 117 -7.58 -19.29 -29.97
CA GLY E 117 -6.88 -20.49 -30.41
C GLY E 117 -6.18 -21.30 -29.36
N ALA E 118 -6.92 -21.74 -28.34
CA ALA E 118 -6.41 -22.69 -27.35
C ALA E 118 -6.85 -24.09 -27.74
N ASP E 119 -5.89 -25.02 -27.76
CA ASP E 119 -6.19 -26.36 -28.24
C ASP E 119 -6.98 -27.16 -27.20
N ARG E 120 -6.76 -26.90 -25.91
CA ARG E 120 -7.53 -27.54 -24.86
C ARG E 120 -7.57 -26.61 -23.66
N ILE E 121 -8.76 -26.41 -23.12
CA ILE E 121 -8.98 -25.50 -22.01
C ILE E 121 -9.46 -26.31 -20.81
N ILE E 122 -8.78 -26.13 -19.68
CA ILE E 122 -8.91 -27.00 -18.52
C ILE E 122 -9.45 -26.21 -17.35
N HIS E 123 -10.44 -26.78 -16.66
CA HIS E 123 -10.98 -26.24 -15.40
C HIS E 123 -10.64 -27.24 -14.30
N PRO E 124 -9.53 -27.05 -13.58
CA PRO E 124 -9.16 -28.05 -12.57
C PRO E 124 -10.04 -28.03 -11.34
N GLU E 125 -10.37 -26.85 -10.82
CA GLU E 125 -11.21 -26.78 -9.63
C GLU E 125 -12.68 -27.03 -9.95
N LYS E 126 -13.11 -26.70 -11.17
CA LYS E 126 -14.49 -26.96 -11.54
C LYS E 126 -14.72 -28.43 -11.85
N ASP E 127 -13.74 -29.11 -12.42
CA ASP E 127 -13.88 -30.54 -12.69
C ASP E 127 -13.78 -31.34 -11.40
N MET E 128 -12.96 -30.90 -10.46
CA MET E 128 -12.85 -31.59 -9.18
C MET E 128 -14.04 -31.29 -8.29
N GLY E 129 -14.54 -30.05 -8.33
CA GLY E 129 -15.65 -29.68 -7.46
C GLY E 129 -16.93 -30.43 -7.79
N VAL E 130 -17.19 -30.64 -9.08
CA VAL E 130 -18.32 -31.48 -9.48
C VAL E 130 -18.08 -32.92 -9.08
N LYS E 131 -16.82 -33.37 -9.16
CA LYS E 131 -16.48 -34.73 -8.76
C LYS E 131 -16.60 -34.92 -7.25
N ILE E 132 -16.24 -33.89 -6.48
CA ILE E 132 -16.37 -33.96 -5.03
C ILE E 132 -17.84 -33.93 -4.62
N ALA E 133 -18.62 -33.05 -5.25
CA ALA E 133 -20.02 -32.89 -4.86
C ALA E 133 -20.85 -34.13 -5.17
N GLN E 134 -20.42 -34.94 -6.14
CA GLN E 134 -21.08 -36.22 -6.36
C GLN E 134 -20.79 -37.19 -5.22
N SER E 135 -19.61 -37.10 -4.61
CA SER E 135 -19.29 -37.95 -3.47
C SER E 135 -19.96 -37.46 -2.19
N LEU E 136 -20.15 -36.14 -2.05
CA LEU E 136 -20.86 -35.61 -0.89
C LEU E 136 -22.32 -36.03 -0.88
N SER E 137 -22.98 -35.95 -2.04
CA SER E 137 -24.41 -36.23 -2.11
C SER E 137 -24.72 -37.69 -1.79
N ASP E 138 -23.91 -38.61 -2.33
CA ASP E 138 -24.07 -40.03 -2.05
C ASP E 138 -22.73 -40.56 -1.55
N GLU E 139 -22.66 -40.85 -0.25
CA GLU E 139 -21.42 -41.28 0.38
C GLU E 139 -20.99 -42.68 -0.01
N ASN E 140 -21.86 -43.44 -0.69
CA ASN E 140 -21.48 -44.78 -1.13
C ASN E 140 -20.43 -44.75 -2.22
N VAL E 141 -20.48 -43.77 -3.11
CA VAL E 141 -19.52 -43.70 -4.20
C VAL E 141 -18.18 -43.23 -3.67
N LEU E 142 -17.11 -43.61 -4.35
CA LEU E 142 -15.76 -43.19 -4.00
C LEU E 142 -15.05 -42.55 -5.17
N ASN E 143 -15.26 -43.06 -6.38
CA ASN E 143 -14.65 -42.51 -7.58
C ASN E 143 -15.49 -42.98 -8.76
N TYR E 144 -15.52 -42.17 -9.82
CA TYR E 144 -16.31 -42.53 -11.00
C TYR E 144 -15.69 -41.91 -12.23
N ILE E 145 -16.06 -42.44 -13.38
CA ILE E 145 -15.62 -41.94 -14.66
C ILE E 145 -16.84 -41.96 -15.57
N ASP E 146 -17.17 -40.86 -16.24
CA ASP E 146 -18.35 -40.76 -17.10
C ASP E 146 -17.95 -41.13 -18.53
N LEU E 147 -18.31 -42.36 -18.93
CA LEU E 147 -18.11 -42.75 -20.33
C LEU E 147 -19.00 -41.92 -21.25
N SER E 148 -20.24 -41.68 -20.85
CA SER E 148 -21.15 -40.82 -21.58
C SER E 148 -21.92 -40.00 -20.56
N ASP E 149 -22.99 -39.34 -21.01
CA ASP E 149 -23.81 -38.54 -20.11
C ASP E 149 -24.77 -39.39 -19.28
N GLU E 150 -24.88 -40.69 -19.56
CA GLU E 150 -25.82 -41.55 -18.86
C GLU E 150 -25.23 -42.86 -18.36
N TYR E 151 -23.99 -43.20 -18.73
CA TYR E 151 -23.35 -44.42 -18.26
C TYR E 151 -22.04 -44.06 -17.57
N SER E 152 -21.79 -44.71 -16.44
CA SER E 152 -20.61 -44.41 -15.63
C SER E 152 -20.09 -45.68 -14.98
N ILE E 153 -18.79 -45.67 -14.69
CA ILE E 153 -18.13 -46.75 -13.99
C ILE E 153 -17.86 -46.30 -12.57
N VAL E 154 -18.81 -46.54 -11.67
CA VAL E 154 -18.80 -46.00 -10.32
C VAL E 154 -18.18 -47.03 -9.39
N GLU E 155 -17.12 -46.62 -8.70
CA GLU E 155 -16.46 -47.47 -7.71
C GLU E 155 -17.24 -47.36 -6.40
N LEU E 156 -18.25 -48.21 -6.25
CA LEU E 156 -19.09 -48.16 -5.07
C LEU E 156 -18.38 -48.78 -3.87
N LEU E 157 -18.91 -48.46 -2.68
CA LEU E 157 -18.41 -49.01 -1.42
C LEU E 157 -19.50 -49.93 -0.86
N ALA E 158 -19.12 -51.16 -0.56
CA ALA E 158 -20.08 -52.15 -0.08
C ALA E 158 -20.55 -51.79 1.33
N THR E 159 -21.86 -51.83 1.53
CA THR E 159 -22.47 -51.50 2.80
C THR E 159 -22.50 -52.73 3.71
N ARG E 160 -23.23 -52.64 4.82
CA ARG E 160 -23.30 -53.74 5.76
C ARG E 160 -24.18 -54.89 5.26
N LYS E 161 -25.18 -54.58 4.43
CA LYS E 161 -26.05 -55.63 3.90
C LYS E 161 -25.41 -56.40 2.76
N LEU E 162 -24.35 -55.86 2.14
CA LEU E 162 -23.61 -56.57 1.12
C LEU E 162 -22.52 -57.47 1.68
N ASP E 163 -22.33 -57.46 2.99
CA ASP E 163 -21.34 -58.34 3.61
C ASP E 163 -21.78 -59.80 3.51
N SER E 164 -20.82 -60.67 3.23
CA SER E 164 -21.04 -62.12 3.10
C SER E 164 -22.09 -62.45 2.05
N LYS E 165 -22.12 -61.68 0.96
CA LYS E 165 -23.03 -61.92 -0.15
C LYS E 165 -22.22 -62.24 -1.40
N SER E 166 -22.50 -63.38 -2.01
CA SER E 166 -21.77 -63.80 -3.20
C SER E 166 -22.23 -63.00 -4.41
N ILE E 167 -21.42 -63.07 -5.47
CA ILE E 167 -21.76 -62.37 -6.72
C ILE E 167 -22.99 -63.01 -7.36
N ILE E 168 -23.08 -64.35 -7.31
CA ILE E 168 -24.22 -65.05 -7.88
C ILE E 168 -25.49 -64.72 -7.11
N ASP E 169 -25.37 -64.40 -5.82
CA ASP E 169 -26.53 -63.94 -5.05
C ASP E 169 -27.02 -62.59 -5.57
N LEU E 170 -26.09 -61.71 -5.95
CA LEU E 170 -26.46 -60.43 -6.52
C LEU E 170 -26.99 -60.60 -7.94
N ASN E 171 -28.12 -59.96 -8.22
CA ASN E 171 -28.75 -60.00 -9.54
C ASN E 171 -28.53 -58.71 -10.32
N VAL E 172 -27.35 -58.09 -10.16
CA VAL E 172 -27.09 -56.80 -10.80
C VAL E 172 -27.05 -56.92 -12.32
N ARG E 173 -26.74 -58.10 -12.84
CA ARG E 173 -26.63 -58.28 -14.28
C ARG E 173 -28.00 -58.17 -14.97
N ALA E 174 -29.03 -58.72 -14.34
CA ALA E 174 -30.35 -58.78 -14.95
C ALA E 174 -31.36 -57.83 -14.31
N LYS E 175 -31.44 -57.82 -12.97
CA LYS E 175 -32.42 -56.99 -12.29
C LYS E 175 -32.11 -55.51 -12.45
N TYR E 176 -30.85 -55.13 -12.23
CA TYR E 176 -30.43 -53.74 -12.35
C TYR E 176 -29.74 -53.45 -13.69
N GLY E 177 -29.30 -54.47 -14.40
CA GLY E 177 -28.57 -54.25 -15.65
C GLY E 177 -27.22 -53.60 -15.43
N CYS E 178 -26.52 -53.97 -14.36
CA CYS E 178 -25.22 -53.40 -14.02
C CYS E 178 -24.19 -54.52 -13.94
N THR E 179 -23.01 -54.26 -14.49
CA THR E 179 -21.95 -55.26 -14.59
C THR E 179 -20.85 -54.95 -13.59
N ILE E 180 -20.67 -55.83 -12.62
CA ILE E 180 -19.60 -55.68 -11.64
C ILE E 180 -18.27 -56.04 -12.28
N LEU E 181 -17.28 -55.18 -12.08
CA LEU E 181 -15.99 -55.36 -12.71
C LEU E 181 -14.92 -55.90 -11.76
N ALA E 182 -14.78 -55.31 -10.58
CA ALA E 182 -13.73 -55.73 -9.66
C ALA E 182 -14.15 -55.48 -8.23
N ILE E 183 -13.50 -56.18 -7.31
CA ILE E 183 -13.70 -56.01 -5.87
C ILE E 183 -12.33 -55.80 -5.24
N LYS E 184 -12.21 -54.77 -4.39
CA LYS E 184 -10.94 -54.49 -3.72
C LYS E 184 -11.12 -54.71 -2.22
N HIS E 185 -10.77 -55.92 -1.78
CA HIS E 185 -10.84 -56.29 -0.37
C HIS E 185 -9.76 -55.59 0.44
N GLN E 202 -16.78 -53.98 4.46
CA GLN E 202 -16.85 -52.90 3.47
C GLN E 202 -15.64 -52.94 2.54
N ASP E 203 -15.85 -53.35 1.30
CA ASP E 203 -14.80 -53.43 0.30
C ASP E 203 -15.24 -52.66 -0.95
N CYS E 204 -14.27 -52.13 -1.69
CA CYS E 204 -14.58 -51.36 -2.89
C CYS E 204 -15.17 -52.27 -3.95
N LEU E 205 -16.27 -51.81 -4.56
CA LEU E 205 -17.00 -52.59 -5.55
C LEU E 205 -17.14 -51.76 -6.82
N VAL E 206 -16.35 -52.08 -7.83
CA VAL E 206 -16.40 -51.35 -9.09
C VAL E 206 -17.55 -51.90 -9.93
N ILE E 207 -18.40 -51.00 -10.42
CA ILE E 207 -19.61 -51.37 -11.13
C ILE E 207 -19.71 -50.50 -12.38
N MET E 208 -20.50 -50.96 -13.35
CA MET E 208 -20.76 -50.21 -14.58
C MET E 208 -22.22 -50.37 -14.92
N GLY E 209 -22.85 -49.28 -15.36
CA GLY E 209 -24.24 -49.35 -15.76
C GLY E 209 -24.77 -47.98 -16.08
N HIS E 210 -26.08 -47.92 -16.30
CA HIS E 210 -26.72 -46.63 -16.53
C HIS E 210 -26.73 -45.81 -15.25
N LYS E 211 -26.78 -44.49 -15.42
CA LYS E 211 -26.76 -43.59 -14.26
C LYS E 211 -27.97 -43.80 -13.38
N LYS E 212 -29.14 -44.01 -13.99
CA LYS E 212 -30.35 -44.29 -13.21
C LYS E 212 -30.33 -45.71 -12.68
N ASP E 213 -29.69 -46.64 -13.40
CA ASP E 213 -29.70 -48.04 -12.98
C ASP E 213 -28.76 -48.30 -11.82
N ILE E 214 -27.63 -47.59 -11.76
CA ILE E 214 -26.69 -47.77 -10.65
C ILE E 214 -27.31 -47.28 -9.35
N LYS E 215 -28.07 -46.18 -9.41
CA LYS E 215 -28.68 -45.62 -8.22
C LYS E 215 -29.70 -46.57 -7.60
N ARG E 216 -30.31 -47.43 -8.42
CA ARG E 216 -31.21 -48.45 -7.89
C ARG E 216 -30.45 -49.47 -7.06
N PHE E 217 -29.23 -49.83 -7.49
CA PHE E 217 -28.44 -50.79 -6.74
C PHE E 217 -27.92 -50.20 -5.44
N GLU E 218 -27.63 -48.90 -5.43
CA GLU E 218 -27.17 -48.25 -4.20
C GLU E 218 -28.27 -48.22 -3.14
N ASN E 219 -29.51 -47.95 -3.55
CA ASN E 219 -30.60 -47.86 -2.60
C ASN E 219 -30.98 -49.23 -2.04
N GLU E 220 -31.04 -50.25 -2.89
CA GLU E 220 -31.45 -51.58 -2.48
C GLU E 220 -30.29 -52.48 -2.12
N GLY E 221 -29.06 -51.97 -2.12
CA GLY E 221 -27.91 -52.75 -1.73
C GLY E 221 -27.52 -53.81 -2.73
N LYS F 7 -29.76 -34.46 4.35
CA LYS F 7 -28.42 -34.00 3.99
C LYS F 7 -28.40 -32.51 3.70
N GLN F 8 -27.88 -31.74 4.65
CA GLN F 8 -27.72 -30.30 4.51
C GLN F 8 -26.24 -29.96 4.53
N PHE F 9 -25.79 -29.23 3.52
CA PHE F 9 -24.39 -28.94 3.31
C PHE F 9 -24.14 -27.46 3.51
N ALA F 10 -23.02 -27.13 4.13
CA ALA F 10 -22.53 -25.76 4.22
C ALA F 10 -21.20 -25.70 3.48
N VAL F 11 -21.05 -24.71 2.61
CA VAL F 11 -19.81 -24.49 1.88
C VAL F 11 -19.26 -23.15 2.30
N ILE F 12 -18.05 -23.16 2.85
CA ILE F 12 -17.43 -21.96 3.39
C ILE F 12 -16.31 -21.54 2.44
N GLY F 13 -16.48 -20.39 1.81
CA GLY F 13 -15.52 -19.92 0.83
C GLY F 13 -15.98 -20.29 -0.56
N LEU F 14 -16.47 -19.30 -1.31
CA LEU F 14 -17.02 -19.54 -2.64
C LEU F 14 -16.00 -19.10 -3.68
N GLY F 15 -15.02 -19.96 -3.93
CA GLY F 15 -14.04 -19.75 -4.95
C GLY F 15 -14.39 -20.45 -6.23
N ARG F 16 -13.37 -20.88 -6.96
CA ARG F 16 -13.60 -21.74 -8.11
C ARG F 16 -13.96 -23.14 -7.68
N PHE F 17 -13.41 -23.59 -6.54
CA PHE F 17 -13.72 -24.91 -6.03
C PHE F 17 -14.99 -24.91 -5.19
N GLY F 18 -15.10 -23.98 -4.25
CA GLY F 18 -16.29 -23.91 -3.43
C GLY F 18 -17.53 -23.51 -4.20
N GLY F 19 -17.36 -22.61 -5.18
CA GLY F 19 -18.50 -22.21 -5.99
C GLY F 19 -18.99 -23.31 -6.89
N SER F 20 -18.12 -24.24 -7.26
CA SER F 20 -18.55 -25.36 -8.09
C SER F 20 -19.36 -26.38 -7.29
N ILE F 21 -19.01 -26.56 -6.02
CA ILE F 21 -19.77 -27.48 -5.17
C ILE F 21 -21.15 -26.92 -4.85
N CYS F 22 -21.24 -25.61 -4.62
CA CYS F 22 -22.53 -24.98 -4.41
C CYS F 22 -23.41 -25.10 -5.65
N LYS F 23 -22.84 -24.87 -6.83
CA LYS F 23 -23.62 -24.96 -8.06
C LYS F 23 -23.99 -26.39 -8.40
N GLU F 24 -23.11 -27.35 -8.11
CA GLU F 24 -23.41 -28.74 -8.42
C GLU F 24 -24.43 -29.32 -7.43
N LEU F 25 -24.28 -29.03 -6.14
CA LEU F 25 -25.21 -29.57 -5.15
C LEU F 25 -26.58 -28.95 -5.28
N HIS F 26 -26.64 -27.67 -5.68
CA HIS F 26 -27.93 -27.04 -5.91
C HIS F 26 -28.64 -27.62 -7.13
N ARG F 27 -27.86 -28.03 -8.15
CA ARG F 27 -28.45 -28.66 -9.32
C ARG F 27 -29.07 -30.01 -8.95
N MET F 28 -28.41 -30.78 -8.09
CA MET F 28 -28.94 -32.06 -7.64
C MET F 28 -30.11 -31.90 -6.67
N GLY F 29 -30.37 -30.69 -6.19
CA GLY F 29 -31.49 -30.45 -5.30
C GLY F 29 -31.16 -30.68 -3.85
N HIS F 30 -30.11 -30.03 -3.36
CA HIS F 30 -29.70 -30.14 -1.97
C HIS F 30 -29.73 -28.76 -1.33
N GLU F 31 -29.97 -28.74 -0.02
CA GLU F 31 -29.99 -27.49 0.73
C GLU F 31 -28.56 -27.09 1.06
N VAL F 32 -28.02 -26.15 0.30
CA VAL F 32 -26.63 -25.70 0.45
C VAL F 32 -26.63 -24.33 1.09
N LEU F 33 -25.81 -24.16 2.11
CA LEU F 33 -25.54 -22.85 2.69
C LEU F 33 -24.20 -22.37 2.15
N ALA F 34 -24.21 -21.20 1.52
CA ALA F 34 -23.00 -20.61 0.95
C ALA F 34 -22.51 -19.49 1.86
N VAL F 35 -21.34 -19.68 2.45
CA VAL F 35 -20.74 -18.70 3.36
C VAL F 35 -19.50 -18.14 2.71
N ASP F 36 -19.38 -16.82 2.67
CA ASP F 36 -18.21 -16.16 2.12
C ASP F 36 -18.03 -14.83 2.81
N ILE F 37 -16.77 -14.39 2.95
CA ILE F 37 -16.49 -13.11 3.59
C ILE F 37 -16.59 -11.94 2.62
N ASN F 38 -16.62 -12.21 1.32
CA ASN F 38 -16.66 -11.17 0.29
C ASN F 38 -18.09 -10.96 -0.15
N GLU F 39 -18.53 -9.70 -0.15
CA GLU F 39 -19.91 -9.38 -0.49
C GLU F 39 -20.20 -9.64 -1.96
N GLU F 40 -19.24 -9.35 -2.84
CA GLU F 40 -19.45 -9.54 -4.27
C GLU F 40 -19.58 -11.02 -4.63
N LYS F 41 -18.82 -11.90 -3.96
CA LYS F 41 -18.95 -13.33 -4.17
C LYS F 41 -20.30 -13.84 -3.68
N VAL F 42 -20.78 -13.33 -2.54
CA VAL F 42 -22.04 -13.77 -1.97
C VAL F 42 -23.20 -13.44 -2.89
N ASN F 43 -23.20 -12.23 -3.47
CA ASN F 43 -24.28 -11.82 -4.35
C ASN F 43 -24.31 -12.64 -5.63
N ALA F 44 -23.17 -13.22 -6.01
CA ALA F 44 -23.13 -14.04 -7.22
C ALA F 44 -23.76 -15.41 -6.98
N TYR F 45 -23.60 -15.96 -5.78
CA TYR F 45 -24.09 -17.30 -5.46
C TYR F 45 -25.35 -17.26 -4.60
N ALA F 46 -26.08 -16.15 -4.59
CA ALA F 46 -27.37 -16.12 -3.92
C ALA F 46 -28.39 -16.96 -4.68
N SER F 47 -28.31 -16.95 -6.01
CA SER F 47 -29.22 -17.74 -6.84
C SER F 47 -28.80 -19.19 -6.97
N TYR F 48 -27.56 -19.53 -6.62
CA TYR F 48 -27.04 -20.88 -6.75
C TYR F 48 -26.96 -21.61 -5.41
N ALA F 49 -27.56 -21.06 -4.37
CA ALA F 49 -27.56 -21.69 -3.05
C ALA F 49 -28.92 -21.52 -2.42
N THR F 50 -29.23 -22.40 -1.46
CA THR F 50 -30.45 -22.24 -0.69
C THR F 50 -30.41 -20.96 0.13
N HIS F 51 -29.26 -20.64 0.70
CA HIS F 51 -29.07 -19.40 1.43
C HIS F 51 -27.60 -19.01 1.32
N ALA F 52 -27.34 -17.72 1.09
CA ALA F 52 -25.98 -17.19 1.01
C ALA F 52 -25.83 -16.09 2.04
N VAL F 53 -24.81 -16.24 2.88
CA VAL F 53 -24.57 -15.29 3.95
C VAL F 53 -23.16 -14.74 3.93
N ILE F 54 -22.98 -13.55 4.48
CA ILE F 54 -21.66 -12.93 4.57
C ILE F 54 -21.16 -13.13 6.00
N ALA F 55 -20.08 -13.88 6.16
CA ALA F 55 -19.57 -14.18 7.48
C ALA F 55 -18.08 -14.49 7.42
N ASN F 56 -17.39 -14.16 8.50
CA ASN F 56 -16.00 -14.52 8.70
C ASN F 56 -15.95 -15.77 9.55
N ALA F 57 -15.68 -16.92 8.92
CA ALA F 57 -15.79 -18.21 9.56
C ALA F 57 -14.74 -18.45 10.64
N THR F 58 -13.72 -17.61 10.74
CA THR F 58 -12.75 -17.72 11.82
C THR F 58 -13.30 -17.21 13.15
N GLU F 59 -14.49 -16.61 13.15
CA GLU F 59 -15.13 -16.12 14.35
C GLU F 59 -16.17 -17.13 14.83
N GLU F 60 -16.13 -17.47 16.12
CA GLU F 60 -17.08 -18.43 16.66
C GLU F 60 -18.47 -17.84 16.79
N ASN F 61 -18.56 -16.56 17.15
CA ASN F 61 -19.86 -15.92 17.27
C ASN F 61 -20.54 -15.77 15.91
N GLU F 62 -19.76 -15.46 14.87
CA GLU F 62 -20.33 -15.38 13.53
C GLU F 62 -20.66 -16.75 12.96
N LEU F 63 -19.96 -17.78 13.42
CA LEU F 63 -20.23 -19.13 12.94
C LEU F 63 -21.50 -19.70 13.59
N LEU F 64 -21.75 -19.34 14.86
CA LEU F 64 -22.95 -19.80 15.53
C LEU F 64 -24.19 -19.02 15.12
N SER F 65 -24.00 -17.83 14.54
CA SER F 65 -25.15 -17.07 14.04
C SER F 65 -25.72 -17.67 12.77
N LEU F 66 -25.00 -18.58 12.12
CA LEU F 66 -25.48 -19.27 10.93
C LEU F 66 -26.24 -20.54 11.25
N GLY F 67 -26.26 -20.96 12.51
CA GLY F 67 -26.79 -22.27 12.83
C GLY F 67 -25.94 -23.37 12.23
N ILE F 68 -24.62 -23.25 12.33
CA ILE F 68 -23.73 -24.20 11.68
C ILE F 68 -23.73 -25.55 12.38
N ARG F 69 -24.23 -25.62 13.61
CA ARG F 69 -24.32 -26.90 14.32
C ARG F 69 -25.37 -27.82 13.72
N ASN F 70 -26.21 -27.32 12.82
CA ASN F 70 -27.29 -28.08 12.24
C ASN F 70 -26.93 -28.73 10.90
N PHE F 71 -25.68 -28.60 10.46
CA PHE F 71 -25.24 -29.12 9.17
C PHE F 71 -24.42 -30.38 9.37
N GLU F 72 -24.75 -31.43 8.63
CA GLU F 72 -24.01 -32.68 8.73
C GLU F 72 -22.66 -32.57 8.03
N TYR F 73 -22.64 -31.91 6.86
CA TYR F 73 -21.42 -31.72 6.08
C TYR F 73 -21.08 -30.24 6.06
N VAL F 74 -19.83 -29.92 6.36
CA VAL F 74 -19.29 -28.58 6.14
C VAL F 74 -18.03 -28.72 5.29
N ILE F 75 -17.96 -27.93 4.23
CA ILE F 75 -16.81 -27.93 3.33
C ILE F 75 -16.13 -26.57 3.45
N VAL F 76 -14.87 -26.58 3.85
CA VAL F 76 -14.08 -25.35 4.00
C VAL F 76 -13.22 -25.25 2.75
N ALA F 77 -13.74 -24.57 1.73
CA ALA F 77 -13.06 -24.47 0.44
C ALA F 77 -12.19 -23.23 0.35
N ILE F 78 -11.34 -23.04 1.34
CA ILE F 78 -10.34 -21.97 1.34
C ILE F 78 -8.97 -22.65 1.24
N GLY F 79 -8.29 -22.42 0.13
CA GLY F 79 -7.02 -23.09 -0.10
C GLY F 79 -5.87 -22.17 -0.45
N ALA F 80 -6.00 -20.90 -0.10
CA ALA F 80 -4.90 -19.94 -0.26
C ALA F 80 -4.54 -19.21 1.02
N ASN F 81 -5.40 -19.25 2.03
CA ASN F 81 -5.11 -18.67 3.35
C ASN F 81 -5.05 -19.84 4.32
N ILE F 82 -3.84 -20.18 4.76
CA ILE F 82 -3.68 -21.30 5.69
C ILE F 82 -4.25 -20.94 7.06
N GLN F 83 -4.05 -19.69 7.50
CA GLN F 83 -4.57 -19.29 8.80
C GLN F 83 -6.09 -19.29 8.83
N ALA F 84 -6.72 -18.82 7.75
CA ALA F 84 -8.19 -18.82 7.70
C ALA F 84 -8.73 -20.24 7.58
N SER F 85 -8.05 -21.11 6.82
CA SER F 85 -8.54 -22.46 6.63
C SER F 85 -8.40 -23.30 7.88
N THR F 86 -7.25 -23.20 8.57
CA THR F 86 -7.01 -24.05 9.73
C THR F 86 -7.76 -23.57 10.96
N LEU F 87 -7.99 -22.27 11.07
CA LEU F 87 -8.73 -21.74 12.21
C LEU F 87 -10.22 -22.04 12.05
N THR F 88 -10.70 -22.15 10.82
CA THR F 88 -12.10 -22.47 10.58
C THR F 88 -12.42 -23.90 10.98
N THR F 89 -11.60 -24.86 10.54
CA THR F 89 -11.88 -26.25 10.85
C THR F 89 -11.65 -26.58 12.31
N LEU F 90 -10.87 -25.77 13.02
CA LEU F 90 -10.74 -25.95 14.46
C LEU F 90 -12.05 -25.61 15.17
N LEU F 91 -12.74 -24.55 14.72
CA LEU F 91 -14.02 -24.19 15.31
C LEU F 91 -15.08 -25.24 14.99
N LEU F 92 -15.09 -25.76 13.78
CA LEU F 92 -16.07 -26.79 13.41
C LEU F 92 -15.76 -28.11 14.11
N LYS F 93 -14.49 -28.38 14.38
CA LYS F 93 -14.14 -29.57 15.16
C LYS F 93 -14.64 -29.44 16.60
N GLU F 94 -14.59 -28.22 17.15
CA GLU F 94 -15.13 -27.98 18.48
C GLU F 94 -16.65 -28.11 18.50
N LEU F 95 -17.32 -27.72 17.41
CA LEU F 95 -18.79 -27.76 17.32
C LEU F 95 -19.36 -29.14 17.04
N ASP F 96 -18.51 -30.16 17.01
CA ASP F 96 -18.92 -31.54 16.79
C ASP F 96 -19.61 -31.73 15.44
N ILE F 97 -19.04 -31.12 14.40
CA ILE F 97 -19.55 -31.33 13.04
C ILE F 97 -19.11 -32.73 12.62
N PRO F 98 -20.04 -33.60 12.21
CA PRO F 98 -19.67 -34.99 11.92
C PRO F 98 -18.70 -35.13 10.76
N ASN F 99 -18.86 -34.32 9.71
CA ASN F 99 -18.02 -34.40 8.53
C ASN F 99 -17.51 -33.01 8.19
N ILE F 100 -16.18 -32.87 8.15
CA ILE F 100 -15.53 -31.64 7.73
C ILE F 100 -14.57 -31.99 6.61
N TRP F 101 -14.77 -31.41 5.44
CA TRP F 101 -13.92 -31.63 4.28
C TRP F 101 -13.22 -30.33 3.95
N VAL F 102 -11.89 -30.36 3.89
CA VAL F 102 -11.10 -29.14 3.74
C VAL F 102 -10.30 -29.21 2.45
N LYS F 103 -10.19 -28.07 1.79
CA LYS F 103 -9.36 -27.93 0.60
C LYS F 103 -7.99 -27.39 1.02
N ALA F 104 -6.94 -28.14 0.73
CA ALA F 104 -5.59 -27.83 1.17
C ALA F 104 -4.82 -27.08 0.10
N GLN F 105 -3.69 -26.50 0.52
CA GLN F 105 -2.84 -25.69 -0.34
C GLN F 105 -1.52 -26.36 -0.65
N ASN F 106 -0.75 -26.73 0.37
CA ASN F 106 0.53 -27.38 0.16
C ASN F 106 0.58 -28.62 1.03
N TYR F 107 1.74 -29.27 1.07
CA TYR F 107 1.91 -30.48 1.86
C TYR F 107 1.88 -30.17 3.35
N TYR F 108 2.43 -29.02 3.75
CA TYR F 108 2.45 -28.67 5.17
C TYR F 108 1.11 -28.17 5.66
N HIS F 109 0.29 -27.59 4.76
CA HIS F 109 -1.09 -27.29 5.12
C HIS F 109 -1.90 -28.56 5.31
N HIS F 110 -1.64 -29.58 4.50
CA HIS F 110 -2.33 -30.86 4.66
C HIS F 110 -1.99 -31.51 6.00
N LYS F 111 -0.77 -31.28 6.49
CA LYS F 111 -0.34 -31.88 7.75
C LYS F 111 -1.01 -31.23 8.95
N VAL F 112 -1.33 -29.94 8.87
CA VAL F 112 -2.02 -29.26 9.97
C VAL F 112 -3.45 -29.77 10.07
N LEU F 113 -4.14 -29.90 8.94
CA LEU F 113 -5.53 -30.34 8.95
C LEU F 113 -5.67 -31.78 9.40
N GLU F 114 -4.69 -32.62 9.08
CA GLU F 114 -4.68 -33.99 9.58
C GLU F 114 -4.54 -34.04 11.10
N LYS F 115 -3.82 -33.08 11.68
CA LYS F 115 -3.64 -33.05 13.13
C LYS F 115 -4.89 -32.58 13.85
N ILE F 116 -5.57 -31.55 13.32
CA ILE F 116 -6.65 -30.91 14.05
C ILE F 116 -8.00 -31.52 13.66
N GLY F 117 -7.96 -32.65 12.96
CA GLY F 117 -9.15 -33.44 12.74
C GLY F 117 -10.02 -33.05 11.56
N ALA F 118 -9.46 -33.07 10.36
CA ALA F 118 -10.23 -32.93 9.14
C ALA F 118 -10.57 -34.31 8.61
N ASP F 119 -11.87 -34.55 8.36
CA ASP F 119 -12.32 -35.88 7.99
C ASP F 119 -11.87 -36.25 6.58
N ARG F 120 -11.75 -35.27 5.70
CA ARG F 120 -11.21 -35.51 4.36
C ARG F 120 -10.54 -34.24 3.87
N ILE F 121 -9.38 -34.38 3.25
CA ILE F 121 -8.57 -33.26 2.79
C ILE F 121 -8.40 -33.40 1.28
N ILE F 122 -8.68 -32.31 0.56
CA ILE F 122 -8.78 -32.33 -0.89
C ILE F 122 -7.72 -31.43 -1.50
N HIS F 123 -6.99 -31.97 -2.48
CA HIS F 123 -6.04 -31.20 -3.30
C HIS F 123 -6.62 -31.15 -4.71
N PRO F 124 -7.39 -30.12 -5.06
CA PRO F 124 -8.04 -30.14 -6.37
C PRO F 124 -7.10 -29.92 -7.54
N GLU F 125 -6.20 -28.94 -7.45
CA GLU F 125 -5.29 -28.69 -8.57
C GLU F 125 -4.17 -29.71 -8.61
N LYS F 126 -3.74 -30.21 -7.45
CA LYS F 126 -2.70 -31.23 -7.45
C LYS F 126 -3.20 -32.55 -8.03
N ASP F 127 -4.44 -32.91 -7.76
CA ASP F 127 -4.99 -34.15 -8.30
C ASP F 127 -5.30 -34.02 -9.79
N MET F 128 -5.79 -32.84 -10.20
CA MET F 128 -6.05 -32.62 -11.63
C MET F 128 -4.77 -32.43 -12.41
N GLY F 129 -3.78 -31.76 -11.81
CA GLY F 129 -2.50 -31.60 -12.48
C GLY F 129 -1.79 -32.92 -12.71
N VAL F 130 -1.89 -33.83 -11.75
CA VAL F 130 -1.34 -35.17 -11.92
C VAL F 130 -2.11 -35.93 -13.00
N LYS F 131 -3.43 -35.76 -13.03
CA LYS F 131 -4.24 -36.43 -14.05
C LYS F 131 -3.98 -35.87 -15.44
N ILE F 132 -3.79 -34.55 -15.55
CA ILE F 132 -3.46 -33.94 -16.83
C ILE F 132 -2.09 -34.40 -17.31
N ALA F 133 -1.12 -34.48 -16.41
CA ALA F 133 0.25 -34.82 -16.79
C ALA F 133 0.36 -36.24 -17.31
N GLN F 134 -0.59 -37.12 -16.96
CA GLN F 134 -0.62 -38.44 -17.58
C GLN F 134 -1.11 -38.35 -19.03
N SER F 135 -1.98 -37.37 -19.32
CA SER F 135 -2.49 -37.21 -20.67
C SER F 135 -1.47 -36.55 -21.58
N LEU F 136 -0.65 -35.63 -21.05
CA LEU F 136 0.44 -35.08 -21.83
C LEU F 136 1.47 -36.13 -22.17
N SER F 137 1.86 -36.95 -21.19
CA SER F 137 2.92 -37.93 -21.38
C SER F 137 2.48 -39.01 -22.37
N ASP F 138 1.24 -39.48 -22.26
CA ASP F 138 0.70 -40.49 -23.16
C ASP F 138 -0.59 -39.94 -23.76
N GLU F 139 -0.51 -39.42 -24.98
CA GLU F 139 -1.63 -38.78 -25.64
C GLU F 139 -2.72 -39.75 -26.06
N ASN F 140 -2.47 -41.06 -25.96
CA ASN F 140 -3.49 -42.04 -26.30
C ASN F 140 -4.65 -42.00 -25.30
N VAL F 141 -4.37 -41.79 -24.02
CA VAL F 141 -5.39 -41.85 -22.98
C VAL F 141 -6.30 -40.63 -23.07
N LEU F 142 -7.51 -40.78 -22.54
CA LEU F 142 -8.46 -39.69 -22.44
C LEU F 142 -8.88 -39.41 -21.01
N ASN F 143 -9.10 -40.46 -20.21
CA ASN F 143 -9.43 -40.32 -18.80
C ASN F 143 -9.18 -41.65 -18.13
N TYR F 144 -8.37 -41.65 -17.08
CA TYR F 144 -8.01 -42.87 -16.40
C TYR F 144 -8.46 -42.78 -14.94
N ILE F 145 -8.81 -43.94 -14.40
CA ILE F 145 -9.23 -44.04 -13.01
C ILE F 145 -8.45 -45.20 -12.41
N ASP F 146 -7.71 -44.96 -11.33
CA ASP F 146 -6.85 -45.97 -10.73
C ASP F 146 -7.66 -46.79 -9.73
N LEU F 147 -7.91 -48.05 -10.06
CA LEU F 147 -8.49 -48.97 -9.10
C LEU F 147 -7.53 -49.22 -7.94
N SER F 148 -6.25 -49.38 -8.25
CA SER F 148 -5.22 -49.61 -7.25
C SER F 148 -3.91 -49.03 -7.77
N ASP F 149 -2.80 -49.44 -7.15
CA ASP F 149 -1.49 -48.95 -7.58
C ASP F 149 -0.95 -49.73 -8.77
N GLU F 150 -1.57 -50.86 -9.09
CA GLU F 150 -1.11 -51.67 -10.22
C GLU F 150 -2.18 -51.92 -11.27
N TYR F 151 -3.46 -51.86 -10.93
CA TYR F 151 -4.54 -52.12 -11.87
C TYR F 151 -5.37 -50.85 -12.02
N SER F 152 -5.65 -50.48 -13.26
CA SER F 152 -6.34 -49.23 -13.54
C SER F 152 -7.24 -49.39 -14.76
N ILE F 153 -8.23 -48.52 -14.86
CA ILE F 153 -9.13 -48.46 -16.00
C ILE F 153 -8.74 -47.23 -16.82
N VAL F 154 -8.32 -47.45 -18.07
CA VAL F 154 -7.85 -46.39 -18.93
C VAL F 154 -8.78 -46.30 -20.15
N GLU F 155 -9.36 -45.12 -20.36
CA GLU F 155 -10.23 -44.87 -21.51
C GLU F 155 -9.34 -44.40 -22.65
N LEU F 156 -8.98 -45.33 -23.53
CA LEU F 156 -8.04 -45.05 -24.60
C LEU F 156 -8.76 -44.53 -25.85
N LEU F 157 -8.00 -43.86 -26.70
CA LEU F 157 -8.47 -43.38 -27.98
C LEU F 157 -7.83 -44.22 -29.07
N ALA F 158 -8.66 -44.73 -29.99
CA ALA F 158 -8.17 -45.66 -31.01
C ALA F 158 -7.25 -44.95 -32.00
N THR F 159 -6.15 -45.60 -32.35
CA THR F 159 -5.17 -45.04 -33.25
C THR F 159 -5.59 -45.30 -34.70
N ARG F 160 -4.70 -44.97 -35.63
CA ARG F 160 -4.99 -45.17 -37.04
C ARG F 160 -4.90 -46.64 -37.45
N LYS F 161 -4.06 -47.42 -36.76
CA LYS F 161 -3.91 -48.84 -37.11
C LYS F 161 -4.97 -49.72 -36.47
N LEU F 162 -5.78 -49.18 -35.55
CA LEU F 162 -6.87 -49.92 -34.95
C LEU F 162 -8.13 -49.92 -35.81
N ASP F 163 -8.13 -49.19 -36.92
CA ASP F 163 -9.27 -49.17 -37.81
C ASP F 163 -9.41 -50.50 -38.52
N SER F 164 -10.67 -50.94 -38.71
CA SER F 164 -11.02 -52.20 -39.37
C SER F 164 -10.34 -53.39 -38.69
N LYS F 165 -10.35 -53.38 -37.35
CA LYS F 165 -9.78 -54.46 -36.55
C LYS F 165 -10.85 -55.06 -35.66
N SER F 166 -10.88 -56.39 -35.62
CA SER F 166 -11.84 -57.11 -34.80
C SER F 166 -11.32 -57.30 -33.39
N ILE F 167 -12.23 -57.63 -32.47
CA ILE F 167 -11.84 -57.84 -31.07
C ILE F 167 -11.01 -59.10 -30.93
N ILE F 168 -11.37 -60.16 -31.65
CA ILE F 168 -10.60 -61.40 -31.58
C ILE F 168 -9.21 -61.23 -32.18
N ASP F 169 -9.05 -60.25 -33.09
CA ASP F 169 -7.73 -59.95 -33.64
C ASP F 169 -6.80 -59.43 -32.56
N LEU F 170 -7.32 -58.60 -31.65
CA LEU F 170 -6.53 -58.06 -30.55
C LEU F 170 -6.51 -59.07 -29.41
N ASN F 171 -5.35 -59.63 -29.13
CA ASN F 171 -5.21 -60.64 -28.08
C ASN F 171 -4.97 -60.00 -26.71
N VAL F 172 -5.87 -59.09 -26.32
CA VAL F 172 -5.76 -58.42 -25.03
C VAL F 172 -6.02 -59.40 -23.89
N ARG F 173 -6.95 -60.33 -24.10
CA ARG F 173 -7.26 -61.31 -23.05
C ARG F 173 -6.11 -62.30 -22.86
N ALA F 174 -5.44 -62.68 -23.95
CA ALA F 174 -4.41 -63.71 -23.90
C ALA F 174 -3.04 -63.13 -23.60
N LYS F 175 -2.54 -62.24 -24.47
CA LYS F 175 -1.17 -61.76 -24.33
C LYS F 175 -1.06 -60.69 -23.24
N TYR F 176 -1.77 -59.57 -23.41
CA TYR F 176 -1.64 -58.46 -22.48
C TYR F 176 -2.33 -58.71 -21.15
N GLY F 177 -3.28 -59.64 -21.10
CA GLY F 177 -4.02 -59.87 -19.87
C GLY F 177 -4.93 -58.74 -19.47
N CYS F 178 -5.58 -58.08 -20.44
CA CYS F 178 -6.49 -56.97 -20.19
C CYS F 178 -7.83 -57.28 -20.81
N THR F 179 -8.89 -56.68 -20.25
CA THR F 179 -10.25 -56.89 -20.70
C THR F 179 -10.80 -55.57 -21.24
N ILE F 180 -11.40 -55.60 -22.43
CA ILE F 180 -12.01 -54.42 -23.03
C ILE F 180 -13.39 -54.28 -22.38
N LEU F 181 -13.59 -53.29 -21.52
CA LEU F 181 -14.86 -53.18 -20.84
C LEU F 181 -15.93 -52.45 -21.63
N ALA F 182 -15.59 -51.51 -22.50
CA ALA F 182 -16.61 -50.88 -23.32
C ALA F 182 -15.98 -50.18 -24.50
N ILE F 183 -16.73 -50.09 -25.59
CA ILE F 183 -16.32 -49.36 -26.79
C ILE F 183 -17.47 -48.47 -27.22
N LYS F 184 -17.15 -47.26 -27.66
CA LYS F 184 -18.17 -46.35 -28.17
C LYS F 184 -17.79 -45.88 -29.56
N HIS F 185 -18.78 -45.86 -30.44
CA HIS F 185 -18.62 -45.40 -31.81
C HIS F 185 -19.70 -44.37 -32.14
N HIS F 186 -19.27 -43.23 -32.68
CA HIS F 186 -20.16 -42.19 -33.20
C HIS F 186 -21.13 -41.68 -32.12
N GLY F 187 -20.61 -41.51 -30.91
CA GLY F 187 -21.41 -40.94 -29.83
C GLY F 187 -22.34 -41.90 -29.13
N ASP F 188 -22.35 -43.18 -29.51
CA ASP F 188 -23.16 -44.18 -28.85
C ASP F 188 -22.25 -45.20 -28.18
N ILE F 189 -22.49 -45.45 -26.89
CA ILE F 189 -21.61 -46.24 -26.05
C ILE F 189 -22.20 -47.64 -25.91
N CYS F 190 -21.38 -48.65 -26.20
CA CYS F 190 -21.77 -50.05 -26.09
C CYS F 190 -21.01 -50.69 -24.94
N LEU F 191 -21.73 -51.19 -23.95
CA LEU F 191 -21.14 -51.78 -22.76
C LEU F 191 -20.92 -53.28 -22.97
N SER F 192 -19.75 -53.74 -22.50
CA SER F 192 -19.35 -55.14 -22.61
C SER F 192 -19.45 -55.67 -24.04
N PRO F 193 -18.56 -55.23 -24.94
CA PRO F 193 -18.65 -55.67 -26.33
C PRO F 193 -18.35 -57.16 -26.48
N ALA F 194 -19.00 -57.78 -27.45
CA ALA F 194 -18.82 -59.20 -27.66
C ALA F 194 -17.95 -59.45 -28.89
N PRO F 195 -17.14 -60.51 -28.87
CA PRO F 195 -16.33 -60.84 -30.06
C PRO F 195 -17.21 -61.27 -31.21
N GLU F 196 -17.07 -60.59 -32.35
CA GLU F 196 -16.10 -59.51 -32.51
C GLU F 196 -16.79 -58.24 -33.00
N ASP F 197 -16.21 -57.09 -32.63
CA ASP F 197 -16.73 -55.78 -33.02
C ASP F 197 -15.67 -55.02 -33.80
N ILE F 198 -16.13 -54.04 -34.58
CA ILE F 198 -15.26 -53.27 -35.46
C ILE F 198 -14.82 -52.00 -34.73
N ILE F 199 -13.52 -51.86 -34.52
CA ILE F 199 -12.98 -50.62 -33.97
C ILE F 199 -12.61 -49.69 -35.12
N ARG F 200 -13.12 -48.46 -35.06
CA ARG F 200 -12.97 -47.51 -36.16
C ARG F 200 -11.72 -46.68 -35.98
N GLU F 201 -11.56 -45.69 -36.87
CA GLU F 201 -10.34 -44.89 -36.91
C GLU F 201 -10.20 -44.03 -35.66
N GLN F 202 -11.24 -43.26 -35.32
CA GLN F 202 -11.20 -42.32 -34.19
C GLN F 202 -12.41 -42.56 -33.29
N ASP F 203 -12.24 -43.46 -32.33
CA ASP F 203 -13.29 -43.77 -31.37
C ASP F 203 -12.66 -44.15 -30.05
N CYS F 204 -13.41 -43.92 -28.97
CA CYS F 204 -12.90 -44.21 -27.64
C CYS F 204 -12.95 -45.71 -27.36
N LEU F 205 -11.93 -46.19 -26.65
CA LEU F 205 -11.77 -47.62 -26.38
C LEU F 205 -11.41 -47.77 -24.90
N VAL F 206 -12.42 -48.08 -24.08
CA VAL F 206 -12.20 -48.28 -22.66
C VAL F 206 -11.59 -49.65 -22.42
N ILE F 207 -10.51 -49.69 -21.64
CA ILE F 207 -9.83 -50.93 -21.33
C ILE F 207 -9.63 -51.01 -19.83
N MET F 208 -9.47 -52.24 -19.33
CA MET F 208 -9.21 -52.49 -17.93
C MET F 208 -8.10 -53.52 -17.82
N GLY F 209 -7.13 -53.26 -16.95
CA GLY F 209 -6.07 -54.22 -16.74
C GLY F 209 -4.97 -53.64 -15.89
N HIS F 210 -3.87 -54.39 -15.81
CA HIS F 210 -2.70 -53.92 -15.08
C HIS F 210 -2.09 -52.70 -15.77
N LYS F 211 -1.49 -51.83 -14.97
CA LYS F 211 -1.01 -50.55 -15.49
C LYS F 211 0.10 -50.74 -16.52
N LYS F 212 1.05 -51.63 -16.26
CA LYS F 212 2.12 -51.87 -17.21
C LYS F 212 1.65 -52.70 -18.41
N ASP F 213 0.55 -53.42 -18.26
CA ASP F 213 0.03 -54.20 -19.38
C ASP F 213 -0.66 -53.32 -20.41
N ILE F 214 -1.35 -52.27 -19.97
CA ILE F 214 -1.98 -51.34 -20.89
C ILE F 214 -0.92 -50.54 -21.64
N LYS F 215 0.18 -50.18 -20.97
CA LYS F 215 1.25 -49.44 -21.61
C LYS F 215 1.89 -50.21 -22.76
N ARG F 216 2.05 -51.53 -22.58
CA ARG F 216 2.52 -52.36 -23.69
C ARG F 216 1.50 -52.41 -24.82
N PHE F 217 0.22 -52.47 -24.49
CA PHE F 217 -0.85 -52.51 -25.49
C PHE F 217 -0.98 -51.22 -26.27
N GLU F 218 -0.74 -50.06 -25.64
CA GLU F 218 -0.87 -48.79 -26.35
C GLU F 218 0.18 -48.66 -27.45
N ASN F 219 1.38 -49.18 -27.21
CA ASN F 219 2.42 -49.17 -28.25
C ASN F 219 2.03 -50.05 -29.42
N GLU F 220 1.45 -51.22 -29.14
CA GLU F 220 1.10 -52.19 -30.17
C GLU F 220 -0.36 -52.12 -30.60
N GLY F 221 -1.10 -51.10 -30.14
CA GLY F 221 -2.50 -50.96 -30.51
C GLY F 221 -2.71 -50.61 -31.97
N LYS G 7 23.65 -27.67 27.17
CA LYS G 7 22.35 -27.24 26.67
C LYS G 7 22.49 -26.22 25.54
N GLN G 8 21.85 -26.52 24.41
CA GLN G 8 21.85 -25.66 23.25
C GLN G 8 20.44 -25.14 23.02
N PHE G 9 20.33 -23.83 22.83
CA PHE G 9 19.04 -23.16 22.67
C PHE G 9 18.97 -22.45 21.34
N ALA G 10 17.82 -22.51 20.70
CA ALA G 10 17.53 -21.73 19.51
C ALA G 10 16.27 -20.92 19.75
N VAL G 11 16.33 -19.63 19.46
CA VAL G 11 15.19 -18.74 19.63
C VAL G 11 14.80 -18.23 18.26
N ILE G 12 13.58 -18.54 17.84
CA ILE G 12 13.08 -18.18 16.52
C ILE G 12 12.12 -17.02 16.68
N GLY G 13 12.50 -15.85 16.16
CA GLY G 13 11.73 -14.64 16.38
C GLY G 13 12.32 -13.82 17.50
N LEU G 14 12.98 -12.72 17.16
CA LEU G 14 13.57 -11.83 18.14
C LEU G 14 12.70 -10.59 18.28
N GLY G 15 11.64 -10.72 19.07
CA GLY G 15 10.80 -9.62 19.43
C GLY G 15 11.13 -9.07 20.81
N ARG G 16 10.12 -8.53 21.46
CA ARG G 16 10.30 -8.10 22.84
C ARG G 16 10.40 -9.30 23.77
N PHE G 17 9.72 -10.40 23.42
CA PHE G 17 9.77 -11.61 24.24
C PHE G 17 10.93 -12.51 23.82
N GLY G 18 11.09 -12.75 22.53
CA GLY G 18 12.18 -13.59 22.07
C GLY G 18 13.55 -12.98 22.30
N GLY G 19 13.66 -11.67 22.14
CA GLY G 19 14.92 -11.00 22.38
C GLY G 19 15.31 -10.98 23.84
N SER G 20 14.34 -11.10 24.74
CA SER G 20 14.66 -11.15 26.16
C SER G 20 15.20 -12.52 26.57
N ILE G 21 14.74 -13.59 25.93
CA ILE G 21 15.26 -14.92 26.21
C ILE G 21 16.68 -15.07 25.69
N CYS G 22 16.97 -14.46 24.53
CA CYS G 22 18.32 -14.50 24.00
C CYS G 22 19.31 -13.78 24.91
N LYS G 23 18.92 -12.62 25.45
CA LYS G 23 19.83 -11.85 26.27
C LYS G 23 20.02 -12.46 27.64
N GLU G 24 18.98 -13.08 28.19
CA GLU G 24 19.09 -13.67 29.51
C GLU G 24 19.84 -14.99 29.48
N LEU G 25 19.63 -15.80 28.44
CA LEU G 25 20.33 -17.08 28.33
C LEU G 25 21.80 -16.86 28.00
N HIS G 26 22.10 -15.84 27.19
CA HIS G 26 23.50 -15.51 26.89
C HIS G 26 24.21 -14.94 28.10
N ARG G 27 23.48 -14.20 28.94
CA ARG G 27 24.08 -13.67 30.17
C ARG G 27 24.50 -14.78 31.12
N MET G 28 23.68 -15.84 31.22
CA MET G 28 24.01 -16.98 32.04
C MET G 28 25.12 -17.84 31.45
N GLY G 29 25.50 -17.61 30.20
CA GLY G 29 26.58 -18.36 29.58
C GLY G 29 26.11 -19.60 28.85
N HIS G 30 25.04 -19.47 28.06
CA HIS G 30 24.50 -20.58 27.30
C HIS G 30 24.67 -20.30 25.81
N GLU G 31 24.71 -21.37 25.03
CA GLU G 31 24.86 -21.27 23.58
C GLU G 31 23.48 -21.03 22.96
N VAL G 32 23.22 -19.80 22.53
CA VAL G 32 21.94 -19.41 21.97
C VAL G 32 22.12 -19.12 20.48
N LEU G 33 21.28 -19.75 19.67
CA LEU G 33 21.17 -19.41 18.26
C LEU G 33 19.95 -18.52 18.08
N ALA G 34 20.16 -17.32 17.58
CA ALA G 34 19.08 -16.36 17.36
C ALA G 34 18.70 -16.37 15.90
N VAL G 35 17.45 -16.73 15.60
CA VAL G 35 16.94 -16.80 14.25
C VAL G 35 15.86 -15.72 14.10
N ASP G 36 15.92 -14.97 13.01
CA ASP G 36 14.90 -13.98 12.72
C ASP G 36 14.82 -13.80 11.22
N ILE G 37 13.71 -13.21 10.77
CA ILE G 37 13.54 -12.93 9.34
C ILE G 37 13.91 -11.50 9.00
N ASN G 38 14.08 -10.64 10.01
CA ASN G 38 14.37 -9.23 9.82
C ASN G 38 15.86 -9.01 9.94
N GLU G 39 16.45 -8.30 8.97
CA GLU G 39 17.89 -8.09 8.97
C GLU G 39 18.32 -7.16 10.09
N GLU G 40 17.49 -6.18 10.44
CA GLU G 40 17.83 -5.28 11.53
C GLU G 40 17.82 -5.99 12.88
N LYS G 41 16.89 -6.92 13.09
CA LYS G 41 16.84 -7.66 14.35
C LYS G 41 18.06 -8.53 14.54
N VAL G 42 18.52 -9.18 13.47
CA VAL G 42 19.68 -10.07 13.56
C VAL G 42 20.95 -9.27 13.84
N ASN G 43 21.10 -8.11 13.20
CA ASN G 43 22.26 -7.27 13.46
C ASN G 43 22.23 -6.71 14.88
N ALA G 44 21.03 -6.53 15.44
CA ALA G 44 20.91 -5.98 16.79
C ALA G 44 21.35 -7.01 17.83
N TYR G 45 21.03 -8.28 17.62
CA TYR G 45 21.32 -9.33 18.58
C TYR G 45 22.55 -10.14 18.22
N ALA G 46 23.46 -9.59 17.43
CA ALA G 46 24.71 -10.28 17.15
C ALA G 46 25.60 -10.33 18.38
N SER G 47 25.54 -9.29 19.21
CA SER G 47 26.35 -9.24 20.43
C SER G 47 25.72 -9.99 21.59
N TYR G 48 24.42 -10.28 21.55
CA TYR G 48 23.71 -10.91 22.65
C TYR G 48 23.38 -12.37 22.36
N ALA G 49 23.96 -12.95 21.32
CA ALA G 49 23.73 -14.35 21.00
C ALA G 49 25.04 -14.95 20.51
N THR G 50 25.16 -16.27 20.67
CA THR G 50 26.33 -16.98 20.17
C THR G 50 26.41 -16.90 18.65
N HIS G 51 25.29 -17.11 17.97
CA HIS G 51 25.22 -16.98 16.53
C HIS G 51 23.83 -16.48 16.14
N ALA G 52 23.79 -15.49 15.28
CA ALA G 52 22.52 -14.89 14.84
C ALA G 52 22.39 -15.07 13.33
N VAL G 53 21.28 -15.65 12.89
CA VAL G 53 21.08 -16.04 11.50
C VAL G 53 19.80 -15.40 10.99
N ILE G 54 19.83 -14.91 9.75
CA ILE G 54 18.65 -14.46 9.05
C ILE G 54 18.04 -15.66 8.35
N ALA G 55 16.81 -16.03 8.71
CA ALA G 55 16.14 -17.15 8.09
C ALA G 55 14.64 -16.99 8.19
N ASN G 56 13.93 -17.68 7.32
CA ASN G 56 12.48 -17.82 7.41
C ASN G 56 12.17 -19.23 7.90
N ALA G 57 11.64 -19.32 9.11
CA ALA G 57 11.49 -20.61 9.77
C ALA G 57 10.35 -21.45 9.21
N THR G 58 9.42 -20.85 8.48
CA THR G 58 8.33 -21.61 7.88
C THR G 58 8.80 -22.55 6.78
N GLU G 59 10.00 -22.34 6.23
CA GLU G 59 10.54 -23.16 5.16
C GLU G 59 11.52 -24.17 5.75
N GLU G 60 11.34 -25.44 5.38
CA GLU G 60 12.10 -26.50 6.03
C GLU G 60 13.54 -26.54 5.54
N ASN G 61 13.79 -26.11 4.30
CA ASN G 61 15.16 -26.11 3.79
C ASN G 61 16.03 -25.10 4.52
N GLU G 62 15.45 -23.95 4.89
CA GLU G 62 16.20 -22.97 5.65
C GLU G 62 16.32 -23.38 7.11
N LEU G 63 15.46 -24.29 7.58
CA LEU G 63 15.53 -24.74 8.96
C LEU G 63 16.66 -25.74 9.16
N LEU G 64 16.87 -26.62 8.19
CA LEU G 64 17.97 -27.59 8.28
C LEU G 64 19.31 -26.95 8.00
N SER G 65 19.42 -25.80 7.39
CA SER G 65 20.71 -25.17 7.24
C SER G 65 21.24 -24.60 8.50
N LEU G 66 20.35 -24.14 9.37
CA LEU G 66 20.73 -23.59 10.65
C LEU G 66 21.39 -24.63 11.51
N GLY G 67 20.93 -25.86 11.43
CA GLY G 67 21.52 -26.95 12.16
C GLY G 67 20.60 -27.08 13.28
N ILE G 68 19.33 -27.23 12.96
CA ILE G 68 18.33 -27.11 14.01
C ILE G 68 18.13 -28.41 14.77
N ARG G 69 18.58 -29.54 14.22
CA ARG G 69 18.42 -30.82 14.91
C ARG G 69 19.41 -30.98 16.05
N ASN G 70 20.38 -30.08 16.19
CA ASN G 70 21.38 -30.15 17.24
C ASN G 70 20.94 -29.45 18.51
N PHE G 71 19.77 -28.82 18.52
CA PHE G 71 19.31 -28.02 19.64
C PHE G 71 18.26 -28.80 20.42
N GLU G 72 18.46 -28.92 21.73
CA GLU G 72 17.49 -29.60 22.58
C GLU G 72 16.25 -28.76 22.81
N TYR G 73 16.43 -27.47 23.05
CA TYR G 73 15.33 -26.55 23.31
C TYR G 73 15.22 -25.57 22.14
N VAL G 74 14.02 -25.44 21.59
CA VAL G 74 13.71 -24.44 20.58
C VAL G 74 12.54 -23.62 21.09
N ILE G 75 12.68 -22.30 21.05
CA ILE G 75 11.65 -21.38 21.50
C ILE G 75 11.16 -20.62 20.28
N VAL G 76 9.91 -20.84 19.90
CA VAL G 76 9.30 -20.17 18.76
C VAL G 76 8.57 -18.96 19.34
N ALA G 77 9.27 -17.84 19.43
CA ALA G 77 8.70 -16.64 20.02
C ALA G 77 8.08 -15.72 18.98
N ILE G 78 7.24 -16.28 18.13
CA ILE G 78 6.43 -15.54 17.18
C ILE G 78 4.99 -15.64 17.70
N GLY G 79 4.40 -14.49 18.02
CA GLY G 79 3.09 -14.52 18.64
C GLY G 79 2.08 -13.57 18.02
N ALA G 80 2.36 -13.07 16.82
CA ALA G 80 1.42 -12.23 16.11
C ALA G 80 1.03 -12.81 14.77
N ASN G 81 1.82 -13.72 14.21
CA ASN G 81 1.50 -14.44 12.98
C ASN G 81 1.14 -15.85 13.40
N ILE G 82 -0.15 -16.19 13.34
CA ILE G 82 -0.58 -17.53 13.69
C ILE G 82 -0.10 -18.54 12.67
N GLN G 83 -0.12 -18.16 11.39
CA GLN G 83 0.32 -19.08 10.33
C GLN G 83 1.82 -19.37 10.43
N ALA G 84 2.63 -18.33 10.69
CA ALA G 84 4.08 -18.54 10.78
C ALA G 84 4.45 -19.30 12.03
N SER G 85 3.70 -19.14 13.11
CA SER G 85 4.01 -19.84 14.35
C SER G 85 3.61 -21.31 14.27
N THR G 86 2.44 -21.61 13.69
CA THR G 86 1.99 -23.00 13.63
C THR G 86 2.73 -23.80 12.57
N LEU G 87 3.18 -23.20 11.50
CA LEU G 87 3.96 -23.96 10.54
C LEU G 87 5.37 -24.15 11.00
N THR G 88 5.89 -23.28 11.84
CA THR G 88 7.23 -23.51 12.37
C THR G 88 7.26 -24.67 13.34
N THR G 89 6.31 -24.72 14.28
CA THR G 89 6.30 -25.82 15.25
C THR G 89 5.83 -27.12 14.63
N LEU G 90 5.29 -27.08 13.42
CA LEU G 90 4.99 -28.32 12.69
C LEU G 90 6.26 -28.93 12.12
N LEU G 91 7.15 -28.09 11.58
CA LEU G 91 8.42 -28.59 11.05
C LEU G 91 9.31 -29.10 12.17
N LEU G 92 9.40 -28.36 13.27
CA LEU G 92 10.25 -28.76 14.38
C LEU G 92 9.76 -30.05 15.03
N LYS G 93 8.44 -30.20 15.16
CA LYS G 93 7.89 -31.45 15.67
C LYS G 93 8.19 -32.60 14.71
N GLU G 94 8.15 -32.32 13.41
CA GLU G 94 8.48 -33.34 12.41
C GLU G 94 9.97 -33.65 12.40
N LEU G 95 10.79 -32.72 12.90
CA LEU G 95 12.25 -32.93 12.97
C LEU G 95 12.68 -33.61 14.27
N ASP G 96 11.71 -34.04 15.07
CA ASP G 96 11.97 -34.72 16.34
C ASP G 96 12.75 -33.86 17.31
N ILE G 97 12.39 -32.59 17.38
CA ILE G 97 12.92 -31.68 18.39
C ILE G 97 12.27 -32.04 19.72
N PRO G 98 13.04 -32.28 20.78
CA PRO G 98 12.43 -32.76 22.03
C PRO G 98 11.53 -31.74 22.71
N ASN G 99 11.97 -30.49 22.82
CA ASN G 99 11.24 -29.49 23.59
C ASN G 99 11.01 -28.27 22.73
N ILE G 100 9.75 -27.98 22.44
CA ILE G 100 9.36 -26.81 21.66
C ILE G 100 8.47 -25.96 22.54
N TRP G 101 8.90 -24.73 22.80
CA TRP G 101 8.16 -23.78 23.61
C TRP G 101 7.69 -22.66 22.70
N VAL G 102 6.38 -22.45 22.65
CA VAL G 102 5.77 -21.55 21.67
C VAL G 102 5.05 -20.43 22.39
N LYS G 103 5.25 -19.21 21.93
CA LYS G 103 4.52 -18.04 22.42
C LYS G 103 3.24 -17.89 21.61
N ALA G 104 2.09 -17.94 22.30
CA ALA G 104 0.80 -17.89 21.65
C ALA G 104 0.23 -16.48 21.68
N GLN G 105 -0.89 -16.30 20.97
CA GLN G 105 -1.57 -15.02 20.88
C GLN G 105 -2.94 -15.01 21.52
N ASN G 106 -3.83 -15.91 21.10
CA ASN G 106 -5.19 -15.95 21.62
C ASN G 106 -5.51 -17.39 22.01
N TYR G 107 -6.79 -17.62 22.35
CA TYR G 107 -7.20 -18.94 22.83
C TYR G 107 -7.26 -19.96 21.70
N TYR G 108 -7.62 -19.52 20.49
CA TYR G 108 -7.67 -20.44 19.36
C TYR G 108 -6.29 -20.81 18.86
N HIS G 109 -5.33 -19.88 18.96
CA HIS G 109 -3.95 -20.20 18.65
C HIS G 109 -3.39 -21.22 19.64
N HIS G 110 -3.79 -21.13 20.91
CA HIS G 110 -3.39 -22.11 21.91
C HIS G 110 -3.94 -23.49 21.57
N LYS G 111 -5.15 -23.54 21.01
CA LYS G 111 -5.77 -24.81 20.67
C LYS G 111 -5.08 -25.50 19.50
N VAL G 112 -4.58 -24.72 18.53
CA VAL G 112 -3.87 -25.30 17.40
C VAL G 112 -2.53 -25.87 17.84
N LEU G 113 -1.78 -25.12 18.64
CA LEU G 113 -0.46 -25.56 19.08
C LEU G 113 -0.53 -26.78 19.97
N GLU G 114 -1.60 -26.88 20.77
CA GLU G 114 -1.83 -28.08 21.57
C GLU G 114 -2.04 -29.30 20.68
N LYS G 115 -2.66 -29.12 19.51
CA LYS G 115 -2.92 -30.24 18.61
C LYS G 115 -1.65 -30.70 17.89
N ILE G 116 -0.82 -29.75 17.45
CA ILE G 116 0.29 -30.08 16.55
C ILE G 116 1.57 -30.31 17.35
N GLY G 117 1.44 -30.49 18.66
CA GLY G 117 2.55 -30.97 19.47
C GLY G 117 3.53 -29.92 19.95
N ALA G 118 3.04 -28.91 20.65
CA ALA G 118 3.89 -27.95 21.34
C ALA G 118 4.06 -28.40 22.78
N ASP G 119 5.32 -28.50 23.22
CA ASP G 119 5.59 -29.03 24.55
C ASP G 119 5.18 -28.05 25.64
N ARG G 120 5.27 -26.76 25.36
CA ARG G 120 4.83 -25.75 26.31
C ARG G 120 4.39 -24.51 25.54
N ILE G 121 3.23 -23.98 25.92
CA ILE G 121 2.64 -22.82 25.25
C ILE G 121 2.58 -21.68 26.23
N ILE G 122 3.07 -20.51 25.82
CA ILE G 122 3.34 -19.40 26.71
C ILE G 122 2.47 -18.21 26.31
N HIS G 123 1.91 -17.53 27.31
CA HIS G 123 1.17 -16.29 27.13
C HIS G 123 1.84 -15.21 27.98
N PRO G 124 2.81 -14.48 27.43
CA PRO G 124 3.53 -13.50 28.26
C PRO G 124 2.68 -12.31 28.68
N GLU G 125 1.95 -11.71 27.74
CA GLU G 125 1.17 -10.53 28.07
C GLU G 125 -0.09 -10.89 28.84
N LYS G 126 -0.69 -12.04 28.55
CA LYS G 126 -1.88 -12.45 29.30
C LYS G 126 -1.54 -12.79 30.74
N ASP G 127 -0.41 -13.46 30.97
CA ASP G 127 -0.03 -13.81 32.34
C ASP G 127 0.42 -12.57 33.12
N MET G 128 1.04 -11.61 32.43
CA MET G 128 1.43 -10.37 33.11
C MET G 128 0.23 -9.47 33.35
N GLY G 129 -0.75 -9.48 32.44
CA GLY G 129 -1.94 -8.67 32.63
C GLY G 129 -2.76 -9.12 33.82
N VAL G 130 -2.78 -10.43 34.08
CA VAL G 130 -3.47 -10.94 35.26
C VAL G 130 -2.73 -10.53 36.54
N LYS G 131 -1.39 -10.57 36.50
CA LYS G 131 -0.61 -10.16 37.66
C LYS G 131 -0.74 -8.67 37.92
N ILE G 132 -0.77 -7.86 36.86
CA ILE G 132 -0.93 -6.41 37.02
C ILE G 132 -2.32 -6.08 37.56
N ALA G 133 -3.34 -6.79 37.09
CA ALA G 133 -4.71 -6.49 37.51
C ALA G 133 -4.94 -6.85 38.97
N GLN G 134 -4.12 -7.74 39.55
CA GLN G 134 -4.16 -7.96 40.99
C GLN G 134 -3.52 -6.82 41.74
N SER G 135 -2.51 -6.18 41.13
CA SER G 135 -1.86 -5.04 41.75
C SER G 135 -2.71 -3.77 41.65
N LEU G 136 -3.46 -3.62 40.56
CA LEU G 136 -4.39 -2.49 40.45
C LEU G 136 -5.56 -2.65 41.40
N SER G 137 -6.13 -3.86 41.48
CA SER G 137 -7.26 -4.10 42.36
C SER G 137 -6.87 -3.95 43.81
N ASP G 138 -5.70 -4.44 44.19
CA ASP G 138 -5.22 -4.39 45.57
C ASP G 138 -3.89 -3.65 45.57
N GLU G 139 -3.88 -2.44 46.12
CA GLU G 139 -2.66 -1.64 46.17
C GLU G 139 -1.67 -2.14 47.21
N ASN G 140 -2.09 -3.06 48.10
CA ASN G 140 -1.18 -3.59 49.11
C ASN G 140 -0.16 -4.56 48.51
N VAL G 141 -0.58 -5.37 47.55
CA VAL G 141 0.29 -6.42 47.03
C VAL G 141 1.34 -5.80 46.11
N LEU G 142 2.50 -6.47 46.03
CA LEU G 142 3.57 -6.09 45.12
C LEU G 142 3.91 -7.20 44.16
N ASN G 143 3.96 -8.45 44.63
CA ASN G 143 4.24 -9.60 43.80
C ASN G 143 3.70 -10.83 44.51
N TYR G 144 3.09 -11.73 43.76
CA TYR G 144 2.49 -12.93 44.34
C TYR G 144 2.77 -14.11 43.44
N ILE G 145 2.70 -15.31 44.04
CA ILE G 145 2.93 -16.57 43.34
C ILE G 145 1.87 -17.53 43.75
N ASP G 146 1.10 -18.03 42.81
CA ASP G 146 -0.02 -18.94 43.09
C ASP G 146 0.53 -20.36 43.19
N LEU G 147 0.64 -20.88 44.40
CA LEU G 147 1.03 -22.26 44.59
C LEU G 147 -0.06 -23.20 44.08
N SER G 148 -1.32 -22.81 44.26
CA SER G 148 -2.46 -23.53 43.72
C SER G 148 -3.55 -22.52 43.43
N ASP G 149 -4.78 -23.00 43.25
CA ASP G 149 -5.91 -22.10 43.04
C ASP G 149 -6.43 -21.50 44.34
N GLU G 150 -6.02 -22.03 45.49
CA GLU G 150 -6.50 -21.54 46.77
C GLU G 150 -5.40 -21.12 47.73
N TYR G 151 -4.14 -21.38 47.42
CA TYR G 151 -3.03 -21.03 48.30
C TYR G 151 -2.03 -20.19 47.53
N SER G 152 -1.41 -19.23 48.21
CA SER G 152 -0.52 -18.30 47.55
C SER G 152 0.48 -17.73 48.54
N ILE G 153 1.58 -17.23 48.02
CA ILE G 153 2.57 -16.46 48.77
C ILE G 153 2.51 -15.03 48.25
N VAL G 154 2.16 -14.09 49.13
CA VAL G 154 1.93 -12.71 48.75
C VAL G 154 2.95 -11.83 49.45
N GLU G 155 3.61 -10.95 48.68
CA GLU G 155 4.54 -9.99 49.23
C GLU G 155 3.76 -8.70 49.49
N LEU G 156 3.32 -8.51 50.73
CA LEU G 156 2.51 -7.36 51.08
C LEU G 156 3.38 -6.14 51.33
N LEU G 157 2.74 -4.98 51.45
CA LEU G 157 3.40 -3.72 51.75
C LEU G 157 2.83 -3.19 53.06
N ALA G 158 3.71 -2.74 53.95
CA ALA G 158 3.28 -2.29 55.27
C ALA G 158 2.58 -0.95 55.19
N THR G 159 1.45 -0.84 55.87
CA THR G 159 0.70 0.40 55.96
C THR G 159 1.12 1.18 57.21
N ARG G 160 0.36 2.21 57.56
CA ARG G 160 0.68 3.00 58.74
C ARG G 160 0.33 2.27 60.04
N LYS G 161 -0.73 1.46 60.04
CA LYS G 161 -1.15 0.79 61.25
C LYS G 161 -0.25 -0.39 61.62
N LEU G 162 0.54 -0.89 60.67
CA LEU G 162 1.51 -1.93 60.96
C LEU G 162 2.85 -1.37 61.45
N ASP G 163 3.03 -0.05 61.41
CA ASP G 163 4.26 0.54 61.89
C ASP G 163 4.35 0.41 63.41
N SER G 164 5.57 0.18 63.90
CA SER G 164 5.84 -0.01 65.33
C SER G 164 5.01 -1.14 65.92
N LYS G 165 4.86 -2.22 65.15
CA LYS G 165 4.12 -3.40 65.58
C LYS G 165 5.06 -4.60 65.53
N SER G 166 5.15 -5.33 66.65
CA SER G 166 5.99 -6.50 66.70
C SER G 166 5.26 -7.71 66.09
N ILE G 167 6.03 -8.76 65.82
CA ILE G 167 5.48 -9.95 65.18
C ILE G 167 4.49 -10.65 66.11
N ILE G 168 4.86 -10.80 67.38
CA ILE G 168 3.98 -11.49 68.32
C ILE G 168 2.75 -10.65 68.65
N ASP G 169 2.84 -9.33 68.45
CA ASP G 169 1.66 -8.49 68.60
C ASP G 169 0.63 -8.80 67.52
N LEU G 170 1.08 -9.09 66.31
CA LEU G 170 0.19 -9.48 65.22
C LEU G 170 -0.18 -10.95 65.40
N ASN G 171 -1.46 -11.21 65.66
CA ASN G 171 -1.95 -12.57 65.84
C ASN G 171 -2.40 -13.16 64.50
N VAL G 172 -1.49 -13.07 63.52
CA VAL G 172 -1.78 -13.57 62.19
C VAL G 172 -1.79 -15.10 62.17
N ARG G 173 -0.97 -15.72 63.04
CA ARG G 173 -0.84 -17.17 63.04
C ARG G 173 -2.13 -17.85 63.50
N ALA G 174 -2.85 -17.22 64.42
CA ALA G 174 -4.05 -17.84 64.98
C ALA G 174 -5.31 -17.37 64.26
N LYS G 175 -5.47 -16.05 64.12
CA LYS G 175 -6.72 -15.51 63.59
C LYS G 175 -6.90 -15.80 62.11
N TYR G 176 -5.83 -15.65 61.32
CA TYR G 176 -5.91 -15.82 59.88
C TYR G 176 -5.31 -17.14 59.40
N GLY G 177 -4.45 -17.77 60.19
CA GLY G 177 -3.79 -18.99 59.74
C GLY G 177 -2.81 -18.75 58.62
N CYS G 178 -2.10 -17.62 58.64
CA CYS G 178 -1.09 -17.29 57.66
C CYS G 178 0.27 -17.14 58.34
N THR G 179 1.29 -17.75 57.76
CA THR G 179 2.64 -17.75 58.32
C THR G 179 3.49 -16.75 57.56
N ILE G 180 4.09 -15.82 58.29
CA ILE G 180 4.98 -14.84 57.68
C ILE G 180 6.32 -15.48 57.37
N LEU G 181 6.74 -15.39 56.11
CA LEU G 181 7.94 -16.06 55.62
C LEU G 181 9.19 -15.20 55.76
N ALA G 182 9.11 -13.92 55.41
CA ALA G 182 10.28 -13.05 55.47
C ALA G 182 9.81 -11.60 55.60
N ILE G 183 10.73 -10.73 56.03
CA ILE G 183 10.46 -9.30 56.11
C ILE G 183 11.58 -8.54 55.42
N LYS G 184 11.27 -7.88 54.31
CA LYS G 184 12.25 -7.03 53.65
C LYS G 184 12.42 -5.74 54.43
N HIS G 185 13.30 -5.81 55.42
CA HIS G 185 13.58 -4.66 56.28
C HIS G 185 14.52 -3.65 55.71
N HIS G 186 13.99 -2.56 55.26
CA HIS G 186 14.80 -1.44 54.80
C HIS G 186 15.90 -1.88 53.83
N GLY G 187 15.50 -2.68 52.85
CA GLY G 187 16.43 -3.17 51.86
C GLY G 187 17.21 -4.41 52.26
N ASP G 188 17.00 -4.91 53.47
CA ASP G 188 17.66 -6.12 53.94
C ASP G 188 16.60 -7.15 54.31
N ILE G 189 16.75 -8.37 53.78
CA ILE G 189 15.76 -9.40 54.02
C ILE G 189 15.95 -10.00 55.40
N CYS G 190 14.91 -10.68 55.90
CA CYS G 190 14.98 -11.38 57.18
C CYS G 190 14.22 -12.69 57.00
N LEU G 191 14.93 -13.74 56.60
CA LEU G 191 14.30 -15.02 56.32
C LEU G 191 13.86 -15.68 57.63
N SER G 192 12.60 -16.10 57.67
CA SER G 192 11.93 -16.70 58.83
C SER G 192 12.12 -15.83 60.07
N PRO G 193 11.46 -14.68 60.16
CA PRO G 193 11.63 -13.82 61.33
C PRO G 193 11.13 -14.51 62.60
N ALA G 194 11.84 -14.26 63.67
CA ALA G 194 11.45 -14.87 64.93
C ALA G 194 10.65 -13.89 65.77
N PRO G 195 9.68 -14.37 66.55
CA PRO G 195 8.95 -13.49 67.46
C PRO G 195 9.88 -12.94 68.54
N GLU G 196 9.98 -11.61 68.61
CA GLU G 196 9.22 -10.71 67.75
C GLU G 196 10.12 -9.71 67.03
N ASP G 197 9.71 -9.30 65.83
CA ASP G 197 10.40 -8.28 65.06
C ASP G 197 9.44 -7.12 64.80
N ILE G 198 9.94 -5.91 64.97
CA ILE G 198 9.12 -4.70 64.85
C ILE G 198 8.91 -4.40 63.37
N ILE G 199 7.66 -4.29 62.95
CA ILE G 199 7.34 -3.92 61.57
C ILE G 199 7.38 -2.41 61.44
N ARG G 200 8.15 -1.92 60.48
CA ARG G 200 8.30 -0.49 60.25
C ARG G 200 7.17 0.04 59.37
N GLU G 201 7.36 1.27 58.89
CA GLU G 201 6.30 1.95 58.15
C GLU G 201 6.06 1.30 56.78
N GLN G 202 7.13 1.05 56.02
CA GLN G 202 7.02 0.47 54.67
C GLN G 202 8.11 -0.58 54.49
N ASP G 203 7.77 -1.83 54.81
CA ASP G 203 8.65 -2.97 54.61
C ASP G 203 7.84 -4.15 54.12
N CYS G 204 8.38 -4.86 53.14
CA CYS G 204 7.65 -5.97 52.51
C CYS G 204 7.48 -7.12 53.48
N LEU G 205 6.28 -7.69 53.51
CA LEU G 205 5.90 -8.75 54.44
C LEU G 205 5.50 -9.96 53.61
N VAL G 206 6.47 -10.83 53.32
CA VAL G 206 6.19 -12.02 52.54
C VAL G 206 5.40 -13.00 53.38
N ILE G 207 4.10 -13.09 53.11
CA ILE G 207 3.19 -13.83 53.96
C ILE G 207 2.49 -14.90 53.15
N MET G 208 2.54 -16.13 53.67
CA MET G 208 1.99 -17.30 52.98
C MET G 208 0.73 -17.77 53.71
N GLY G 209 -0.33 -17.99 52.96
CA GLY G 209 -1.57 -18.46 53.54
C GLY G 209 -2.57 -18.77 52.46
N HIS G 210 -3.80 -19.03 52.89
CA HIS G 210 -4.89 -19.28 51.95
C HIS G 210 -5.21 -18.01 51.17
N LYS G 211 -5.71 -18.19 49.94
CA LYS G 211 -5.95 -17.06 49.06
C LYS G 211 -7.02 -16.13 49.63
N LYS G 212 -8.04 -16.69 50.28
CA LYS G 212 -9.06 -15.87 50.93
C LYS G 212 -8.59 -15.28 52.25
N ASP G 213 -7.72 -15.99 52.97
CA ASP G 213 -7.33 -15.53 54.30
C ASP G 213 -6.45 -14.28 54.26
N ILE G 214 -5.56 -14.18 53.27
CA ILE G 214 -4.70 -13.01 53.17
C ILE G 214 -5.52 -11.77 52.78
N LYS G 215 -6.63 -11.99 52.06
CA LYS G 215 -7.56 -10.89 51.78
C LYS G 215 -8.12 -10.29 53.06
N ARG G 216 -8.41 -11.13 54.05
CA ARG G 216 -8.85 -10.63 55.35
C ARG G 216 -7.75 -9.85 56.04
N PHE G 217 -6.50 -10.31 55.92
CA PHE G 217 -5.38 -9.63 56.55
C PHE G 217 -5.14 -8.26 55.92
N GLU G 218 -5.33 -8.16 54.60
CA GLU G 218 -5.19 -6.87 53.92
C GLU G 218 -6.30 -5.91 54.33
N ASN G 219 -7.53 -6.40 54.42
CA ASN G 219 -8.65 -5.54 54.77
C ASN G 219 -8.62 -5.13 56.23
N GLU G 220 -8.35 -6.08 57.13
CA GLU G 220 -8.38 -5.77 58.56
C GLU G 220 -7.08 -5.11 59.01
N GLY G 221 -6.05 -5.14 58.16
CA GLY G 221 -4.79 -4.51 58.47
C GLY G 221 -3.98 -5.24 59.52
N LYS H 7 -12.92 2.93 43.04
CA LYS H 7 -11.92 2.43 42.10
C LYS H 7 -12.50 2.23 40.72
N GLN H 8 -12.18 3.15 39.81
CA GLN H 8 -12.53 3.03 38.40
C GLN H 8 -11.24 3.03 37.60
N PHE H 9 -11.12 2.07 36.68
CA PHE H 9 -9.92 1.87 35.90
C PHE H 9 -10.20 2.13 34.44
N ALA H 10 -9.30 2.84 33.77
CA ALA H 10 -9.37 3.07 32.34
C ALA H 10 -8.19 2.36 31.69
N VAL H 11 -8.46 1.52 30.70
CA VAL H 11 -7.44 0.79 29.98
C VAL H 11 -7.41 1.33 28.56
N ILE H 12 -6.32 1.99 28.20
CA ILE H 12 -6.15 2.59 26.88
C ILE H 12 -5.30 1.64 26.04
N GLY H 13 -5.88 1.12 24.97
CA GLY H 13 -5.19 0.14 24.16
C GLY H 13 -5.54 -1.27 24.58
N LEU H 14 -6.36 -1.94 23.79
CA LEU H 14 -6.78 -3.31 24.08
C LEU H 14 -6.00 -4.26 23.19
N GLY H 15 -4.76 -4.54 23.58
CA GLY H 15 -3.95 -5.52 22.93
C GLY H 15 -4.05 -6.87 23.59
N ARG H 16 -2.96 -7.64 23.51
CA ARG H 16 -2.88 -8.85 24.30
C ARG H 16 -2.70 -8.54 25.78
N PHE H 17 -2.00 -7.44 26.08
CA PHE H 17 -1.76 -7.06 27.47
C PHE H 17 -2.88 -6.21 28.03
N GLY H 18 -3.35 -5.22 27.28
CA GLY H 18 -4.47 -4.41 27.74
C GLY H 18 -5.76 -5.19 27.81
N GLY H 19 -5.98 -6.11 26.87
CA GLY H 19 -7.19 -6.90 26.88
C GLY H 19 -7.24 -7.89 28.02
N SER H 20 -6.08 -8.26 28.55
CA SER H 20 -6.04 -9.15 29.70
C SER H 20 -6.39 -8.44 30.99
N ILE H 21 -6.10 -7.14 31.07
CA ILE H 21 -6.45 -6.36 32.25
C ILE H 21 -7.94 -6.07 32.29
N CYS H 22 -8.55 -5.81 31.13
CA CYS H 22 -9.98 -5.60 31.07
C CYS H 22 -10.76 -6.85 31.47
N LYS H 23 -10.32 -8.01 30.99
CA LYS H 23 -11.04 -9.24 31.28
C LYS H 23 -10.84 -9.67 32.73
N GLU H 24 -9.76 -9.22 33.36
CA GLU H 24 -9.51 -9.63 34.74
C GLU H 24 -10.11 -8.65 35.73
N LEU H 25 -10.05 -7.34 35.44
CA LEU H 25 -10.65 -6.36 36.34
C LEU H 25 -12.17 -6.45 36.32
N HIS H 26 -12.75 -6.78 35.17
CA HIS H 26 -14.19 -6.96 35.11
C HIS H 26 -14.62 -8.27 35.76
N ARG H 27 -13.76 -9.29 35.71
CA ARG H 27 -14.06 -10.55 36.38
C ARG H 27 -14.06 -10.38 37.89
N MET H 28 -13.20 -9.49 38.41
CA MET H 28 -13.17 -9.22 39.84
C MET H 28 -14.24 -8.23 40.28
N GLY H 29 -15.01 -7.68 39.35
CA GLY H 29 -16.09 -6.77 39.70
C GLY H 29 -15.66 -5.33 39.83
N HIS H 30 -15.01 -4.80 38.80
CA HIS H 30 -14.60 -3.40 38.75
C HIS H 30 -15.18 -2.76 37.50
N GLU H 31 -15.41 -1.45 37.58
CA GLU H 31 -15.84 -0.68 36.41
C GLU H 31 -14.61 -0.36 35.58
N VAL H 32 -14.60 -0.82 34.33
CA VAL H 32 -13.46 -0.66 33.45
C VAL H 32 -13.89 0.14 32.23
N LEU H 33 -13.14 1.18 31.91
CA LEU H 33 -13.30 1.90 30.65
C LEU H 33 -12.25 1.39 29.68
N ALA H 34 -12.70 0.80 28.59
CA ALA H 34 -11.81 0.22 27.58
C ALA H 34 -11.79 1.13 26.36
N VAL H 35 -10.66 1.79 26.15
CA VAL H 35 -10.50 2.75 25.05
C VAL H 35 -9.56 2.13 24.03
N ASP H 36 -9.94 2.20 22.76
CA ASP H 36 -9.11 1.65 21.70
C ASP H 36 -9.40 2.41 20.42
N ILE H 37 -8.40 2.48 19.55
CA ILE H 37 -8.54 3.14 18.25
C ILE H 37 -9.06 2.19 17.19
N ASN H 38 -9.15 0.91 17.49
CA ASN H 38 -9.55 -0.11 16.53
C ASN H 38 -10.99 -0.50 16.76
N GLU H 39 -11.78 -0.50 15.68
CA GLU H 39 -13.20 -0.83 15.80
C GLU H 39 -13.42 -2.30 16.10
N GLU H 40 -12.57 -3.17 15.57
CA GLU H 40 -12.69 -4.60 15.82
C GLU H 40 -12.40 -4.96 17.27
N LYS H 41 -11.42 -4.28 17.88
CA LYS H 41 -11.05 -4.60 19.26
C LYS H 41 -12.16 -4.23 20.23
N VAL H 42 -12.82 -3.09 20.01
CA VAL H 42 -13.83 -2.61 20.95
C VAL H 42 -15.05 -3.51 20.94
N ASN H 43 -15.45 -3.99 19.75
CA ASN H 43 -16.60 -4.88 19.66
C ASN H 43 -16.33 -6.19 20.38
N ALA H 44 -15.09 -6.69 20.32
CA ALA H 44 -14.75 -7.94 21.00
C ALA H 44 -14.76 -7.77 22.52
N TYR H 45 -14.34 -6.61 23.01
CA TYR H 45 -14.24 -6.36 24.44
C TYR H 45 -15.39 -5.52 24.97
N ALA H 46 -16.46 -5.34 24.18
CA ALA H 46 -17.62 -4.60 24.67
C ALA H 46 -18.35 -5.38 25.75
N SER H 47 -18.27 -6.71 25.70
CA SER H 47 -18.89 -7.56 26.71
C SER H 47 -18.06 -7.70 27.98
N TYR H 48 -16.75 -7.50 27.90
CA TYR H 48 -15.85 -7.65 29.04
C TYR H 48 -15.48 -6.32 29.67
N ALA H 49 -16.11 -5.23 29.26
CA ALA H 49 -15.83 -3.93 29.83
C ALA H 49 -17.14 -3.23 30.14
N THR H 50 -17.14 -2.48 31.25
CA THR H 50 -18.31 -1.70 31.62
C THR H 50 -18.60 -0.62 30.58
N HIS H 51 -17.55 0.04 30.08
CA HIS H 51 -17.69 1.10 29.10
C HIS H 51 -16.61 0.92 28.05
N ALA H 52 -17.00 0.65 26.82
CA ALA H 52 -16.07 0.47 25.71
C ALA H 52 -16.27 1.59 24.71
N VAL H 53 -15.18 2.26 24.34
CA VAL H 53 -15.22 3.43 23.47
C VAL H 53 -14.21 3.26 22.35
N ILE H 54 -14.58 3.68 21.14
CA ILE H 54 -13.66 3.71 20.01
C ILE H 54 -13.13 5.14 19.90
N ALA H 55 -12.06 5.44 20.64
CA ALA H 55 -11.53 6.79 20.68
C ALA H 55 -10.02 6.74 20.54
N ASN H 56 -9.47 7.86 20.08
CA ASN H 56 -8.03 8.05 19.97
C ASN H 56 -7.55 8.84 21.18
N ALA H 57 -6.61 8.26 21.92
CA ALA H 57 -6.21 8.85 23.20
C ALA H 57 -5.20 9.97 23.05
N THR H 58 -4.55 10.11 21.90
CA THR H 58 -3.62 11.22 21.71
C THR H 58 -4.32 12.55 21.53
N GLU H 59 -5.64 12.56 21.39
CA GLU H 59 -6.43 13.78 21.25
C GLU H 59 -6.92 14.22 22.62
N GLU H 60 -6.71 15.50 22.94
CA GLU H 60 -7.17 16.02 24.22
C GLU H 60 -8.68 16.14 24.27
N ASN H 61 -9.30 16.50 23.14
CA ASN H 61 -10.76 16.62 23.11
C ASN H 61 -11.44 15.27 23.27
N GLU H 62 -10.92 14.23 22.62
CA GLU H 62 -11.51 12.90 22.76
C GLU H 62 -11.29 12.34 24.16
N LEU H 63 -10.23 12.76 24.84
CA LEU H 63 -9.94 12.24 26.17
C LEU H 63 -10.86 12.85 27.21
N LEU H 64 -11.30 14.09 27.00
CA LEU H 64 -12.24 14.72 27.93
C LEU H 64 -13.68 14.31 27.66
N SER H 65 -13.96 13.75 26.49
CA SER H 65 -15.29 13.23 26.23
C SER H 65 -15.56 11.93 26.97
N LEU H 66 -14.50 11.19 27.33
CA LEU H 66 -14.62 9.98 28.12
C LEU H 66 -14.85 10.25 29.59
N GLY H 67 -14.68 11.49 30.03
CA GLY H 67 -14.68 11.76 31.46
C GLY H 67 -13.49 11.14 32.15
N ILE H 68 -12.30 11.25 31.55
CA ILE H 68 -11.13 10.53 32.05
C ILE H 68 -10.63 11.10 33.36
N ARG H 69 -11.07 12.30 33.75
CA ARG H 69 -10.65 12.87 35.02
C ARG H 69 -11.25 12.17 36.22
N ASN H 70 -12.23 11.28 36.02
CA ASN H 70 -12.89 10.57 37.10
C ASN H 70 -12.21 9.24 37.43
N PHE H 71 -11.10 8.93 36.78
CA PHE H 71 -10.41 7.65 36.96
C PHE H 71 -9.13 7.88 37.75
N GLU H 72 -8.97 7.11 38.83
CA GLU H 72 -7.72 7.16 39.59
C GLU H 72 -6.61 6.44 38.85
N TYR H 73 -6.91 5.29 38.26
CA TYR H 73 -5.92 4.49 37.55
C TYR H 73 -6.23 4.52 36.06
N VAL H 74 -5.23 4.88 35.26
CA VAL H 74 -5.28 4.75 33.82
C VAL H 74 -4.08 3.94 33.39
N ILE H 75 -4.31 2.88 32.62
CA ILE H 75 -3.27 2.00 32.13
C ILE H 75 -3.15 2.22 30.63
N VAL H 76 -2.02 2.73 30.19
CA VAL H 76 -1.76 2.97 28.78
C VAL H 76 -1.02 1.73 28.28
N ALA H 77 -1.77 0.77 27.74
CA ALA H 77 -1.21 -0.49 27.27
C ALA H 77 -0.91 -0.44 25.77
N ILE H 78 -0.17 0.58 25.35
CA ILE H 78 0.34 0.69 24.00
C ILE H 78 1.85 0.55 24.10
N GLY H 79 2.39 -0.53 23.54
CA GLY H 79 3.80 -0.83 23.71
C GLY H 79 4.55 -1.04 22.43
N ALA H 80 3.91 -0.78 21.30
CA ALA H 80 4.57 -0.80 20.00
C ALA H 80 4.45 0.52 19.26
N ASN H 81 3.91 1.55 19.89
CA ASN H 81 3.75 2.87 19.31
C ASN H 81 4.28 3.87 20.33
N ILE H 82 5.54 4.28 20.18
CA ILE H 82 6.13 5.22 21.13
C ILE H 82 5.47 6.58 21.02
N GLN H 83 5.09 6.99 19.81
CA GLN H 83 4.46 8.28 19.64
C GLN H 83 3.10 8.33 20.31
N ALA H 84 2.30 7.26 20.17
CA ALA H 84 0.99 7.23 20.79
C ALA H 84 1.09 7.03 22.29
N SER H 85 2.11 6.30 22.75
CA SER H 85 2.23 6.05 24.18
C SER H 85 2.73 7.28 24.93
N THR H 86 3.69 8.02 24.36
CA THR H 86 4.22 9.20 25.03
C THR H 86 3.30 10.40 24.92
N LEU H 87 2.49 10.51 23.89
CA LEU H 87 1.56 11.63 23.82
C LEU H 87 0.36 11.37 24.65
N THR H 88 -0.02 10.12 24.84
CA THR H 88 -1.14 9.84 25.73
C THR H 88 -0.80 10.19 27.17
N THR H 89 0.37 9.73 27.65
CA THR H 89 0.71 9.96 29.05
C THR H 89 1.13 11.40 29.31
N LEU H 90 1.47 12.16 28.26
CA LEU H 90 1.68 13.58 28.44
C LEU H 90 0.35 14.29 28.69
N LEU H 91 -0.71 13.84 28.02
CA LEU H 91 -2.04 14.41 28.26
C LEU H 91 -2.58 14.02 29.62
N LEU H 92 -2.41 12.75 30.01
CA LEU H 92 -2.93 12.29 31.28
C LEU H 92 -2.20 12.94 32.45
N LYS H 93 -0.90 13.16 32.31
CA LYS H 93 -0.17 13.91 33.33
C LYS H 93 -0.59 15.36 33.35
N GLU H 94 -0.95 15.91 32.18
CA GLU H 94 -1.45 17.27 32.09
C GLU H 94 -2.82 17.40 32.74
N LEU H 95 -3.60 16.31 32.73
CA LEU H 95 -4.92 16.28 33.34
C LEU H 95 -4.90 15.86 34.80
N ASP H 96 -3.71 15.63 35.35
CA ASP H 96 -3.51 15.25 36.75
C ASP H 96 -4.26 13.95 37.10
N ILE H 97 -3.90 12.88 36.40
CA ILE H 97 -4.34 11.54 36.76
C ILE H 97 -3.43 11.04 37.88
N PRO H 98 -3.97 10.59 39.02
CA PRO H 98 -3.09 10.17 40.13
C PRO H 98 -2.18 9.01 39.80
N ASN H 99 -2.65 8.04 39.02
CA ASN H 99 -1.87 6.84 38.74
C ASN H 99 -1.90 6.57 37.23
N ILE H 100 -0.74 6.66 36.60
CA ILE H 100 -0.59 6.38 35.17
C ILE H 100 0.41 5.23 35.05
N TRP H 101 -0.05 4.10 34.53
CA TRP H 101 0.79 2.93 34.33
C TRP H 101 0.96 2.72 32.84
N VAL H 102 2.20 2.70 32.39
CA VAL H 102 2.49 2.65 30.96
C VAL H 102 3.28 1.39 30.65
N LYS H 103 2.89 0.72 29.58
CA LYS H 103 3.61 -0.44 29.06
C LYS H 103 4.66 0.06 28.08
N ALA H 104 5.92 -0.22 28.36
CA ALA H 104 7.03 0.28 27.55
C ALA H 104 7.44 -0.75 26.51
N GLN H 105 8.27 -0.30 25.58
CA GLN H 105 8.75 -1.13 24.48
C GLN H 105 10.21 -1.54 24.66
N ASN H 106 11.11 -0.57 24.84
CA ASN H 106 12.53 -0.86 24.98
C ASN H 106 13.09 0.05 26.06
N TYR H 107 14.43 0.12 26.10
CA TYR H 107 15.10 0.93 27.11
C TYR H 107 14.88 2.42 26.87
N TYR H 108 14.85 2.83 25.60
CA TYR H 108 14.70 4.24 25.29
C TYR H 108 13.29 4.73 25.53
N HIS H 109 12.28 3.90 25.28
CA HIS H 109 10.92 4.25 25.65
C HIS H 109 10.75 4.33 27.16
N HIS H 110 11.43 3.46 27.90
CA HIS H 110 11.39 3.52 29.36
C HIS H 110 11.99 4.83 29.88
N LYS H 111 13.01 5.35 29.20
CA LYS H 111 13.64 6.59 29.65
C LYS H 111 12.80 7.81 29.32
N VAL H 112 12.07 7.79 28.20
CA VAL H 112 11.19 8.90 27.87
C VAL H 112 10.03 8.98 28.87
N LEU H 113 9.42 7.84 29.17
CA LEU H 113 8.26 7.83 30.05
C LEU H 113 8.61 8.24 31.47
N GLU H 114 9.85 7.98 31.90
CA GLU H 114 10.29 8.50 33.19
C GLU H 114 10.34 10.02 33.19
N LYS H 115 10.76 10.62 32.07
CA LYS H 115 10.88 12.07 32.01
C LYS H 115 9.52 12.74 32.04
N ILE H 116 8.55 12.21 31.30
CA ILE H 116 7.27 12.89 31.12
C ILE H 116 6.28 12.47 32.19
N GLY H 117 6.78 11.78 33.23
CA GLY H 117 5.98 11.55 34.42
C GLY H 117 5.04 10.36 34.38
N ALA H 118 5.59 9.17 34.17
CA ALA H 118 4.84 7.93 34.31
C ALA H 118 5.11 7.35 35.68
N ASP H 119 4.05 7.00 36.40
CA ASP H 119 4.21 6.56 37.78
C ASP H 119 4.80 5.17 37.86
N ARG H 120 4.32 4.24 37.04
CA ARG H 120 4.88 2.91 36.99
C ARG H 120 4.97 2.47 35.54
N ILE H 121 6.13 1.92 35.17
CA ILE H 121 6.41 1.51 33.81
C ILE H 121 6.59 0.00 33.81
N ILE H 122 5.93 -0.68 32.87
CA ILE H 122 5.78 -2.13 32.87
C ILE H 122 6.41 -2.69 31.60
N HIS H 123 7.16 -3.78 31.75
CA HIS H 123 7.72 -4.55 30.64
C HIS H 123 7.14 -5.95 30.71
N PRO H 124 6.01 -6.22 30.06
CA PRO H 124 5.40 -7.55 30.18
C PRO H 124 6.22 -8.65 29.53
N GLU H 125 6.61 -8.49 28.27
CA GLU H 125 7.34 -9.54 27.58
C GLU H 125 8.77 -9.67 28.08
N LYS H 126 9.38 -8.56 28.50
CA LYS H 126 10.76 -8.63 28.98
C LYS H 126 10.84 -9.31 30.34
N ASP H 127 9.87 -9.08 31.22
CA ASP H 127 9.91 -9.71 32.53
C ASP H 127 9.52 -11.17 32.44
N MET H 128 8.70 -11.55 31.47
CA MET H 128 8.38 -12.96 31.26
C MET H 128 9.53 -13.70 30.60
N GLY H 129 10.23 -13.04 29.67
CA GLY H 129 11.35 -13.68 29.00
C GLY H 129 12.49 -13.98 29.95
N VAL H 130 12.71 -13.10 30.93
CA VAL H 130 13.69 -13.38 31.97
C VAL H 130 13.22 -14.50 32.87
N LYS H 131 11.92 -14.56 33.15
CA LYS H 131 11.38 -15.62 33.99
C LYS H 131 11.36 -16.95 33.24
N ILE H 132 11.06 -16.92 31.94
CA ILE H 132 11.04 -18.15 31.15
C ILE H 132 12.46 -18.69 30.96
N ALA H 133 13.43 -17.81 30.74
CA ALA H 133 14.81 -18.25 30.51
C ALA H 133 15.40 -18.92 31.75
N GLN H 134 14.87 -18.65 32.93
CA GLN H 134 15.29 -19.39 34.12
C GLN H 134 14.75 -20.80 34.11
N SER H 135 13.58 -21.01 33.49
CA SER H 135 13.00 -22.34 33.41
C SER H 135 13.70 -23.19 32.35
N LEU H 136 14.15 -22.58 31.26
CA LEU H 136 14.92 -23.30 30.25
C LEU H 136 16.29 -23.70 30.78
N SER H 137 16.94 -22.80 31.52
CA SER H 137 18.27 -23.08 32.06
C SER H 137 18.23 -24.20 33.08
N ASP H 138 17.22 -24.21 33.95
CA ASP H 138 17.07 -25.22 34.99
C ASP H 138 15.67 -25.79 34.89
N GLU H 139 15.56 -27.05 34.46
CA GLU H 139 14.27 -27.68 34.29
C GLU H 139 13.59 -28.02 35.61
N ASN H 140 14.32 -27.99 36.72
CA ASN H 140 13.72 -28.29 38.02
C ASN H 140 12.78 -27.20 38.48
N VAL H 141 13.10 -25.94 38.19
CA VAL H 141 12.25 -24.85 38.64
C VAL H 141 11.01 -24.78 37.77
N LEU H 142 9.88 -24.47 38.40
CA LEU H 142 8.61 -24.29 37.72
C LEU H 142 8.13 -22.85 37.80
N ASN H 143 8.39 -22.20 38.93
CA ASN H 143 8.07 -20.79 39.13
C ASN H 143 8.91 -20.30 40.30
N TYR H 144 9.30 -19.04 40.25
CA TYR H 144 10.07 -18.43 41.32
C TYR H 144 9.66 -16.98 41.48
N ILE H 145 9.88 -16.45 42.68
CA ILE H 145 9.57 -15.06 43.00
C ILE H 145 10.79 -14.45 43.68
N ASP H 146 11.31 -13.36 43.14
CA ASP H 146 12.52 -12.75 43.66
C ASP H 146 12.17 -11.84 44.84
N LEU H 147 12.52 -12.28 46.05
CA LEU H 147 12.40 -11.41 47.20
C LEU H 147 13.38 -10.24 47.10
N SER H 148 14.60 -10.52 46.66
CA SER H 148 15.62 -9.50 46.46
C SER H 148 16.54 -9.97 45.33
N ASP H 149 17.70 -9.32 45.21
CA ASP H 149 18.69 -9.74 44.23
C ASP H 149 19.54 -10.90 44.73
N GLU H 150 19.42 -11.28 46.00
CA GLU H 150 20.20 -12.37 46.55
C GLU H 150 19.36 -13.49 47.15
N TYR H 151 18.06 -13.29 47.33
CA TYR H 151 17.18 -14.27 47.96
C TYR H 151 16.00 -14.53 47.05
N SER H 152 15.45 -15.74 47.11
CA SER H 152 14.38 -16.12 46.20
C SER H 152 13.57 -17.26 46.82
N ILE H 153 12.33 -17.35 46.37
CA ILE H 153 11.44 -18.45 46.71
C ILE H 153 11.18 -19.23 45.43
N VAL H 154 11.68 -20.46 45.35
CA VAL H 154 11.64 -21.25 44.14
C VAL H 154 10.70 -22.42 44.36
N GLU H 155 9.76 -22.60 43.43
CA GLU H 155 8.83 -23.72 43.47
C GLU H 155 9.42 -24.84 42.62
N LEU H 156 10.24 -25.68 43.25
CA LEU H 156 10.99 -26.71 42.55
C LEU H 156 10.09 -27.85 42.11
N LEU H 157 10.69 -28.87 41.49
CA LEU H 157 10.00 -30.06 41.05
C LEU H 157 10.80 -31.28 41.51
N ALA H 158 10.10 -32.27 42.06
CA ALA H 158 10.78 -33.43 42.64
C ALA H 158 11.34 -34.34 41.55
N THR H 159 12.52 -34.90 41.83
CA THR H 159 13.21 -35.80 40.92
C THR H 159 13.17 -37.21 41.49
N ARG H 160 13.89 -38.11 40.80
CA ARG H 160 13.93 -39.50 41.24
C ARG H 160 14.79 -39.66 42.49
N LYS H 161 15.82 -38.83 42.64
CA LYS H 161 16.66 -38.92 43.83
C LYS H 161 15.96 -38.32 45.05
N LEU H 162 14.96 -37.45 44.83
CA LEU H 162 14.22 -36.88 45.94
C LEU H 162 13.03 -37.75 46.31
N ASP H 163 12.78 -38.81 45.55
CA ASP H 163 11.70 -39.72 45.88
C ASP H 163 12.00 -40.49 47.15
N SER H 164 10.98 -40.68 47.98
CA SER H 164 11.00 -41.40 49.25
C SER H 164 12.02 -40.82 50.23
N LYS H 165 12.26 -39.52 50.20
CA LYS H 165 13.15 -38.85 51.13
C LYS H 165 12.33 -37.95 52.04
N SER H 166 12.51 -38.13 53.35
CA SER H 166 11.77 -37.33 54.30
C SER H 166 12.36 -35.93 54.40
N ILE H 167 11.60 -35.02 55.02
CA ILE H 167 12.07 -33.65 55.19
C ILE H 167 13.26 -33.60 56.14
N ILE H 168 13.21 -34.39 57.21
CA ILE H 168 14.31 -34.40 58.18
C ILE H 168 15.53 -35.10 57.58
N ASP H 169 15.32 -35.93 56.55
CA ASP H 169 16.44 -36.51 55.83
C ASP H 169 17.24 -35.44 55.09
N LEU H 170 16.55 -34.42 54.60
CA LEU H 170 17.18 -33.29 53.92
C LEU H 170 17.69 -32.32 54.97
N ASN H 171 19.00 -32.12 55.02
CA ASN H 171 19.61 -31.18 55.96
C ASN H 171 19.68 -29.80 55.32
N VAL H 172 18.52 -29.34 54.84
CA VAL H 172 18.43 -28.04 54.17
C VAL H 172 18.64 -26.92 55.18
N ARG H 173 18.12 -27.09 56.39
CA ARG H 173 18.28 -26.06 57.42
C ARG H 173 19.73 -25.98 57.90
N ALA H 174 20.41 -27.12 57.97
CA ALA H 174 21.76 -27.13 58.51
C ALA H 174 22.81 -26.86 57.42
N LYS H 175 22.79 -27.65 56.35
CA LYS H 175 23.83 -27.60 55.32
C LYS H 175 23.54 -26.54 54.26
N TYR H 176 22.40 -26.61 53.60
CA TYR H 176 22.07 -25.70 52.51
C TYR H 176 21.62 -24.33 52.98
N GLY H 177 21.16 -24.22 54.23
CA GLY H 177 20.63 -22.94 54.71
C GLY H 177 19.35 -22.52 54.01
N CYS H 178 18.50 -23.47 53.65
CA CYS H 178 17.24 -23.20 52.98
C CYS H 178 16.11 -23.87 53.73
N THR H 179 14.92 -23.30 53.60
CA THR H 179 13.73 -23.77 54.32
C THR H 179 12.69 -24.26 53.33
N ILE H 180 12.14 -25.45 53.58
CA ILE H 180 11.06 -25.96 52.76
C ILE H 180 9.74 -25.39 53.25
N LEU H 181 9.01 -24.74 52.35
CA LEU H 181 7.78 -24.06 52.73
C LEU H 181 6.49 -24.84 52.49
N ALA H 182 6.39 -25.56 51.38
CA ALA H 182 5.17 -26.29 51.07
C ALA H 182 5.47 -27.39 50.07
N ILE H 183 4.59 -28.39 50.04
CA ILE H 183 4.71 -29.53 49.13
C ILE H 183 3.37 -29.66 48.41
N LYS H 184 3.41 -29.73 47.08
CA LYS H 184 2.21 -29.89 46.27
C LYS H 184 2.09 -31.38 45.91
N HIS H 185 1.41 -32.14 46.77
CA HIS H 185 1.33 -33.59 46.65
C HIS H 185 0.20 -33.96 45.69
N HIS H 186 0.47 -33.88 44.39
CA HIS H 186 -0.43 -34.37 43.34
C HIS H 186 -1.81 -33.72 43.44
N GLY H 187 -1.85 -32.40 43.25
CA GLY H 187 -3.09 -31.66 43.35
C GLY H 187 -3.51 -31.30 44.76
N ASP H 188 -2.79 -31.77 45.77
CA ASP H 188 -3.03 -31.42 47.15
C ASP H 188 -1.82 -30.67 47.67
N ILE H 189 -2.05 -29.55 48.34
CA ILE H 189 -0.99 -28.65 48.77
C ILE H 189 -0.97 -28.60 50.30
N CYS H 190 0.18 -28.87 50.89
CA CYS H 190 0.35 -28.87 52.33
C CYS H 190 1.30 -27.74 52.72
N LEU H 191 0.87 -26.90 53.65
CA LEU H 191 1.63 -25.72 54.05
C LEU H 191 2.45 -26.01 55.31
N SER H 192 3.70 -25.53 55.31
CA SER H 192 4.64 -25.64 56.43
C SER H 192 4.80 -27.09 56.88
N PRO H 193 5.50 -27.94 56.12
CA PRO H 193 5.65 -29.33 56.53
C PRO H 193 6.46 -29.47 57.81
N ALA H 194 6.11 -30.47 58.59
CA ALA H 194 6.86 -30.78 59.80
C ALA H 194 7.63 -32.07 59.63
N PRO H 195 8.78 -32.21 60.28
CA PRO H 195 9.53 -33.47 60.20
C PRO H 195 8.77 -34.59 60.88
N GLU H 196 8.49 -35.66 60.11
CA GLU H 196 8.92 -35.76 58.73
C GLU H 196 7.78 -36.10 57.78
N ASP H 197 7.90 -35.60 56.54
CA ASP H 197 6.92 -35.87 55.49
C ASP H 197 7.65 -36.44 54.28
N ILE H 198 7.02 -37.43 53.64
CA ILE H 198 7.62 -38.15 52.52
C ILE H 198 7.30 -37.42 51.23
N ILE H 199 8.31 -37.28 50.37
CA ILE H 199 8.19 -36.60 49.09
C ILE H 199 8.10 -37.64 48.00
N ARG H 200 7.11 -37.48 47.11
CA ARG H 200 6.89 -38.45 46.05
C ARG H 200 7.86 -38.21 44.89
N GLU H 201 7.59 -38.92 43.78
CA GLU H 201 8.49 -38.87 42.63
C GLU H 201 8.45 -37.51 41.96
N GLN H 202 7.26 -36.98 41.68
CA GLN H 202 7.10 -35.71 40.99
C GLN H 202 6.06 -34.86 41.73
N ASP H 203 6.54 -34.03 42.64
CA ASP H 203 5.70 -33.10 43.38
C ASP H 203 6.45 -31.78 43.52
N CYS H 204 5.70 -30.69 43.44
CA CYS H 204 6.29 -29.37 43.59
C CYS H 204 6.74 -29.15 45.04
N LEU H 205 7.94 -28.59 45.19
CA LEU H 205 8.57 -28.40 46.49
C LEU H 205 8.97 -26.93 46.60
N VAL H 206 8.13 -26.14 47.26
CA VAL H 206 8.42 -24.72 47.42
C VAL H 206 9.50 -24.56 48.48
N ILE H 207 10.60 -23.91 48.10
CA ILE H 207 11.75 -23.74 48.98
C ILE H 207 12.12 -22.27 49.01
N MET H 208 12.75 -21.86 50.10
CA MET H 208 13.14 -20.47 50.30
C MET H 208 14.58 -20.44 50.81
N GLY H 209 15.37 -19.52 50.27
CA GLY H 209 16.74 -19.38 50.72
C GLY H 209 17.46 -18.33 49.90
N HIS H 210 18.77 -18.28 50.10
CA HIS H 210 19.62 -17.45 49.26
C HIS H 210 19.63 -18.01 47.85
N LYS H 211 19.84 -17.11 46.87
CA LYS H 211 19.78 -17.52 45.47
C LYS H 211 20.87 -18.54 45.13
N LYS H 212 22.07 -18.36 45.69
CA LYS H 212 23.15 -19.31 45.45
C LYS H 212 22.96 -20.60 46.22
N ASP H 213 22.30 -20.55 47.38
CA ASP H 213 22.15 -21.75 48.20
C ASP H 213 21.12 -22.71 47.61
N ILE H 214 20.14 -22.20 46.89
CA ILE H 214 19.17 -23.08 46.23
C ILE H 214 19.84 -23.83 45.08
N LYS H 215 20.71 -23.14 44.34
CA LYS H 215 21.42 -23.78 43.23
C LYS H 215 22.32 -24.92 43.72
N ARG H 216 22.92 -24.76 44.90
CA ARG H 216 23.72 -25.85 45.46
C ARG H 216 22.84 -27.02 45.88
N PHE H 217 21.60 -26.75 46.30
CA PHE H 217 20.70 -27.83 46.68
C PHE H 217 20.31 -28.68 45.47
N GLU H 218 20.04 -28.04 44.33
CA GLU H 218 19.61 -28.78 43.15
C GLU H 218 20.72 -29.67 42.62
N ASN H 219 21.96 -29.19 42.65
CA ASN H 219 23.08 -29.99 42.18
C ASN H 219 23.39 -31.15 43.13
N GLU H 220 23.27 -30.90 44.43
CA GLU H 220 23.58 -31.89 45.45
C GLU H 220 22.36 -32.65 45.96
N GLY H 221 21.20 -32.42 45.35
CA GLY H 221 19.99 -33.13 45.77
C GLY H 221 18.74 -32.62 45.11
N THR I 15 28.90 -0.30 -32.42
CA THR I 15 29.51 0.48 -33.51
C THR I 15 30.42 1.64 -33.04
N PRO I 16 30.09 2.35 -31.95
CA PRO I 16 31.06 3.31 -31.40
C PRO I 16 32.39 2.67 -30.99
N PRO I 17 32.41 1.42 -30.48
CA PRO I 17 33.73 0.78 -30.35
C PRO I 17 34.30 0.30 -31.67
N GLN I 18 33.44 0.06 -32.67
CA GLN I 18 33.94 -0.43 -33.96
C GLN I 18 34.61 0.68 -34.76
N VAL I 19 34.08 1.90 -34.67
CA VAL I 19 34.68 3.02 -35.39
C VAL I 19 36.07 3.34 -34.84
N LEU I 20 36.22 3.27 -33.51
CA LEU I 20 37.52 3.52 -32.89
C LEU I 20 38.54 2.48 -33.32
N ALA I 21 38.14 1.21 -33.37
CA ALA I 21 39.08 0.15 -33.73
C ALA I 21 39.49 0.25 -35.20
N ILE I 22 38.54 0.55 -36.08
CA ILE I 22 38.86 0.69 -37.50
C ILE I 22 39.73 1.91 -37.75
N GLY I 23 39.36 3.04 -37.14
CA GLY I 23 40.10 4.27 -37.35
C GLY I 23 41.51 4.22 -36.79
N PHE I 24 41.69 3.52 -35.67
CA PHE I 24 43.02 3.41 -35.06
C PHE I 24 43.94 2.56 -35.91
N PHE I 25 43.43 1.48 -36.49
CA PHE I 25 44.27 0.59 -37.28
C PHE I 25 44.67 1.23 -38.60
N LEU I 26 43.77 2.00 -39.21
CA LEU I 26 44.07 2.62 -40.49
C LEU I 26 45.17 3.67 -40.36
N THR I 27 45.27 4.31 -39.21
CA THR I 27 46.34 5.28 -39.00
C THR I 27 47.70 4.61 -38.91
N ILE I 28 47.73 3.34 -38.51
CA ILE I 28 48.97 2.57 -38.53
C ILE I 28 49.36 2.27 -39.97
N ILE I 29 48.40 1.83 -40.78
CA ILE I 29 48.68 1.44 -42.16
C ILE I 29 49.03 2.64 -43.01
N ILE I 30 48.27 3.74 -42.87
CA ILE I 30 48.58 4.95 -43.62
C ILE I 30 49.93 5.52 -43.20
N GLY I 31 50.21 5.52 -41.89
CA GLY I 31 51.48 6.06 -41.43
C GLY I 31 52.66 5.17 -41.78
N ALA I 32 52.41 3.88 -42.00
CA ALA I 32 53.49 2.96 -42.33
C ALA I 32 54.03 3.22 -43.73
N VAL I 33 53.16 3.56 -44.68
CA VAL I 33 53.60 3.84 -46.04
C VAL I 33 54.44 5.10 -46.08
N LEU I 34 54.12 6.08 -45.23
CA LEU I 34 54.84 7.35 -45.23
C LEU I 34 56.27 7.17 -44.73
N LEU I 35 56.54 6.09 -43.99
CA LEU I 35 57.90 5.83 -43.53
C LEU I 35 58.67 4.96 -44.53
N MET I 36 57.95 4.21 -45.37
CA MET I 36 58.59 3.36 -46.35
C MET I 36 59.14 4.14 -47.54
N LEU I 37 58.76 5.41 -47.68
CA LEU I 37 59.24 6.21 -48.79
C LEU I 37 60.74 6.48 -48.65
N PRO I 38 61.47 6.59 -49.77
CA PRO I 38 62.90 6.88 -49.68
C PRO I 38 63.23 8.22 -49.05
N ILE I 39 62.28 9.16 -49.07
CA ILE I 39 62.50 10.45 -48.43
C ILE I 39 62.55 10.31 -46.92
N SER I 40 61.74 9.42 -46.37
CA SER I 40 61.61 9.32 -44.91
C SER I 40 62.88 8.80 -44.25
N THR I 41 63.49 7.81 -44.88
CA THR I 41 64.62 7.17 -44.26
C THR I 41 65.87 7.23 -45.03
N THR I 42 66.99 7.19 -44.32
CA THR I 42 68.28 7.16 -45.01
C THR I 42 68.61 5.75 -45.49
N LYS I 43 68.38 4.76 -44.65
CA LYS I 43 68.67 3.36 -44.92
C LYS I 43 67.40 2.67 -45.39
N PRO I 44 67.53 1.54 -46.09
CA PRO I 44 66.34 0.73 -46.40
C PRO I 44 65.67 0.25 -45.12
N LEU I 45 64.35 0.31 -45.10
CA LEU I 45 63.56 -0.05 -43.93
C LEU I 45 62.63 -1.20 -44.29
N SER I 46 62.63 -2.23 -43.45
CA SER I 46 61.84 -3.41 -43.71
C SER I 46 60.35 -3.11 -43.58
N TRP I 47 59.52 -4.01 -44.11
CA TRP I 47 58.08 -3.83 -44.02
C TRP I 47 57.59 -4.00 -42.59
N ILE I 48 58.33 -4.73 -41.76
CA ILE I 48 57.90 -4.94 -40.38
C ILE I 48 58.48 -3.86 -39.47
N ASP I 49 59.67 -3.35 -39.77
CA ASP I 49 60.23 -2.25 -38.98
C ASP I 49 59.44 -0.97 -39.20
N ALA I 50 59.01 -0.71 -40.42
CA ALA I 50 58.15 0.44 -40.69
C ALA I 50 56.78 0.26 -40.04
N LEU I 51 56.25 -0.97 -40.05
CA LEU I 51 54.97 -1.22 -39.40
C LEU I 51 55.10 -1.18 -37.88
N PHE I 52 56.27 -1.56 -37.35
CA PHE I 52 56.48 -1.48 -35.91
C PHE I 52 56.60 -0.03 -35.46
N THR I 53 57.39 0.78 -36.18
CA THR I 53 57.58 2.17 -35.80
C THR I 53 56.30 2.97 -35.99
N ALA I 54 55.52 2.65 -37.02
CA ALA I 54 54.22 3.28 -37.19
C ALA I 54 53.28 2.91 -36.04
N ALA I 55 53.29 1.64 -35.63
CA ALA I 55 52.44 1.22 -34.52
C ALA I 55 52.98 1.72 -33.19
N SER I 56 54.31 1.83 -33.06
CA SER I 56 54.89 2.32 -31.82
C SER I 56 54.69 3.81 -31.63
N ALA I 57 54.22 4.53 -32.65
CA ALA I 57 53.97 5.96 -32.55
C ALA I 57 52.49 6.29 -32.35
N THR I 58 51.59 5.67 -33.11
CA THR I 58 50.17 5.96 -32.93
C THR I 58 49.61 5.33 -31.66
N THR I 59 50.23 4.25 -31.17
CA THR I 59 49.91 3.75 -29.84
C THR I 59 50.67 4.49 -28.75
N VAL I 60 51.53 5.43 -29.16
CA VAL I 60 52.35 6.28 -28.30
C VAL I 60 53.08 5.43 -27.28
N THR I 61 53.83 4.43 -27.75
CA THR I 61 54.60 3.55 -26.88
C THR I 61 56.06 3.94 -26.83
N GLY I 62 56.72 4.05 -27.97
CA GLY I 62 58.12 4.42 -28.00
C GLY I 62 59.08 3.26 -28.14
N LEU I 63 58.59 2.05 -28.38
CA LEU I 63 59.47 0.92 -28.63
C LEU I 63 60.07 1.06 -30.02
N ALA I 64 61.40 1.12 -30.09
CA ALA I 64 62.10 1.40 -31.34
C ALA I 64 62.95 0.20 -31.71
N VAL I 65 62.64 -0.41 -32.85
CA VAL I 65 63.53 -1.42 -33.42
C VAL I 65 64.83 -0.77 -33.88
N VAL I 66 64.69 0.34 -34.59
CA VAL I 66 65.81 1.10 -35.12
C VAL I 66 65.88 2.50 -34.55
N ASP I 67 67.05 3.09 -34.39
CA ASP I 67 67.16 4.40 -33.79
C ASP I 67 66.40 5.43 -34.60
N THR I 68 65.55 6.21 -33.92
CA THR I 68 64.68 7.16 -34.61
C THR I 68 65.50 8.30 -35.23
N GLY I 69 66.53 8.77 -34.54
CA GLY I 69 67.33 9.86 -35.06
C GLY I 69 68.14 9.49 -36.28
N THR I 70 68.72 8.29 -36.29
CA THR I 70 69.63 7.90 -37.36
C THR I 70 68.92 7.29 -38.56
N GLN I 71 67.90 6.47 -38.33
CA GLN I 71 67.23 5.80 -39.44
C GLN I 71 66.41 6.79 -40.26
N PHE I 72 65.74 7.73 -39.61
CA PHE I 72 64.80 8.62 -40.27
C PHE I 72 65.42 9.99 -40.51
N THR I 73 64.93 10.67 -41.54
CA THR I 73 65.33 12.02 -41.86
C THR I 73 64.42 13.00 -41.12
N VAL I 74 64.48 14.28 -41.49
CA VAL I 74 63.60 15.27 -40.90
C VAL I 74 62.15 15.02 -41.31
N PHE I 75 61.94 14.65 -42.59
CA PHE I 75 60.58 14.37 -43.04
C PHE I 75 60.03 13.11 -42.39
N GLY I 76 60.87 12.11 -42.17
CA GLY I 76 60.43 10.91 -41.48
C GLY I 76 60.05 11.16 -40.04
N GLN I 77 60.81 12.02 -39.36
CA GLN I 77 60.48 12.39 -37.99
C GLN I 77 59.28 13.32 -37.91
N THR I 78 58.96 14.03 -39.00
CA THR I 78 57.74 14.84 -39.01
C THR I 78 56.51 13.95 -39.09
N VAL I 79 56.60 12.82 -39.79
CA VAL I 79 55.53 11.83 -39.76
C VAL I 79 55.38 11.25 -38.36
N ILE I 80 56.50 11.09 -37.64
CA ILE I 80 56.46 10.59 -36.28
C ILE I 80 55.70 11.56 -35.38
N MET I 81 55.97 12.86 -35.50
CA MET I 81 55.27 13.85 -34.68
C MET I 81 53.79 13.89 -35.00
N GLY I 82 53.43 13.70 -36.27
CA GLY I 82 52.03 13.62 -36.63
C GLY I 82 51.36 12.38 -36.05
N LEU I 83 52.06 11.25 -36.07
CA LEU I 83 51.50 10.02 -35.51
C LEU I 83 51.43 10.08 -34.00
N ILE I 84 52.41 10.72 -33.36
CA ILE I 84 52.36 10.90 -31.91
C ILE I 84 51.20 11.81 -31.52
N GLN I 85 51.04 12.93 -32.22
CA GLN I 85 49.98 13.88 -31.88
C GLN I 85 48.60 13.30 -32.15
N ILE I 86 48.42 12.65 -33.29
CA ILE I 86 47.13 12.02 -33.60
C ILE I 86 46.84 10.88 -32.64
N GLY I 87 47.86 10.06 -32.36
CA GLY I 87 47.66 8.93 -31.47
C GLY I 87 47.64 9.31 -30.01
N GLY I 88 48.33 10.39 -29.65
CA GLY I 88 48.37 10.79 -28.25
C GLY I 88 47.03 11.28 -27.72
N LEU I 89 46.35 12.14 -28.47
CA LEU I 89 45.08 12.70 -28.02
C LEU I 89 43.88 11.83 -28.37
N GLY I 90 44.09 10.76 -29.13
CA GLY I 90 42.98 9.93 -29.55
C GLY I 90 42.60 10.17 -31.00
N PHE I 91 41.98 9.19 -31.64
CA PHE I 91 41.61 9.34 -33.04
C PHE I 91 40.43 10.29 -33.20
N MET I 92 39.41 10.13 -32.36
CA MET I 92 38.17 10.89 -32.55
C MET I 92 38.33 12.33 -32.10
N THR I 93 39.39 12.62 -31.34
CA THR I 93 39.61 14.00 -30.89
C THR I 93 39.88 14.93 -32.06
N PHE I 94 40.73 14.53 -33.00
CA PHE I 94 40.99 15.36 -34.16
C PHE I 94 39.86 15.28 -35.17
N ALA I 95 39.12 14.17 -35.18
CA ALA I 95 38.00 14.03 -36.11
C ALA I 95 36.89 15.02 -35.77
N VAL I 96 36.74 15.36 -34.49
CA VAL I 96 35.77 16.38 -34.09
C VAL I 96 36.18 17.74 -34.65
N LEU I 97 37.46 18.06 -34.59
CA LEU I 97 37.95 19.34 -35.08
C LEU I 97 37.75 19.47 -36.59
N ILE I 98 38.00 18.39 -37.33
CA ILE I 98 37.85 18.42 -38.79
C ILE I 98 36.40 18.68 -39.17
N VAL I 99 35.47 18.01 -38.50
CA VAL I 99 34.05 18.16 -38.83
C VAL I 99 33.57 19.57 -38.48
N MET I 100 34.02 20.11 -37.34
CA MET I 100 33.62 21.46 -36.96
C MET I 100 34.19 22.51 -37.91
N ILE I 101 35.40 22.28 -38.42
CA ILE I 101 35.99 23.22 -39.37
C ILE I 101 35.23 23.23 -40.68
N LEU I 102 34.91 22.04 -41.20
CA LEU I 102 34.18 21.95 -42.47
C LEU I 102 32.76 22.46 -42.34
N GLY I 103 32.21 22.46 -41.12
CA GLY I 103 30.89 23.00 -40.88
C GLY I 103 29.77 22.00 -40.79
N LYS I 104 30.07 20.70 -40.83
CA LYS I 104 29.03 19.69 -40.68
C LYS I 104 28.49 19.70 -39.25
N LYS I 105 27.20 19.44 -39.12
CA LYS I 105 26.56 19.45 -37.81
C LYS I 105 26.97 18.22 -37.01
N ILE I 106 27.29 18.44 -35.73
CA ILE I 106 27.62 17.35 -34.81
C ILE I 106 26.32 16.80 -34.24
N GLY I 107 25.90 15.64 -34.72
CA GLY I 107 24.63 15.07 -34.32
C GLY I 107 24.74 14.29 -33.03
N LEU I 108 23.60 13.70 -32.64
CA LEU I 108 23.58 12.78 -31.51
C LEU I 108 24.37 11.51 -31.82
N LYS I 109 24.30 11.04 -33.07
CA LYS I 109 25.08 9.87 -33.46
C LYS I 109 26.58 10.16 -33.39
N GLU I 110 26.99 11.35 -33.81
CA GLU I 110 28.41 11.71 -33.74
C GLU I 110 28.83 12.03 -32.31
N ARG I 111 27.89 12.42 -31.46
CA ARG I 111 28.21 12.73 -30.08
C ARG I 111 28.39 11.47 -29.23
N MET I 112 27.86 10.34 -29.69
CA MET I 112 28.04 9.09 -28.96
C MET I 112 29.43 8.49 -29.19
N LEU I 113 30.05 8.78 -30.34
CA LEU I 113 31.42 8.36 -30.56
C LEU I 113 32.38 9.10 -29.65
N VAL I 114 32.16 10.40 -29.46
CA VAL I 114 33.01 11.19 -28.59
C VAL I 114 32.86 10.75 -27.14
N GLN I 115 31.64 10.37 -26.75
CA GLN I 115 31.43 9.81 -25.41
C GLN I 115 32.21 8.52 -25.23
N GLU I 116 32.22 7.66 -26.26
CA GLU I 116 32.97 6.40 -26.16
C GLU I 116 34.47 6.63 -26.22
N ALA I 117 34.92 7.64 -26.98
CA ALA I 117 36.35 7.88 -27.15
C ALA I 117 37.00 8.31 -25.84
N LEU I 118 36.34 9.17 -25.07
CA LEU I 118 36.86 9.65 -23.80
C LEU I 118 36.45 8.78 -22.63
N ASN I 119 35.73 7.68 -22.89
CA ASN I 119 35.18 6.80 -21.85
C ASN I 119 34.34 7.57 -20.84
N GLN I 120 33.54 8.49 -21.34
CA GLN I 120 32.68 9.29 -20.48
C GLN I 120 31.38 8.56 -20.24
N PRO I 121 30.81 8.62 -19.03
CA PRO I 121 29.49 8.01 -18.83
C PRO I 121 28.34 8.90 -19.27
N THR I 122 28.61 10.19 -19.49
CA THR I 122 27.58 11.19 -19.77
C THR I 122 27.90 11.91 -21.07
N ILE I 123 26.87 12.31 -21.80
CA ILE I 123 27.07 13.00 -23.04
C ILE I 123 26.96 14.50 -22.85
N GLY I 124 26.78 14.95 -21.61
CA GLY I 124 26.65 16.38 -21.35
C GLY I 124 28.01 17.06 -21.33
N GLY I 125 28.22 17.96 -22.29
CA GLY I 125 29.45 18.71 -22.38
C GLY I 125 30.64 17.96 -22.93
N VAL I 126 30.42 16.79 -23.55
CA VAL I 126 31.53 16.01 -24.06
C VAL I 126 32.17 16.68 -25.28
N ILE I 127 31.37 17.39 -26.07
CA ILE I 127 31.91 18.10 -27.23
C ILE I 127 32.73 19.30 -26.77
N GLY I 128 32.26 20.01 -25.75
CA GLY I 128 33.01 21.14 -25.23
C GLY I 128 34.33 20.76 -24.58
N LEU I 129 34.44 19.52 -24.09
CA LEU I 129 35.71 19.05 -23.54
C LEU I 129 36.76 18.92 -24.62
N VAL I 130 36.35 18.52 -25.83
CA VAL I 130 37.29 18.42 -26.95
C VAL I 130 37.82 19.79 -27.33
N LYS I 131 36.97 20.82 -27.27
CA LYS I 131 37.44 22.18 -27.47
C LYS I 131 38.44 22.58 -26.39
N VAL I 132 38.18 22.18 -25.14
CA VAL I 132 39.08 22.53 -24.04
C VAL I 132 40.39 21.76 -24.15
N LEU I 133 40.30 20.44 -24.40
CA LEU I 133 41.50 19.61 -24.30
C LEU I 133 42.45 19.82 -25.47
N PHE I 134 41.93 20.06 -26.67
CA PHE I 134 42.82 20.29 -27.81
C PHE I 134 43.48 21.66 -27.71
N LEU I 135 42.73 22.67 -27.25
CA LEU I 135 43.30 24.00 -27.07
C LEU I 135 44.41 23.99 -26.03
N PHE I 136 44.20 23.28 -24.92
CA PHE I 136 45.24 23.18 -23.90
C PHE I 136 46.45 22.43 -24.41
N SER I 137 46.25 21.36 -25.18
CA SER I 137 47.35 20.49 -25.59
C SER I 137 48.31 21.20 -26.53
N ILE I 138 47.78 21.94 -27.51
CA ILE I 138 48.64 22.67 -28.43
C ILE I 138 49.31 23.85 -27.72
N SER I 139 48.65 24.39 -26.69
CA SER I 139 49.23 25.50 -25.95
C SER I 139 50.44 25.06 -25.12
N ILE I 140 50.28 23.97 -24.36
CA ILE I 140 51.35 23.53 -23.46
C ILE I 140 52.55 22.95 -24.21
N GLU I 141 52.32 22.26 -25.34
CA GLU I 141 53.45 21.77 -26.13
C GLU I 141 54.22 22.91 -26.77
N LEU I 142 53.54 24.02 -27.08
CA LEU I 142 54.24 25.17 -27.66
C LEU I 142 55.05 25.91 -26.62
N ILE I 143 54.50 26.10 -25.40
CA ILE I 143 55.22 26.80 -24.35
C ILE I 143 56.43 25.97 -23.89
N ALA I 144 56.23 24.67 -23.71
CA ALA I 144 57.30 23.80 -23.20
C ALA I 144 58.45 23.71 -24.18
N ALA I 145 58.19 23.82 -25.48
CA ALA I 145 59.28 23.88 -26.45
C ALA I 145 60.12 25.14 -26.26
N LEU I 146 59.47 26.27 -25.96
CA LEU I 146 60.20 27.50 -25.71
C LEU I 146 61.07 27.41 -24.45
N ILE I 147 60.56 26.74 -23.41
CA ILE I 147 61.36 26.54 -22.20
C ILE I 147 62.55 25.64 -22.48
N LEU I 148 62.34 24.58 -23.28
CA LEU I 148 63.44 23.72 -23.66
C LEU I 148 64.31 24.34 -24.75
N SER I 149 63.85 25.42 -25.38
CA SER I 149 64.64 26.05 -26.43
C SER I 149 65.89 26.71 -25.89
N ILE I 150 65.86 27.17 -24.64
CA ILE I 150 67.00 27.86 -24.06
C ILE I 150 68.17 26.92 -23.77
N ARG I 151 67.95 25.61 -23.85
CA ARG I 151 68.98 24.62 -23.56
C ARG I 151 69.40 23.81 -24.77
N LEU I 152 68.45 23.41 -25.62
CA LEU I 152 68.78 22.57 -26.77
C LEU I 152 69.33 23.36 -27.95
N VAL I 153 69.13 24.67 -27.99
CA VAL I 153 69.60 25.49 -29.10
C VAL I 153 71.10 25.79 -29.00
N PRO I 154 71.66 26.20 -27.86
CA PRO I 154 73.13 26.38 -27.81
C PRO I 154 73.92 25.09 -28.00
N GLN I 155 73.32 23.93 -27.80
CA GLN I 155 74.03 22.67 -27.95
C GLN I 155 73.91 22.07 -29.35
N TYR I 156 72.88 22.42 -30.10
CA TYR I 156 72.63 21.83 -31.42
C TYR I 156 72.33 22.87 -32.48
N GLY I 157 72.65 24.13 -32.23
CA GLY I 157 72.36 25.16 -33.22
C GLY I 157 70.89 25.52 -33.25
N TRP I 158 70.54 26.28 -34.28
CA TRP I 158 69.16 26.73 -34.46
C TRP I 158 68.34 25.79 -35.34
N SER I 159 68.98 25.13 -36.31
CA SER I 159 68.25 24.21 -37.17
C SER I 159 67.83 22.96 -36.42
N SER I 160 68.75 22.36 -35.66
CA SER I 160 68.47 21.11 -34.96
C SER I 160 67.97 21.33 -33.55
N GLY I 161 68.45 22.37 -32.86
CA GLY I 161 68.03 22.61 -31.49
C GLY I 161 66.56 22.98 -31.38
N LEU I 162 66.05 23.76 -32.33
CA LEU I 162 64.64 24.10 -32.32
C LEU I 162 63.78 22.89 -32.64
N PHE I 163 64.25 22.01 -33.51
CA PHE I 163 63.48 20.81 -33.83
C PHE I 163 63.58 19.77 -32.72
N ALA I 164 64.72 19.71 -32.04
CA ALA I 164 64.87 18.78 -30.92
C ALA I 164 63.92 19.12 -29.78
N SER I 165 63.77 20.41 -29.48
CA SER I 165 62.84 20.83 -28.43
C SER I 165 61.39 20.62 -28.87
N LEU I 166 61.10 20.84 -30.15
CA LEU I 166 59.72 20.67 -30.62
C LEU I 166 59.32 19.20 -30.67
N PHE I 167 60.25 18.34 -31.08
CA PHE I 167 59.96 16.90 -31.13
C PHE I 167 59.71 16.34 -29.74
N HIS I 168 60.52 16.75 -28.76
CA HIS I 168 60.40 16.19 -27.42
C HIS I 168 59.21 16.75 -26.65
N ALA I 169 58.84 18.01 -26.91
CA ALA I 169 57.65 18.57 -26.25
C ALA I 169 56.40 17.83 -26.69
N ILE I 170 56.32 17.47 -27.97
CA ILE I 170 55.22 16.63 -28.44
C ILE I 170 55.38 15.21 -27.91
N SER I 171 56.62 14.71 -27.86
CA SER I 171 56.87 13.35 -27.38
C SER I 171 56.58 13.23 -25.90
N ALA I 172 57.06 14.17 -25.09
CA ALA I 172 56.91 14.05 -23.64
C ALA I 172 55.46 14.25 -23.20
N PHE I 173 54.78 15.25 -23.75
CA PHE I 173 53.42 15.53 -23.31
C PHE I 173 52.47 14.38 -23.64
N ASN I 174 52.63 13.78 -24.80
CA ASN I 174 51.73 12.73 -25.26
C ASN I 174 52.08 11.37 -24.70
N ASN I 175 53.11 11.29 -23.83
CA ASN I 175 53.60 10.04 -23.23
C ASN I 175 54.08 9.09 -24.32
N ALA I 176 55.11 9.53 -25.04
CA ALA I 176 55.71 8.76 -26.12
C ALA I 176 57.06 8.17 -25.74
N GLY I 177 58.00 9.00 -25.29
CA GLY I 177 59.32 8.50 -24.97
C GLY I 177 60.25 8.39 -26.15
N PHE I 178 59.80 8.73 -27.35
CA PHE I 178 60.70 8.79 -28.49
C PHE I 178 61.75 9.87 -28.29
N SER I 179 62.98 9.57 -28.69
CA SER I 179 64.09 10.51 -28.55
C SER I 179 64.96 10.46 -29.80
N LEU I 180 65.39 11.63 -30.25
CA LEU I 180 66.25 11.69 -31.42
C LEU I 180 67.65 11.19 -31.12
N TRP I 181 68.13 11.41 -29.91
CA TRP I 181 69.50 11.06 -29.57
C TRP I 181 69.63 9.55 -29.37
N PRO I 182 70.82 8.99 -29.61
CA PRO I 182 71.01 7.55 -29.38
C PRO I 182 70.77 7.13 -27.94
N ASP I 183 71.13 7.98 -26.98
CA ASP I 183 70.81 7.74 -25.58
C ASP I 183 69.54 8.50 -25.24
N ASN I 184 68.49 7.78 -24.86
CA ASN I 184 67.21 8.40 -24.55
C ASN I 184 67.32 9.12 -23.23
N LEU I 185 67.73 10.39 -23.27
CA LEU I 185 67.84 11.27 -22.10
C LEU I 185 68.83 10.75 -21.06
N MET I 186 69.81 9.96 -21.47
CA MET I 186 70.83 9.51 -20.54
C MET I 186 71.98 10.51 -20.42
N SER I 187 72.04 11.51 -21.28
CA SER I 187 73.06 12.55 -21.21
C SER I 187 72.59 13.77 -20.43
N TYR I 188 71.37 13.77 -19.92
CA TYR I 188 70.82 14.86 -19.15
C TYR I 188 70.29 14.35 -17.82
N VAL I 189 71.09 13.55 -17.12
CA VAL I 189 70.66 12.99 -15.83
C VAL I 189 70.54 14.10 -14.79
N GLY I 190 71.56 14.95 -14.70
CA GLY I 190 71.61 15.98 -13.70
C GLY I 190 71.15 17.35 -14.12
N ASP I 191 70.61 17.49 -15.34
CA ASP I 191 70.18 18.80 -15.82
C ASP I 191 68.76 19.07 -15.35
N PRO I 192 68.52 20.09 -14.52
CA PRO I 192 67.16 20.35 -14.04
C PRO I 192 66.22 20.86 -15.11
N THR I 193 66.73 21.52 -16.15
CA THR I 193 65.85 22.07 -17.18
C THR I 193 65.19 20.96 -17.99
N VAL I 194 65.96 19.96 -18.39
CA VAL I 194 65.38 18.83 -19.11
C VAL I 194 64.52 17.98 -18.19
N ASN I 195 64.97 17.77 -16.94
CA ASN I 195 64.23 16.92 -16.01
C ASN I 195 62.91 17.53 -15.62
N LEU I 196 62.92 18.80 -15.16
CA LEU I 196 61.71 19.39 -14.60
C LEU I 196 60.64 19.64 -15.67
N VAL I 197 61.07 20.10 -16.85
CA VAL I 197 60.09 20.44 -17.88
C VAL I 197 59.44 19.19 -18.45
N ILE I 198 60.24 18.16 -18.74
CA ILE I 198 59.70 16.93 -19.31
C ILE I 198 58.83 16.22 -18.28
N THR I 199 59.29 16.13 -17.03
CA THR I 199 58.46 15.53 -15.99
C THR I 199 57.21 16.35 -15.73
N PHE I 200 57.25 17.65 -15.99
CA PHE I 200 56.02 18.43 -15.94
C PHE I 200 55.06 18.03 -17.05
N LEU I 201 55.57 17.64 -18.21
CA LEU I 201 54.70 17.42 -19.36
C LEU I 201 53.95 16.09 -19.26
N PHE I 202 54.64 14.99 -18.99
CA PHE I 202 53.93 13.72 -18.98
C PHE I 202 53.17 13.46 -17.69
N ILE I 203 53.51 14.17 -16.61
CA ILE I 203 52.66 14.11 -15.41
C ILE I 203 51.35 14.84 -15.65
N THR I 204 51.42 16.05 -16.22
CA THR I 204 50.20 16.78 -16.54
C THR I 204 49.50 16.21 -17.77
N GLY I 205 50.25 15.68 -18.72
CA GLY I 205 49.64 15.07 -19.89
C GLY I 205 49.00 13.73 -19.62
N GLY I 206 49.41 13.05 -18.55
CA GLY I 206 48.82 11.78 -18.19
C GLY I 206 47.89 11.87 -17.01
N ILE I 207 47.79 13.04 -16.37
CA ILE I 207 46.93 13.19 -15.20
C ILE I 207 45.45 13.07 -15.57
N GLY I 208 45.10 13.28 -16.83
CA GLY I 208 43.71 13.24 -17.24
C GLY I 208 43.25 14.54 -17.85
N PHE I 209 42.49 14.46 -18.94
CA PHE I 209 41.92 15.66 -19.53
C PHE I 209 40.79 16.21 -18.68
N THR I 210 40.00 15.32 -18.07
CA THR I 210 38.90 15.77 -17.23
C THR I 210 39.41 16.31 -15.89
N VAL I 211 40.56 15.80 -15.43
CA VAL I 211 41.16 16.33 -14.21
C VAL I 211 41.64 17.75 -14.44
N LEU I 212 42.29 18.01 -15.57
CA LEU I 212 42.80 19.35 -15.85
C LEU I 212 41.67 20.35 -16.08
N PHE I 213 40.57 19.90 -16.69
CA PHE I 213 39.39 20.74 -16.81
C PHE I 213 38.79 21.05 -15.44
N ASP I 214 38.78 20.07 -14.54
CA ASP I 214 38.22 20.30 -13.21
C ASP I 214 39.17 21.12 -12.34
N VAL I 215 40.48 21.04 -12.60
CA VAL I 215 41.45 21.82 -11.83
C VAL I 215 41.32 23.30 -12.17
N MET I 216 41.19 23.62 -13.46
CA MET I 216 41.22 25.02 -13.87
C MET I 216 39.93 25.75 -13.50
N LYS I 217 38.77 25.12 -13.71
CA LYS I 217 37.50 25.80 -13.49
C LYS I 217 37.15 25.97 -12.02
N ASN I 218 37.71 25.14 -11.14
CA ASN I 218 37.53 25.26 -9.70
C ASN I 218 38.90 25.29 -9.05
N ARG I 219 39.23 26.40 -8.40
CA ARG I 219 40.58 26.59 -7.86
C ARG I 219 40.72 26.10 -6.44
N ARG I 220 39.71 25.43 -5.89
CA ARG I 220 39.73 24.96 -4.51
C ARG I 220 39.54 23.45 -4.46
N PHE I 221 40.30 22.80 -3.58
CA PHE I 221 40.33 21.34 -3.54
C PHE I 221 39.02 20.76 -3.06
N LYS I 222 38.27 21.49 -2.24
CA LYS I 222 37.00 20.99 -1.73
C LYS I 222 35.91 20.94 -2.79
N THR I 223 36.07 21.70 -3.88
CA THR I 223 35.10 21.69 -4.98
C THR I 223 35.43 20.68 -6.05
N PHE I 224 36.54 19.94 -5.92
CA PHE I 224 36.92 18.96 -6.91
C PHE I 224 35.96 17.78 -6.88
N SER I 225 35.87 17.08 -8.02
CA SER I 225 35.11 15.86 -8.08
C SER I 225 35.85 14.74 -7.37
N LEU I 226 35.18 13.60 -7.21
CA LEU I 226 35.83 12.45 -6.60
C LEU I 226 36.98 11.94 -7.45
N HIS I 227 36.80 11.93 -8.76
CA HIS I 227 37.86 11.49 -9.67
C HIS I 227 39.06 12.42 -9.61
N THR I 228 38.82 13.74 -9.54
CA THR I 228 39.91 14.70 -9.50
C THR I 228 40.68 14.60 -8.19
N LYS I 229 39.99 14.39 -7.07
CA LYS I 229 40.66 14.20 -5.80
C LYS I 229 41.43 12.88 -5.76
N LEU I 230 40.91 11.85 -6.42
CA LEU I 230 41.61 10.57 -6.48
C LEU I 230 42.90 10.68 -7.28
N MET I 231 42.88 11.40 -8.40
CA MET I 231 44.06 11.46 -9.24
C MET I 231 45.15 12.33 -8.63
N LEU I 232 44.77 13.43 -7.97
CA LEU I 232 45.78 14.27 -7.36
C LEU I 232 46.42 13.60 -6.16
N THR I 233 45.63 12.93 -5.33
CA THR I 233 46.19 12.20 -4.20
C THR I 233 46.86 10.90 -4.64
N GLY I 234 46.25 10.20 -5.59
CA GLY I 234 46.82 8.93 -6.03
C GLY I 234 48.16 9.08 -6.72
N THR I 235 48.31 10.10 -7.56
CA THR I 235 49.59 10.35 -8.22
C THR I 235 50.66 10.76 -7.22
N LEU I 236 50.31 11.61 -6.26
CA LEU I 236 51.28 12.07 -5.29
C LEU I 236 51.72 10.94 -4.36
N MET I 237 50.77 10.08 -3.96
CA MET I 237 51.13 8.93 -3.13
C MET I 237 51.98 7.94 -3.89
N LEU I 238 51.65 7.68 -5.16
CA LEU I 238 52.36 6.65 -5.91
C LEU I 238 53.73 7.13 -6.35
N ASN I 239 53.87 8.41 -6.67
CA ASN I 239 55.19 8.93 -7.05
C ASN I 239 56.11 9.05 -5.84
N ALA I 240 55.55 9.19 -4.64
CA ALA I 240 56.38 9.25 -3.44
C ALA I 240 56.93 7.87 -3.08
N ILE I 241 56.10 6.83 -3.17
CA ILE I 241 56.56 5.48 -2.88
C ILE I 241 57.53 5.01 -3.96
N ALA I 242 57.28 5.36 -5.21
CA ALA I 242 58.16 4.95 -6.30
C ALA I 242 59.52 5.64 -6.22
N MET I 243 59.55 6.91 -5.81
CA MET I 243 60.82 7.59 -5.67
C MET I 243 61.63 7.04 -4.50
N LEU I 244 60.95 6.66 -3.42
CA LEU I 244 61.64 6.08 -2.28
C LEU I 244 62.15 4.68 -2.60
N THR I 245 61.43 3.94 -3.43
CA THR I 245 61.83 2.57 -3.73
C THR I 245 63.04 2.52 -4.66
N VAL I 246 63.05 3.35 -5.71
CA VAL I 246 64.15 3.36 -6.66
C VAL I 246 65.42 3.87 -5.99
N PHE I 247 65.30 4.88 -5.12
CA PHE I 247 66.47 5.43 -4.46
C PHE I 247 67.07 4.43 -3.48
N ILE I 248 66.25 3.75 -2.69
CA ILE I 248 66.76 2.82 -1.69
C ILE I 248 67.37 1.59 -2.35
N LEU I 249 66.66 1.01 -3.32
CA LEU I 249 67.10 -0.26 -3.91
C LEU I 249 68.34 -0.09 -4.77
N GLU I 250 68.45 1.03 -5.48
CA GLU I 250 69.53 1.25 -6.44
C GLU I 250 70.61 2.17 -5.91
N TYR I 251 70.64 2.42 -4.60
CA TYR I 251 71.63 3.37 -4.04
C TYR I 251 73.04 2.85 -4.20
N SER I 252 73.27 1.56 -3.94
CA SER I 252 74.59 0.98 -3.99
C SER I 252 74.89 0.23 -5.29
N ASN I 253 73.98 0.29 -6.26
CA ASN I 253 74.20 -0.39 -7.54
C ASN I 253 75.25 0.35 -8.35
N PRO I 254 76.25 -0.33 -8.90
CA PRO I 254 77.29 0.40 -9.65
C PRO I 254 76.84 0.85 -11.03
N GLY I 255 75.98 0.09 -11.72
CA GLY I 255 75.56 0.48 -13.05
C GLY I 255 74.71 1.73 -13.06
N THR I 256 73.75 1.82 -12.13
CA THR I 256 72.85 2.95 -12.05
C THR I 256 72.88 3.52 -10.64
N LEU I 257 72.87 4.85 -10.54
CA LEU I 257 72.73 5.62 -9.30
C LEU I 257 73.89 5.42 -8.34
N GLY I 258 74.98 4.80 -8.76
CA GLY I 258 76.11 4.57 -7.88
C GLY I 258 77.22 5.58 -8.03
N HIS I 259 77.65 5.83 -9.26
CA HIS I 259 78.71 6.81 -9.53
C HIS I 259 78.13 8.19 -9.82
N LEU I 260 77.25 8.65 -8.93
CA LEU I 260 76.58 9.93 -9.09
C LEU I 260 76.62 10.67 -7.76
N HIS I 261 76.53 12.00 -7.86
CA HIS I 261 76.44 12.82 -6.66
C HIS I 261 75.07 12.67 -6.02
N ILE I 262 74.97 13.10 -4.76
CA ILE I 262 73.70 12.98 -4.03
C ILE I 262 72.63 13.84 -4.68
N VAL I 263 73.01 14.98 -5.25
CA VAL I 263 72.06 15.79 -6.00
C VAL I 263 71.59 15.05 -7.25
N ASP I 264 72.52 14.42 -7.99
CA ASP I 264 72.13 13.72 -9.21
C ASP I 264 71.49 12.37 -8.92
N LYS I 265 71.70 11.81 -7.72
CA LYS I 265 70.97 10.62 -7.33
C LYS I 265 69.49 10.93 -7.18
N LEU I 266 69.15 12.09 -6.63
CA LEU I 266 67.75 12.44 -6.42
C LEU I 266 67.07 12.79 -7.72
N TRP I 267 67.82 13.29 -8.71
CA TRP I 267 67.21 13.57 -10.00
C TRP I 267 66.86 12.29 -10.74
N ALA I 268 67.78 11.34 -10.80
CA ALA I 268 67.51 10.08 -11.51
C ALA I 268 66.50 9.23 -10.76
N SER I 269 66.50 9.29 -9.43
CA SER I 269 65.48 8.59 -8.66
C SER I 269 64.10 9.20 -8.88
N TYR I 270 64.03 10.52 -8.96
CA TYR I 270 62.76 11.18 -9.26
C TYR I 270 62.32 10.88 -10.68
N PHE I 271 63.25 10.86 -11.63
CA PHE I 271 62.88 10.67 -13.03
C PHE I 271 62.43 9.24 -13.29
N GLN I 272 63.13 8.25 -12.74
CA GLN I 272 62.78 6.86 -12.98
C GLN I 272 61.53 6.43 -12.24
N ALA I 273 61.06 7.24 -11.30
CA ALA I 273 59.83 6.90 -10.58
C ALA I 273 58.59 7.34 -11.32
N VAL I 274 58.68 8.42 -12.09
CA VAL I 274 57.52 8.96 -12.79
C VAL I 274 57.46 8.51 -14.25
N THR I 275 58.58 8.13 -14.85
CA THR I 275 58.58 7.68 -16.24
C THR I 275 57.86 6.37 -16.53
N PRO I 276 57.70 5.39 -15.62
CA PRO I 276 56.92 4.21 -16.01
C PRO I 276 55.44 4.44 -16.13
N ARG I 277 54.93 5.63 -15.80
CA ARG I 277 53.49 5.92 -15.90
C ARG I 277 53.28 7.20 -16.70
N THR I 278 53.18 7.09 -18.04
CA THR I 278 53.56 5.92 -18.83
C THR I 278 54.46 6.40 -19.97
N ALA I 279 55.41 7.27 -19.65
CA ALA I 279 56.15 7.96 -20.70
C ALA I 279 57.15 7.03 -21.37
N GLY I 280 58.10 6.50 -20.62
CA GLY I 280 59.11 5.65 -21.21
C GLY I 280 60.44 6.31 -21.48
N PHE I 281 60.65 7.54 -21.00
CA PHE I 281 61.99 8.10 -20.99
C PHE I 281 62.82 7.41 -19.90
N ASN I 282 64.11 7.68 -19.92
CA ASN I 282 64.98 7.12 -18.89
C ASN I 282 66.17 8.04 -18.66
N SER I 283 66.76 7.93 -17.48
CA SER I 283 68.04 8.53 -17.19
C SER I 283 69.06 7.52 -16.68
N LEU I 284 68.63 6.31 -16.38
CA LEU I 284 69.50 5.21 -16.01
C LEU I 284 69.20 4.03 -16.92
N ASP I 285 70.20 3.18 -17.12
CA ASP I 285 70.02 2.01 -17.97
C ASP I 285 69.21 0.96 -17.23
N PHE I 286 68.06 0.59 -17.79
CA PHE I 286 67.19 -0.40 -17.15
C PHE I 286 67.73 -1.80 -17.27
N GLY I 287 68.68 -2.04 -18.19
CA GLY I 287 69.29 -3.35 -18.29
C GLY I 287 70.23 -3.69 -17.17
N SER I 288 70.74 -2.68 -16.46
CA SER I 288 71.67 -2.88 -15.36
C SER I 288 71.03 -2.71 -14.00
N MET I 289 69.72 -2.50 -13.93
CA MET I 289 69.04 -2.38 -12.66
C MET I 289 68.93 -3.75 -11.98
N ARG I 290 68.74 -3.71 -10.67
CA ARG I 290 68.53 -4.93 -9.91
C ARG I 290 67.17 -5.54 -10.23
N GLU I 291 67.06 -6.85 -10.02
CA GLU I 291 65.80 -7.53 -10.27
C GLU I 291 64.71 -7.08 -9.31
N GLY I 292 65.09 -6.60 -8.13
CA GLY I 292 64.10 -6.09 -7.19
C GLY I 292 63.44 -4.82 -7.66
N THR I 293 64.22 -3.92 -8.28
CA THR I 293 63.65 -2.67 -8.78
C THR I 293 62.81 -2.90 -10.02
N ILE I 294 63.18 -3.88 -10.85
CA ILE I 294 62.43 -4.17 -12.06
C ILE I 294 61.05 -4.72 -11.72
N VAL I 295 60.96 -5.50 -10.64
CA VAL I 295 59.68 -6.07 -10.23
C VAL I 295 58.71 -4.95 -9.83
N PHE I 296 59.18 -3.96 -9.08
CA PHE I 296 58.30 -2.86 -8.70
C PHE I 296 57.92 -2.00 -9.90
N THR I 297 58.79 -1.91 -10.90
CA THR I 297 58.44 -1.20 -12.12
C THR I 297 57.33 -1.90 -12.88
N LEU I 298 57.19 -3.19 -12.73
CA LEU I 298 56.18 -3.86 -13.49
C LEU I 298 54.86 -3.51 -12.87
N LEU I 299 54.75 -3.54 -11.56
CA LEU I 299 53.52 -3.07 -10.94
C LEU I 299 53.29 -1.61 -11.24
N LEU I 300 54.36 -0.84 -11.37
CA LEU I 300 54.24 0.59 -11.64
C LEU I 300 53.70 0.84 -13.04
N MET I 301 54.20 0.12 -14.04
CA MET I 301 53.76 0.33 -15.42
C MET I 301 52.64 -0.60 -15.85
N PHE I 302 52.16 -1.47 -14.96
CA PHE I 302 50.86 -2.08 -15.19
C PHE I 302 49.74 -1.10 -14.88
N ILE I 303 49.95 -0.24 -13.88
CA ILE I 303 49.07 0.88 -13.56
C ILE I 303 49.42 2.02 -14.51
N GLY I 304 48.42 2.74 -14.97
CA GLY I 304 48.65 3.86 -15.85
C GLY I 304 48.57 5.19 -15.13
N ALA I 305 47.83 6.12 -15.72
CA ALA I 305 47.58 7.42 -15.11
C ALA I 305 46.40 8.04 -15.83
N GLY I 306 45.32 8.28 -15.11
CA GLY I 306 44.23 9.08 -15.64
C GLY I 306 43.31 8.32 -16.58
N SER I 307 42.01 8.41 -16.36
CA SER I 307 41.08 7.61 -17.14
C SER I 307 41.02 8.08 -18.60
N ALA I 308 41.06 9.38 -18.83
CA ALA I 308 41.05 9.96 -20.17
C ALA I 308 42.26 10.88 -20.28
N SER I 309 43.37 10.33 -20.78
CA SER I 309 44.59 11.08 -20.93
C SER I 309 45.37 10.49 -22.11
N THR I 310 46.64 10.84 -22.21
CA THR I 310 47.53 10.29 -23.23
C THR I 310 48.21 9.00 -22.77
N ALA I 311 48.01 8.60 -21.52
CA ALA I 311 48.59 7.39 -20.95
C ALA I 311 47.62 6.23 -21.06
N SER I 312 48.14 5.01 -20.84
CA SER I 312 47.36 3.80 -21.02
C SER I 312 47.72 2.81 -19.91
N GLY I 313 47.35 1.55 -20.13
CA GLY I 313 47.38 0.55 -19.07
C GLY I 313 46.08 0.60 -18.31
N ILE I 314 45.97 -0.24 -17.29
CA ILE I 314 44.86 -0.06 -16.36
C ILE I 314 45.11 1.25 -15.62
N LYS I 315 44.06 2.03 -15.44
CA LYS I 315 44.27 3.38 -14.95
C LYS I 315 44.47 3.37 -13.44
N LEU I 316 44.91 4.51 -12.91
CA LEU I 316 45.14 4.61 -11.48
C LEU I 316 43.83 4.51 -10.71
N THR I 317 42.75 5.07 -11.25
CA THR I 317 41.46 4.99 -10.58
C THR I 317 40.90 3.58 -10.58
N THR I 318 41.20 2.77 -11.60
CA THR I 318 40.85 1.37 -11.58
C THR I 318 41.58 0.65 -10.46
N PHE I 319 42.86 0.95 -10.27
CA PHE I 319 43.65 0.30 -9.23
C PHE I 319 43.15 0.67 -7.84
N ILE I 320 42.82 1.94 -7.62
CA ILE I 320 42.35 2.38 -6.30
C ILE I 320 40.98 1.80 -6.00
N VAL I 321 40.11 1.70 -7.01
CA VAL I 321 38.78 1.15 -6.81
C VAL I 321 38.85 -0.31 -6.37
N ILE I 322 39.68 -1.12 -7.05
CA ILE I 322 39.79 -2.52 -6.71
C ILE I 322 40.49 -2.71 -5.38
N LEU I 323 41.54 -1.92 -5.12
CA LEU I 323 42.26 -2.03 -3.86
C LEU I 323 41.39 -1.65 -2.67
N THR I 324 40.59 -0.59 -2.82
CA THR I 324 39.72 -0.17 -1.73
C THR I 324 38.52 -1.08 -1.57
N SER I 325 38.04 -1.68 -2.66
CA SER I 325 36.91 -2.61 -2.57
C SER I 325 37.31 -3.89 -1.87
N VAL I 326 38.55 -4.35 -2.08
CA VAL I 326 39.02 -5.55 -1.39
C VAL I 326 39.23 -5.27 0.10
N ILE I 327 39.86 -4.14 0.42
CA ILE I 327 40.14 -3.81 1.81
C ILE I 327 38.84 -3.60 2.58
N ALA I 328 37.82 -3.02 1.94
CA ALA I 328 36.52 -2.87 2.58
C ALA I 328 35.89 -4.22 2.88
N TYR I 329 36.06 -5.18 1.96
CA TYR I 329 35.55 -6.53 2.21
C TYR I 329 36.30 -7.20 3.36
N LEU I 330 37.62 -7.05 3.41
CA LEU I 330 38.42 -7.70 4.44
C LEU I 330 38.15 -7.13 5.82
N ARG I 331 37.71 -5.87 5.89
CA ARG I 331 37.35 -5.24 7.15
C ARG I 331 35.87 -5.41 7.50
N GLY I 332 35.12 -6.16 6.71
CA GLY I 332 33.73 -6.41 6.98
C GLY I 332 32.77 -5.34 6.53
N LYS I 333 33.25 -4.27 5.91
CA LYS I 333 32.37 -3.21 5.45
C LYS I 333 31.56 -3.66 4.23
N LYS I 334 30.35 -3.13 4.11
CA LYS I 334 29.46 -3.58 3.04
C LYS I 334 29.48 -2.69 1.80
N GLU I 335 30.29 -1.64 1.81
CA GLU I 335 30.34 -0.75 0.66
C GLU I 335 31.73 -0.14 0.56
N THR I 336 32.06 0.32 -0.64
CA THR I 336 33.36 0.93 -0.93
C THR I 336 33.24 2.43 -0.74
N VAL I 337 34.02 2.98 0.19
CA VAL I 337 33.97 4.39 0.52
C VAL I 337 35.36 4.98 0.33
N ILE I 338 35.49 5.89 -0.63
CA ILE I 338 36.70 6.68 -0.82
C ILE I 338 36.33 8.15 -0.73
N PHE I 339 37.05 8.89 0.12
CA PHE I 339 36.81 10.32 0.34
C PHE I 339 35.36 10.59 0.78
N ARG I 340 34.87 9.74 1.69
CA ARG I 340 33.52 9.85 2.26
C ARG I 340 32.44 9.78 1.17
N ARG I 341 32.71 9.01 0.12
CA ARG I 341 31.77 8.83 -0.98
C ARG I 341 31.62 7.34 -1.25
N SER I 342 30.39 6.86 -1.27
CA SER I 342 30.14 5.48 -1.65
C SER I 342 30.32 5.33 -3.15
N ILE I 343 30.70 4.12 -3.56
CA ILE I 343 30.95 3.81 -4.96
C ILE I 343 30.07 2.62 -5.35
N LYS I 344 29.30 2.78 -6.42
CA LYS I 344 28.25 1.84 -6.76
C LYS I 344 28.82 0.60 -7.44
N TYR I 345 28.00 -0.43 -7.51
CA TYR I 345 28.38 -1.70 -8.15
C TYR I 345 28.79 -1.59 -9.61
N PRO I 346 28.13 -0.81 -10.48
CA PRO I 346 28.62 -0.71 -11.87
C PRO I 346 30.04 -0.19 -11.99
N ILE I 347 30.48 0.68 -11.07
CA ILE I 347 31.86 1.17 -11.11
C ILE I 347 32.83 0.06 -10.77
N ILE I 348 32.46 -0.81 -9.83
CA ILE I 348 33.36 -1.87 -9.38
C ILE I 348 33.53 -2.93 -10.45
N ILE I 349 32.44 -3.31 -11.12
CA ILE I 349 32.52 -4.41 -12.10
C ILE I 349 33.28 -3.97 -13.35
N LYS I 350 33.16 -2.71 -13.75
CA LYS I 350 33.92 -2.25 -14.90
C LYS I 350 35.41 -2.21 -14.60
N ALA I 351 35.77 -1.79 -13.38
CA ALA I 351 37.17 -1.83 -12.97
C ALA I 351 37.68 -3.26 -12.93
N LEU I 352 36.91 -4.24 -12.62
CA LEU I 352 37.46 -5.57 -12.54
C LEU I 352 37.45 -6.15 -13.90
N ALA I 353 36.53 -5.75 -14.76
CA ALA I 353 36.61 -6.26 -16.12
C ALA I 353 37.85 -5.77 -16.85
N VAL I 354 38.25 -4.51 -16.60
CA VAL I 354 39.48 -4.00 -17.20
C VAL I 354 40.69 -4.76 -16.69
N SER I 355 40.73 -5.01 -15.38
CA SER I 355 41.91 -5.62 -14.77
C SER I 355 42.07 -7.07 -15.18
N VAL I 356 40.97 -7.84 -15.20
CA VAL I 356 41.06 -9.26 -15.55
C VAL I 356 41.37 -9.44 -17.03
N THR I 357 40.74 -8.62 -17.89
CA THR I 357 41.03 -8.70 -19.32
C THR I 357 42.47 -8.31 -19.63
N SER I 358 42.99 -7.30 -18.93
CA SER I 358 44.35 -6.86 -19.17
C SER I 358 45.36 -7.91 -18.71
N LEU I 359 45.14 -8.54 -17.57
CA LEU I 359 46.05 -9.57 -17.08
C LEU I 359 46.05 -10.79 -17.99
N PHE I 360 44.89 -11.16 -18.54
CA PHE I 360 44.83 -12.29 -19.45
C PHE I 360 45.58 -12.01 -20.75
N ILE I 361 45.46 -10.78 -21.26
CA ILE I 361 46.13 -10.42 -22.51
C ILE I 361 47.64 -10.30 -22.28
N VAL I 362 48.05 -9.74 -21.14
CA VAL I 362 49.46 -9.71 -20.79
C VAL I 362 50.00 -11.13 -20.62
N PHE I 363 49.20 -12.02 -20.02
CA PHE I 363 49.60 -13.42 -19.89
C PHE I 363 49.77 -14.08 -21.25
N LEU I 364 48.88 -13.75 -22.20
CA LEU I 364 49.03 -14.28 -23.56
C LEU I 364 50.27 -13.73 -24.24
N GLY I 365 50.58 -12.46 -23.99
CA GLY I 365 51.78 -11.87 -24.59
C GLY I 365 53.06 -12.48 -24.05
N ILE I 366 53.12 -12.71 -22.73
CA ILE I 366 54.29 -13.35 -22.14
C ILE I 366 54.39 -14.80 -22.61
N PHE I 367 53.26 -15.49 -22.68
CA PHE I 367 53.26 -16.89 -23.14
C PHE I 367 53.70 -17.00 -24.58
N ALA I 368 53.19 -16.13 -25.46
CA ALA I 368 53.50 -16.25 -26.88
C ALA I 368 54.93 -15.84 -27.19
N LEU I 369 55.50 -14.94 -26.38
CA LEU I 369 56.87 -14.50 -26.64
C LEU I 369 57.89 -15.54 -26.19
N THR I 370 57.61 -16.27 -25.11
CA THR I 370 58.53 -17.32 -24.67
C THR I 370 58.57 -18.47 -25.67
N ILE I 371 57.46 -18.75 -26.35
CA ILE I 371 57.46 -19.71 -27.44
C ILE I 371 58.34 -19.21 -28.58
N THR I 372 58.23 -17.93 -28.91
CA THR I 372 58.90 -17.35 -30.07
C THR I 372 60.34 -16.96 -29.77
N GLU I 373 60.55 -16.08 -28.79
CA GLU I 373 61.86 -15.51 -28.54
C GLU I 373 62.71 -16.41 -27.64
N GLN I 374 64.00 -16.46 -27.94
CA GLN I 374 64.99 -17.10 -27.07
C GLN I 374 65.68 -16.00 -26.28
N ALA I 375 65.02 -15.56 -25.21
CA ALA I 375 65.47 -14.41 -24.45
C ALA I 375 65.30 -14.74 -22.96
N PRO I 376 66.03 -14.04 -22.09
CA PRO I 376 65.79 -14.22 -20.64
C PRO I 376 64.37 -13.84 -20.26
N PHE I 377 63.85 -14.54 -19.26
CA PHE I 377 62.44 -14.43 -18.90
C PHE I 377 62.08 -13.04 -18.39
N LEU I 378 62.95 -12.43 -17.60
CA LEU I 378 62.64 -11.10 -17.05
C LEU I 378 62.57 -10.06 -18.14
N GLN I 379 63.38 -10.19 -19.19
CA GLN I 379 63.30 -9.27 -20.32
C GLN I 379 62.00 -9.45 -21.09
N ILE I 380 61.50 -10.67 -21.19
CA ILE I 380 60.23 -10.91 -21.89
C ILE I 380 59.07 -10.37 -21.07
N VAL I 381 59.10 -10.56 -19.75
CA VAL I 381 58.03 -10.04 -18.90
C VAL I 381 58.06 -8.51 -18.87
N PHE I 382 59.26 -7.92 -18.78
CA PHE I 382 59.38 -6.48 -18.77
C PHE I 382 58.92 -5.87 -20.09
N GLU I 383 59.17 -6.56 -21.20
CA GLU I 383 58.80 -6.03 -22.50
C GLU I 383 57.29 -6.08 -22.72
N THR I 384 56.63 -7.13 -22.24
CA THR I 384 55.19 -7.29 -22.47
C THR I 384 54.38 -6.32 -21.63
N PHE I 385 54.80 -6.08 -20.39
CA PHE I 385 54.14 -5.05 -19.59
C PHE I 385 54.39 -3.67 -20.16
N SER I 386 55.59 -3.43 -20.68
CA SER I 386 55.90 -2.15 -21.31
C SER I 386 55.11 -1.96 -22.59
N ALA I 387 54.96 -3.02 -23.39
CA ALA I 387 54.21 -2.90 -24.63
C ALA I 387 52.71 -2.74 -24.37
N PHE I 388 52.15 -3.56 -23.47
CA PHE I 388 50.74 -3.46 -23.17
C PHE I 388 50.42 -2.16 -22.44
N GLY I 389 51.28 -1.72 -21.54
CA GLY I 389 51.06 -0.47 -20.87
C GLY I 389 51.41 0.74 -21.68
N THR I 390 51.96 0.53 -22.89
CA THR I 390 52.45 1.57 -23.78
C THR I 390 53.39 2.53 -23.04
N VAL I 391 54.39 1.93 -22.39
CA VAL I 391 55.41 2.72 -21.71
C VAL I 391 56.60 2.84 -22.64
N GLY I 392 57.15 1.72 -23.07
CA GLY I 392 58.26 1.72 -23.98
C GLY I 392 59.62 1.49 -23.36
N LEU I 393 59.68 1.30 -22.05
CA LEU I 393 60.95 0.99 -21.41
C LEU I 393 61.42 -0.40 -21.82
N THR I 394 62.74 -0.56 -21.97
CA THR I 394 63.34 -1.79 -22.44
C THR I 394 64.43 -2.25 -21.51
N MET I 395 64.72 -3.55 -21.56
CA MET I 395 65.91 -4.11 -20.96
C MET I 395 66.89 -4.64 -22.01
N GLY I 396 66.58 -4.48 -23.29
CA GLY I 396 67.47 -4.92 -24.35
C GLY I 396 66.91 -6.02 -25.23
N LEU I 397 65.59 -6.03 -25.41
CA LEU I 397 64.93 -7.07 -26.19
C LEU I 397 64.38 -6.59 -27.53
N THR I 398 63.88 -5.35 -27.60
CA THR I 398 63.24 -4.87 -28.82
C THR I 398 64.13 -4.89 -30.06
N PRO I 399 65.41 -4.48 -30.00
CA PRO I 399 66.28 -4.71 -31.19
C PRO I 399 66.52 -6.17 -31.50
N GLU I 400 66.35 -7.07 -30.54
CA GLU I 400 66.68 -8.49 -30.71
C GLU I 400 65.46 -9.34 -31.06
N LEU I 401 64.29 -8.75 -31.27
CA LEU I 401 63.10 -9.51 -31.58
C LEU I 401 63.19 -10.12 -32.97
N THR I 402 62.54 -11.26 -33.15
CA THR I 402 62.40 -11.86 -34.47
C THR I 402 61.23 -11.23 -35.20
N THR I 403 61.05 -11.62 -36.47
CA THR I 403 59.94 -11.09 -37.25
C THR I 403 58.60 -11.54 -36.71
N ALA I 404 58.54 -12.76 -36.16
CA ALA I 404 57.32 -13.21 -35.48
C ALA I 404 57.18 -12.56 -34.11
N GLY I 405 58.29 -12.30 -33.43
CA GLY I 405 58.22 -11.64 -32.14
C GLY I 405 57.73 -10.22 -32.22
N LYS I 406 58.12 -9.50 -33.28
CA LYS I 406 57.66 -8.12 -33.46
C LYS I 406 56.17 -8.07 -33.75
N CYS I 407 55.64 -9.05 -34.46
CA CYS I 407 54.22 -9.06 -34.80
C CYS I 407 53.35 -9.26 -33.56
N ILE I 408 53.87 -9.95 -32.54
CA ILE I 408 53.13 -10.10 -31.29
C ILE I 408 53.08 -8.77 -30.55
N ILE I 409 54.19 -8.04 -30.53
CA ILE I 409 54.26 -6.77 -29.80
C ILE I 409 53.33 -5.74 -30.41
N ILE I 410 53.19 -5.74 -31.74
CA ILE I 410 52.29 -4.80 -32.41
C ILE I 410 50.84 -5.06 -32.01
N VAL I 411 50.46 -6.34 -31.92
CA VAL I 411 49.11 -6.68 -31.46
C VAL I 411 48.94 -6.29 -30.00
N ILE I 412 49.97 -6.48 -29.18
CA ILE I 412 49.90 -6.12 -27.77
C ILE I 412 49.77 -4.61 -27.61
N MET I 413 50.57 -3.84 -28.37
CA MET I 413 50.51 -2.38 -28.28
C MET I 413 49.17 -1.85 -28.78
N PHE I 414 48.59 -2.51 -29.79
CA PHE I 414 47.30 -2.09 -30.31
C PHE I 414 46.22 -2.21 -29.24
N ILE I 415 46.12 -3.38 -28.60
CA ILE I 415 45.10 -3.60 -27.58
C ILE I 415 45.39 -2.77 -26.34
N GLY I 416 46.68 -2.54 -26.04
CA GLY I 416 47.02 -1.78 -24.85
C GLY I 416 46.61 -0.32 -24.94
N ARG I 417 46.83 0.31 -26.09
CA ARG I 417 46.45 1.71 -26.24
C ARG I 417 44.94 1.85 -26.42
N ILE I 418 44.34 1.00 -27.24
CA ILE I 418 42.91 1.11 -27.50
C ILE I 418 42.08 0.71 -26.30
N GLY I 419 42.67 0.04 -25.32
CA GLY I 419 41.94 -0.43 -24.18
C GLY I 419 41.45 -1.84 -24.39
N PRO I 420 41.58 -2.70 -23.38
CA PRO I 420 41.08 -4.07 -23.52
C PRO I 420 39.57 -4.16 -23.70
N LEU I 421 38.80 -3.26 -23.09
CA LEU I 421 37.35 -3.37 -23.16
C LEU I 421 36.82 -2.96 -24.52
N THR I 422 37.34 -1.86 -25.08
CA THR I 422 36.84 -1.39 -26.38
C THR I 422 37.22 -2.35 -27.49
N PHE I 423 38.38 -2.99 -27.40
CA PHE I 423 38.77 -3.98 -28.39
C PHE I 423 37.84 -5.19 -28.36
N VAL I 424 37.45 -5.64 -27.17
CA VAL I 424 36.55 -6.77 -27.05
C VAL I 424 35.14 -6.41 -27.51
N PHE I 425 34.69 -5.20 -27.17
CA PHE I 425 33.35 -4.76 -27.54
C PHE I 425 33.16 -4.64 -29.05
N SER I 426 34.26 -4.61 -29.82
CA SER I 426 34.15 -4.58 -31.27
C SER I 426 33.54 -5.87 -31.82
N PHE I 427 33.96 -7.02 -31.31
CA PHE I 427 33.57 -8.30 -31.89
C PHE I 427 32.80 -9.18 -30.91
N ALA I 428 32.30 -8.61 -29.82
CA ALA I 428 31.51 -9.35 -28.85
C ALA I 428 30.03 -9.01 -29.05
N LYS I 429 29.22 -10.05 -29.24
CA LYS I 429 27.80 -9.84 -29.47
C LYS I 429 27.11 -9.30 -28.22
N THR I 430 26.26 -8.31 -28.42
CA THR I 430 25.53 -7.67 -27.35
C THR I 430 24.07 -8.05 -27.45
N GLU I 431 23.71 -9.18 -26.87
CA GLU I 431 22.35 -9.69 -26.89
C GLU I 431 21.72 -9.47 -25.52
N GLN I 432 20.58 -8.80 -25.50
CA GLN I 432 19.89 -8.46 -24.26
C GLN I 432 18.74 -9.43 -24.06
N SER I 433 18.76 -10.15 -22.93
CA SER I 433 17.69 -11.04 -22.53
C SER I 433 17.19 -10.61 -21.17
N ASN I 434 15.89 -10.40 -21.06
CA ASN I 434 15.28 -9.97 -19.81
C ASN I 434 15.02 -11.11 -18.84
N ILE I 435 15.28 -12.34 -19.25
CA ILE I 435 15.00 -13.50 -18.40
C ILE I 435 16.08 -13.63 -17.34
N ARG I 436 15.71 -14.23 -16.22
CA ARG I 436 16.60 -14.44 -15.09
C ARG I 436 16.58 -15.91 -14.71
N TYR I 437 17.47 -16.30 -13.82
CA TYR I 437 17.66 -17.70 -13.49
C TYR I 437 17.66 -17.89 -11.99
N PRO I 438 17.30 -19.08 -11.50
CA PRO I 438 17.34 -19.35 -10.07
C PRO I 438 18.77 -19.38 -9.55
N ASP I 439 18.92 -19.02 -8.28
CA ASP I 439 20.23 -18.90 -7.67
C ASP I 439 20.88 -20.26 -7.46
N GLY I 440 22.16 -20.35 -7.77
CA GLY I 440 22.96 -21.53 -7.48
C GLY I 440 24.07 -21.17 -6.52
N GLU I 441 24.32 -22.06 -5.56
CA GLU I 441 25.32 -21.83 -4.52
C GLU I 441 26.62 -22.52 -4.92
N VAL I 442 27.72 -21.75 -4.94
CA VAL I 442 29.05 -22.27 -5.23
C VAL I 442 29.99 -21.79 -4.13
N PHE I 443 30.92 -22.62 -3.70
CA PHE I 443 31.91 -22.25 -2.68
C PHE I 443 33.17 -21.76 -3.37
N THR I 444 33.59 -20.54 -3.04
CA THR I 444 34.70 -19.87 -3.72
C THR I 444 35.86 -19.62 -2.76
N GLY I 445 36.19 -20.60 -1.94
CA GLY I 445 37.30 -20.48 -1.01
C GLY I 445 38.66 -20.41 -1.70
N THR J 15 36.99 -14.68 15.79
CA THR J 15 37.58 -15.73 16.63
C THR J 15 37.55 -17.15 16.02
N PRO J 16 36.52 -17.52 15.25
CA PRO J 16 36.64 -18.74 14.44
C PRO J 16 37.80 -18.70 13.46
N PRO J 17 38.11 -17.55 12.82
CA PRO J 17 39.35 -17.55 12.02
C PRO J 17 40.60 -17.41 12.86
N GLN J 18 40.49 -16.88 14.08
CA GLN J 18 41.67 -16.69 14.91
C GLN J 18 42.13 -18.01 15.53
N VAL J 19 41.19 -18.92 15.81
CA VAL J 19 41.56 -20.22 16.36
C VAL J 19 42.31 -21.05 15.32
N LEU J 20 41.87 -20.98 14.05
CA LEU J 20 42.53 -21.75 13.00
C LEU J 20 43.97 -21.31 12.79
N ALA J 21 44.22 -20.00 12.77
CA ALA J 21 45.57 -19.51 12.58
C ALA J 21 46.48 -19.88 13.74
N ILE J 22 45.97 -19.81 14.97
CA ILE J 22 46.77 -20.15 16.14
C ILE J 22 47.02 -21.66 16.19
N GLY J 23 45.98 -22.45 15.93
CA GLY J 23 46.13 -23.89 15.97
C GLY J 23 47.03 -24.42 14.85
N PHE J 24 46.96 -23.79 13.68
CA PHE J 24 47.82 -24.20 12.57
C PHE J 24 49.27 -23.84 12.84
N PHE J 25 49.49 -22.75 13.58
CA PHE J 25 50.85 -22.34 13.90
C PHE J 25 51.45 -23.22 14.98
N LEU J 26 50.62 -23.77 15.87
CA LEU J 26 51.14 -24.61 16.95
C LEU J 26 51.62 -25.95 16.42
N THR J 27 50.98 -26.49 15.39
CA THR J 27 51.41 -27.75 14.81
C THR J 27 52.76 -27.60 14.10
N ILE J 28 53.05 -26.41 13.60
CA ILE J 28 54.37 -26.14 13.03
C ILE J 28 55.44 -26.19 14.12
N ILE J 29 55.13 -25.65 15.29
CA ILE J 29 56.07 -25.66 16.41
C ILE J 29 56.26 -27.08 16.92
N ILE J 30 55.18 -27.84 17.06
CA ILE J 30 55.25 -29.20 17.57
C ILE J 30 56.04 -30.10 16.62
N GLY J 31 55.76 -30.00 15.32
CA GLY J 31 56.49 -30.79 14.35
C GLY J 31 57.96 -30.41 14.27
N ALA J 32 58.26 -29.12 14.42
CA ALA J 32 59.65 -28.68 14.38
C ALA J 32 60.44 -29.21 15.56
N VAL J 33 59.81 -29.32 16.73
CA VAL J 33 60.46 -29.92 17.89
C VAL J 33 60.70 -31.41 17.66
N LEU J 34 59.69 -32.12 17.15
CA LEU J 34 59.81 -33.56 16.96
C LEU J 34 60.84 -33.89 15.89
N LEU J 35 60.94 -33.07 14.85
CA LEU J 35 61.93 -33.34 13.80
C LEU J 35 63.34 -33.00 14.26
N MET J 36 63.48 -32.08 15.20
CA MET J 36 64.80 -31.65 15.65
C MET J 36 65.37 -32.53 16.75
N LEU J 37 64.61 -33.53 17.21
CA LEU J 37 65.15 -34.48 18.17
C LEU J 37 66.20 -35.36 17.50
N PRO J 38 67.22 -35.81 18.26
CA PRO J 38 68.24 -36.70 17.67
C PRO J 38 67.68 -38.02 17.15
N ILE J 39 66.57 -38.48 17.74
CA ILE J 39 65.96 -39.74 17.36
C ILE J 39 65.40 -39.72 15.94
N SER J 40 64.84 -38.59 15.51
CA SER J 40 64.07 -38.52 14.28
C SER J 40 64.90 -38.19 13.06
N THR J 41 66.22 -38.02 13.19
CA THR J 41 67.04 -37.69 12.04
C THR J 41 68.38 -38.42 12.12
N THR J 42 68.96 -38.67 10.95
CA THR J 42 70.26 -39.35 10.87
C THR J 42 71.43 -38.37 10.78
N LYS J 43 71.18 -37.14 10.37
CA LYS J 43 72.20 -36.12 10.17
C LYS J 43 71.82 -34.88 10.95
N PRO J 44 72.80 -34.05 11.33
CA PRO J 44 72.47 -32.79 12.01
C PRO J 44 71.60 -31.90 11.14
N LEU J 45 70.64 -31.24 11.78
CA LEU J 45 69.64 -30.44 11.08
C LEU J 45 69.58 -29.05 11.70
N SER J 46 69.51 -28.04 10.83
CA SER J 46 69.44 -26.66 11.29
C SER J 46 68.08 -26.37 11.91
N TRP J 47 68.03 -25.30 12.71
CA TRP J 47 66.76 -24.91 13.32
C TRP J 47 65.78 -24.38 12.28
N ILE J 48 66.29 -23.84 11.17
CA ILE J 48 65.42 -23.33 10.12
C ILE J 48 65.00 -24.46 9.18
N ASP J 49 65.90 -25.39 8.90
CA ASP J 49 65.57 -26.50 8.01
C ASP J 49 64.58 -27.46 8.67
N ALA J 50 64.69 -27.63 9.99
CA ALA J 50 63.68 -28.42 10.71
C ALA J 50 62.35 -27.70 10.76
N LEU J 51 62.37 -26.37 10.90
CA LEU J 51 61.14 -25.60 10.86
C LEU J 51 60.55 -25.55 9.45
N PHE J 52 61.41 -25.46 8.44
CA PHE J 52 60.94 -25.47 7.06
C PHE J 52 60.32 -26.81 6.69
N THR J 53 60.97 -27.91 7.09
CA THR J 53 60.44 -29.23 6.78
C THR J 53 59.13 -29.49 7.50
N ALA J 54 59.02 -29.04 8.76
CA ALA J 54 57.77 -29.19 9.49
C ALA J 54 56.67 -28.34 8.88
N ALA J 55 56.98 -27.09 8.52
CA ALA J 55 55.98 -26.20 7.94
C ALA J 55 55.59 -26.65 6.53
N SER J 56 56.54 -27.20 5.77
CA SER J 56 56.23 -27.72 4.45
C SER J 56 55.39 -28.98 4.50
N ALA J 57 55.24 -29.60 5.67
CA ALA J 57 54.43 -30.80 5.84
C ALA J 57 53.02 -30.49 6.32
N THR J 58 52.86 -29.67 7.35
CA THR J 58 51.53 -29.33 7.82
C THR J 58 50.80 -28.38 6.87
N THR J 59 51.52 -27.48 6.20
CA THR J 59 50.91 -26.72 5.11
C THR J 59 50.78 -27.56 3.85
N VAL J 60 51.34 -28.77 3.84
CA VAL J 60 51.20 -29.78 2.81
C VAL J 60 51.63 -29.21 1.46
N THR J 61 52.91 -28.85 1.38
CA THR J 61 53.49 -28.30 0.16
C THR J 61 54.42 -29.28 -0.54
N GLY J 62 55.42 -29.80 0.16
CA GLY J 62 56.38 -30.69 -0.45
C GLY J 62 57.69 -30.07 -0.81
N LEU J 63 57.91 -28.80 -0.48
CA LEU J 63 59.21 -28.18 -0.68
C LEU J 63 60.19 -28.77 0.32
N ALA J 64 61.23 -29.42 -0.19
CA ALA J 64 62.20 -30.14 0.64
C ALA J 64 63.57 -29.52 0.46
N VAL J 65 64.04 -28.80 1.47
CA VAL J 65 65.43 -28.35 1.49
C VAL J 65 66.36 -29.55 1.58
N VAL J 66 66.02 -30.51 2.45
CA VAL J 66 66.80 -31.72 2.62
C VAL J 66 65.98 -32.91 2.10
N ASP J 67 66.68 -33.96 1.69
CA ASP J 67 66.02 -35.15 1.20
C ASP J 67 65.36 -35.89 2.35
N THR J 68 64.09 -36.26 2.17
CA THR J 68 63.34 -36.91 3.24
C THR J 68 63.89 -38.30 3.55
N GLY J 69 64.29 -39.03 2.51
CA GLY J 69 64.68 -40.42 2.70
C GLY J 69 65.94 -40.60 3.53
N THR J 70 66.92 -39.72 3.34
CA THR J 70 68.21 -39.88 4.01
C THR J 70 68.31 -39.08 5.30
N GLN J 71 67.76 -37.88 5.33
CA GLN J 71 67.95 -37.00 6.48
C GLN J 71 67.19 -37.51 7.70
N PHE J 72 66.06 -38.18 7.49
CA PHE J 72 65.18 -38.58 8.58
C PHE J 72 65.18 -40.10 8.74
N THR J 73 64.96 -40.54 9.98
CA THR J 73 64.86 -41.94 10.31
C THR J 73 63.45 -42.44 10.01
N VAL J 74 63.14 -43.67 10.41
CA VAL J 74 61.79 -44.18 10.25
C VAL J 74 60.83 -43.45 11.18
N PHE J 75 61.29 -43.11 12.38
CA PHE J 75 60.46 -42.31 13.28
C PHE J 75 60.29 -40.89 12.76
N GLY J 76 61.34 -40.33 12.14
CA GLY J 76 61.23 -39.00 11.59
C GLY J 76 60.25 -38.93 10.43
N GLN J 77 60.28 -39.93 9.55
CA GLN J 77 59.29 -40.02 8.48
C GLN J 77 57.91 -40.35 9.01
N THR J 78 57.81 -40.97 10.19
CA THR J 78 56.51 -41.19 10.81
C THR J 78 55.93 -39.88 11.33
N VAL J 79 56.79 -38.97 11.79
CA VAL J 79 56.33 -37.64 12.17
C VAL J 79 55.82 -36.87 10.95
N ILE J 80 56.50 -37.03 9.81
CA ILE J 80 56.10 -36.35 8.60
C ILE J 80 54.71 -36.80 8.15
N MET J 81 54.46 -38.11 8.21
CA MET J 81 53.14 -38.63 7.86
C MET J 81 52.07 -38.12 8.82
N GLY J 82 52.43 -37.92 10.09
CA GLY J 82 51.49 -37.31 11.03
C GLY J 82 51.20 -35.87 10.68
N LEU J 83 52.22 -35.12 10.26
CA LEU J 83 52.03 -33.72 9.89
C LEU J 83 51.25 -33.60 8.58
N ILE J 84 51.49 -34.50 7.63
CA ILE J 84 50.79 -34.45 6.36
C ILE J 84 49.31 -34.76 6.55
N GLN J 85 49.01 -35.80 7.35
CA GLN J 85 47.62 -36.19 7.57
C GLN J 85 46.85 -35.15 8.38
N ILE J 86 47.49 -34.56 9.40
CA ILE J 86 46.83 -33.53 10.20
C ILE J 86 46.58 -32.27 9.37
N GLY J 87 47.61 -31.81 8.67
CA GLY J 87 47.47 -30.57 7.92
C GLY J 87 46.75 -30.76 6.60
N GLY J 88 46.77 -31.97 6.04
CA GLY J 88 46.04 -32.23 4.82
C GLY J 88 44.54 -32.21 5.01
N LEU J 89 44.05 -32.90 6.05
CA LEU J 89 42.62 -32.93 6.34
C LEU J 89 42.16 -31.73 7.16
N GLY J 90 43.08 -30.95 7.71
CA GLY J 90 42.73 -29.80 8.50
C GLY J 90 42.93 -30.04 9.99
N PHE J 91 43.23 -28.96 10.69
CA PHE J 91 43.44 -29.04 12.13
C PHE J 91 42.15 -29.34 12.87
N MET J 92 41.04 -28.72 12.47
CA MET J 92 39.78 -28.87 13.18
C MET J 92 39.06 -30.16 12.86
N THR J 93 39.44 -30.87 11.80
CA THR J 93 38.82 -32.16 11.51
C THR J 93 39.19 -33.18 12.58
N PHE J 94 40.47 -33.26 12.94
CA PHE J 94 40.89 -34.21 13.95
C PHE J 94 40.48 -33.76 15.35
N ALA J 95 40.33 -32.45 15.54
CA ALA J 95 39.91 -31.94 16.84
C ALA J 95 38.51 -32.39 17.19
N VAL J 96 37.61 -32.40 16.20
CA VAL J 96 36.24 -32.88 16.44
C VAL J 96 36.24 -34.38 16.74
N LEU J 97 37.04 -35.15 16.00
CA LEU J 97 37.09 -36.59 16.20
C LEU J 97 37.65 -36.95 17.56
N ILE J 98 38.64 -36.18 18.05
CA ILE J 98 39.12 -36.36 19.41
C ILE J 98 38.01 -36.09 20.41
N VAL J 99 37.24 -35.03 20.18
CA VAL J 99 36.13 -34.70 21.07
C VAL J 99 35.06 -35.79 21.02
N MET J 100 34.74 -36.29 19.82
CA MET J 100 33.73 -37.34 19.70
C MET J 100 34.20 -38.66 20.29
N ILE J 101 35.50 -38.96 20.15
CA ILE J 101 36.04 -40.18 20.76
C ILE J 101 35.98 -40.09 22.28
N LEU J 102 36.33 -38.93 22.84
CA LEU J 102 36.26 -38.75 24.29
C LEU J 102 34.83 -38.70 24.78
N GLY J 103 33.88 -38.56 23.87
CA GLY J 103 32.46 -38.54 24.22
C GLY J 103 31.89 -37.19 24.52
N LYS J 104 32.70 -36.13 24.44
CA LYS J 104 32.20 -34.79 24.73
C LYS J 104 31.25 -34.32 23.64
N LYS J 105 30.23 -33.58 24.03
CA LYS J 105 29.21 -33.12 23.09
C LYS J 105 29.76 -32.00 22.21
N ILE J 106 29.26 -31.93 20.99
CA ILE J 106 29.65 -30.88 20.06
C ILE J 106 28.67 -29.72 20.21
N GLY J 107 29.17 -28.59 20.71
CA GLY J 107 28.34 -27.42 20.90
C GLY J 107 28.20 -26.60 19.64
N LEU J 108 27.44 -25.52 19.75
CA LEU J 108 27.28 -24.59 18.63
C LEU J 108 28.58 -23.86 18.35
N LYS J 109 29.33 -23.51 19.41
CA LYS J 109 30.61 -22.82 19.22
C LYS J 109 31.62 -23.72 18.52
N GLU J 110 31.68 -24.99 18.91
CA GLU J 110 32.61 -25.92 18.27
C GLU J 110 32.14 -26.30 16.87
N ARG J 111 30.83 -26.19 16.59
CA ARG J 111 30.33 -26.45 15.26
C ARG J 111 30.58 -25.28 14.32
N MET J 112 30.77 -24.07 14.87
CA MET J 112 31.09 -22.92 14.04
C MET J 112 32.52 -22.95 13.54
N LEU J 113 33.43 -23.56 14.30
CA LEU J 113 34.81 -23.68 13.88
C LEU J 113 34.93 -24.59 12.65
N VAL J 114 34.13 -25.66 12.61
CA VAL J 114 34.15 -26.58 11.47
C VAL J 114 33.60 -25.91 10.23
N GLN J 115 32.58 -25.08 10.39
CA GLN J 115 32.03 -24.34 9.26
C GLN J 115 33.06 -23.39 8.66
N GLU J 116 33.88 -22.77 9.52
CA GLU J 116 34.93 -21.88 9.03
C GLU J 116 36.04 -22.67 8.34
N ALA J 117 36.42 -23.82 8.90
CA ALA J 117 37.53 -24.59 8.35
C ALA J 117 37.18 -25.24 7.02
N LEU J 118 35.94 -25.72 6.88
CA LEU J 118 35.50 -26.37 5.65
C LEU J 118 34.96 -25.36 4.63
N ASN J 119 34.99 -24.07 4.94
CA ASN J 119 34.52 -23.00 4.06
C ASN J 119 33.06 -23.22 3.67
N GLN J 120 32.28 -23.73 4.62
CA GLN J 120 30.87 -23.95 4.31
C GLN J 120 30.07 -22.68 4.62
N PRO J 121 28.97 -22.44 3.89
CA PRO J 121 28.18 -21.23 4.19
C PRO J 121 27.19 -21.43 5.32
N THR J 122 26.80 -22.66 5.60
CA THR J 122 25.78 -22.96 6.60
C THR J 122 26.29 -24.05 7.53
N ILE J 123 25.68 -24.22 8.68
CA ILE J 123 26.14 -25.19 9.63
C ILE J 123 25.27 -26.43 9.55
N GLY J 124 24.49 -26.54 8.49
CA GLY J 124 23.64 -27.71 8.34
C GLY J 124 24.45 -28.93 7.93
N GLY J 125 24.58 -29.88 8.85
CA GLY J 125 25.32 -31.10 8.56
C GLY J 125 26.80 -30.89 8.35
N VAL J 126 27.47 -30.10 9.17
CA VAL J 126 28.88 -29.83 9.01
C VAL J 126 29.67 -30.79 9.85
N ILE J 127 29.05 -31.44 10.82
CA ILE J 127 29.73 -32.49 11.57
C ILE J 127 29.62 -33.85 10.90
N GLY J 128 28.46 -34.14 10.30
CA GLY J 128 28.31 -35.36 9.52
C GLY J 128 29.22 -35.42 8.31
N LEU J 129 29.63 -34.26 7.78
CA LEU J 129 30.61 -34.25 6.70
C LEU J 129 31.99 -34.64 7.21
N VAL J 130 32.30 -34.29 8.47
CA VAL J 130 33.60 -34.64 9.04
C VAL J 130 33.73 -36.15 9.21
N LYS J 131 32.67 -36.82 9.65
CA LYS J 131 32.70 -38.27 9.77
C LYS J 131 32.90 -38.93 8.41
N VAL J 132 32.24 -38.40 7.38
CA VAL J 132 32.37 -38.99 6.05
C VAL J 132 33.77 -38.76 5.49
N LEU J 133 34.29 -37.53 5.61
CA LEU J 133 35.58 -37.22 5.01
C LEU J 133 36.72 -37.93 5.73
N PHE J 134 36.60 -38.16 7.04
CA PHE J 134 37.63 -38.91 7.72
C PHE J 134 37.55 -40.40 7.40
N LEU J 135 36.33 -40.95 7.35
CA LEU J 135 36.18 -42.35 6.98
C LEU J 135 36.61 -42.59 5.53
N PHE J 136 36.28 -41.67 4.64
CA PHE J 136 36.69 -41.81 3.25
C PHE J 136 38.21 -41.66 3.09
N SER J 137 38.84 -40.82 3.92
CA SER J 137 40.27 -40.60 3.80
C SER J 137 41.05 -41.86 4.14
N ILE J 138 40.76 -42.46 5.31
CA ILE J 138 41.52 -43.63 5.74
C ILE J 138 41.12 -44.87 4.96
N SER J 139 39.92 -44.87 4.37
CA SER J 139 39.52 -46.01 3.55
C SER J 139 40.30 -46.06 2.25
N ILE J 140 40.41 -44.92 1.56
CA ILE J 140 41.09 -44.88 0.27
C ILE J 140 42.60 -44.82 0.41
N GLU J 141 43.11 -44.34 1.55
CA GLU J 141 44.55 -44.41 1.80
C GLU J 141 44.99 -45.82 2.14
N LEU J 142 44.10 -46.61 2.76
CA LEU J 142 44.44 -48.00 3.06
C LEU J 142 44.37 -48.86 1.80
N ILE J 143 43.36 -48.63 0.95
CA ILE J 143 43.22 -49.41 -0.27
C ILE J 143 44.36 -49.12 -1.23
N ALA J 144 44.69 -47.84 -1.43
CA ALA J 144 45.74 -47.47 -2.37
C ALA J 144 47.11 -47.91 -1.89
N ALA J 145 47.31 -48.00 -0.58
CA ALA J 145 48.57 -48.51 -0.06
C ALA J 145 48.73 -49.99 -0.38
N LEU J 146 47.61 -50.72 -0.46
CA LEU J 146 47.67 -52.13 -0.83
C LEU J 146 47.94 -52.28 -2.33
N ILE J 147 47.35 -51.42 -3.16
CA ILE J 147 47.58 -51.49 -4.59
C ILE J 147 49.02 -51.09 -4.92
N LEU J 148 49.56 -50.10 -4.22
CA LEU J 148 50.96 -49.76 -4.39
C LEU J 148 51.88 -50.85 -3.84
N SER J 149 51.42 -51.65 -2.88
CA SER J 149 52.26 -52.69 -2.32
C SER J 149 52.54 -53.81 -3.32
N ILE J 150 51.59 -54.10 -4.22
CA ILE J 150 51.80 -55.16 -5.21
C ILE J 150 52.89 -54.81 -6.21
N ARG J 151 53.32 -53.55 -6.26
CA ARG J 151 54.45 -53.11 -7.08
C ARG J 151 55.67 -52.75 -6.25
N LEU J 152 55.49 -52.03 -5.14
CA LEU J 152 56.63 -51.54 -4.37
C LEU J 152 57.31 -52.61 -3.54
N VAL J 153 56.56 -53.54 -2.95
CA VAL J 153 57.11 -54.56 -2.04
C VAL J 153 58.12 -55.47 -2.74
N PRO J 154 57.87 -56.01 -3.96
CA PRO J 154 58.91 -56.82 -4.61
C PRO J 154 60.18 -56.05 -4.94
N GLN J 155 60.15 -54.72 -4.96
CA GLN J 155 61.33 -53.94 -5.29
C GLN J 155 62.13 -53.51 -4.06
N TYR J 156 61.47 -53.29 -2.93
CA TYR J 156 62.16 -52.78 -1.74
C TYR J 156 61.91 -53.65 -0.51
N GLY J 157 61.44 -54.87 -0.69
CA GLY J 157 61.24 -55.74 0.44
C GLY J 157 59.94 -55.46 1.19
N TRP J 158 59.89 -55.96 2.41
CA TRP J 158 58.69 -55.87 3.22
C TRP J 158 58.72 -54.72 4.23
N SER J 159 59.86 -54.47 4.85
CA SER J 159 59.95 -53.37 5.81
C SER J 159 59.90 -52.03 5.09
N SER J 160 60.53 -51.93 3.93
CA SER J 160 60.58 -50.69 3.17
C SER J 160 59.49 -50.59 2.11
N GLY J 161 59.15 -51.71 1.46
CA GLY J 161 58.14 -51.65 0.42
C GLY J 161 56.75 -51.33 0.97
N LEU J 162 56.40 -51.91 2.11
CA LEU J 162 55.10 -51.62 2.72
C LEU J 162 55.06 -50.21 3.28
N PHE J 163 56.18 -49.74 3.83
CA PHE J 163 56.21 -48.39 4.40
C PHE J 163 56.18 -47.33 3.31
N ALA J 164 56.94 -47.53 2.23
CA ALA J 164 56.98 -46.55 1.16
C ALA J 164 55.63 -46.43 0.47
N SER J 165 54.93 -47.55 0.29
CA SER J 165 53.57 -47.49 -0.25
C SER J 165 52.63 -46.77 0.70
N LEU J 166 52.80 -46.99 2.01
CA LEU J 166 51.97 -46.29 2.99
C LEU J 166 52.29 -44.80 3.02
N PHE J 167 53.58 -44.44 2.92
CA PHE J 167 53.95 -43.04 2.93
C PHE J 167 53.42 -42.30 1.72
N HIS J 168 53.49 -42.93 0.53
CA HIS J 168 53.10 -42.24 -0.69
C HIS J 168 51.59 -42.16 -0.86
N ALA J 169 50.86 -43.16 -0.39
CA ALA J 169 49.39 -43.11 -0.48
C ALA J 169 48.82 -41.99 0.37
N ILE J 170 49.40 -41.78 1.56
CA ILE J 170 48.99 -40.65 2.40
C ILE J 170 49.45 -39.34 1.79
N SER J 171 50.68 -39.31 1.27
CA SER J 171 51.21 -38.09 0.68
C SER J 171 50.47 -37.72 -0.60
N ALA J 172 50.10 -38.71 -1.41
CA ALA J 172 49.38 -38.41 -2.65
C ALA J 172 47.97 -37.94 -2.37
N PHE J 173 47.25 -38.60 -1.46
CA PHE J 173 45.86 -38.24 -1.22
C PHE J 173 45.73 -36.82 -0.67
N ASN J 174 46.63 -36.43 0.21
CA ASN J 174 46.57 -35.12 0.84
C ASN J 174 47.21 -34.02 0.00
N ASN J 175 47.63 -34.34 -1.23
CA ASN J 175 48.28 -33.41 -2.15
C ASN J 175 49.52 -32.79 -1.48
N ALA J 176 50.46 -33.68 -1.14
CA ALA J 176 51.68 -33.30 -0.45
C ALA J 176 52.89 -33.27 -1.35
N GLY J 177 53.11 -34.33 -2.14
CA GLY J 177 54.26 -34.38 -2.99
C GLY J 177 55.53 -34.83 -2.32
N PHE J 178 55.48 -35.17 -1.04
CA PHE J 178 56.64 -35.76 -0.38
C PHE J 178 56.89 -37.17 -0.89
N SER J 179 58.14 -37.45 -1.24
CA SER J 179 58.53 -38.77 -1.71
C SER J 179 59.81 -39.18 -1.01
N LEU J 180 59.91 -40.46 -0.67
CA LEU J 180 61.09 -40.96 0.03
C LEU J 180 62.30 -41.05 -0.89
N TRP J 181 62.09 -41.30 -2.17
CA TRP J 181 63.20 -41.50 -3.09
C TRP J 181 63.81 -40.16 -3.49
N PRO J 182 65.14 -40.13 -3.70
CA PRO J 182 65.78 -38.87 -4.11
C PRO J 182 65.26 -38.31 -5.42
N ASP J 183 64.94 -39.17 -6.39
CA ASP J 183 64.23 -38.76 -7.59
C ASP J 183 62.74 -38.89 -7.33
N ASN J 184 62.05 -37.75 -7.24
CA ASN J 184 60.64 -37.74 -6.86
C ASN J 184 59.84 -38.35 -8.00
N LEU J 185 59.58 -39.67 -7.91
CA LEU J 185 58.76 -40.41 -8.88
C LEU J 185 59.32 -40.34 -10.30
N MET J 186 60.61 -40.04 -10.44
CA MET J 186 61.22 -39.97 -11.76
C MET J 186 61.71 -41.32 -12.26
N SER J 187 61.66 -42.35 -11.42
CA SER J 187 61.98 -43.71 -11.84
C SER J 187 60.75 -44.47 -12.30
N TYR J 188 59.57 -43.84 -12.27
CA TYR J 188 58.32 -44.47 -12.65
C TYR J 188 57.60 -43.61 -13.69
N VAL J 189 58.34 -43.14 -14.70
CA VAL J 189 57.74 -42.28 -15.71
C VAL J 189 56.75 -43.06 -16.56
N GLY J 190 57.16 -44.23 -17.05
CA GLY J 190 56.30 -45.07 -17.86
C GLY J 190 55.54 -46.14 -17.10
N ASP J 191 55.56 -46.09 -15.77
CA ASP J 191 54.92 -47.13 -14.97
C ASP J 191 53.44 -46.83 -14.86
N PRO J 192 52.55 -47.69 -15.37
CA PRO J 192 51.12 -47.40 -15.28
C PRO J 192 50.54 -47.62 -13.89
N THR J 193 51.14 -48.49 -13.08
CA THR J 193 50.58 -48.77 -11.76
C THR J 193 50.75 -47.57 -10.83
N VAL J 194 51.94 -46.98 -10.80
CA VAL J 194 52.17 -45.82 -9.94
C VAL J 194 51.44 -44.60 -10.49
N ASN J 195 51.45 -44.41 -11.81
CA ASN J 195 50.81 -43.25 -12.41
C ASN J 195 49.30 -43.27 -12.19
N LEU J 196 48.66 -44.42 -12.37
CA LEU J 196 47.21 -44.48 -12.24
C LEU J 196 46.77 -44.32 -10.79
N VAL J 197 47.45 -44.98 -9.85
CA VAL J 197 47.02 -44.96 -8.47
C VAL J 197 47.25 -43.59 -7.84
N ILE J 198 48.44 -43.00 -8.08
CA ILE J 198 48.78 -41.74 -7.46
C ILE J 198 47.96 -40.60 -8.03
N THR J 199 47.79 -40.57 -9.36
CA THR J 199 46.94 -39.54 -9.95
C THR J 199 45.47 -39.71 -9.57
N PHE J 200 45.05 -40.94 -9.30
CA PHE J 200 43.71 -41.15 -8.78
C PHE J 200 43.55 -40.59 -7.38
N LEU J 201 44.63 -40.50 -6.62
CA LEU J 201 44.53 -40.08 -5.22
C LEU J 201 44.42 -38.57 -5.10
N PHE J 202 45.35 -37.80 -5.70
CA PHE J 202 45.28 -36.36 -5.49
C PHE J 202 44.23 -35.69 -6.34
N ILE J 203 43.72 -36.34 -7.39
CA ILE J 203 42.57 -35.81 -8.09
C ILE J 203 41.34 -35.90 -7.21
N THR J 204 41.09 -37.07 -6.60
CA THR J 204 39.95 -37.21 -5.71
C THR J 204 40.21 -36.58 -4.35
N GLY J 205 41.45 -36.58 -3.89
CA GLY J 205 41.76 -35.96 -2.61
C GLY J 205 41.69 -34.45 -2.64
N GLY J 206 41.84 -33.84 -3.81
CA GLY J 206 41.77 -32.40 -3.92
C GLY J 206 40.54 -31.89 -4.61
N ILE J 207 39.67 -32.79 -5.10
CA ILE J 207 38.45 -32.36 -5.79
C ILE J 207 37.50 -31.65 -4.84
N GLY J 208 37.59 -31.92 -3.55
CA GLY J 208 36.65 -31.37 -2.59
C GLY J 208 35.97 -32.46 -1.80
N PHE J 209 35.83 -32.25 -0.49
CA PHE J 209 35.13 -33.23 0.33
C PHE J 209 33.62 -33.19 0.07
N THR J 210 33.10 -32.04 -0.33
CA THR J 210 31.67 -31.93 -0.62
C THR J 210 31.34 -32.53 -1.99
N VAL J 211 32.29 -32.47 -2.93
CA VAL J 211 32.06 -33.09 -4.22
C VAL J 211 32.00 -34.61 -4.09
N LEU J 212 32.90 -35.18 -3.28
CA LEU J 212 32.86 -36.62 -3.04
C LEU J 212 31.61 -37.03 -2.28
N PHE J 213 31.20 -36.23 -1.30
CA PHE J 213 30.00 -36.51 -0.54
C PHE J 213 28.75 -36.45 -1.41
N ASP J 214 28.75 -35.56 -2.41
CA ASP J 214 27.60 -35.44 -3.30
C ASP J 214 27.52 -36.60 -4.27
N VAL J 215 28.66 -37.02 -4.82
CA VAL J 215 28.65 -38.15 -5.76
C VAL J 215 28.35 -39.45 -5.03
N MET J 216 28.80 -39.59 -3.78
CA MET J 216 28.54 -40.80 -3.03
C MET J 216 27.05 -40.99 -2.74
N LYS J 217 26.35 -39.90 -2.41
CA LYS J 217 24.93 -40.02 -2.07
C LYS J 217 24.01 -39.84 -3.27
N ASN J 218 24.46 -39.17 -4.33
CA ASN J 218 23.68 -39.01 -5.55
C ASN J 218 24.46 -39.62 -6.71
N ARG J 219 23.86 -40.61 -7.37
CA ARG J 219 24.54 -41.35 -8.42
C ARG J 219 24.17 -40.88 -9.82
N ARG J 220 23.40 -39.80 -9.93
CA ARG J 220 22.97 -39.28 -11.22
C ARG J 220 23.42 -37.85 -11.37
N PHE J 221 23.94 -37.51 -12.55
CA PHE J 221 24.60 -36.23 -12.76
C PHE J 221 23.63 -35.06 -12.70
N LYS J 222 22.37 -35.26 -13.09
CA LYS J 222 21.42 -34.16 -13.09
C LYS J 222 21.00 -33.77 -11.67
N THR J 223 21.26 -34.62 -10.68
CA THR J 223 20.91 -34.34 -9.30
C THR J 223 22.03 -33.65 -8.54
N PHE J 224 23.19 -33.42 -9.17
CA PHE J 224 24.30 -32.76 -8.51
C PHE J 224 24.00 -31.28 -8.33
N SER J 225 24.70 -30.67 -7.37
CA SER J 225 24.57 -29.24 -7.16
C SER J 225 25.38 -28.49 -8.22
N LEU J 226 25.29 -27.15 -8.16
CA LEU J 226 26.08 -26.34 -9.08
C LEU J 226 27.57 -26.47 -8.79
N HIS J 227 27.94 -26.51 -7.51
CA HIS J 227 29.35 -26.62 -7.15
C HIS J 227 29.94 -27.96 -7.60
N THR J 228 29.19 -29.05 -7.42
CA THR J 228 29.67 -30.35 -7.83
C THR J 228 29.82 -30.45 -9.35
N LYS J 229 28.88 -29.88 -10.09
CA LYS J 229 28.98 -29.90 -11.54
C LYS J 229 30.07 -28.97 -12.03
N LEU J 230 30.35 -27.88 -11.31
CA LEU J 230 31.45 -27.01 -11.67
C LEU J 230 32.79 -27.70 -11.50
N MET J 231 32.95 -28.47 -10.43
CA MET J 231 34.23 -29.12 -10.16
C MET J 231 34.46 -30.32 -11.08
N LEU J 232 33.42 -31.12 -11.31
CA LEU J 232 33.60 -32.31 -12.13
C LEU J 232 33.84 -31.96 -13.59
N THR J 233 33.10 -30.98 -14.13
CA THR J 233 33.34 -30.57 -15.51
C THR J 233 34.59 -29.71 -15.64
N GLY J 234 34.86 -28.86 -14.64
CA GLY J 234 36.02 -28.00 -14.72
C GLY J 234 37.33 -28.74 -14.63
N THR J 235 37.41 -29.74 -13.74
CA THR J 235 38.62 -30.54 -13.62
C THR J 235 38.90 -31.33 -14.88
N LEU J 236 37.85 -31.87 -15.50
CA LEU J 236 38.02 -32.62 -16.74
C LEU J 236 38.52 -31.74 -17.87
N MET J 237 38.00 -30.52 -17.98
CA MET J 237 38.42 -29.64 -19.07
C MET J 237 39.80 -29.06 -18.82
N LEU J 238 40.11 -28.70 -17.57
CA LEU J 238 41.39 -28.06 -17.29
C LEU J 238 42.54 -29.04 -17.40
N ASN J 239 42.35 -30.29 -16.97
CA ASN J 239 43.41 -31.29 -17.08
C ASN J 239 43.60 -31.73 -18.52
N ALA J 240 42.58 -31.61 -19.37
CA ALA J 240 42.72 -31.97 -20.77
C ALA J 240 43.49 -30.91 -21.54
N ILE J 241 43.25 -29.63 -21.23
CA ILE J 241 43.99 -28.55 -21.88
C ILE J 241 45.45 -28.56 -21.45
N ALA J 242 45.70 -28.84 -20.17
CA ALA J 242 47.08 -28.91 -19.69
C ALA J 242 47.81 -30.10 -20.29
N MET J 243 47.11 -31.21 -20.53
CA MET J 243 47.73 -32.36 -21.18
C MET J 243 48.07 -32.06 -22.62
N LEU J 244 47.22 -31.29 -23.30
CA LEU J 244 47.50 -30.90 -24.68
C LEU J 244 48.66 -29.93 -24.75
N THR J 245 48.77 -29.03 -23.77
CA THR J 245 49.81 -28.02 -23.81
C THR J 245 51.19 -28.62 -23.53
N VAL J 246 51.28 -29.52 -22.55
CA VAL J 246 52.56 -30.12 -22.20
C VAL J 246 53.07 -31.00 -23.33
N PHE J 247 52.19 -31.81 -23.93
CA PHE J 247 52.60 -32.76 -24.95
C PHE J 247 53.09 -32.05 -26.21
N ILE J 248 52.41 -30.98 -26.62
CA ILE J 248 52.81 -30.26 -27.83
C ILE J 248 54.11 -29.52 -27.62
N LEU J 249 54.25 -28.82 -26.49
CA LEU J 249 55.41 -27.96 -26.27
C LEU J 249 56.66 -28.77 -25.99
N GLU J 250 56.52 -29.93 -25.35
CA GLU J 250 57.66 -30.72 -24.90
C GLU J 250 57.95 -31.93 -25.80
N TYR J 251 57.27 -32.04 -26.94
CA TYR J 251 57.46 -33.21 -27.80
C TYR J 251 58.87 -33.24 -28.39
N SER J 252 59.46 -32.07 -28.64
CA SER J 252 60.79 -31.99 -29.22
C SER J 252 61.87 -31.64 -28.20
N ASN J 253 61.52 -31.53 -26.93
CA ASN J 253 62.48 -31.10 -25.91
C ASN J 253 63.50 -32.21 -25.65
N PRO J 254 64.79 -31.94 -25.73
CA PRO J 254 65.77 -33.01 -25.46
C PRO J 254 65.91 -33.35 -23.99
N GLY J 255 65.73 -32.38 -23.10
CA GLY J 255 65.90 -32.65 -21.68
C GLY J 255 64.81 -33.55 -21.12
N THR J 256 63.56 -33.26 -21.44
CA THR J 256 62.41 -34.04 -20.99
C THR J 256 61.55 -34.39 -22.19
N LEU J 257 60.93 -35.57 -22.13
CA LEU J 257 59.95 -36.05 -23.12
C LEU J 257 60.55 -36.23 -24.51
N GLY J 258 61.87 -36.21 -24.65
CA GLY J 258 62.48 -36.40 -25.94
C GLY J 258 62.97 -37.81 -26.19
N HIS J 259 63.73 -38.35 -25.24
CA HIS J 259 64.24 -39.72 -25.34
C HIS J 259 63.29 -40.69 -24.66
N LEU J 260 62.01 -40.63 -25.03
CA LEU J 260 60.98 -41.46 -24.43
C LEU J 260 60.15 -42.08 -25.54
N HIS J 261 59.55 -43.23 -25.24
CA HIS J 261 58.63 -43.85 -26.17
C HIS J 261 57.32 -43.06 -26.23
N ILE J 262 56.53 -43.35 -27.25
CA ILE J 262 55.27 -42.63 -27.44
C ILE J 262 54.31 -42.94 -26.30
N VAL J 263 54.34 -44.18 -25.80
CA VAL J 263 53.51 -44.53 -24.64
C VAL J 263 53.98 -43.78 -23.40
N ASP J 264 55.30 -43.65 -23.21
CA ASP J 264 55.81 -42.89 -22.07
C ASP J 264 55.56 -41.40 -22.21
N LYS J 265 55.51 -40.89 -23.45
CA LYS J 265 55.21 -39.48 -23.64
C LYS J 265 53.79 -39.15 -23.23
N LEU J 266 52.86 -40.08 -23.44
CA LEU J 266 51.49 -39.86 -23.01
C LEU J 266 51.37 -39.95 -21.49
N TRP J 267 52.12 -40.85 -20.86
CA TRP J 267 52.04 -40.99 -19.41
C TRP J 267 52.65 -39.79 -18.70
N ALA J 268 53.80 -39.31 -19.17
CA ALA J 268 54.46 -38.19 -18.50
C ALA J 268 53.71 -36.90 -18.73
N SER J 269 53.14 -36.71 -19.91
CA SER J 269 52.33 -35.51 -20.16
C SER J 269 51.05 -35.53 -19.34
N TYR J 270 50.42 -36.71 -19.20
CA TYR J 270 49.23 -36.80 -18.37
C TYR J 270 49.56 -36.56 -16.90
N PHE J 271 50.67 -37.09 -16.42
CA PHE J 271 51.06 -36.89 -15.03
C PHE J 271 51.37 -35.43 -14.77
N GLN J 272 52.09 -34.77 -15.67
CA GLN J 272 52.44 -33.37 -15.48
C GLN J 272 51.27 -32.43 -15.77
N ALA J 273 50.19 -32.94 -16.35
CA ALA J 273 48.99 -32.13 -16.52
C ALA J 273 48.21 -31.99 -15.22
N VAL J 274 48.20 -33.04 -14.40
CA VAL J 274 47.38 -33.04 -13.19
C VAL J 274 48.19 -32.74 -11.92
N THR J 275 49.49 -32.98 -11.92
CA THR J 275 50.29 -32.76 -10.73
C THR J 275 50.47 -31.31 -10.27
N PRO J 276 50.39 -30.26 -11.10
CA PRO J 276 50.51 -28.91 -10.51
C PRO J 276 49.30 -28.46 -9.72
N ARG J 277 48.21 -29.23 -9.68
CA ARG J 277 47.01 -28.84 -8.94
C ARG J 277 46.59 -29.95 -7.98
N THR J 278 47.14 -29.98 -6.76
CA THR J 278 48.31 -29.20 -6.36
C THR J 278 49.29 -30.17 -5.73
N ALA J 279 49.43 -31.35 -6.32
CA ALA J 279 50.19 -32.43 -5.67
C ALA J 279 51.68 -32.11 -5.61
N GLY J 280 52.27 -31.72 -6.72
CA GLY J 280 53.67 -31.42 -6.74
C GLY J 280 54.60 -32.58 -6.94
N PHE J 281 54.09 -33.75 -7.33
CA PHE J 281 54.96 -34.86 -7.66
C PHE J 281 55.52 -34.60 -9.05
N ASN J 282 56.43 -35.44 -9.53
CA ASN J 282 56.92 -35.24 -10.90
C ASN J 282 57.47 -36.47 -11.59
N SER J 283 57.51 -36.44 -12.91
CA SER J 283 58.11 -37.53 -13.67
C SER J 283 59.22 -36.94 -14.53
N LEU J 284 59.20 -35.63 -14.73
CA LEU J 284 60.19 -34.96 -15.56
C LEU J 284 60.80 -33.83 -14.76
N ASP J 285 62.03 -33.45 -15.11
CA ASP J 285 62.70 -32.35 -14.44
C ASP J 285 62.13 -31.03 -14.96
N PHE J 286 61.59 -30.22 -14.05
CA PHE J 286 61.02 -28.93 -14.44
C PHE J 286 62.10 -27.91 -14.77
N GLY J 287 63.33 -28.13 -14.31
CA GLY J 287 64.41 -27.21 -14.64
C GLY J 287 64.86 -27.28 -16.08
N SER J 288 64.66 -28.43 -16.73
CA SER J 288 65.03 -28.59 -18.13
C SER J 288 63.86 -28.41 -19.08
N MET J 289 62.68 -28.09 -18.57
CA MET J 289 61.56 -27.78 -19.44
C MET J 289 61.73 -26.41 -20.08
N ARG J 290 60.99 -26.19 -21.15
CA ARG J 290 61.02 -24.90 -21.83
C ARG J 290 60.29 -23.85 -21.01
N GLU J 291 60.56 -22.58 -21.31
CA GLU J 291 59.90 -21.49 -20.61
C GLU J 291 58.41 -21.43 -20.93
N GLY J 292 58.01 -21.93 -22.09
CA GLY J 292 56.60 -21.88 -22.45
C GLY J 292 55.74 -22.77 -21.57
N THR J 293 56.24 -23.95 -21.22
CA THR J 293 55.49 -24.86 -20.36
C THR J 293 55.49 -24.39 -18.91
N ILE J 294 56.56 -23.72 -18.48
CA ILE J 294 56.64 -23.21 -17.12
C ILE J 294 55.65 -22.06 -16.92
N VAL J 295 55.50 -21.21 -17.94
CA VAL J 295 54.55 -20.10 -17.85
C VAL J 295 53.12 -20.63 -17.77
N PHE J 296 52.79 -21.63 -18.57
CA PHE J 296 51.45 -22.22 -18.48
C PHE J 296 51.23 -22.93 -17.16
N THR J 297 52.29 -23.54 -16.61
CA THR J 297 52.18 -24.16 -15.30
C THR J 297 51.98 -23.12 -14.20
N LEU J 298 52.38 -21.90 -14.40
CA LEU J 298 52.23 -20.93 -13.35
C LEU J 298 50.77 -20.62 -13.28
N LEU J 299 50.09 -20.41 -14.39
CA LEU J 299 48.65 -20.23 -14.34
C LEU J 299 47.97 -21.47 -13.79
N LEU J 300 48.52 -22.64 -14.08
CA LEU J 300 47.90 -23.89 -13.66
C LEU J 300 47.90 -24.04 -12.15
N MET J 301 49.00 -23.71 -11.50
CA MET J 301 49.11 -23.89 -10.05
C MET J 301 48.72 -22.64 -9.26
N PHE J 302 48.35 -21.55 -9.94
CA PHE J 302 47.63 -20.48 -9.26
C PHE J 302 46.20 -20.90 -8.97
N ILE J 303 45.66 -21.79 -9.80
CA ILE J 303 44.35 -22.41 -9.58
C ILE J 303 44.56 -23.73 -8.88
N GLY J 304 43.76 -24.00 -7.86
CA GLY J 304 43.83 -25.27 -7.17
C GLY J 304 42.70 -26.20 -7.57
N ALA J 305 42.02 -26.74 -6.57
CA ALA J 305 40.81 -27.54 -6.78
C ALA J 305 40.07 -27.64 -5.46
N GLY J 306 38.78 -27.31 -5.47
CA GLY J 306 37.92 -27.64 -4.36
C GLY J 306 38.05 -26.73 -3.16
N SER J 307 36.92 -26.20 -2.67
CA SER J 307 36.99 -25.28 -1.54
C SER J 307 37.33 -26.02 -0.24
N ALA J 308 36.71 -27.17 -0.01
CA ALA J 308 36.99 -27.99 1.16
C ALA J 308 37.70 -29.24 0.67
N SER J 309 39.02 -29.15 0.57
CA SER J 309 39.81 -30.24 0.03
C SER J 309 41.19 -30.19 0.67
N THR J 310 42.12 -30.97 0.13
CA THR J 310 43.51 -30.97 0.58
C THR J 310 44.41 -30.13 -0.31
N ALA J 311 43.86 -29.43 -1.29
CA ALA J 311 44.61 -28.55 -2.18
C ALA J 311 44.49 -27.11 -1.71
N SER J 312 45.24 -26.23 -2.39
CA SER J 312 45.31 -24.82 -2.02
C SER J 312 45.32 -23.97 -3.28
N GLY J 313 45.71 -22.70 -3.13
CA GLY J 313 45.61 -21.74 -4.20
C GLY J 313 44.20 -21.24 -4.31
N ILE J 314 43.98 -20.31 -5.24
CA ILE J 314 42.60 -19.95 -5.56
C ILE J 314 41.95 -21.16 -6.22
N LYS J 315 40.71 -21.42 -5.87
CA LYS J 315 40.15 -22.71 -6.23
C LYS J 315 39.66 -22.69 -7.67
N LEU J 316 39.26 -23.86 -8.16
CA LEU J 316 38.76 -23.95 -9.52
C LEU J 316 37.44 -23.22 -9.67
N THR J 317 36.61 -23.21 -8.61
CA THR J 317 35.35 -22.48 -8.67
C THR J 317 35.56 -20.97 -8.61
N THR J 318 36.59 -20.51 -7.90
CA THR J 318 36.91 -19.08 -7.87
C THR J 318 37.33 -18.58 -9.25
N PHE J 319 38.11 -19.39 -9.96
CA PHE J 319 38.55 -19.01 -11.31
C PHE J 319 37.37 -18.94 -12.27
N ILE J 320 36.47 -19.91 -12.22
CA ILE J 320 35.34 -19.95 -13.15
C ILE J 320 34.34 -18.84 -12.83
N VAL J 321 34.11 -18.56 -11.55
CA VAL J 321 33.19 -17.50 -11.16
C VAL J 321 33.69 -16.14 -11.66
N ILE J 322 34.99 -15.89 -11.52
CA ILE J 322 35.56 -14.63 -12.01
C ILE J 322 35.56 -14.59 -13.54
N LEU J 323 35.93 -15.71 -14.17
CA LEU J 323 36.01 -15.74 -15.63
C LEU J 323 34.63 -15.56 -16.27
N THR J 324 33.62 -16.21 -15.71
CA THR J 324 32.27 -16.08 -16.26
C THR J 324 31.67 -14.71 -15.96
N SER J 325 32.03 -14.11 -14.82
CA SER J 325 31.54 -12.77 -14.51
C SER J 325 32.05 -11.74 -15.49
N VAL J 326 33.32 -11.86 -15.90
CA VAL J 326 33.88 -10.94 -16.88
C VAL J 326 33.29 -11.18 -18.26
N ILE J 327 33.20 -12.44 -18.68
CA ILE J 327 32.72 -12.77 -20.01
C ILE J 327 31.26 -12.38 -20.18
N ALA J 328 30.45 -12.58 -19.14
CA ALA J 328 29.06 -12.13 -19.20
C ALA J 328 28.97 -10.61 -19.29
N TYR J 329 29.87 -9.90 -18.60
CA TYR J 329 29.89 -8.45 -18.72
C TYR J 329 30.31 -8.01 -20.12
N LEU J 330 31.31 -8.69 -20.70
CA LEU J 330 31.77 -8.33 -22.03
C LEU J 330 30.76 -8.66 -23.11
N ARG J 331 29.88 -9.63 -22.85
CA ARG J 331 28.79 -9.94 -23.76
C ARG J 331 27.55 -9.08 -23.51
N GLY J 332 27.62 -8.15 -22.56
CA GLY J 332 26.51 -7.28 -22.26
C GLY J 332 25.46 -7.87 -21.33
N LYS J 333 25.67 -9.09 -20.84
CA LYS J 333 24.71 -9.71 -19.94
C LYS J 333 24.73 -9.04 -18.57
N LYS J 334 23.58 -9.06 -17.90
CA LYS J 334 23.42 -8.37 -16.62
C LYS J 334 23.62 -9.28 -15.42
N GLU J 335 23.88 -10.57 -15.63
CA GLU J 335 24.07 -11.47 -14.50
C GLU J 335 24.96 -12.64 -14.92
N THR J 336 25.57 -13.27 -13.92
CA THR J 336 26.47 -14.39 -14.14
C THR J 336 25.67 -15.68 -14.07
N VAL J 337 25.68 -16.45 -15.16
CA VAL J 337 24.91 -17.68 -15.27
C VAL J 337 25.87 -18.80 -15.65
N ILE J 338 26.00 -19.79 -14.76
CA ILE J 338 26.74 -21.02 -15.05
C ILE J 338 25.80 -22.18 -14.81
N PHE J 339 25.69 -23.08 -15.80
CA PHE J 339 24.82 -24.25 -15.75
C PHE J 339 23.38 -23.87 -15.45
N ARG J 340 22.91 -22.80 -16.11
CA ARG J 340 21.55 -22.30 -16.01
C ARG J 340 21.17 -21.94 -14.58
N ARG J 341 22.13 -21.39 -13.83
CA ARG J 341 21.90 -20.93 -12.47
C ARG J 341 22.55 -19.57 -12.31
N SER J 342 21.82 -18.61 -11.76
CA SER J 342 22.38 -17.31 -11.47
C SER J 342 23.28 -17.38 -10.26
N ILE J 343 24.38 -16.62 -10.31
CA ILE J 343 25.34 -16.57 -9.22
C ILE J 343 25.30 -15.17 -8.62
N LYS J 344 25.02 -15.10 -7.33
CA LYS J 344 24.70 -13.84 -6.68
C LYS J 344 25.95 -12.99 -6.46
N TYR J 345 25.72 -11.71 -6.20
CA TYR J 345 26.81 -10.77 -5.91
C TYR J 345 27.68 -11.15 -4.71
N PRO J 346 27.17 -11.67 -3.58
CA PRO J 346 28.09 -12.08 -2.50
C PRO J 346 29.07 -13.16 -2.91
N ILE J 347 28.73 -14.02 -3.87
CA ILE J 347 29.70 -14.99 -4.36
C ILE J 347 30.79 -14.31 -5.16
N ILE J 348 30.42 -13.30 -5.97
CA ILE J 348 31.39 -12.64 -6.85
C ILE J 348 32.37 -11.81 -6.03
N ILE J 349 31.92 -11.22 -4.96
CA ILE J 349 32.79 -10.40 -4.19
C ILE J 349 33.83 -11.16 -3.40
N LYS J 350 33.50 -12.31 -2.84
CA LYS J 350 34.47 -13.11 -2.14
C LYS J 350 35.50 -13.61 -3.09
N ALA J 351 35.12 -14.00 -4.27
CA ALA J 351 36.05 -14.53 -5.23
C ALA J 351 37.05 -13.54 -5.63
N LEU J 352 36.63 -12.33 -5.83
CA LEU J 352 37.51 -11.31 -6.19
C LEU J 352 38.50 -11.07 -5.10
N ALA J 353 38.08 -11.06 -3.87
CA ALA J 353 38.99 -10.90 -2.78
C ALA J 353 39.97 -12.01 -2.67
N VAL J 354 39.57 -13.24 -2.86
CA VAL J 354 40.48 -14.31 -2.84
C VAL J 354 41.47 -14.15 -3.95
N SER J 355 41.10 -13.68 -5.12
CA SER J 355 42.09 -13.64 -6.20
C SER J 355 42.99 -12.41 -6.11
N VAL J 356 42.43 -11.27 -5.71
CA VAL J 356 43.24 -10.05 -5.62
C VAL J 356 44.21 -10.14 -4.44
N THR J 357 43.74 -10.65 -3.30
CA THR J 357 44.62 -10.79 -2.15
C THR J 357 45.72 -11.81 -2.42
N SER J 358 45.41 -12.88 -3.15
CA SER J 358 46.41 -13.90 -3.45
C SER J 358 47.47 -13.36 -4.40
N LEU J 359 47.07 -12.57 -5.39
CA LEU J 359 48.05 -11.96 -6.29
C LEU J 359 48.93 -10.95 -5.57
N PHE J 360 48.37 -10.21 -4.62
CA PHE J 360 49.16 -9.26 -3.84
C PHE J 360 50.19 -9.98 -2.99
N ILE J 361 49.82 -11.10 -2.38
CA ILE J 361 50.75 -11.85 -1.54
C ILE J 361 51.83 -12.50 -2.40
N VAL J 362 51.45 -13.03 -3.56
CA VAL J 362 52.43 -13.60 -4.48
C VAL J 362 53.39 -12.53 -4.99
N PHE J 363 52.86 -11.33 -5.30
CA PHE J 363 53.72 -10.25 -5.75
C PHE J 363 54.68 -9.80 -4.65
N LEU J 364 54.21 -9.77 -3.40
CA LEU J 364 55.11 -9.43 -2.29
C LEU J 364 56.18 -10.49 -2.10
N GLY J 365 55.84 -11.76 -2.32
CA GLY J 365 56.83 -12.81 -2.20
C GLY J 365 57.91 -12.72 -3.27
N ILE J 366 57.51 -12.45 -4.50
CA ILE J 366 58.48 -12.32 -5.60
C ILE J 366 59.32 -11.07 -5.41
N PHE J 367 58.72 -9.99 -4.92
CA PHE J 367 59.49 -8.79 -4.63
C PHE J 367 60.48 -9.01 -3.50
N ALA J 368 60.07 -9.72 -2.45
CA ALA J 368 60.96 -9.97 -1.32
C ALA J 368 62.01 -11.01 -1.64
N LEU J 369 61.71 -11.98 -2.51
CA LEU J 369 62.71 -12.97 -2.87
C LEU J 369 63.77 -12.40 -3.82
N THR J 370 63.39 -11.44 -4.66
CA THR J 370 64.36 -10.83 -5.56
C THR J 370 65.33 -9.94 -4.81
N ILE J 371 64.87 -9.30 -3.73
CA ILE J 371 65.79 -8.56 -2.86
C ILE J 371 66.76 -9.50 -2.18
N THR J 372 66.27 -10.63 -1.67
CA THR J 372 67.07 -11.56 -0.89
C THR J 372 67.92 -12.48 -1.75
N GLU J 373 67.27 -13.28 -2.59
CA GLU J 373 67.95 -14.36 -3.29
C GLU J 373 68.69 -13.86 -4.53
N GLN J 374 69.84 -14.47 -4.79
CA GLN J 374 70.55 -14.33 -6.05
C GLN J 374 70.24 -15.57 -6.87
N ALA J 375 69.29 -15.43 -7.80
CA ALA J 375 68.77 -16.57 -8.55
C ALA J 375 68.19 -16.05 -9.85
N PRO J 376 68.02 -16.92 -10.85
CA PRO J 376 67.27 -16.52 -12.04
C PRO J 376 65.84 -16.14 -11.70
N PHE J 377 65.31 -15.18 -12.44
CA PHE J 377 63.99 -14.66 -12.13
C PHE J 377 62.89 -15.69 -12.37
N LEU J 378 63.07 -16.57 -13.36
CA LEU J 378 62.07 -17.60 -13.61
C LEU J 378 61.94 -18.55 -12.44
N GLN J 379 63.05 -18.89 -11.79
CA GLN J 379 63.00 -19.79 -10.64
C GLN J 379 62.36 -19.11 -9.43
N ILE J 380 62.56 -17.81 -9.27
CA ILE J 380 61.96 -17.10 -8.15
C ILE J 380 60.44 -17.03 -8.29
N VAL J 381 59.95 -16.75 -9.49
CA VAL J 381 58.51 -16.69 -9.73
C VAL J 381 57.90 -18.08 -9.62
N PHE J 382 58.61 -19.10 -10.10
CA PHE J 382 58.10 -20.46 -10.00
C PHE J 382 58.07 -20.92 -8.54
N GLU J 383 59.04 -20.48 -7.74
CA GLU J 383 59.09 -20.89 -6.33
C GLU J 383 57.96 -20.26 -5.52
N THR J 384 57.61 -19.01 -5.82
CA THR J 384 56.58 -18.32 -5.06
C THR J 384 55.19 -18.82 -5.39
N PHE J 385 54.92 -19.10 -6.67
CA PHE J 385 53.63 -19.67 -7.04
C PHE J 385 53.49 -21.08 -6.52
N SER J 386 54.57 -21.85 -6.50
CA SER J 386 54.53 -23.21 -5.99
C SER J 386 54.37 -23.23 -4.48
N ALA J 387 54.98 -22.26 -3.79
CA ALA J 387 54.84 -22.20 -2.34
C ALA J 387 53.47 -21.67 -1.93
N PHE J 388 52.95 -20.68 -2.65
CA PHE J 388 51.64 -20.14 -2.29
C PHE J 388 50.53 -21.12 -2.60
N GLY J 389 50.56 -21.74 -3.76
CA GLY J 389 49.56 -22.76 -4.04
C GLY J 389 49.81 -24.07 -3.34
N THR J 390 50.90 -24.14 -2.58
CA THR J 390 51.34 -25.34 -1.87
C THR J 390 51.42 -26.53 -2.84
N VAL J 391 52.12 -26.32 -3.94
CA VAL J 391 52.33 -27.38 -4.91
C VAL J 391 53.65 -28.07 -4.59
N GLY J 392 54.72 -27.29 -4.47
CA GLY J 392 56.00 -27.82 -4.09
C GLY J 392 56.95 -28.12 -5.24
N LEU J 393 56.54 -27.86 -6.47
CA LEU J 393 57.44 -28.05 -7.61
C LEU J 393 58.55 -27.01 -7.58
N THR J 394 59.77 -27.44 -7.90
CA THR J 394 60.92 -26.55 -7.95
C THR J 394 61.58 -26.64 -9.30
N MET J 395 62.22 -25.53 -9.70
CA MET J 395 63.15 -25.53 -10.81
C MET J 395 64.58 -25.71 -10.35
N GLY J 396 64.82 -25.86 -9.05
CA GLY J 396 66.15 -26.05 -8.52
C GLY J 396 66.60 -24.94 -7.61
N LEU J 397 65.66 -24.32 -6.88
CA LEU J 397 65.96 -23.16 -6.05
C LEU J 397 65.91 -23.44 -4.55
N THR J 398 65.02 -24.33 -4.11
CA THR J 398 64.80 -24.52 -2.66
C THR J 398 66.05 -24.97 -1.90
N PRO J 399 66.87 -25.92 -2.36
CA PRO J 399 68.12 -26.20 -1.64
C PRO J 399 69.09 -25.04 -1.63
N GLU J 400 68.98 -24.10 -2.56
CA GLU J 400 69.91 -22.98 -2.66
C GLU J 400 69.43 -21.72 -1.94
N LEU J 401 68.31 -21.80 -1.23
CA LEU J 401 67.78 -20.62 -0.54
C LEU J 401 68.65 -20.28 0.66
N THR J 402 68.61 -19.02 1.07
CA THR J 402 69.34 -18.55 2.23
C THR J 402 68.47 -18.62 3.48
N THR J 403 69.04 -18.21 4.62
CA THR J 403 68.26 -18.17 5.85
C THR J 403 67.15 -17.14 5.79
N ALA J 404 67.41 -16.00 5.15
CA ALA J 404 66.37 -14.99 4.96
C ALA J 404 65.35 -15.43 3.93
N GLY J 405 65.78 -16.17 2.91
CA GLY J 405 64.86 -16.63 1.88
C GLY J 405 63.87 -17.65 2.38
N LYS J 406 64.31 -18.57 3.24
CA LYS J 406 63.44 -19.64 3.71
C LYS J 406 62.39 -19.10 4.68
N CYS J 407 62.69 -18.02 5.38
CA CYS J 407 61.70 -17.40 6.24
C CYS J 407 60.56 -16.80 5.43
N ILE J 408 60.84 -16.27 4.23
CA ILE J 408 59.80 -15.75 3.37
C ILE J 408 58.92 -16.86 2.84
N ILE J 409 59.54 -17.98 2.44
CA ILE J 409 58.78 -19.11 1.90
C ILE J 409 57.90 -19.74 2.97
N ILE J 410 58.38 -19.76 4.22
CA ILE J 410 57.58 -20.30 5.33
C ILE J 410 56.32 -19.46 5.52
N VAL J 411 56.45 -18.13 5.43
CA VAL J 411 55.29 -17.26 5.53
C VAL J 411 54.33 -17.49 4.35
N ILE J 412 54.88 -17.66 3.14
CA ILE J 412 54.05 -17.82 1.96
C ILE J 412 53.29 -19.14 2.02
N MET J 413 53.95 -20.21 2.43
CA MET J 413 53.28 -21.51 2.55
C MET J 413 52.19 -21.48 3.61
N PHE J 414 52.41 -20.74 4.70
CA PHE J 414 51.42 -20.66 5.78
C PHE J 414 50.16 -19.95 5.31
N ILE J 415 50.32 -18.80 4.66
CA ILE J 415 49.16 -18.05 4.17
C ILE J 415 48.48 -18.80 3.03
N GLY J 416 49.27 -19.52 2.23
CA GLY J 416 48.70 -20.24 1.10
C GLY J 416 47.76 -21.35 1.51
N ARG J 417 48.08 -22.05 2.61
CA ARG J 417 47.22 -23.15 3.05
C ARG J 417 46.00 -22.66 3.79
N ILE J 418 46.20 -21.80 4.80
CA ILE J 418 45.09 -21.32 5.61
C ILE J 418 44.16 -20.42 4.81
N GLY J 419 44.64 -19.87 3.70
CA GLY J 419 43.84 -18.98 2.90
C GLY J 419 44.16 -17.54 3.22
N PRO J 420 44.26 -16.70 2.18
CA PRO J 420 44.46 -15.27 2.43
C PRO J 420 43.33 -14.61 3.19
N LEU J 421 42.08 -15.07 3.00
CA LEU J 421 40.96 -14.44 3.69
C LEU J 421 40.97 -14.75 5.18
N THR J 422 41.16 -16.01 5.55
CA THR J 422 41.12 -16.37 6.96
C THR J 422 42.37 -15.91 7.69
N PHE J 423 43.46 -15.66 6.96
CA PHE J 423 44.63 -15.08 7.60
C PHE J 423 44.41 -13.60 7.89
N VAL J 424 43.81 -12.87 6.96
CA VAL J 424 43.52 -11.46 7.18
C VAL J 424 42.46 -11.30 8.25
N PHE J 425 41.44 -12.16 8.24
CA PHE J 425 40.37 -12.08 9.23
C PHE J 425 40.87 -12.38 10.65
N SER J 426 42.07 -12.94 10.80
CA SER J 426 42.65 -13.11 12.12
C SER J 426 42.98 -11.77 12.77
N PHE J 427 43.51 -10.82 11.99
CA PHE J 427 43.95 -9.54 12.54
C PHE J 427 43.19 -8.36 11.94
N ALA J 428 42.05 -8.59 11.31
CA ALA J 428 41.21 -7.50 10.80
C ALA J 428 39.96 -7.41 11.64
N LYS J 429 39.85 -6.31 12.39
CA LYS J 429 38.71 -6.08 13.27
C LYS J 429 37.50 -5.70 12.42
N THR J 430 36.51 -6.59 12.39
CA THR J 430 35.33 -6.35 11.58
C THR J 430 34.47 -5.25 12.20
N GLU J 431 34.64 -4.05 11.67
CA GLU J 431 33.97 -2.85 12.20
C GLU J 431 32.59 -2.73 11.57
N GLN J 432 31.56 -2.94 12.38
CA GLN J 432 30.18 -2.95 11.91
C GLN J 432 29.58 -1.56 12.03
N SER J 433 29.02 -1.07 10.93
CA SER J 433 28.35 0.22 10.91
C SER J 433 27.21 0.17 9.90
N ASN J 434 26.09 0.78 10.26
CA ASN J 434 24.90 0.79 9.39
C ASN J 434 24.77 2.09 8.61
N ILE J 435 25.75 2.98 8.68
CA ILE J 435 25.65 4.25 7.97
C ILE J 435 26.08 4.06 6.52
N ARG J 436 25.54 4.92 5.66
CA ARG J 436 25.83 4.90 4.23
C ARG J 436 26.30 6.27 3.80
N TYR J 437 26.71 6.37 2.54
CA TYR J 437 27.28 7.59 2.00
C TYR J 437 26.69 7.87 0.63
N PRO J 438 26.68 9.14 0.19
CA PRO J 438 26.23 9.45 -1.16
C PRO J 438 27.15 8.86 -2.21
N ASP J 439 26.55 8.51 -3.34
CA ASP J 439 27.29 7.82 -4.40
C ASP J 439 28.36 8.72 -5.01
N GLY J 440 29.44 8.10 -5.46
CA GLY J 440 30.54 8.81 -6.09
C GLY J 440 30.72 8.35 -7.52
N GLU J 441 31.18 9.26 -8.37
CA GLU J 441 31.37 9.00 -9.79
C GLU J 441 32.86 9.09 -10.12
N VAL J 442 33.47 7.94 -10.38
CA VAL J 442 34.89 7.85 -10.71
C VAL J 442 35.03 7.01 -11.97
N PHE J 443 35.80 7.50 -12.94
CA PHE J 443 35.93 6.85 -14.24
C PHE J 443 37.01 5.78 -14.16
N THR J 444 36.63 4.53 -14.37
CA THR J 444 37.53 3.38 -14.22
C THR J 444 37.78 2.70 -15.55
N GLY J 445 37.89 3.48 -16.62
CA GLY J 445 38.15 2.94 -17.95
C GLY J 445 39.62 2.68 -18.20
N THR K 15 -40.34 -15.46 -0.94
CA THR K 15 -41.16 -16.65 -0.66
C THR K 15 -41.31 -17.00 0.84
N PRO K 16 -40.28 -16.83 1.68
CA PRO K 16 -40.52 -16.94 3.14
C PRO K 16 -41.57 -15.96 3.65
N PRO K 17 -41.65 -14.71 3.18
CA PRO K 17 -42.78 -13.89 3.62
C PRO K 17 -44.09 -14.23 2.94
N GLN K 18 -44.03 -14.89 1.78
CA GLN K 18 -45.27 -15.28 1.10
C GLN K 18 -45.94 -16.45 1.81
N VAL K 19 -45.15 -17.34 2.41
CA VAL K 19 -45.72 -18.47 3.15
C VAL K 19 -46.45 -17.96 4.39
N LEU K 20 -45.90 -16.95 5.06
CA LEU K 20 -46.55 -16.39 6.24
C LEU K 20 -47.89 -15.77 5.88
N ALA K 21 -47.95 -15.01 4.78
CA ALA K 21 -49.19 -14.35 4.40
C ALA K 21 -50.22 -15.36 3.91
N ILE K 22 -49.77 -16.37 3.15
CA ILE K 22 -50.68 -17.42 2.67
C ILE K 22 -51.22 -18.22 3.84
N GLY K 23 -50.34 -18.64 4.75
CA GLY K 23 -50.78 -19.44 5.88
C GLY K 23 -51.67 -18.68 6.84
N PHE K 24 -51.38 -17.38 7.03
CA PHE K 24 -52.19 -16.58 7.94
C PHE K 24 -53.58 -16.35 7.40
N PHE K 25 -53.71 -16.18 6.08
CA PHE K 25 -55.02 -15.98 5.48
C PHE K 25 -55.85 -17.26 5.50
N LEU K 26 -55.18 -18.42 5.42
CA LEU K 26 -55.90 -19.68 5.43
C LEU K 26 -56.53 -19.95 6.79
N THR K 27 -55.87 -19.55 7.87
CA THR K 27 -56.43 -19.77 9.20
C THR K 27 -57.66 -18.88 9.43
N ILE K 28 -57.76 -17.77 8.70
CA ILE K 28 -58.98 -16.97 8.74
C ILE K 28 -60.12 -17.73 8.09
N ILE K 29 -59.86 -18.33 6.93
CA ILE K 29 -60.90 -19.03 6.18
C ILE K 29 -61.34 -20.29 6.92
N ILE K 30 -60.38 -21.06 7.43
CA ILE K 30 -60.71 -22.28 8.17
C ILE K 30 -61.45 -21.93 9.46
N GLY K 31 -61.02 -20.87 10.13
CA GLY K 31 -61.72 -20.42 11.32
C GLY K 31 -63.12 -19.90 11.02
N ALA K 32 -63.30 -19.30 9.85
CA ALA K 32 -64.61 -18.77 9.49
C ALA K 32 -65.63 -19.88 9.25
N VAL K 33 -65.19 -20.98 8.66
CA VAL K 33 -66.08 -22.11 8.40
C VAL K 33 -66.56 -22.73 9.71
N LEU K 34 -65.66 -22.89 10.67
CA LEU K 34 -66.01 -23.55 11.93
C LEU K 34 -67.03 -22.74 12.73
N LEU K 35 -66.91 -21.41 12.72
CA LEU K 35 -67.84 -20.59 13.47
C LEU K 35 -69.19 -20.48 12.79
N MET K 36 -69.25 -20.80 11.50
CA MET K 36 -70.50 -20.71 10.74
C MET K 36 -71.29 -22.01 10.78
N LEU K 37 -70.76 -23.06 11.41
CA LEU K 37 -71.50 -24.30 11.54
C LEU K 37 -72.66 -24.11 12.53
N PRO K 38 -73.72 -24.92 12.41
CA PRO K 38 -74.81 -24.83 13.39
C PRO K 38 -74.39 -25.17 14.81
N ILE K 39 -73.30 -25.92 14.98
CA ILE K 39 -72.83 -26.30 16.32
C ILE K 39 -72.29 -25.07 17.05
N SER K 40 -71.62 -24.18 16.33
CA SER K 40 -70.85 -23.11 16.98
C SER K 40 -71.76 -22.04 17.56
N THR K 41 -72.80 -21.63 16.82
CA THR K 41 -73.56 -20.43 17.16
C THR K 41 -74.98 -20.81 17.58
N THR K 42 -75.49 -20.06 18.56
CA THR K 42 -76.88 -20.17 18.99
C THR K 42 -77.83 -19.40 18.09
N LYS K 43 -77.33 -18.50 17.26
CA LYS K 43 -78.12 -17.65 16.39
C LYS K 43 -77.57 -17.73 14.98
N PRO K 44 -78.40 -17.45 13.98
CA PRO K 44 -77.87 -17.40 12.60
C PRO K 44 -76.86 -16.27 12.45
N LEU K 45 -75.65 -16.64 12.04
CA LEU K 45 -74.53 -15.72 11.95
C LEU K 45 -74.24 -15.41 10.48
N SER K 46 -74.04 -14.14 10.19
CA SER K 46 -73.80 -13.71 8.82
C SER K 46 -72.42 -14.18 8.35
N TRP K 47 -72.26 -14.22 7.02
CA TRP K 47 -70.98 -14.62 6.45
C TRP K 47 -69.89 -13.59 6.77
N ILE K 48 -70.26 -12.33 6.94
CA ILE K 48 -69.28 -11.29 7.22
C ILE K 48 -68.94 -11.24 8.70
N ASP K 49 -69.92 -11.47 9.57
CA ASP K 49 -69.65 -11.51 11.00
C ASP K 49 -68.82 -12.74 11.37
N ALA K 50 -69.05 -13.85 10.69
CA ALA K 50 -68.22 -15.03 10.89
C ALA K 50 -66.80 -14.79 10.38
N LEU K 51 -66.67 -14.10 9.25
CA LEU K 51 -65.35 -13.77 8.74
C LEU K 51 -64.67 -12.72 9.60
N PHE K 52 -65.44 -11.81 10.19
CA PHE K 52 -64.87 -10.81 11.08
C PHE K 52 -64.40 -11.43 12.38
N THR K 53 -65.21 -12.29 12.97
CA THR K 53 -64.86 -12.90 14.26
C THR K 53 -63.67 -13.84 14.11
N ALA K 54 -63.59 -14.57 13.01
CA ALA K 54 -62.42 -15.40 12.75
C ALA K 54 -61.18 -14.55 12.56
N ALA K 55 -61.29 -13.44 11.81
CA ALA K 55 -60.15 -12.56 11.58
C ALA K 55 -59.76 -11.82 12.85
N SER K 56 -60.75 -11.38 13.63
CA SER K 56 -60.47 -10.69 14.88
C SER K 56 -59.85 -11.60 15.93
N ALA K 57 -59.91 -12.92 15.74
CA ALA K 57 -59.32 -13.89 16.66
C ALA K 57 -57.92 -14.32 16.24
N THR K 58 -57.73 -14.68 14.98
CA THR K 58 -56.41 -15.11 14.52
C THR K 58 -55.44 -13.94 14.36
N THR K 59 -55.93 -12.73 14.13
CA THR K 59 -55.09 -11.55 14.21
C THR K 59 -54.95 -11.05 15.64
N VAL K 60 -55.60 -11.73 16.59
CA VAL K 60 -55.57 -11.46 18.02
C VAL K 60 -55.86 -9.99 18.28
N THR K 61 -56.91 -9.47 17.66
CA THR K 61 -57.34 -8.10 17.85
C THR K 61 -58.36 -7.96 18.97
N GLY K 62 -59.47 -8.69 18.89
CA GLY K 62 -60.47 -8.64 19.92
C GLY K 62 -61.66 -7.76 19.61
N LEU K 63 -61.74 -7.19 18.41
CA LEU K 63 -62.92 -6.44 18.02
C LEU K 63 -64.09 -7.40 17.84
N ALA K 64 -65.24 -7.07 18.41
CA ALA K 64 -66.38 -7.96 18.44
C ALA K 64 -67.59 -7.27 17.81
N VAL K 65 -67.99 -7.72 16.64
CA VAL K 65 -69.27 -7.32 16.09
C VAL K 65 -70.41 -7.93 16.90
N VAL K 66 -70.31 -9.22 17.20
CA VAL K 66 -71.31 -9.94 18.00
C VAL K 66 -70.67 -10.36 19.31
N ASP K 67 -71.51 -10.53 20.33
CA ASP K 67 -71.02 -10.87 21.66
C ASP K 67 -70.48 -12.30 21.68
N THR K 68 -69.28 -12.47 22.24
CA THR K 68 -68.69 -13.80 22.31
C THR K 68 -69.46 -14.70 23.27
N GLY K 69 -69.95 -14.15 24.37
CA GLY K 69 -70.64 -14.96 25.36
C GLY K 69 -71.98 -15.50 24.88
N THR K 70 -72.73 -14.68 24.16
CA THR K 70 -74.11 -15.03 23.82
C THR K 70 -74.25 -15.66 22.44
N GLN K 71 -73.51 -15.16 21.44
CA GLN K 71 -73.69 -15.66 20.07
C GLN K 71 -73.17 -17.07 19.93
N PHE K 72 -72.06 -17.41 20.58
CA PHE K 72 -71.39 -18.68 20.40
C PHE K 72 -71.67 -19.62 21.56
N THR K 73 -71.62 -20.92 21.28
CA THR K 73 -71.76 -21.96 22.28
C THR K 73 -70.41 -22.22 22.94
N VAL K 74 -70.34 -23.24 23.78
CA VAL K 74 -69.06 -23.61 24.38
C VAL K 74 -68.11 -24.17 23.33
N PHE K 75 -68.65 -24.90 22.35
CA PHE K 75 -67.82 -25.37 21.25
C PHE K 75 -67.31 -24.21 20.41
N GLY K 76 -68.15 -23.21 20.16
CA GLY K 76 -67.73 -22.07 19.37
C GLY K 76 -66.66 -21.24 20.05
N GLN K 77 -66.76 -21.07 21.37
CA GLN K 77 -65.73 -20.36 22.12
C GLN K 77 -64.43 -21.14 22.18
N THR K 78 -64.49 -22.47 22.10
CA THR K 78 -63.28 -23.28 22.04
C THR K 78 -62.56 -23.09 20.71
N VAL K 79 -63.32 -22.92 19.62
CA VAL K 79 -62.73 -22.59 18.33
C VAL K 79 -62.05 -21.23 18.39
N ILE K 80 -62.63 -20.30 19.15
CA ILE K 80 -62.00 -19.00 19.34
C ILE K 80 -60.66 -19.14 20.06
N MET K 81 -60.61 -19.99 21.09
CA MET K 81 -59.35 -20.25 21.79
C MET K 81 -58.34 -20.90 20.87
N GLY K 82 -58.80 -21.74 19.94
CA GLY K 82 -57.89 -22.30 18.96
C GLY K 82 -57.29 -21.25 18.05
N LEU K 83 -58.12 -20.31 17.59
CA LEU K 83 -57.62 -19.26 16.71
C LEU K 83 -56.75 -18.26 17.47
N ILE K 84 -57.11 -17.95 18.72
CA ILE K 84 -56.32 -17.02 19.52
C ILE K 84 -54.94 -17.59 19.80
N GLN K 85 -54.87 -18.87 20.17
CA GLN K 85 -53.59 -19.49 20.46
C GLN K 85 -52.74 -19.64 19.20
N ILE K 86 -53.37 -20.03 18.08
CA ILE K 86 -52.63 -20.18 16.82
C ILE K 86 -52.15 -18.83 16.33
N GLY K 87 -53.02 -17.84 16.31
CA GLY K 87 -52.64 -16.53 15.81
C GLY K 87 -51.77 -15.76 16.78
N GLY K 88 -51.85 -16.09 18.07
CA GLY K 88 -51.04 -15.39 19.06
C GLY K 88 -49.57 -15.72 18.95
N LEU K 89 -49.24 -17.02 18.93
CA LEU K 89 -47.85 -17.44 18.87
C LEU K 89 -47.33 -17.54 17.43
N GLY K 90 -48.19 -17.43 16.44
CA GLY K 90 -47.77 -17.45 15.06
C GLY K 90 -48.14 -18.74 14.35
N PHE K 91 -48.31 -18.64 13.03
CA PHE K 91 -48.59 -19.81 12.21
C PHE K 91 -47.38 -20.74 12.16
N MET K 92 -46.18 -20.18 12.04
CA MET K 92 -44.97 -20.99 11.90
C MET K 92 -44.51 -21.61 13.21
N THR K 93 -44.96 -21.12 14.35
CA THR K 93 -44.57 -21.73 15.62
C THR K 93 -45.16 -23.12 15.75
N PHE K 94 -46.45 -23.27 15.47
CA PHE K 94 -47.09 -24.57 15.58
C PHE K 94 -46.73 -25.52 14.45
N ALA K 95 -46.41 -24.98 13.27
CA ALA K 95 -46.05 -25.84 12.14
C ALA K 95 -44.74 -26.59 12.41
N VAL K 96 -43.77 -25.93 13.05
CA VAL K 96 -42.51 -26.59 13.37
C VAL K 96 -42.71 -27.65 14.45
N LEU K 97 -43.56 -27.35 15.45
CA LEU K 97 -43.81 -28.31 16.51
C LEU K 97 -44.50 -29.57 15.98
N ILE K 98 -45.46 -29.39 15.08
CA ILE K 98 -46.15 -30.55 14.49
C ILE K 98 -45.17 -31.40 13.71
N VAL K 99 -44.29 -30.77 12.93
CA VAL K 99 -43.28 -31.50 12.17
C VAL K 99 -42.31 -32.22 13.11
N MET K 100 -41.95 -31.57 14.22
CA MET K 100 -41.04 -32.19 15.18
C MET K 100 -41.64 -33.43 15.82
N ILE K 101 -42.94 -33.39 16.15
CA ILE K 101 -43.60 -34.56 16.74
C ILE K 101 -43.68 -35.70 15.73
N LEU K 102 -43.91 -35.36 14.46
CA LEU K 102 -43.90 -36.38 13.42
C LEU K 102 -42.52 -36.99 13.17
N GLY K 103 -41.47 -36.40 13.72
CA GLY K 103 -40.13 -36.93 13.61
C GLY K 103 -39.33 -36.42 12.44
N LYS K 104 -39.93 -35.64 11.55
CA LYS K 104 -39.20 -35.07 10.43
C LYS K 104 -38.21 -34.03 10.92
N LYS K 105 -37.01 -34.05 10.35
CA LYS K 105 -35.98 -33.10 10.73
C LYS K 105 -36.25 -31.73 10.11
N ILE K 106 -35.90 -30.69 10.86
CA ILE K 106 -36.12 -29.32 10.42
C ILE K 106 -34.98 -28.91 9.49
N GLY K 107 -35.30 -28.59 8.25
CA GLY K 107 -34.30 -28.25 7.27
C GLY K 107 -33.89 -26.79 7.33
N LEU K 108 -33.03 -26.41 6.39
CA LEU K 108 -32.63 -25.01 6.28
C LEU K 108 -33.76 -24.15 5.75
N LYS K 109 -34.50 -24.65 4.75
CA LYS K 109 -35.64 -23.91 4.21
C LYS K 109 -36.75 -23.78 5.24
N GLU K 110 -36.98 -24.83 6.03
CA GLU K 110 -37.95 -24.75 7.12
C GLU K 110 -37.45 -23.86 8.25
N ARG K 111 -36.14 -23.62 8.32
CA ARG K 111 -35.59 -22.77 9.36
C ARG K 111 -35.54 -21.31 8.93
N MET K 112 -35.56 -21.05 7.62
CA MET K 112 -35.60 -19.67 7.15
C MET K 112 -37.00 -19.07 7.30
N LEU K 113 -38.04 -19.92 7.28
CA LEU K 113 -39.39 -19.43 7.54
C LEU K 113 -39.55 -18.96 8.98
N VAL K 114 -38.95 -19.69 9.92
CA VAL K 114 -39.05 -19.34 11.33
C VAL K 114 -38.32 -18.02 11.61
N GLN K 115 -37.19 -17.80 10.93
CA GLN K 115 -36.47 -16.55 11.08
C GLN K 115 -37.31 -15.37 10.57
N GLU K 116 -38.04 -15.58 9.47
CA GLU K 116 -38.89 -14.52 8.94
C GLU K 116 -40.08 -14.25 9.84
N ALA K 117 -40.65 -15.30 10.44
CA ALA K 117 -41.82 -15.12 11.29
C ALA K 117 -41.47 -14.50 12.63
N LEU K 118 -40.30 -14.82 13.16
CA LEU K 118 -39.87 -14.30 14.46
C LEU K 118 -39.14 -12.96 14.35
N ASN K 119 -39.04 -12.40 13.14
CA ASN K 119 -38.34 -11.14 12.90
C ASN K 119 -36.90 -11.20 13.38
N GLN K 120 -36.23 -12.33 13.14
CA GLN K 120 -34.87 -12.53 13.63
C GLN K 120 -33.86 -12.11 12.56
N PRO K 121 -32.71 -11.58 12.97
CA PRO K 121 -31.69 -11.22 11.96
C PRO K 121 -30.82 -12.39 11.54
N THR K 122 -30.76 -13.45 12.36
CA THR K 122 -29.91 -14.59 12.10
C THR K 122 -30.68 -15.89 12.30
N ILE K 123 -30.24 -16.99 11.70
CA ILE K 123 -30.90 -18.25 11.85
C ILE K 123 -30.26 -19.07 12.95
N GLY K 124 -29.48 -18.42 13.80
CA GLY K 124 -28.89 -19.14 14.92
C GLY K 124 -29.83 -19.20 16.10
N GLY K 125 -30.23 -20.41 16.48
CA GLY K 125 -31.05 -20.62 17.66
C GLY K 125 -32.52 -20.33 17.51
N VAL K 126 -33.04 -20.26 16.27
CA VAL K 126 -34.46 -19.98 16.08
C VAL K 126 -35.30 -21.18 16.50
N ILE K 127 -34.83 -22.40 16.17
CA ILE K 127 -35.58 -23.60 16.51
C ILE K 127 -35.56 -23.84 18.01
N GLY K 128 -34.43 -23.56 18.67
CA GLY K 128 -34.38 -23.64 20.11
C GLY K 128 -35.27 -22.61 20.78
N LEU K 129 -35.45 -21.46 20.13
CA LEU K 129 -36.32 -20.42 20.67
C LEU K 129 -37.79 -20.82 20.58
N VAL K 130 -38.18 -21.56 19.54
CA VAL K 130 -39.56 -22.00 19.39
C VAL K 130 -39.94 -22.97 20.49
N LYS K 131 -39.03 -23.87 20.86
CA LYS K 131 -39.31 -24.82 21.93
C LYS K 131 -39.52 -24.11 23.26
N VAL K 132 -38.74 -23.07 23.52
CA VAL K 132 -38.87 -22.34 24.78
C VAL K 132 -40.17 -21.54 24.79
N LEU K 133 -40.48 -20.83 23.71
CA LEU K 133 -41.63 -19.93 23.72
C LEU K 133 -42.95 -20.69 23.75
N PHE K 134 -43.00 -21.87 23.13
CA PHE K 134 -44.23 -22.65 23.17
C PHE K 134 -44.43 -23.30 24.53
N LEU K 135 -43.34 -23.82 25.11
CA LEU K 135 -43.44 -24.42 26.44
C LEU K 135 -43.74 -23.37 27.50
N PHE K 136 -43.15 -22.18 27.36
CA PHE K 136 -43.44 -21.10 28.30
C PHE K 136 -44.88 -20.60 28.16
N SER K 137 -45.42 -20.61 26.94
CA SER K 137 -46.77 -20.12 26.73
C SER K 137 -47.79 -21.01 27.42
N ILE K 138 -47.73 -22.32 27.18
CA ILE K 138 -48.71 -23.22 27.76
C ILE K 138 -48.50 -23.38 29.26
N SER K 139 -47.28 -23.15 29.74
CA SER K 139 -47.02 -23.24 31.18
C SER K 139 -47.64 -22.07 31.93
N ILE K 140 -47.45 -20.85 31.42
CA ILE K 140 -47.92 -19.67 32.14
C ILE K 140 -49.40 -19.40 31.89
N GLU K 141 -49.96 -19.89 30.79
CA GLU K 141 -51.41 -19.84 30.61
C GLU K 141 -52.12 -20.80 31.54
N LEU K 142 -51.52 -21.97 31.79
CA LEU K 142 -52.16 -22.98 32.63
C LEU K 142 -52.06 -22.60 34.10
N ILE K 143 -50.92 -22.04 34.53
CA ILE K 143 -50.79 -21.61 35.91
C ILE K 143 -51.74 -20.46 36.21
N ALA K 144 -51.82 -19.48 35.31
CA ALA K 144 -52.73 -18.35 35.52
C ALA K 144 -54.19 -18.79 35.45
N ALA K 145 -54.48 -19.86 34.71
CA ALA K 145 -55.84 -20.40 34.72
C ALA K 145 -56.18 -20.98 36.08
N LEU K 146 -55.19 -21.50 36.80
CA LEU K 146 -55.42 -21.97 38.17
C LEU K 146 -55.57 -20.80 39.13
N ILE K 147 -54.79 -19.73 38.93
CA ILE K 147 -54.91 -18.55 39.79
C ILE K 147 -56.23 -17.85 39.56
N LEU K 148 -56.67 -17.78 38.30
CA LEU K 148 -57.99 -17.22 38.02
C LEU K 148 -59.12 -18.15 38.47
N SER K 149 -58.83 -19.44 38.66
CA SER K 149 -59.86 -20.35 39.12
C SER K 149 -60.23 -20.11 40.58
N ILE K 150 -59.30 -19.60 41.37
CA ILE K 150 -59.59 -19.32 42.79
C ILE K 150 -60.57 -18.17 42.96
N ARG K 151 -60.82 -17.40 41.90
CA ARG K 151 -61.78 -16.31 41.90
C ARG K 151 -62.98 -16.55 41.02
N LEU K 152 -62.79 -17.18 39.85
CA LEU K 152 -63.87 -17.41 38.91
C LEU K 152 -64.82 -18.52 39.34
N VAL K 153 -64.32 -19.58 39.96
CA VAL K 153 -65.13 -20.74 40.35
C VAL K 153 -66.21 -20.39 41.35
N PRO K 154 -65.95 -19.66 42.46
CA PRO K 154 -67.06 -19.34 43.37
C PRO K 154 -68.13 -18.45 42.77
N GLN K 155 -67.85 -17.75 41.66
CA GLN K 155 -68.86 -16.91 41.04
C GLN K 155 -69.67 -17.63 39.97
N TYR K 156 -69.04 -18.51 39.17
CA TYR K 156 -69.72 -19.15 38.06
C TYR K 156 -69.80 -20.66 38.22
N GLY K 157 -69.57 -21.17 39.43
CA GLY K 157 -69.57 -22.60 39.62
C GLY K 157 -68.30 -23.24 39.06
N TRP K 158 -68.34 -24.57 38.98
CA TRP K 158 -67.22 -25.32 38.45
C TRP K 158 -67.32 -25.53 36.95
N SER K 159 -68.55 -25.54 36.40
CA SER K 159 -68.72 -25.76 34.97
C SER K 159 -68.27 -24.55 34.17
N SER K 160 -68.64 -23.36 34.60
CA SER K 160 -68.32 -22.14 33.86
C SER K 160 -67.12 -21.40 34.42
N GLY K 161 -66.88 -21.50 35.74
CA GLY K 161 -65.75 -20.80 36.33
C GLY K 161 -64.42 -21.33 35.86
N LEU K 162 -64.33 -22.64 35.61
CA LEU K 162 -63.10 -23.21 35.08
C LEU K 162 -62.88 -22.80 33.63
N PHE K 163 -63.95 -22.75 32.83
CA PHE K 163 -63.80 -22.41 31.42
C PHE K 163 -63.56 -20.91 31.24
N ALA K 164 -64.13 -20.09 32.13
CA ALA K 164 -63.87 -18.65 32.08
C ALA K 164 -62.42 -18.35 32.41
N SER K 165 -61.81 -19.15 33.29
CA SER K 165 -60.40 -18.95 33.61
C SER K 165 -59.49 -19.37 32.46
N LEU K 166 -59.82 -20.48 31.80
CA LEU K 166 -58.98 -20.95 30.70
C LEU K 166 -59.10 -20.04 29.48
N PHE K 167 -60.31 -19.56 29.20
CA PHE K 167 -60.49 -18.64 28.07
C PHE K 167 -59.73 -17.34 28.30
N HIS K 168 -59.83 -16.77 29.51
CA HIS K 168 -59.25 -15.47 29.77
C HIS K 168 -57.74 -15.52 29.92
N ALA K 169 -57.18 -16.62 30.42
CA ALA K 169 -55.74 -16.75 30.49
C ALA K 169 -55.12 -16.81 29.09
N ILE K 170 -55.75 -17.56 28.19
CA ILE K 170 -55.28 -17.60 26.80
C ILE K 170 -55.55 -16.26 26.12
N SER K 171 -56.70 -15.64 26.42
CA SER K 171 -57.02 -14.34 25.85
C SER K 171 -56.06 -13.26 26.32
N ALA K 172 -55.73 -13.25 27.61
CA ALA K 172 -54.87 -12.19 28.13
C ALA K 172 -53.43 -12.36 27.67
N PHE K 173 -52.88 -13.58 27.79
CA PHE K 173 -51.47 -13.80 27.49
C PHE K 173 -51.16 -13.50 26.03
N ASN K 174 -52.05 -13.89 25.12
CA ASN K 174 -51.86 -13.67 23.70
C ASN K 174 -52.20 -12.26 23.26
N ASN K 175 -52.59 -11.38 24.20
CA ASN K 175 -53.00 -10.00 23.93
C ASN K 175 -54.16 -9.98 22.93
N ALA K 176 -55.28 -10.54 23.38
CA ALA K 176 -56.49 -10.62 22.59
C ALA K 176 -57.58 -9.67 23.08
N GLY K 177 -57.90 -9.71 24.36
CA GLY K 177 -58.98 -8.90 24.87
C GLY K 177 -60.36 -9.51 24.72
N PHE K 178 -60.45 -10.70 24.12
CA PHE K 178 -61.73 -11.40 24.08
C PHE K 178 -62.18 -11.76 25.48
N SER K 179 -63.44 -11.50 25.77
CA SER K 179 -64.01 -11.78 27.08
C SER K 179 -65.40 -12.37 26.92
N LEU K 180 -65.70 -13.38 27.74
CA LEU K 180 -67.00 -14.02 27.67
C LEU K 180 -68.10 -13.16 28.26
N TRP K 181 -67.77 -12.28 29.19
CA TRP K 181 -68.77 -11.45 29.82
C TRP K 181 -69.20 -10.32 28.89
N PRO K 182 -70.46 -9.89 28.97
CA PRO K 182 -70.90 -8.74 28.17
C PRO K 182 -70.15 -7.46 28.51
N ASP K 183 -69.80 -7.26 29.77
CA ASP K 183 -68.90 -6.19 30.17
C ASP K 183 -67.48 -6.74 30.19
N ASN K 184 -66.64 -6.25 29.29
CA ASN K 184 -65.28 -6.74 29.19
C ASN K 184 -64.48 -6.24 30.39
N LEU K 185 -64.51 -7.01 31.49
CA LEU K 185 -63.75 -6.70 32.71
C LEU K 185 -64.17 -5.40 33.38
N MET K 186 -65.36 -4.90 33.07
CA MET K 186 -65.81 -3.65 33.69
C MET K 186 -66.38 -3.85 35.09
N SER K 187 -66.61 -5.10 35.50
CA SER K 187 -67.11 -5.39 36.84
C SER K 187 -66.00 -5.72 37.82
N TYR K 188 -64.74 -5.73 37.38
CA TYR K 188 -63.59 -6.03 38.22
C TYR K 188 -62.64 -4.86 38.25
N VAL K 189 -63.16 -3.65 38.45
CA VAL K 189 -62.31 -2.47 38.47
C VAL K 189 -61.42 -2.47 39.69
N GLY K 190 -61.99 -2.69 40.86
CA GLY K 190 -61.24 -2.70 42.10
C GLY K 190 -60.74 -4.05 42.54
N ASP K 191 -60.89 -5.08 41.71
CA ASP K 191 -60.50 -6.43 42.09
C ASP K 191 -59.00 -6.60 41.88
N PRO K 192 -58.22 -6.85 42.94
CA PRO K 192 -56.78 -7.02 42.75
C PRO K 192 -56.39 -8.35 42.14
N THR K 193 -57.23 -9.38 42.25
CA THR K 193 -56.87 -10.69 41.70
C THR K 193 -56.90 -10.67 40.18
N VAL K 194 -57.98 -10.15 39.60
CA VAL K 194 -58.09 -10.10 38.15
C VAL K 194 -57.15 -9.04 37.58
N ASN K 195 -57.04 -7.89 38.24
CA ASN K 195 -56.22 -6.80 37.71
C ASN K 195 -54.75 -7.17 37.67
N LEU K 196 -54.24 -7.80 38.73
CA LEU K 196 -52.82 -8.14 38.75
C LEU K 196 -52.50 -9.30 37.82
N VAL K 197 -53.34 -10.33 37.81
CA VAL K 197 -53.06 -11.53 37.02
C VAL K 197 -53.13 -11.22 35.53
N ILE K 198 -54.18 -10.52 35.11
CA ILE K 198 -54.37 -10.25 33.69
C ILE K 198 -53.32 -9.27 33.17
N THR K 199 -53.02 -8.22 33.95
CA THR K 199 -51.97 -7.28 33.53
C THR K 199 -50.61 -7.96 33.47
N PHE K 200 -50.31 -8.85 34.42
CA PHE K 200 -49.08 -9.62 34.34
C PHE K 200 -49.04 -10.50 33.11
N LEU K 201 -50.19 -10.99 32.64
CA LEU K 201 -50.21 -11.91 31.52
C LEU K 201 -49.90 -11.21 30.20
N PHE K 202 -50.51 -10.06 29.93
CA PHE K 202 -50.25 -9.43 28.63
C PHE K 202 -49.04 -8.52 28.63
N ILE K 203 -48.51 -8.16 29.80
CA ILE K 203 -47.23 -7.46 29.82
C ILE K 203 -46.09 -8.42 29.55
N THR K 204 -46.11 -9.58 30.20
CA THR K 204 -45.10 -10.60 29.94
C THR K 204 -45.30 -11.25 28.58
N GLY K 205 -46.55 -11.45 28.16
CA GLY K 205 -46.80 -12.00 26.85
C GLY K 205 -46.58 -11.02 25.72
N GLY K 206 -46.40 -9.74 26.05
CA GLY K 206 -46.13 -8.73 25.06
C GLY K 206 -44.74 -8.15 25.15
N ILE K 207 -43.98 -8.51 26.20
CA ILE K 207 -42.64 -7.98 26.34
C ILE K 207 -41.69 -8.58 25.29
N GLY K 208 -42.04 -9.72 24.71
CA GLY K 208 -41.18 -10.34 23.72
C GLY K 208 -40.74 -11.73 24.13
N PHE K 209 -40.75 -12.67 23.17
CA PHE K 209 -40.23 -14.00 23.45
C PHE K 209 -38.71 -13.99 23.57
N THR K 210 -38.05 -13.10 22.83
CA THR K 210 -36.60 -12.97 22.93
C THR K 210 -36.20 -12.35 24.27
N VAL K 211 -37.01 -11.41 24.78
CA VAL K 211 -36.69 -10.75 26.04
C VAL K 211 -36.83 -11.72 27.21
N LEU K 212 -37.88 -12.53 27.20
CA LEU K 212 -38.11 -13.47 28.30
C LEU K 212 -37.02 -14.52 28.37
N PHE K 213 -36.57 -15.03 27.22
CA PHE K 213 -35.51 -16.03 27.21
C PHE K 213 -34.21 -15.47 27.75
N ASP K 214 -33.91 -14.20 27.45
CA ASP K 214 -32.71 -13.56 28.00
C ASP K 214 -32.83 -13.40 29.51
N VAL K 215 -34.02 -13.06 30.00
CA VAL K 215 -34.22 -12.94 31.44
C VAL K 215 -34.12 -14.30 32.12
N MET K 216 -34.61 -15.36 31.46
CA MET K 216 -34.52 -16.69 32.04
C MET K 216 -33.07 -17.18 32.11
N LYS K 217 -32.29 -16.96 31.06
CA LYS K 217 -30.92 -17.47 31.03
C LYS K 217 -29.92 -16.57 31.73
N ASN K 218 -30.23 -15.27 31.86
CA ASN K 218 -29.35 -14.32 32.53
C ASN K 218 -30.12 -13.63 33.63
N ARG K 219 -29.59 -13.66 34.85
CA ARG K 219 -30.28 -13.07 36.00
C ARG K 219 -29.71 -11.73 36.40
N ARG K 220 -28.78 -11.17 35.63
CA ARG K 220 -28.14 -9.92 35.95
C ARG K 220 -28.34 -8.92 34.83
N PHE K 221 -28.63 -7.67 35.21
CA PHE K 221 -29.05 -6.67 34.23
C PHE K 221 -27.91 -6.22 33.33
N LYS K 222 -26.66 -6.28 33.81
CA LYS K 222 -25.54 -5.85 32.98
C LYS K 222 -25.21 -6.85 31.88
N THR K 223 -25.66 -8.10 32.02
CA THR K 223 -25.45 -9.11 30.99
C THR K 223 -26.53 -9.09 29.91
N PHE K 224 -27.60 -8.33 30.12
CA PHE K 224 -28.68 -8.28 29.15
C PHE K 224 -28.23 -7.60 27.86
N SER K 225 -28.84 -8.01 26.76
CA SER K 225 -28.56 -7.42 25.47
C SER K 225 -29.19 -6.03 25.39
N LEU K 226 -28.90 -5.33 24.30
CA LEU K 226 -29.46 -3.99 24.12
C LEU K 226 -30.97 -4.04 23.94
N HIS K 227 -31.47 -5.04 23.20
CA HIS K 227 -32.91 -5.17 23.00
C HIS K 227 -33.63 -5.47 24.30
N THR K 228 -33.04 -6.31 25.14
CA THR K 228 -33.66 -6.63 26.43
C THR K 228 -33.63 -5.43 27.37
N LYS K 229 -32.52 -4.68 27.36
CA LYS K 229 -32.45 -3.48 28.19
C LYS K 229 -33.39 -2.39 27.71
N LEU K 230 -33.60 -2.30 26.38
CA LEU K 230 -34.55 -1.31 25.86
C LEU K 230 -35.98 -1.65 26.25
N MET K 231 -36.35 -2.93 26.19
CA MET K 231 -37.73 -3.31 26.46
C MET K 231 -38.08 -3.15 27.94
N LEU K 232 -37.15 -3.50 28.83
CA LEU K 232 -37.44 -3.39 30.26
C LEU K 232 -37.54 -1.94 30.71
N THR K 233 -36.61 -1.08 30.26
CA THR K 233 -36.67 0.33 30.63
C THR K 233 -37.73 1.06 29.84
N GLY K 234 -37.95 0.67 28.58
CA GLY K 234 -38.97 1.32 27.77
C GLY K 234 -40.37 1.06 28.26
N THR K 235 -40.68 -0.18 28.62
CA THR K 235 -42.00 -0.51 29.13
C THR K 235 -42.25 0.15 30.48
N LEU K 236 -41.23 0.21 31.33
CA LEU K 236 -41.39 0.80 32.65
C LEU K 236 -41.68 2.29 32.56
N MET K 237 -40.98 3.00 31.68
CA MET K 237 -41.19 4.44 31.55
C MET K 237 -42.48 4.76 30.81
N LEU K 238 -42.84 3.94 29.82
CA LEU K 238 -44.04 4.24 29.03
C LEU K 238 -45.31 3.90 29.80
N ASN K 239 -45.23 2.91 30.70
CA ASN K 239 -46.37 2.65 31.58
C ASN K 239 -46.49 3.71 32.68
N ALA K 240 -45.35 4.26 33.11
CA ALA K 240 -45.38 5.29 34.15
C ALA K 240 -45.98 6.59 33.63
N ILE K 241 -45.65 6.96 32.39
CA ILE K 241 -46.24 8.16 31.80
C ILE K 241 -47.73 7.95 31.53
N ALA K 242 -48.08 6.75 31.06
CA ALA K 242 -49.49 6.47 30.75
C ALA K 242 -50.35 6.42 32.01
N MET K 243 -49.82 5.85 33.09
CA MET K 243 -50.58 5.77 34.34
C MET K 243 -50.81 7.15 34.92
N LEU K 244 -49.82 8.04 34.80
CA LEU K 244 -49.98 9.41 35.29
C LEU K 244 -50.95 10.21 34.43
N THR K 245 -50.89 10.03 33.10
CA THR K 245 -51.72 10.84 32.21
C THR K 245 -53.19 10.46 32.29
N VAL K 246 -53.49 9.16 32.40
CA VAL K 246 -54.88 8.72 32.55
C VAL K 246 -55.44 9.19 33.88
N PHE K 247 -54.64 9.06 34.95
CA PHE K 247 -55.12 9.45 36.28
C PHE K 247 -55.38 10.94 36.38
N ILE K 248 -54.49 11.77 35.82
CA ILE K 248 -54.63 13.21 35.95
C ILE K 248 -55.81 13.72 35.13
N LEU K 249 -55.94 13.24 33.90
CA LEU K 249 -56.97 13.79 33.01
C LEU K 249 -58.35 13.30 33.39
N GLU K 250 -58.49 12.04 33.80
CA GLU K 250 -59.78 11.44 34.05
C GLU K 250 -60.23 11.53 35.50
N TYR K 251 -59.47 12.24 36.35
CA TYR K 251 -59.76 12.25 37.79
C TYR K 251 -61.13 12.83 38.10
N SER K 252 -61.48 13.93 37.44
CA SER K 252 -62.74 14.62 37.69
C SER K 252 -63.82 14.27 36.67
N ASN K 253 -63.56 13.30 35.79
CA ASN K 253 -64.54 12.92 34.78
C ASN K 253 -65.70 12.21 35.44
N PRO K 254 -66.95 12.65 35.23
CA PRO K 254 -68.08 11.98 35.90
C PRO K 254 -68.38 10.60 35.34
N GLY K 255 -68.15 10.36 34.05
CA GLY K 255 -68.48 9.07 33.48
C GLY K 255 -67.57 7.97 33.97
N THR K 256 -66.26 8.18 33.93
CA THR K 256 -65.28 7.21 34.36
C THR K 256 -64.32 7.86 35.34
N LEU K 257 -63.88 7.07 36.33
CA LEU K 257 -62.91 7.46 37.34
C LEU K 257 -63.40 8.60 38.25
N GLY K 258 -64.70 8.90 38.21
CA GLY K 258 -65.26 9.91 39.09
C GLY K 258 -65.98 9.34 40.29
N HIS K 259 -66.85 8.35 40.05
CA HIS K 259 -67.59 7.69 41.12
C HIS K 259 -66.86 6.45 41.61
N LEU K 260 -65.58 6.62 41.94
CA LEU K 260 -64.74 5.54 42.41
C LEU K 260 -63.96 6.01 43.63
N HIS K 261 -63.53 5.06 44.44
CA HIS K 261 -62.68 5.39 45.58
C HIS K 261 -61.23 5.56 45.10
N ILE K 262 -60.40 6.09 46.01
CA ILE K 262 -59.01 6.41 45.66
C ILE K 262 -58.25 5.15 45.33
N VAL K 263 -58.53 4.05 46.03
CA VAL K 263 -57.92 2.77 45.70
C VAL K 263 -58.40 2.27 44.34
N ASP K 264 -59.71 2.43 44.05
CA ASP K 264 -60.24 1.98 42.78
C ASP K 264 -59.76 2.85 41.62
N LYS K 265 -59.54 4.14 41.84
CA LYS K 265 -59.00 4.99 40.79
C LYS K 265 -57.58 4.60 40.42
N LEU K 266 -56.80 4.16 41.41
CA LEU K 266 -55.43 3.72 41.13
C LEU K 266 -55.42 2.45 40.30
N TRP K 267 -56.38 1.55 40.53
CA TRP K 267 -56.44 0.33 39.75
C TRP K 267 -56.86 0.60 38.31
N ALA K 268 -57.90 1.41 38.13
CA ALA K 268 -58.42 1.65 36.78
C ALA K 268 -57.43 2.47 35.95
N SER K 269 -56.73 3.41 36.58
CA SER K 269 -55.70 4.16 35.86
C SER K 269 -54.52 3.26 35.49
N TYR K 270 -54.13 2.35 36.38
CA TYR K 270 -53.06 1.42 36.08
C TYR K 270 -53.48 0.44 34.98
N PHE K 271 -54.72 -0.01 35.01
CA PHE K 271 -55.18 -0.97 34.01
C PHE K 271 -55.32 -0.30 32.64
N GLN K 272 -55.90 0.90 32.60
CA GLN K 272 -56.08 1.59 31.32
C GLN K 272 -54.78 2.15 30.77
N ALA K 273 -53.72 2.18 31.58
CA ALA K 273 -52.41 2.60 31.09
C ALA K 273 -51.74 1.51 30.27
N VAL K 274 -51.94 0.25 30.65
CA VAL K 274 -51.21 -0.86 30.04
C VAL K 274 -52.05 -1.62 29.02
N THR K 275 -53.37 -1.55 29.10
CA THR K 275 -54.23 -2.26 28.15
C THR K 275 -54.20 -1.75 26.70
N PRO K 276 -53.85 -0.50 26.37
CA PRO K 276 -53.69 -0.18 24.94
C PRO K 276 -52.49 -0.84 24.29
N ARG K 277 -51.58 -1.44 25.04
CA ARG K 277 -50.38 -2.07 24.49
C ARG K 277 -50.29 -3.53 24.95
N THR K 278 -50.94 -4.45 24.24
CA THR K 278 -51.89 -4.19 23.16
C THR K 278 -53.11 -5.06 23.40
N ALA K 279 -53.43 -5.32 24.68
CA ALA K 279 -54.43 -6.32 25.00
C ALA K 279 -55.82 -5.90 24.56
N GLY K 280 -56.24 -4.70 24.93
CA GLY K 280 -57.57 -4.27 24.58
C GLY K 280 -58.66 -4.61 25.58
N PHE K 281 -58.29 -5.06 26.78
CA PHE K 281 -59.27 -5.12 27.86
C PHE K 281 -59.60 -3.70 28.33
N ASN K 282 -60.63 -3.59 29.15
CA ASN K 282 -60.95 -2.29 29.71
C ASN K 282 -61.58 -2.47 31.09
N SER K 283 -61.48 -1.42 31.89
CA SER K 283 -62.23 -1.32 33.13
C SER K 283 -63.06 -0.05 33.21
N LEU K 284 -62.80 0.91 32.34
CA LEU K 284 -63.60 2.12 32.21
C LEU K 284 -64.04 2.23 30.76
N ASP K 285 -65.23 2.78 30.55
CA ASP K 285 -65.79 2.88 29.21
C ASP K 285 -65.05 3.97 28.43
N PHE K 286 -64.56 3.63 27.25
CA PHE K 286 -63.81 4.58 26.44
C PHE K 286 -64.71 5.57 25.72
N GLY K 287 -66.00 5.28 25.61
CA GLY K 287 -66.91 6.23 25.00
C GLY K 287 -67.15 7.46 25.84
N SER K 288 -66.93 7.38 27.15
CA SER K 288 -67.14 8.49 28.06
C SER K 288 -65.84 9.11 28.56
N MET K 289 -64.69 8.70 28.02
CA MET K 289 -63.45 9.35 28.38
C MET K 289 -63.36 10.71 27.69
N ARG K 290 -62.52 11.58 28.27
CA ARG K 290 -62.30 12.89 27.68
C ARG K 290 -61.50 12.76 26.39
N GLU K 291 -61.48 13.85 25.61
CA GLU K 291 -60.78 13.83 24.34
C GLU K 291 -59.26 13.75 24.52
N GLY K 292 -58.73 14.34 25.60
CA GLY K 292 -57.29 14.32 25.79
C GLY K 292 -56.74 12.94 26.06
N THR K 293 -57.47 12.11 26.80
CA THR K 293 -57.03 10.75 27.07
C THR K 293 -57.07 9.89 25.81
N ILE K 294 -58.09 10.07 24.96
CA ILE K 294 -58.22 9.28 23.75
C ILE K 294 -57.13 9.62 22.75
N VAL K 295 -56.75 10.90 22.68
CA VAL K 295 -55.63 11.29 21.82
C VAL K 295 -54.33 10.67 22.31
N PHE K 296 -54.10 10.67 23.62
CA PHE K 296 -52.90 10.06 24.16
C PHE K 296 -52.92 8.54 24.02
N THR K 297 -54.10 7.93 24.06
CA THR K 297 -54.21 6.49 23.81
C THR K 297 -53.91 6.17 22.36
N LEU K 298 -54.11 7.06 21.45
CA LEU K 298 -53.85 6.72 20.10
C LEU K 298 -52.38 6.63 19.93
N LEU K 299 -51.60 7.56 20.45
CA LEU K 299 -50.15 7.42 20.40
C LEU K 299 -49.70 6.17 21.15
N LEU K 300 -50.45 5.76 22.17
CA LEU K 300 -50.05 4.62 22.98
C LEU K 300 -50.20 3.31 22.21
N MET K 301 -51.30 3.16 21.47
CA MET K 301 -51.54 1.91 20.74
C MET K 301 -51.06 1.97 19.29
N PHE K 302 -50.47 3.09 18.86
CA PHE K 302 -49.64 3.05 17.66
C PHE K 302 -48.31 2.39 17.96
N ILE K 303 -47.75 2.66 19.14
CA ILE K 303 -46.60 1.93 19.67
C ILE K 303 -47.11 0.58 20.14
N GLY K 304 -46.30 -0.46 19.96
CA GLY K 304 -46.67 -1.77 20.43
C GLY K 304 -45.86 -2.19 21.64
N ALA K 305 -45.42 -3.44 21.62
CA ALA K 305 -44.56 -3.97 22.68
C ALA K 305 -43.89 -5.23 22.14
N GLY K 306 -42.57 -5.23 22.05
CA GLY K 306 -41.83 -6.44 21.75
C GLY K 306 -41.83 -6.81 20.29
N SER K 307 -40.64 -7.07 19.74
CA SER K 307 -40.54 -7.31 18.29
C SER K 307 -41.12 -8.65 17.90
N ALA K 308 -40.82 -9.70 18.65
CA ALA K 308 -41.36 -11.04 18.42
C ALA K 308 -42.19 -11.40 19.65
N SER K 309 -43.45 -11.03 19.64
CA SER K 309 -44.32 -11.24 20.79
C SER K 309 -45.74 -11.45 20.29
N THR K 310 -46.71 -11.32 21.18
CA THR K 310 -48.12 -11.44 20.85
C THR K 310 -48.78 -10.09 20.66
N ALA K 311 -48.01 -9.01 20.60
CA ALA K 311 -48.52 -7.67 20.33
C ALA K 311 -48.30 -7.30 18.86
N SER K 312 -48.71 -6.09 18.50
CA SER K 312 -48.55 -5.60 17.14
C SER K 312 -48.39 -4.08 17.17
N GLY K 313 -48.59 -3.46 16.00
CA GLY K 313 -48.25 -2.07 15.81
C GLY K 313 -46.76 -1.93 15.59
N ILE K 314 -46.31 -0.68 15.41
CA ILE K 314 -44.88 -0.47 15.46
C ILE K 314 -44.42 -0.73 16.88
N LYS K 315 -43.31 -1.44 17.02
CA LYS K 315 -42.97 -1.95 18.32
C LYS K 315 -42.34 -0.85 19.18
N LEU K 316 -42.12 -1.17 20.44
CA LEU K 316 -41.52 -0.19 21.35
C LEU K 316 -40.11 0.16 20.92
N THR K 317 -39.35 -0.83 20.45
CA THR K 317 -37.97 -0.57 20.03
C THR K 317 -37.90 0.26 18.76
N THR K 318 -38.89 0.12 17.88
CA THR K 318 -38.93 0.96 16.68
C THR K 318 -39.14 2.42 17.05
N PHE K 319 -40.01 2.69 18.02
CA PHE K 319 -40.26 4.05 18.46
C PHE K 319 -39.03 4.66 19.13
N ILE K 320 -38.32 3.87 19.93
CA ILE K 320 -37.14 4.38 20.62
C ILE K 320 -36.00 4.64 19.64
N VAL K 321 -35.86 3.79 18.62
CA VAL K 321 -34.78 3.96 17.65
C VAL K 321 -34.97 5.25 16.86
N ILE K 322 -36.20 5.52 16.40
CA ILE K 322 -36.46 6.72 15.63
C ILE K 322 -36.35 7.96 16.51
N LEU K 323 -36.89 7.89 17.73
CA LEU K 323 -36.85 9.04 18.63
C LEU K 323 -35.42 9.39 19.02
N THR K 324 -34.58 8.38 19.28
CA THR K 324 -33.20 8.63 19.63
C THR K 324 -32.41 9.12 18.42
N SER K 325 -32.73 8.64 17.22
CA SER K 325 -32.02 9.07 16.03
C SER K 325 -32.31 10.52 15.70
N VAL K 326 -33.55 10.97 15.93
CA VAL K 326 -33.90 12.36 15.67
C VAL K 326 -33.25 13.27 16.70
N ILE K 327 -33.30 12.88 17.99
CA ILE K 327 -32.73 13.71 19.04
C ILE K 327 -31.22 13.80 18.88
N ALA K 328 -30.55 12.70 18.53
CA ALA K 328 -29.12 12.73 18.31
C ALA K 328 -28.76 13.59 17.10
N TYR K 329 -29.69 13.72 16.15
CA TYR K 329 -29.48 14.67 15.05
C TYR K 329 -29.68 16.10 15.51
N LEU K 330 -30.67 16.34 16.36
CA LEU K 330 -30.96 17.70 16.83
C LEU K 330 -29.88 18.21 17.76
N ARG K 331 -29.13 17.32 18.38
CA ARG K 331 -28.02 17.69 19.24
C ARG K 331 -26.69 17.71 18.50
N GLY K 332 -26.70 17.48 17.19
CA GLY K 332 -25.50 17.53 16.39
C GLY K 332 -24.65 16.29 16.40
N LYS K 333 -25.08 15.23 17.07
CA LYS K 333 -24.29 14.01 17.15
C LYS K 333 -24.28 13.28 15.82
N LYS K 334 -23.21 12.54 15.57
CA LYS K 334 -23.01 11.87 14.30
C LYS K 334 -23.49 10.42 14.29
N GLU K 335 -24.01 9.92 15.41
CA GLU K 335 -24.47 8.54 15.47
C GLU K 335 -25.54 8.40 16.54
N THR K 336 -26.32 7.33 16.44
CA THR K 336 -27.39 7.05 17.39
C THR K 336 -26.85 6.13 18.49
N VAL K 337 -26.96 6.57 19.73
CA VAL K 337 -26.39 5.87 20.87
C VAL K 337 -27.47 5.69 21.93
N ILE K 338 -27.78 4.44 22.26
CA ILE K 338 -28.59 4.10 23.43
C ILE K 338 -27.82 3.10 24.26
N PHE K 339 -27.73 3.36 25.56
CA PHE K 339 -27.01 2.49 26.52
C PHE K 339 -25.56 2.29 26.09
N ARG K 340 -24.93 3.37 25.60
CA ARG K 340 -23.53 3.36 25.18
C ARG K 340 -23.26 2.33 24.09
N ARG K 341 -24.23 2.17 23.20
CA ARG K 341 -24.12 1.25 22.07
C ARG K 341 -24.55 1.98 20.81
N SER K 342 -23.65 2.09 19.84
CA SER K 342 -24.01 2.71 18.58
C SER K 342 -24.97 1.82 17.80
N ILE K 343 -25.92 2.45 17.13
CA ILE K 343 -26.93 1.76 16.35
C ILE K 343 -26.65 1.96 14.88
N LYS K 344 -26.53 0.86 14.15
CA LYS K 344 -26.11 0.89 12.75
C LYS K 344 -27.20 1.49 11.88
N TYR K 345 -26.79 1.98 10.71
CA TYR K 345 -27.75 2.47 9.72
C TYR K 345 -28.76 1.43 9.25
N PRO K 346 -28.42 0.15 9.04
CA PRO K 346 -29.47 -0.82 8.69
C PRO K 346 -30.59 -0.93 9.71
N ILE K 347 -30.31 -0.70 10.99
CA ILE K 347 -31.37 -0.70 12.00
C ILE K 347 -32.26 0.53 11.83
N ILE K 348 -31.66 1.68 11.54
CA ILE K 348 -32.44 2.91 11.42
C ILE K 348 -33.36 2.86 10.21
N ILE K 349 -32.86 2.36 9.08
CA ILE K 349 -33.67 2.38 7.86
C ILE K 349 -34.81 1.37 7.94
N LYS K 350 -34.64 0.27 8.67
CA LYS K 350 -35.74 -0.67 8.84
C LYS K 350 -36.82 -0.10 9.73
N ALA K 351 -36.43 0.59 10.81
CA ALA K 351 -37.41 1.22 11.68
C ALA K 351 -38.13 2.36 10.98
N LEU K 352 -37.43 3.05 10.08
CA LEU K 352 -38.07 4.09 9.28
C LEU K 352 -39.13 3.52 8.36
N ALA K 353 -38.85 2.37 7.75
CA ALA K 353 -39.80 1.77 6.82
C ALA K 353 -41.02 1.22 7.54
N VAL K 354 -40.85 0.67 8.74
CA VAL K 354 -41.99 0.16 9.51
C VAL K 354 -42.91 1.31 9.88
N SER K 355 -42.35 2.42 10.34
CA SER K 355 -43.17 3.52 10.85
C SER K 355 -43.88 4.27 9.72
N VAL K 356 -43.20 4.47 8.59
CA VAL K 356 -43.82 5.19 7.48
C VAL K 356 -44.91 4.35 6.82
N THR K 357 -44.63 3.06 6.59
CA THR K 357 -45.62 2.20 5.94
C THR K 357 -46.82 1.97 6.83
N SER K 358 -46.62 1.95 8.14
CA SER K 358 -47.74 1.80 9.06
C SER K 358 -48.64 3.04 9.07
N LEU K 359 -48.03 4.23 8.96
CA LEU K 359 -48.82 5.45 8.92
C LEU K 359 -49.60 5.57 7.61
N PHE K 360 -49.05 5.06 6.51
CA PHE K 360 -49.76 5.11 5.24
C PHE K 360 -51.01 4.24 5.27
N ILE K 361 -50.91 3.04 5.86
CA ILE K 361 -52.04 2.13 5.91
C ILE K 361 -53.11 2.66 6.88
N VAL K 362 -52.69 3.22 8.01
CA VAL K 362 -53.63 3.83 8.94
C VAL K 362 -54.34 5.00 8.30
N PHE K 363 -53.61 5.84 7.56
CA PHE K 363 -54.21 6.98 6.88
C PHE K 363 -55.22 6.51 5.82
N LEU K 364 -54.89 5.46 5.08
CA LEU K 364 -55.85 4.92 4.12
C LEU K 364 -57.05 4.31 4.81
N GLY K 365 -56.85 3.70 5.98
CA GLY K 365 -57.97 3.14 6.71
C GLY K 365 -58.94 4.19 7.20
N ILE K 366 -58.43 5.31 7.73
CA ILE K 366 -59.28 6.41 8.13
C ILE K 366 -59.92 7.05 6.90
N PHE K 367 -59.17 7.16 5.81
CA PHE K 367 -59.72 7.74 4.59
C PHE K 367 -60.81 6.86 3.98
N ALA K 368 -60.65 5.54 4.08
CA ALA K 368 -61.66 4.64 3.52
C ALA K 368 -62.89 4.56 4.41
N LEU K 369 -62.71 4.63 5.73
CA LEU K 369 -63.84 4.52 6.65
C LEU K 369 -64.68 5.80 6.66
N THR K 370 -64.06 6.95 6.44
CA THR K 370 -64.83 8.20 6.39
C THR K 370 -65.74 8.23 5.18
N ILE K 371 -65.28 7.70 4.04
CA ILE K 371 -66.12 7.59 2.86
C ILE K 371 -67.29 6.66 3.11
N THR K 372 -67.03 5.52 3.76
CA THR K 372 -68.03 4.48 3.93
C THR K 372 -68.97 4.76 5.10
N GLU K 373 -68.40 5.04 6.28
CA GLU K 373 -69.18 5.08 7.50
C GLU K 373 -69.59 6.50 7.87
N GLN K 374 -70.82 6.64 8.34
CA GLN K 374 -71.34 7.90 8.87
C GLN K 374 -71.24 7.81 10.39
N ALA K 375 -70.19 8.42 10.94
CA ALA K 375 -69.87 8.28 12.36
C ALA K 375 -69.08 9.50 12.79
N PRO K 376 -68.98 9.75 14.10
CA PRO K 376 -68.03 10.77 14.57
C PRO K 376 -66.61 10.45 14.14
N PHE K 377 -65.85 11.52 13.87
CA PHE K 377 -64.51 11.34 13.33
C PHE K 377 -63.57 10.72 14.36
N LEU K 378 -63.71 11.06 15.64
CA LEU K 378 -62.83 10.48 16.65
C LEU K 378 -63.06 8.99 16.81
N GLN K 379 -64.30 8.53 16.61
CA GLN K 379 -64.56 7.09 16.65
C GLN K 379 -63.94 6.37 15.47
N ILE K 380 -63.88 7.02 14.30
CA ILE K 380 -63.29 6.40 13.12
C ILE K 380 -61.77 6.28 13.30
N VAL K 381 -61.13 7.32 13.82
CA VAL K 381 -59.70 7.29 14.05
C VAL K 381 -59.34 6.27 15.12
N PHE K 382 -60.13 6.21 16.19
CA PHE K 382 -59.87 5.27 17.27
C PHE K 382 -60.05 3.83 16.80
N GLU K 383 -61.03 3.58 15.93
CA GLU K 383 -61.26 2.23 15.43
C GLU K 383 -60.14 1.76 14.52
N THR K 384 -59.57 2.67 13.72
CA THR K 384 -58.52 2.28 12.79
C THR K 384 -57.19 2.04 13.51
N PHE K 385 -56.86 2.88 14.48
CA PHE K 385 -55.65 2.65 15.26
C PHE K 385 -55.77 1.39 16.10
N SER K 386 -56.97 1.13 16.64
CA SER K 386 -57.19 -0.09 17.40
C SER K 386 -57.14 -1.32 16.51
N ALA K 387 -57.63 -1.21 15.28
CA ALA K 387 -57.59 -2.35 14.37
C ALA K 387 -56.18 -2.59 13.84
N PHE K 388 -55.46 -1.53 13.49
CA PHE K 388 -54.11 -1.72 12.96
C PHE K 388 -53.14 -2.17 14.05
N GLY K 389 -53.23 -1.60 15.23
CA GLY K 389 -52.41 -2.06 16.33
C GLY K 389 -52.89 -3.35 16.95
N THR K 390 -54.02 -3.87 16.47
CA THR K 390 -54.66 -5.08 16.99
C THR K 390 -54.83 -5.00 18.50
N VAL K 391 -55.47 -3.92 18.95
CA VAL K 391 -55.72 -3.71 20.37
C VAL K 391 -57.14 -4.17 20.68
N GLY K 392 -58.11 -3.61 19.97
CA GLY K 392 -59.48 -4.01 20.15
C GLY K 392 -60.33 -3.08 20.98
N LEU K 393 -59.76 -1.99 21.48
CA LEU K 393 -60.54 -1.01 22.22
C LEU K 393 -61.49 -0.28 21.28
N THR K 394 -62.73 -0.09 21.72
CA THR K 394 -63.75 0.55 20.92
C THR K 394 -64.32 1.74 21.66
N MET K 395 -64.67 2.79 20.90
CA MET K 395 -65.52 3.86 21.39
C MET K 395 -66.99 3.63 21.05
N GLY K 396 -67.31 2.53 20.38
CA GLY K 396 -68.69 2.21 20.07
C GLY K 396 -69.02 2.17 18.59
N LEU K 397 -68.06 1.81 17.75
CA LEU K 397 -68.24 1.83 16.31
C LEU K 397 -68.41 0.44 15.69
N THR K 398 -67.76 -0.58 16.25
CA THR K 398 -67.72 -1.89 15.59
C THR K 398 -69.09 -2.52 15.38
N PRO K 399 -70.02 -2.55 16.35
CA PRO K 399 -71.38 -3.02 16.02
C PRO K 399 -72.11 -2.14 15.02
N GLU K 400 -71.72 -0.87 14.89
CA GLU K 400 -72.40 0.06 14.00
C GLU K 400 -71.82 0.06 12.60
N LEU K 401 -70.81 -0.75 12.33
CA LEU K 401 -70.17 -0.76 11.01
C LEU K 401 -71.10 -1.37 9.97
N THR K 402 -70.95 -0.92 8.73
CA THR K 402 -71.68 -1.51 7.61
C THR K 402 -70.91 -2.70 7.07
N THR K 403 -71.47 -3.35 6.06
CA THR K 403 -70.82 -4.51 5.46
C THR K 403 -69.54 -4.10 4.74
N ALA K 404 -69.53 -2.92 4.13
CA ALA K 404 -68.30 -2.43 3.53
C ALA K 404 -67.33 -1.91 4.57
N GLY K 405 -67.83 -1.44 5.72
CA GLY K 405 -66.95 -1.02 6.78
C GLY K 405 -66.21 -2.16 7.44
N LYS K 406 -66.88 -3.31 7.58
CA LYS K 406 -66.23 -4.47 8.18
C LYS K 406 -65.12 -5.02 7.29
N CYS K 407 -65.31 -4.96 5.97
CA CYS K 407 -64.29 -5.45 5.05
C CYS K 407 -63.04 -4.58 5.08
N ILE K 408 -63.18 -3.30 5.42
CA ILE K 408 -62.01 -2.45 5.57
C ILE K 408 -61.23 -2.83 6.83
N ILE K 409 -61.92 -3.11 7.92
CA ILE K 409 -61.26 -3.42 9.18
C ILE K 409 -60.53 -4.77 9.09
N ILE K 410 -61.14 -5.74 8.39
CA ILE K 410 -60.53 -7.07 8.26
C ILE K 410 -59.21 -6.98 7.52
N VAL K 411 -59.14 -6.13 6.50
CA VAL K 411 -57.87 -5.90 5.82
C VAL K 411 -56.88 -5.19 6.75
N ILE K 412 -57.35 -4.21 7.52
CA ILE K 412 -56.47 -3.48 8.43
C ILE K 412 -55.94 -4.40 9.51
N MET K 413 -56.79 -5.26 10.07
CA MET K 413 -56.35 -6.20 11.10
C MET K 413 -55.36 -7.21 10.55
N PHE K 414 -55.55 -7.63 9.30
CA PHE K 414 -54.65 -8.61 8.70
C PHE K 414 -53.26 -8.04 8.51
N ILE K 415 -53.15 -6.84 7.95
CA ILE K 415 -51.86 -6.21 7.74
C ILE K 415 -51.22 -5.84 9.07
N GLY K 416 -52.03 -5.44 10.05
CA GLY K 416 -51.49 -5.01 11.32
C GLY K 416 -50.81 -6.13 12.09
N ARG K 417 -51.43 -7.31 12.13
CA ARG K 417 -50.83 -8.43 12.86
C ARG K 417 -49.62 -8.99 12.15
N ILE K 418 -49.72 -9.19 10.83
CA ILE K 418 -48.61 -9.76 10.08
C ILE K 418 -47.47 -8.76 9.92
N GLY K 419 -47.74 -7.48 10.10
CA GLY K 419 -46.75 -6.46 9.91
C GLY K 419 -46.79 -5.89 8.52
N PRO K 420 -46.66 -4.56 8.40
CA PRO K 420 -46.65 -3.95 7.07
C PRO K 420 -45.47 -4.37 6.21
N LEU K 421 -44.32 -4.68 6.82
CA LEU K 421 -43.16 -5.06 6.03
C LEU K 421 -43.33 -6.44 5.40
N THR K 422 -43.78 -7.42 6.17
CA THR K 422 -43.95 -8.76 5.62
C THR K 422 -45.13 -8.83 4.66
N PHE K 423 -46.08 -7.89 4.77
CA PHE K 423 -47.18 -7.86 3.83
C PHE K 423 -46.74 -7.31 2.48
N VAL K 424 -45.91 -6.27 2.47
CA VAL K 424 -45.43 -5.71 1.22
C VAL K 424 -44.47 -6.67 0.53
N PHE K 425 -43.62 -7.35 1.31
CA PHE K 425 -42.67 -8.30 0.75
C PHE K 425 -43.35 -9.49 0.09
N SER K 426 -44.64 -9.71 0.37
CA SER K 426 -45.38 -10.79 -0.27
C SER K 426 -45.51 -10.57 -1.77
N PHE K 427 -45.77 -9.33 -2.19
CA PHE K 427 -46.05 -9.05 -3.59
C PHE K 427 -45.07 -8.05 -4.20
N ALA K 428 -43.97 -7.74 -3.51
CA ALA K 428 -42.96 -6.81 -4.02
C ALA K 428 -41.86 -7.61 -4.71
N LYS K 429 -41.58 -7.25 -5.95
CA LYS K 429 -40.56 -7.94 -6.74
C LYS K 429 -39.18 -7.54 -6.24
N THR K 430 -38.42 -8.52 -5.76
CA THR K 430 -37.08 -8.25 -5.27
C THR K 430 -36.08 -8.31 -6.43
N GLU K 431 -35.67 -7.13 -6.90
CA GLU K 431 -34.73 -7.02 -8.00
C GLU K 431 -33.39 -6.53 -7.45
N GLN K 432 -32.32 -7.21 -7.85
CA GLN K 432 -30.97 -6.86 -7.41
C GLN K 432 -30.24 -6.15 -8.54
N SER K 433 -29.77 -4.94 -8.26
CA SER K 433 -28.96 -4.17 -9.20
C SER K 433 -27.70 -3.69 -8.50
N ASN K 434 -26.56 -3.90 -9.14
CA ASN K 434 -25.27 -3.46 -8.60
C ASN K 434 -24.84 -2.11 -9.16
N ILE K 435 -25.66 -1.49 -9.99
CA ILE K 435 -25.31 -0.20 -10.55
C ILE K 435 -25.62 0.90 -9.54
N ARG K 436 -24.88 1.99 -9.63
CA ARG K 436 -25.07 3.16 -8.79
C ARG K 436 -25.32 4.36 -9.67
N TYR K 437 -25.62 5.49 -9.04
CA TYR K 437 -25.95 6.70 -9.77
C TYR K 437 -25.21 7.89 -9.19
N PRO K 438 -24.92 8.91 -10.00
CA PRO K 438 -24.27 10.11 -9.46
C PRO K 438 -25.17 10.83 -8.46
N ASP K 439 -24.54 11.43 -7.46
CA ASP K 439 -25.29 12.07 -6.39
C ASP K 439 -26.03 13.30 -6.89
N GLY K 440 -27.25 13.47 -6.41
CA GLY K 440 -28.04 14.66 -6.70
C GLY K 440 -28.41 15.35 -5.40
N GLU K 441 -28.33 16.67 -5.41
CA GLU K 441 -28.60 17.49 -4.22
C GLU K 441 -30.03 18.03 -4.30
N VAL K 442 -30.81 17.74 -3.27
CA VAL K 442 -32.17 18.25 -3.14
C VAL K 442 -32.32 18.83 -1.74
N PHE K 443 -32.89 20.02 -1.65
CA PHE K 443 -33.00 20.73 -0.38
C PHE K 443 -34.31 20.33 0.30
N THR K 444 -34.21 19.47 1.31
CA THR K 444 -35.37 18.90 1.99
C THR K 444 -35.67 19.67 3.26
N GLY K 445 -35.36 20.96 3.29
CA GLY K 445 -35.61 21.79 4.45
C GLY K 445 -37.09 22.14 4.60
N THR L 15 -25.76 30.12 16.56
CA THR L 15 -26.14 31.53 16.55
C THR L 15 -26.88 32.00 15.27
N PRO L 16 -26.53 31.53 14.07
CA PRO L 16 -27.38 31.84 12.90
C PRO L 16 -28.81 31.35 13.04
N PRO L 17 -29.08 30.18 13.66
CA PRO L 17 -30.48 29.89 13.98
C PRO L 17 -31.05 30.76 15.09
N GLN L 18 -30.21 31.30 15.97
CA GLN L 18 -30.70 32.15 17.04
C GLN L 18 -31.07 33.54 16.54
N VAL L 19 -30.32 34.06 15.57
CA VAL L 19 -30.64 35.37 14.99
C VAL L 19 -31.95 35.30 14.22
N LEU L 20 -32.20 34.18 13.53
CA LEU L 20 -33.46 34.01 12.80
C LEU L 20 -34.64 33.98 13.74
N ALA L 21 -34.53 33.26 14.86
CA ALA L 21 -35.63 33.14 15.79
C ALA L 21 -35.89 34.44 16.55
N ILE L 22 -34.82 35.13 16.94
CA ILE L 22 -34.97 36.37 17.71
C ILE L 22 -35.59 37.47 16.84
N GLY L 23 -35.06 37.64 15.63
CA GLY L 23 -35.57 38.68 14.76
C GLY L 23 -37.00 38.43 14.30
N PHE L 24 -37.33 37.17 14.03
CA PHE L 24 -38.68 36.84 13.60
C PHE L 24 -39.68 36.98 14.73
N PHE L 25 -39.24 36.79 15.97
CA PHE L 25 -40.14 37.02 17.11
C PHE L 25 -40.30 38.51 17.40
N LEU L 26 -39.27 39.31 17.16
CA LEU L 26 -39.37 40.74 17.42
C LEU L 26 -40.35 41.42 16.47
N THR L 27 -40.48 40.93 15.24
CA THR L 27 -41.44 41.51 14.30
C THR L 27 -42.87 41.28 14.75
N ILE L 28 -43.12 40.20 15.51
CA ILE L 28 -44.45 39.98 16.07
C ILE L 28 -44.78 41.07 17.09
N ILE L 29 -43.83 41.40 17.96
CA ILE L 29 -44.07 42.41 18.99
C ILE L 29 -44.22 43.78 18.36
N ILE L 30 -43.40 44.10 17.36
CA ILE L 30 -43.54 45.38 16.65
C ILE L 30 -44.87 45.45 15.94
N GLY L 31 -45.28 44.37 15.28
CA GLY L 31 -46.58 44.34 14.63
C GLY L 31 -47.74 44.38 15.60
N ALA L 32 -47.59 43.75 16.76
CA ALA L 32 -48.71 43.67 17.72
C ALA L 32 -49.02 45.03 18.32
N VAL L 33 -47.99 45.84 18.60
CA VAL L 33 -48.22 47.17 19.15
C VAL L 33 -48.91 48.06 18.12
N LEU L 34 -48.47 48.00 16.87
CA LEU L 34 -49.03 48.87 15.84
C LEU L 34 -50.50 48.56 15.57
N LEU L 35 -50.88 47.28 15.65
CA LEU L 35 -52.28 46.92 15.45
C LEU L 35 -53.14 47.28 16.65
N MET L 36 -52.55 47.44 17.83
CA MET L 36 -53.30 47.75 19.02
C MET L 36 -53.53 49.26 19.22
N LEU L 37 -52.89 50.09 18.42
CA LEU L 37 -53.12 51.53 18.49
C LEU L 37 -54.52 51.87 17.99
N PRO L 38 -55.15 52.90 18.55
CA PRO L 38 -56.47 53.31 18.04
C PRO L 38 -56.45 53.82 16.62
N ILE L 39 -55.27 54.22 16.10
CA ILE L 39 -55.16 54.71 14.74
C ILE L 39 -55.47 53.60 13.74
N SER L 40 -54.95 52.40 14.00
CA SER L 40 -54.99 51.31 13.02
C SER L 40 -56.27 50.50 13.07
N THR L 41 -57.15 50.71 14.05
CA THR L 41 -58.34 49.90 14.18
C THR L 41 -59.55 50.79 14.45
N THR L 42 -60.74 50.28 14.08
CA THR L 42 -61.98 51.00 14.27
C THR L 42 -62.72 50.58 15.53
N LYS L 43 -62.37 49.45 16.12
CA LYS L 43 -63.02 48.88 17.29
C LYS L 43 -61.97 48.58 18.34
N PRO L 44 -62.36 48.54 19.62
CA PRO L 44 -61.41 48.09 20.65
C PRO L 44 -60.96 46.66 20.40
N LEU L 45 -59.67 46.42 20.60
CA LEU L 45 -59.05 45.14 20.28
C LEU L 45 -58.35 44.58 21.52
N SER L 46 -58.49 43.27 21.71
CA SER L 46 -57.89 42.62 22.87
C SER L 46 -56.38 42.57 22.72
N TRP L 47 -55.71 42.32 23.85
CA TRP L 47 -54.25 42.17 23.83
C TRP L 47 -53.83 40.92 23.07
N ILE L 48 -54.67 39.89 23.06
CA ILE L 48 -54.31 38.63 22.44
C ILE L 48 -54.72 38.60 20.98
N ASP L 49 -55.83 39.27 20.63
CA ASP L 49 -56.25 39.32 19.23
C ASP L 49 -55.31 40.18 18.40
N ALA L 50 -54.76 41.24 18.99
CA ALA L 50 -53.70 42.00 18.32
C ALA L 50 -52.43 41.17 18.19
N LEU L 51 -52.13 40.36 19.20
CA LEU L 51 -50.98 39.47 19.12
C LEU L 51 -51.23 38.33 18.16
N PHE L 52 -52.48 37.85 18.09
CA PHE L 52 -52.80 36.77 17.16
C PHE L 52 -52.76 37.26 15.72
N THR L 53 -53.32 38.45 15.46
CA THR L 53 -53.34 38.98 14.11
C THR L 53 -51.94 39.32 13.62
N ALA L 54 -51.09 39.83 14.51
CA ALA L 54 -49.70 40.09 14.16
C ALA L 54 -48.94 38.79 13.90
N ALA L 55 -49.20 37.76 14.71
CA ALA L 55 -48.53 36.48 14.52
C ALA L 55 -49.06 35.77 13.27
N SER L 56 -50.34 35.91 12.97
CA SER L 56 -50.92 35.29 11.79
C SER L 56 -50.48 35.98 10.50
N ALA L 57 -49.87 37.15 10.58
CA ALA L 57 -49.40 37.88 9.41
C ALA L 57 -47.92 37.67 9.11
N THR L 58 -47.05 37.83 10.11
CA THR L 58 -45.63 37.63 9.87
C THR L 58 -45.27 36.15 9.69
N THR L 59 -46.03 35.24 10.31
CA THR L 59 -45.89 33.82 9.99
C THR L 59 -46.67 33.45 8.75
N VAL L 60 -47.38 34.42 8.15
CA VAL L 60 -48.13 34.30 6.90
C VAL L 60 -49.06 33.10 6.97
N THR L 61 -49.88 33.03 8.01
CA THR L 61 -50.84 31.97 8.17
C THR L 61 -52.22 32.35 7.66
N GLY L 62 -52.77 33.46 8.14
CA GLY L 62 -54.07 33.90 7.69
C GLY L 62 -55.23 33.51 8.57
N LEU L 63 -54.98 32.90 9.72
CA LEU L 63 -56.05 32.64 10.68
C LEU L 63 -56.50 33.97 11.28
N ALA L 64 -57.79 34.26 11.18
CA ALA L 64 -58.33 35.56 11.55
C ALA L 64 -59.38 35.37 12.64
N VAL L 65 -59.08 35.83 13.85
CA VAL L 65 -60.10 35.95 14.87
C VAL L 65 -61.06 37.07 14.53
N VAL L 66 -60.52 38.19 14.07
CA VAL L 66 -61.34 39.34 13.71
C VAL L 66 -61.26 39.61 12.22
N ASP L 67 -62.35 40.11 11.65
CA ASP L 67 -62.38 40.38 10.21
C ASP L 67 -61.41 41.50 9.88
N THR L 68 -60.61 41.29 8.83
CA THR L 68 -59.59 42.27 8.45
C THR L 68 -60.21 43.54 7.90
N GLY L 69 -61.25 43.42 7.08
CA GLY L 69 -61.83 44.60 6.44
C GLY L 69 -62.54 45.52 7.42
N THR L 70 -63.23 44.94 8.41
CA THR L 70 -64.07 45.74 9.29
C THR L 70 -63.33 46.25 10.53
N GLN L 71 -62.51 45.39 11.15
CA GLN L 71 -61.84 45.78 12.39
C GLN L 71 -60.75 46.81 12.13
N PHE L 72 -60.00 46.66 11.04
CA PHE L 72 -58.82 47.47 10.79
C PHE L 72 -59.11 48.57 9.79
N THR L 73 -58.39 49.68 9.93
CA THR L 73 -58.51 50.81 9.04
C THR L 73 -57.69 50.56 7.78
N VAL L 74 -57.60 51.58 6.91
CA VAL L 74 -56.72 51.47 5.76
C VAL L 74 -55.26 51.49 6.20
N PHE L 75 -54.95 52.28 7.22
CA PHE L 75 -53.59 52.27 7.77
C PHE L 75 -53.29 50.93 8.46
N GLY L 76 -54.28 50.37 9.15
CA GLY L 76 -54.07 49.10 9.83
C GLY L 76 -53.83 47.96 8.87
N GLN L 77 -54.54 47.95 7.74
CA GLN L 77 -54.32 46.94 6.72
C GLN L 77 -53.01 47.17 5.98
N THR L 78 -52.50 48.41 5.96
CA THR L 78 -51.16 48.65 5.45
C THR L 78 -50.10 48.02 6.36
N VAL L 79 -50.35 48.08 7.68
CA VAL L 79 -49.47 47.38 8.63
C VAL L 79 -49.56 45.88 8.41
N ILE L 80 -50.75 45.37 8.07
CA ILE L 80 -50.89 43.97 7.72
C ILE L 80 -50.11 43.65 6.45
N MET L 81 -50.18 44.53 5.45
CA MET L 81 -49.41 44.33 4.21
C MET L 81 -47.92 44.33 4.49
N GLY L 82 -47.46 45.19 5.39
CA GLY L 82 -46.05 45.19 5.76
C GLY L 82 -45.65 43.91 6.45
N LEU L 83 -46.50 43.42 7.37
CA LEU L 83 -46.16 42.21 8.11
C LEU L 83 -46.19 40.98 7.21
N ILE L 84 -47.10 40.94 6.24
CA ILE L 84 -47.14 39.83 5.29
C ILE L 84 -45.87 39.83 4.44
N GLN L 85 -45.48 40.99 3.91
CA GLN L 85 -44.34 41.04 3.01
C GLN L 85 -43.03 40.83 3.74
N ILE L 86 -42.91 41.36 4.97
CA ILE L 86 -41.70 41.14 5.76
C ILE L 86 -41.58 39.68 6.16
N GLY L 87 -42.68 39.08 6.62
CA GLY L 87 -42.62 37.70 7.07
C GLY L 87 -42.63 36.71 5.92
N GLY L 88 -43.28 37.06 4.81
CA GLY L 88 -43.32 36.14 3.67
C GLY L 88 -41.96 35.93 3.03
N LEU L 89 -41.21 37.01 2.82
CA LEU L 89 -39.89 36.90 2.21
C LEU L 89 -38.82 36.48 3.20
N GLY L 90 -39.08 36.58 4.49
CA GLY L 90 -38.10 36.25 5.50
C GLY L 90 -37.49 37.47 6.15
N PHE L 91 -37.06 37.30 7.40
CA PHE L 91 -36.47 38.40 8.14
C PHE L 91 -35.13 38.84 7.56
N MET L 92 -34.31 37.89 7.11
CA MET L 92 -32.98 38.24 6.62
C MET L 92 -32.98 38.63 5.15
N THR L 93 -34.12 38.49 4.45
CA THR L 93 -34.18 38.95 3.07
C THR L 93 -34.09 40.46 2.99
N PHE L 94 -34.88 41.17 3.80
CA PHE L 94 -34.81 42.62 3.82
C PHE L 94 -33.58 43.11 4.57
N ALA L 95 -33.06 42.28 5.48
CA ALA L 95 -31.89 42.67 6.26
C ALA L 95 -30.66 42.85 5.37
N VAL L 96 -30.52 42.00 4.35
CA VAL L 96 -29.42 42.15 3.41
C VAL L 96 -29.59 43.42 2.58
N LEU L 97 -30.82 43.69 2.15
CA LEU L 97 -31.05 44.84 1.26
C LEU L 97 -30.82 46.15 1.98
N ILE L 98 -31.20 46.24 3.25
CA ILE L 98 -30.97 47.46 4.02
C ILE L 98 -29.47 47.73 4.16
N VAL L 99 -28.69 46.68 4.44
CA VAL L 99 -27.24 46.83 4.54
C VAL L 99 -26.64 47.23 3.20
N MET L 100 -27.15 46.65 2.11
CA MET L 100 -26.66 47.00 0.78
C MET L 100 -27.02 48.44 0.42
N ILE L 101 -28.19 48.90 0.83
CA ILE L 101 -28.60 50.28 0.56
C ILE L 101 -27.70 51.26 1.32
N LEU L 102 -27.39 50.95 2.58
CA LEU L 102 -26.56 51.85 3.38
C LEU L 102 -25.12 51.88 2.88
N GLY L 103 -24.75 50.93 2.04
CA GLY L 103 -23.42 50.90 1.46
C GLY L 103 -22.46 49.89 2.07
N LYS L 104 -22.78 49.34 3.23
CA LYS L 104 -21.93 48.34 3.84
C LYS L 104 -21.99 47.03 3.05
N LYS L 105 -20.82 46.42 2.86
CA LYS L 105 -20.78 45.15 2.16
C LYS L 105 -21.20 44.01 3.08
N ILE L 106 -21.42 42.84 2.49
CA ILE L 106 -21.85 41.66 3.22
C ILE L 106 -20.61 40.86 3.60
N GLY L 107 -20.33 40.75 4.89
CA GLY L 107 -19.21 39.99 5.37
C GLY L 107 -19.53 38.50 5.43
N LEU L 108 -18.56 37.74 5.90
CA LEU L 108 -18.73 36.29 5.99
C LEU L 108 -19.72 35.91 7.07
N LYS L 109 -19.69 36.62 8.21
CA LYS L 109 -20.65 36.35 9.27
C LYS L 109 -22.07 36.68 8.82
N GLU L 110 -22.23 37.79 8.10
CA GLU L 110 -23.55 38.19 7.62
C GLU L 110 -24.04 37.27 6.51
N ARG L 111 -23.13 36.59 5.83
CA ARG L 111 -23.52 35.71 4.73
C ARG L 111 -23.91 34.32 5.20
N MET L 112 -23.43 33.91 6.39
CA MET L 112 -23.81 32.62 6.93
C MET L 112 -25.24 32.63 7.47
N LEU L 113 -25.75 33.81 7.84
CA LEU L 113 -27.15 33.92 8.22
C LEU L 113 -28.06 33.74 7.01
N VAL L 114 -27.64 34.26 5.85
CA VAL L 114 -28.41 34.11 4.62
C VAL L 114 -28.44 32.65 4.19
N GLN L 115 -27.35 31.92 4.41
CA GLN L 115 -27.33 30.50 4.11
C GLN L 115 -28.32 29.73 4.97
N GLU L 116 -28.39 30.07 6.27
CA GLU L 116 -29.31 29.39 7.17
C GLU L 116 -30.76 29.81 6.90
N ALA L 117 -30.98 31.08 6.55
CA ALA L 117 -32.33 31.58 6.32
C ALA L 117 -32.95 30.98 5.07
N LEU L 118 -32.15 30.83 4.00
CA LEU L 118 -32.65 30.35 2.72
C LEU L 118 -32.52 28.84 2.57
N ASN L 119 -32.12 28.14 3.63
CA ASN L 119 -31.98 26.68 3.63
C ASN L 119 -31.03 26.22 2.52
N GLN L 120 -29.86 26.83 2.47
CA GLN L 120 -28.90 26.57 1.41
C GLN L 120 -27.77 25.70 1.96
N PRO L 121 -27.21 24.79 1.16
CA PRO L 121 -26.07 23.99 1.67
C PRO L 121 -24.73 24.68 1.48
N THR L 122 -24.66 25.69 0.62
CA THR L 122 -23.42 26.39 0.31
C THR L 122 -23.61 27.89 0.47
N ILE L 123 -22.51 28.60 0.75
CA ILE L 123 -22.57 30.06 0.83
C ILE L 123 -22.23 30.69 -0.52
N GLY L 124 -22.04 29.86 -1.55
CA GLY L 124 -21.67 30.39 -2.84
C GLY L 124 -22.86 30.97 -3.58
N GLY L 125 -22.78 32.26 -3.89
CA GLY L 125 -23.82 32.93 -4.65
C GLY L 125 -25.13 33.11 -3.92
N VAL L 126 -25.12 33.15 -2.59
CA VAL L 126 -26.38 33.23 -1.86
C VAL L 126 -26.88 34.67 -1.78
N ILE L 127 -25.97 35.65 -1.94
CA ILE L 127 -26.38 37.05 -1.96
C ILE L 127 -27.10 37.37 -3.26
N GLY L 128 -26.64 36.81 -4.38
CA GLY L 128 -27.28 37.03 -5.66
C GLY L 128 -28.69 36.45 -5.74
N LEU L 129 -28.98 35.43 -4.93
CA LEU L 129 -30.35 34.92 -4.85
C LEU L 129 -31.27 35.93 -4.18
N VAL L 130 -30.77 36.67 -3.18
CA VAL L 130 -31.57 37.66 -2.49
C VAL L 130 -31.94 38.81 -3.42
N LYS L 131 -31.02 39.18 -4.31
CA LYS L 131 -31.33 40.21 -5.30
C LYS L 131 -32.44 39.74 -6.25
N VAL L 132 -32.39 38.47 -6.66
CA VAL L 132 -33.36 37.97 -7.62
C VAL L 132 -34.73 37.82 -6.99
N LEU L 133 -34.80 37.28 -5.77
CA LEU L 133 -36.10 36.98 -5.17
C LEU L 133 -36.83 38.26 -4.75
N PHE L 134 -36.11 39.31 -4.39
CA PHE L 134 -36.79 40.56 -4.07
C PHE L 134 -37.27 41.27 -5.32
N LEU L 135 -36.47 41.26 -6.38
CA LEU L 135 -36.88 41.90 -7.63
C LEU L 135 -38.04 41.14 -8.27
N PHE L 136 -38.05 39.82 -8.18
CA PHE L 136 -39.19 39.05 -8.65
C PHE L 136 -40.43 39.31 -7.80
N SER L 137 -40.24 39.56 -6.50
CA SER L 137 -41.39 39.78 -5.62
C SER L 137 -42.08 41.09 -5.92
N ILE L 138 -41.31 42.18 -6.03
CA ILE L 138 -41.91 43.49 -6.29
C ILE L 138 -42.47 43.57 -7.70
N SER L 139 -41.92 42.81 -8.63
CA SER L 139 -42.40 42.86 -10.01
C SER L 139 -43.74 42.14 -10.15
N ILE L 140 -43.76 40.83 -9.88
CA ILE L 140 -44.94 40.02 -10.17
C ILE L 140 -46.10 40.35 -9.24
N GLU L 141 -45.85 40.96 -8.08
CA GLU L 141 -46.96 41.49 -7.29
C GLU L 141 -47.54 42.74 -7.94
N LEU L 142 -46.67 43.60 -8.50
CA LEU L 142 -47.15 44.81 -9.16
C LEU L 142 -47.87 44.49 -10.46
N ILE L 143 -47.38 43.51 -11.21
CA ILE L 143 -48.05 43.12 -12.44
C ILE L 143 -49.42 42.52 -12.14
N ALA L 144 -49.48 41.60 -11.17
CA ALA L 144 -50.75 40.93 -10.86
C ALA L 144 -51.73 41.86 -10.17
N ALA L 145 -51.23 42.92 -9.52
CA ALA L 145 -52.13 43.94 -8.99
C ALA L 145 -52.82 44.71 -10.11
N LEU L 146 -52.11 44.91 -11.22
CA LEU L 146 -52.71 45.56 -12.39
C LEU L 146 -53.75 44.65 -13.04
N ILE L 147 -53.50 43.34 -13.07
CA ILE L 147 -54.48 42.41 -13.61
C ILE L 147 -55.71 42.35 -12.71
N LEU L 148 -55.50 42.41 -11.40
CA LEU L 148 -56.62 42.47 -10.46
C LEU L 148 -57.28 43.85 -10.45
N SER L 149 -56.61 44.88 -10.96
CA SER L 149 -57.19 46.21 -10.98
C SER L 149 -58.33 46.32 -11.99
N ILE L 150 -58.25 45.59 -13.10
CA ILE L 150 -59.29 45.64 -14.11
C ILE L 150 -60.60 45.01 -13.65
N ARG L 151 -60.57 44.28 -12.54
CA ARG L 151 -61.76 43.67 -11.96
C ARG L 151 -62.19 44.31 -10.65
N LEU L 152 -61.25 44.73 -9.81
CA LEU L 152 -61.57 45.31 -8.52
C LEU L 152 -62.07 46.74 -8.62
N VAL L 153 -61.54 47.53 -9.55
CA VAL L 153 -61.95 48.93 -9.72
C VAL L 153 -63.41 49.07 -10.17
N PRO L 154 -63.91 48.34 -11.19
CA PRO L 154 -65.32 48.54 -11.56
C PRO L 154 -66.33 48.06 -10.53
N GLN L 155 -65.89 47.32 -9.51
CA GLN L 155 -66.80 46.86 -8.46
C GLN L 155 -66.73 47.70 -7.20
N TYR L 156 -65.59 48.34 -6.93
CA TYR L 156 -65.40 49.08 -5.69
C TYR L 156 -64.85 50.48 -5.93
N GLY L 157 -64.89 50.97 -7.16
CA GLY L 157 -64.37 52.28 -7.45
C GLY L 157 -62.86 52.32 -7.43
N TRP L 158 -62.32 53.53 -7.52
CA TRP L 158 -60.88 53.73 -7.45
C TRP L 158 -60.36 53.83 -6.03
N SER L 159 -61.25 54.07 -5.07
CA SER L 159 -60.82 54.28 -3.69
C SER L 159 -60.35 52.99 -3.05
N SER L 160 -61.10 51.91 -3.22
CA SER L 160 -60.77 50.64 -2.57
C SER L 160 -60.28 49.59 -3.55
N GLY L 161 -60.66 49.68 -4.83
CA GLY L 161 -60.27 48.67 -5.79
C GLY L 161 -58.78 48.61 -6.02
N LEU L 162 -58.12 49.77 -6.03
CA LEU L 162 -56.67 49.78 -6.16
C LEU L 162 -56.00 49.24 -4.90
N PHE L 163 -56.58 49.50 -3.73
CA PHE L 163 -56.01 48.98 -2.49
C PHE L 163 -56.31 47.50 -2.31
N ALA L 164 -57.51 47.06 -2.72
CA ALA L 164 -57.85 45.65 -2.62
C ALA L 164 -56.96 44.80 -3.51
N SER L 165 -56.68 45.27 -4.73
CA SER L 165 -55.81 44.53 -5.64
C SER L 165 -54.38 44.51 -5.13
N LEU L 166 -53.93 45.60 -4.51
CA LEU L 166 -52.59 45.62 -3.94
C LEU L 166 -52.51 44.76 -2.69
N PHE L 167 -53.57 44.75 -1.88
CA PHE L 167 -53.60 43.90 -0.69
C PHE L 167 -53.59 42.42 -1.07
N HIS L 168 -54.41 42.03 -2.04
CA HIS L 168 -54.58 40.62 -2.36
C HIS L 168 -53.43 40.06 -3.18
N ALA L 169 -52.79 40.87 -4.02
CA ALA L 169 -51.61 40.40 -4.74
C ALA L 169 -50.48 40.10 -3.78
N ILE L 170 -50.30 40.94 -2.76
CA ILE L 170 -49.30 40.67 -1.72
C ILE L 170 -49.74 39.49 -0.85
N SER L 171 -51.05 39.41 -0.57
CA SER L 171 -51.58 38.30 0.20
C SER L 171 -51.43 36.98 -0.54
N ALA L 172 -51.72 36.97 -1.84
CA ALA L 172 -51.67 35.72 -2.59
C ALA L 172 -50.23 35.29 -2.86
N PHE L 173 -49.35 36.22 -3.22
CA PHE L 173 -47.98 35.84 -3.55
C PHE L 173 -47.25 35.26 -2.35
N ASN L 174 -47.46 35.84 -1.17
CA ASN L 174 -46.76 35.41 0.02
C ASN L 174 -47.41 34.20 0.67
N ASN L 175 -48.48 33.65 0.07
CA ASN L 175 -49.25 32.53 0.61
C ASN L 175 -49.80 32.89 1.99
N ALA L 176 -50.67 33.91 2.00
CA ALA L 176 -51.26 34.40 3.23
C ALA L 176 -52.72 33.99 3.41
N GLY L 177 -53.56 34.29 2.44
CA GLY L 177 -54.97 34.02 2.58
C GLY L 177 -55.75 35.11 3.27
N PHE L 178 -55.10 36.18 3.69
CA PHE L 178 -55.82 37.33 4.22
C PHE L 178 -56.66 37.96 3.11
N SER L 179 -57.90 38.29 3.45
CA SER L 179 -58.83 38.89 2.50
C SER L 179 -59.61 39.99 3.20
N LEU L 180 -59.78 41.12 2.50
CA LEU L 180 -60.54 42.23 3.07
C LEU L 180 -62.01 41.89 3.23
N TRP L 181 -62.59 41.18 2.25
CA TRP L 181 -64.01 40.88 2.28
C TRP L 181 -64.31 39.80 3.33
N PRO L 182 -65.50 39.86 3.95
CA PRO L 182 -65.84 38.82 4.95
C PRO L 182 -65.87 37.42 4.38
N ASP L 183 -66.31 37.25 3.14
CA ASP L 183 -66.19 35.98 2.45
C ASP L 183 -64.84 35.91 1.77
N ASN L 184 -63.98 35.01 2.23
CA ASN L 184 -62.63 34.91 1.69
C ASN L 184 -62.70 34.30 0.31
N LEU L 185 -62.95 35.13 -0.71
CA LEU L 185 -63.05 34.73 -2.12
C LEU L 185 -64.19 33.76 -2.37
N MET L 186 -65.21 33.75 -1.51
CA MET L 186 -66.36 32.88 -1.75
C MET L 186 -67.33 33.46 -2.76
N SER L 187 -67.17 34.73 -3.13
CA SER L 187 -68.01 35.37 -4.12
C SER L 187 -67.43 35.32 -5.53
N TYR L 188 -66.24 34.74 -5.68
CA TYR L 188 -65.57 34.64 -6.97
C TYR L 188 -65.35 33.18 -7.34
N VAL L 189 -66.37 32.34 -7.14
CA VAL L 189 -66.24 30.92 -7.45
C VAL L 189 -66.11 30.71 -8.95
N GLY L 190 -67.00 31.32 -9.73
CA GLY L 190 -67.00 31.19 -11.16
C GLY L 190 -66.22 32.24 -11.91
N ASP L 191 -65.48 33.10 -11.22
CA ASP L 191 -64.75 34.18 -11.86
C ASP L 191 -63.39 33.67 -12.32
N PRO L 192 -63.11 33.64 -13.63
CA PRO L 192 -61.79 33.18 -14.07
C PRO L 192 -60.67 34.16 -13.79
N THR L 193 -60.96 35.46 -13.68
CA THR L 193 -59.89 36.44 -13.47
C THR L 193 -59.31 36.33 -12.07
N VAL L 194 -60.17 36.21 -11.06
CA VAL L 194 -59.68 36.05 -9.69
C VAL L 194 -59.06 34.67 -9.50
N ASN L 195 -59.68 33.64 -10.07
CA ASN L 195 -59.19 32.28 -9.88
C ASN L 195 -57.83 32.07 -10.53
N LEU L 196 -57.67 32.51 -11.78
CA LEU L 196 -56.42 32.25 -12.49
C LEU L 196 -55.28 33.09 -11.93
N VAL L 197 -55.52 34.37 -11.64
CA VAL L 197 -54.45 35.25 -11.21
C VAL L 197 -53.96 34.89 -9.81
N ILE L 198 -54.90 34.67 -8.89
CA ILE L 198 -54.50 34.39 -7.50
C ILE L 198 -53.84 33.03 -7.38
N THR L 199 -54.39 32.01 -8.06
CA THR L 199 -53.74 30.70 -8.05
C THR L 199 -52.39 30.74 -8.74
N PHE L 200 -52.22 31.60 -9.75
CA PHE L 200 -50.90 31.76 -10.33
C PHE L 200 -49.92 32.39 -9.35
N LEU L 201 -50.42 33.17 -8.39
CA LEU L 201 -49.51 33.87 -7.48
C LEU L 201 -48.95 32.95 -6.42
N PHE L 202 -49.79 32.22 -5.69
CA PHE L 202 -49.24 31.38 -4.63
C PHE L 202 -48.63 30.09 -5.14
N ILE L 203 -48.96 29.65 -6.36
CA ILE L 203 -48.23 28.54 -6.95
C ILE L 203 -46.80 28.96 -7.27
N THR L 204 -46.65 30.11 -7.95
CA THR L 204 -45.31 30.61 -8.25
C THR L 204 -44.63 31.18 -7.01
N GLY L 205 -45.40 31.75 -6.09
CA GLY L 205 -44.83 32.22 -4.84
C GLY L 205 -44.46 31.13 -3.88
N GLY L 206 -44.99 29.91 -4.10
CA GLY L 206 -44.69 28.80 -3.24
C GLY L 206 -43.84 27.73 -3.89
N ILE L 207 -43.60 27.85 -5.21
CA ILE L 207 -42.81 26.85 -5.91
C ILE L 207 -41.36 26.88 -5.45
N GLY L 208 -40.89 28.01 -4.90
CA GLY L 208 -39.51 28.11 -4.48
C GLY L 208 -38.77 29.22 -5.18
N PHE L 209 -37.99 30.00 -4.43
CA PHE L 209 -37.17 31.04 -5.04
C PHE L 209 -36.02 30.44 -5.82
N THR L 210 -35.47 29.33 -5.34
CA THR L 210 -34.40 28.64 -6.07
C THR L 210 -34.94 28.01 -7.35
N VAL L 211 -36.19 27.51 -7.31
CA VAL L 211 -36.80 26.95 -8.52
C VAL L 211 -37.00 28.03 -9.57
N LEU L 212 -37.51 29.20 -9.17
CA LEU L 212 -37.72 30.29 -10.11
C LEU L 212 -36.39 30.79 -10.67
N PHE L 213 -35.37 30.91 -9.82
CA PHE L 213 -34.06 31.33 -10.27
C PHE L 213 -33.44 30.31 -11.22
N ASP L 214 -33.85 29.04 -11.11
CA ASP L 214 -33.31 28.01 -12.00
C ASP L 214 -33.98 28.05 -13.38
N VAL L 215 -35.29 28.32 -13.41
CA VAL L 215 -36.00 28.37 -14.69
C VAL L 215 -35.72 29.69 -15.39
N MET L 216 -35.39 30.74 -14.63
CA MET L 216 -35.07 32.02 -15.24
C MET L 216 -33.81 31.95 -16.10
N LYS L 217 -32.77 31.27 -15.61
CA LYS L 217 -31.50 31.23 -16.33
C LYS L 217 -31.35 29.99 -17.21
N ASN L 218 -32.09 28.93 -16.94
CA ASN L 218 -32.08 27.73 -17.77
C ASN L 218 -33.47 27.56 -18.38
N ARG L 219 -33.53 27.48 -19.71
CA ARG L 219 -34.80 27.48 -20.42
C ARG L 219 -35.22 26.10 -20.90
N ARG L 220 -34.45 25.05 -20.59
CA ARG L 220 -34.73 23.70 -21.03
C ARG L 220 -34.81 22.78 -19.82
N PHE L 221 -35.77 21.86 -19.84
CA PHE L 221 -36.07 21.08 -18.65
C PHE L 221 -34.95 20.11 -18.29
N LYS L 222 -34.25 19.56 -19.29
CA LYS L 222 -33.21 18.59 -19.00
C LYS L 222 -32.01 19.21 -18.29
N THR L 223 -31.83 20.54 -18.38
CA THR L 223 -30.75 21.23 -17.71
C THR L 223 -31.10 21.67 -16.30
N PHE L 224 -32.34 21.42 -15.85
CA PHE L 224 -32.73 21.79 -14.50
C PHE L 224 -32.03 20.90 -13.49
N SER L 225 -31.91 21.41 -12.27
CA SER L 225 -31.34 20.62 -11.19
C SER L 225 -32.34 19.57 -10.73
N LEU L 226 -31.89 18.69 -9.84
CA LEU L 226 -32.76 17.66 -9.29
C LEU L 226 -33.88 18.28 -8.46
N HIS L 227 -33.56 19.31 -7.67
CA HIS L 227 -34.56 19.96 -6.84
C HIS L 227 -35.61 20.68 -7.70
N THR L 228 -35.19 21.30 -8.79
CA THR L 228 -36.13 21.97 -9.68
C THR L 228 -37.00 20.95 -10.42
N LYS L 229 -36.42 19.82 -10.81
CA LYS L 229 -37.21 18.80 -11.48
C LYS L 229 -38.19 18.11 -10.53
N LEU L 230 -37.84 17.99 -9.25
CA LEU L 230 -38.76 17.42 -8.28
C LEU L 230 -39.94 18.33 -8.02
N MET L 231 -39.70 19.64 -7.94
CA MET L 231 -40.77 20.58 -7.61
C MET L 231 -41.72 20.77 -8.78
N LEU L 232 -41.20 20.86 -10.00
CA LEU L 232 -42.06 21.08 -11.15
C LEU L 232 -42.93 19.86 -11.44
N THR L 233 -42.35 18.67 -11.39
CA THR L 233 -43.13 17.46 -11.63
C THR L 233 -43.99 17.09 -10.43
N GLY L 234 -43.46 17.27 -9.22
CA GLY L 234 -44.20 16.89 -8.03
C GLY L 234 -45.44 17.73 -7.80
N THR L 235 -45.32 19.05 -7.99
CA THR L 235 -46.46 19.94 -7.81
C THR L 235 -47.56 19.65 -8.83
N LEU L 236 -47.17 19.38 -10.07
CA LEU L 236 -48.15 19.09 -11.12
C LEU L 236 -48.91 17.81 -10.84
N MET L 237 -48.23 16.78 -10.35
CA MET L 237 -48.90 15.51 -10.07
C MET L 237 -49.73 15.59 -8.79
N LEU L 238 -49.29 16.39 -7.83
CA LEU L 238 -50.02 16.50 -6.56
C LEU L 238 -51.30 17.30 -6.72
N ASN L 239 -51.27 18.35 -7.55
CA ASN L 239 -52.48 19.11 -7.81
C ASN L 239 -53.47 18.34 -8.66
N ALA L 240 -52.98 17.50 -9.57
CA ALA L 240 -53.86 16.68 -10.40
C ALA L 240 -54.58 15.63 -9.55
N ILE L 241 -53.88 15.01 -8.61
CA ILE L 241 -54.51 14.05 -7.72
C ILE L 241 -55.49 14.74 -6.78
N ALA L 242 -55.12 15.92 -6.28
CA ALA L 242 -55.99 16.64 -5.35
C ALA L 242 -57.25 17.15 -6.04
N MET L 243 -57.14 17.62 -7.29
CA MET L 243 -58.31 18.11 -8.01
C MET L 243 -59.30 17.00 -8.32
N LEU L 244 -58.79 15.82 -8.69
CA LEU L 244 -59.66 14.68 -8.94
C LEU L 244 -60.38 14.26 -7.67
N THR L 245 -59.68 14.24 -6.54
CA THR L 245 -60.26 13.74 -5.30
C THR L 245 -61.34 14.68 -4.76
N VAL L 246 -61.12 15.99 -4.86
CA VAL L 246 -62.14 16.95 -4.41
C VAL L 246 -63.35 16.91 -5.34
N PHE L 247 -63.12 16.73 -6.65
CA PHE L 247 -64.22 16.72 -7.60
C PHE L 247 -65.11 15.49 -7.41
N ILE L 248 -64.50 14.32 -7.19
CA ILE L 248 -65.29 13.10 -7.03
C ILE L 248 -66.04 13.11 -5.70
N LEU L 249 -65.37 13.51 -4.63
CA LEU L 249 -65.96 13.38 -3.29
C LEU L 249 -67.05 14.41 -3.06
N GLU L 250 -66.90 15.63 -3.58
CA GLU L 250 -67.79 16.73 -3.28
C GLU L 250 -68.83 16.98 -4.37
N TYR L 251 -68.92 16.10 -5.37
CA TYR L 251 -69.82 16.35 -6.50
C TYR L 251 -71.29 16.35 -6.06
N SER L 252 -71.68 15.38 -5.24
CA SER L 252 -73.06 15.24 -4.82
C SER L 252 -73.35 15.94 -3.49
N ASN L 253 -72.36 16.59 -2.90
CA ASN L 253 -72.57 17.29 -1.63
C ASN L 253 -73.41 18.54 -1.87
N PRO L 254 -74.51 18.73 -1.13
CA PRO L 254 -75.33 19.93 -1.36
C PRO L 254 -74.71 21.21 -0.83
N GLY L 255 -73.96 21.14 0.27
CA GLY L 255 -73.40 22.34 0.86
C GLY L 255 -72.35 23.00 -0.02
N THR L 256 -71.45 22.21 -0.57
CA THR L 256 -70.40 22.71 -1.47
C THR L 256 -70.44 21.89 -2.75
N LEU L 257 -70.28 22.58 -3.88
CA LEU L 257 -70.16 22.00 -5.21
C LEU L 257 -71.43 21.28 -5.67
N GLY L 258 -72.56 21.51 -5.01
CA GLY L 258 -73.79 20.88 -5.41
C GLY L 258 -74.69 21.75 -6.26
N HIS L 259 -74.92 22.98 -5.81
CA HIS L 259 -75.72 23.94 -6.56
C HIS L 259 -74.86 24.82 -7.45
N LEU L 260 -74.03 24.17 -8.27
CA LEU L 260 -73.09 24.85 -9.15
C LEU L 260 -73.18 24.25 -10.54
N HIS L 261 -72.86 25.07 -11.54
CA HIS L 261 -72.75 24.56 -12.90
C HIS L 261 -71.48 23.73 -13.06
N ILE L 262 -71.42 23.00 -14.16
CA ILE L 262 -70.27 22.11 -14.40
C ILE L 262 -69.00 22.94 -14.59
N VAL L 263 -69.13 24.11 -15.22
CA VAL L 263 -67.98 25.01 -15.32
C VAL L 263 -67.63 25.59 -13.95
N ASP L 264 -68.64 25.87 -13.12
CA ASP L 264 -68.39 26.38 -11.78
C ASP L 264 -67.79 25.32 -10.86
N LYS L 265 -68.15 24.05 -11.06
CA LYS L 265 -67.55 22.97 -10.29
C LYS L 265 -66.08 22.81 -10.62
N LEU L 266 -65.72 22.97 -11.89
CA LEU L 266 -64.33 22.79 -12.30
C LEU L 266 -63.45 23.93 -11.79
N TRP L 267 -64.02 25.12 -11.64
CA TRP L 267 -63.26 26.22 -11.04
C TRP L 267 -63.08 26.00 -9.55
N ALA L 268 -64.13 25.59 -8.84
CA ALA L 268 -64.05 25.46 -7.40
C ALA L 268 -63.26 24.22 -6.99
N SER L 269 -63.32 23.16 -7.79
CA SER L 269 -62.50 21.98 -7.51
C SER L 269 -61.02 22.28 -7.73
N TYR L 270 -60.71 23.06 -8.77
CA TYR L 270 -59.31 23.40 -9.04
C TYR L 270 -58.77 24.34 -7.98
N PHE L 271 -59.59 25.27 -7.49
CA PHE L 271 -59.13 26.21 -6.48
C PHE L 271 -58.82 25.51 -5.17
N GLN L 272 -59.71 24.61 -4.73
CA GLN L 272 -59.50 23.89 -3.48
C GLN L 272 -58.44 22.82 -3.59
N ALA L 273 -58.00 22.49 -4.80
CA ALA L 273 -56.90 21.55 -4.97
C ALA L 273 -55.55 22.19 -4.66
N VAL L 274 -55.40 23.48 -4.98
CA VAL L 274 -54.11 24.15 -4.82
C VAL L 274 -54.06 25.07 -3.61
N THR L 275 -55.21 25.50 -3.09
CA THR L 275 -55.19 26.40 -1.93
C THR L 275 -54.69 25.80 -0.61
N PRO L 276 -54.75 24.49 -0.32
CA PRO L 276 -54.20 24.04 0.96
C PRO L 276 -52.68 24.05 1.04
N ARG L 277 -51.97 24.31 -0.07
CA ARG L 277 -50.50 24.28 -0.08
C ARG L 277 -49.95 25.59 -0.64
N THR L 278 -49.77 26.61 0.20
CA THR L 278 -50.27 26.68 1.57
C THR L 278 -50.96 28.02 1.72
N ALA L 279 -51.81 28.38 0.76
CA ALA L 279 -52.35 29.73 0.71
C ALA L 279 -53.41 29.95 1.79
N GLY L 280 -54.51 29.22 1.72
CA GLY L 280 -55.58 29.44 2.68
C GLY L 280 -56.75 30.22 2.17
N PHE L 281 -56.75 30.62 0.90
CA PHE L 281 -57.98 31.13 0.29
C PHE L 281 -58.97 29.98 0.09
N ASN L 282 -60.21 30.34 -0.21
CA ASN L 282 -61.21 29.30 -0.45
C ASN L 282 -62.30 29.85 -1.36
N SER L 283 -63.08 28.94 -1.91
CA SER L 283 -64.31 29.28 -2.61
C SER L 283 -65.51 28.53 -2.08
N LEU L 284 -65.30 27.52 -1.23
CA LEU L 284 -66.35 26.74 -0.61
C LEU L 284 -66.10 26.72 0.89
N ASP L 285 -67.17 26.56 1.66
CA ASP L 285 -67.04 26.53 3.11
C ASP L 285 -66.52 25.15 3.53
N PHE L 286 -65.40 25.14 4.25
CA PHE L 286 -64.79 23.87 4.66
C PHE L 286 -65.57 23.19 5.76
N GLY L 287 -66.40 23.94 6.50
CA GLY L 287 -67.22 23.32 7.53
C GLY L 287 -68.35 22.47 6.98
N SER L 288 -68.78 22.72 5.76
CA SER L 288 -69.85 21.96 5.11
C SER L 288 -69.33 20.89 4.16
N MET L 289 -68.01 20.71 4.08
CA MET L 289 -67.46 19.64 3.26
C MET L 289 -67.60 18.30 3.97
N ARG L 290 -67.49 17.23 3.18
CA ARG L 290 -67.57 15.89 3.73
C ARG L 290 -66.29 15.55 4.50
N GLU L 291 -66.39 14.55 5.38
CA GLU L 291 -65.26 14.16 6.20
C GLU L 291 -64.14 13.55 5.37
N GLY L 292 -64.48 12.88 4.25
CA GLY L 292 -63.46 12.26 3.44
C GLY L 292 -62.55 13.27 2.75
N THR L 293 -63.12 14.39 2.29
CA THR L 293 -62.30 15.43 1.67
C THR L 293 -61.44 16.16 2.68
N ILE L 294 -61.94 16.32 3.90
CA ILE L 294 -61.17 17.00 4.94
C ILE L 294 -59.98 16.17 5.37
N VAL L 295 -60.14 14.85 5.41
CA VAL L 295 -59.02 13.96 5.77
C VAL L 295 -57.92 14.06 4.72
N PHE L 296 -58.29 14.09 3.44
CA PHE L 296 -57.28 14.22 2.40
C PHE L 296 -56.61 15.59 2.44
N THR L 297 -57.35 16.63 2.83
CA THR L 297 -56.75 17.96 2.97
C THR L 297 -55.75 18.01 4.10
N LEU L 298 -55.95 17.21 5.15
CA LEU L 298 -54.99 17.14 6.26
C LEU L 298 -53.63 16.67 5.77
N LEU L 299 -53.61 15.65 4.91
CA LEU L 299 -52.38 15.22 4.27
C LEU L 299 -51.88 16.27 3.29
N LEU L 300 -52.79 17.02 2.67
CA LEU L 300 -52.39 18.01 1.66
C LEU L 300 -51.67 19.17 2.31
N MET L 301 -52.17 19.69 3.43
CA MET L 301 -51.54 20.83 4.08
C MET L 301 -50.51 20.42 5.13
N PHE L 302 -50.29 19.12 5.33
CA PHE L 302 -49.10 18.69 6.03
C PHE L 302 -47.87 18.82 5.13
N ILE L 303 -48.07 18.76 3.82
CA ILE L 303 -47.03 18.96 2.83
C ILE L 303 -47.13 20.37 2.31
N GLY L 304 -46.00 21.07 2.23
CA GLY L 304 -46.02 22.43 1.72
C GLY L 304 -45.67 22.49 0.26
N ALA L 305 -44.77 23.43 -0.06
CA ALA L 305 -44.23 23.54 -1.41
C ALA L 305 -42.94 24.35 -1.33
N GLY L 306 -41.83 23.75 -1.73
CA GLY L 306 -40.61 24.50 -1.93
C GLY L 306 -39.85 24.81 -0.65
N SER L 307 -38.56 24.51 -0.63
CA SER L 307 -37.77 24.70 0.60
C SER L 307 -37.57 26.19 0.89
N ALA L 308 -37.18 26.96 -0.11
CA ALA L 308 -36.97 28.40 0.02
C ALA L 308 -38.10 29.11 -0.72
N SER L 309 -39.22 29.31 -0.02
CA SER L 309 -40.39 29.90 -0.64
C SER L 309 -41.20 30.60 0.46
N THR L 310 -42.42 30.99 0.12
CA THR L 310 -43.34 31.61 1.06
C THR L 310 -44.31 30.60 1.67
N ALA L 311 -44.14 29.32 1.41
CA ALA L 311 -44.95 28.27 1.99
C ALA L 311 -44.20 27.61 3.15
N SER L 312 -44.93 26.81 3.93
CA SER L 312 -44.36 26.16 5.10
C SER L 312 -44.93 24.74 5.19
N GLY L 313 -44.78 24.14 6.37
CA GLY L 313 -45.03 22.71 6.52
C GLY L 313 -43.80 21.94 6.09
N ILE L 314 -43.90 20.61 6.16
CA ILE L 314 -42.86 19.82 5.53
C ILE L 314 -43.00 20.02 4.03
N LYS L 315 -41.87 20.05 3.34
CA LYS L 315 -41.91 20.50 1.97
C LYS L 315 -42.28 19.34 1.04
N LEU L 316 -42.51 19.68 -0.22
CA LEU L 316 -42.82 18.64 -1.20
C LEU L 316 -41.62 17.74 -1.43
N THR L 317 -40.41 18.30 -1.42
CA THR L 317 -39.21 17.50 -1.62
C THR L 317 -38.91 16.63 -0.41
N THR L 318 -39.27 17.07 0.79
CA THR L 318 -39.12 16.22 1.97
C THR L 318 -40.04 15.02 1.88
N PHE L 319 -41.28 15.22 1.45
CA PHE L 319 -42.22 14.13 1.29
C PHE L 319 -41.81 13.19 0.17
N ILE L 320 -41.31 13.76 -0.94
CA ILE L 320 -40.90 12.94 -2.08
C ILE L 320 -39.69 12.09 -1.75
N VAL L 321 -38.73 12.66 -1.01
CA VAL L 321 -37.53 11.92 -0.63
C VAL L 321 -37.88 10.74 0.27
N ILE L 322 -38.74 10.97 1.26
CA ILE L 322 -39.07 9.92 2.23
C ILE L 322 -39.87 8.81 1.57
N LEU L 323 -40.87 9.17 0.76
CA LEU L 323 -41.69 8.16 0.10
C LEU L 323 -40.88 7.32 -0.87
N THR L 324 -39.99 7.96 -1.62
CA THR L 324 -39.10 7.23 -2.53
C THR L 324 -38.13 6.34 -1.77
N SER L 325 -37.60 6.83 -0.64
CA SER L 325 -36.64 6.06 0.13
C SER L 325 -37.27 4.80 0.72
N VAL L 326 -38.53 4.89 1.14
CA VAL L 326 -39.22 3.73 1.72
C VAL L 326 -39.52 2.70 0.64
N ILE L 327 -40.01 3.15 -0.52
CA ILE L 327 -40.33 2.23 -1.61
C ILE L 327 -39.06 1.55 -2.12
N ALA L 328 -37.94 2.27 -2.09
CA ALA L 328 -36.65 1.65 -2.42
C ALA L 328 -36.31 0.55 -1.43
N TYR L 329 -36.61 0.77 -0.14
CA TYR L 329 -36.37 -0.27 0.86
C TYR L 329 -37.30 -1.46 0.66
N LEU L 330 -38.56 -1.18 0.30
CA LEU L 330 -39.53 -2.26 0.10
C LEU L 330 -39.18 -3.13 -1.09
N ARG L 331 -38.51 -2.57 -2.10
CA ARG L 331 -38.07 -3.31 -3.26
C ARG L 331 -36.68 -3.91 -3.09
N GLY L 332 -36.03 -3.70 -1.96
CA GLY L 332 -34.72 -4.25 -1.71
C GLY L 332 -33.56 -3.44 -2.25
N LYS L 333 -33.82 -2.29 -2.85
CA LYS L 333 -32.74 -1.49 -3.41
C LYS L 333 -31.90 -0.86 -2.31
N LYS L 334 -30.63 -0.62 -2.63
CA LYS L 334 -29.65 -0.17 -1.65
C LYS L 334 -29.52 1.34 -1.55
N GLU L 335 -30.25 2.10 -2.36
CA GLU L 335 -30.11 3.55 -2.34
C GLU L 335 -31.37 4.20 -2.90
N THR L 336 -31.49 5.50 -2.67
CA THR L 336 -32.64 6.28 -3.10
C THR L 336 -32.33 6.95 -4.43
N VAL L 337 -33.15 6.69 -5.44
CA VAL L 337 -32.94 7.19 -6.79
C VAL L 337 -34.21 7.88 -7.27
N ILE L 338 -34.06 9.15 -7.65
CA ILE L 338 -35.17 9.90 -8.21
C ILE L 338 -34.56 10.66 -9.39
N PHE L 339 -35.15 10.53 -10.58
CA PHE L 339 -34.65 11.15 -11.81
C PHE L 339 -33.21 10.75 -12.11
N ARG L 340 -32.90 9.46 -11.86
CA ARG L 340 -31.60 8.87 -12.13
C ARG L 340 -30.47 9.58 -11.39
N ARG L 341 -30.73 9.99 -10.16
CA ARG L 341 -29.72 10.59 -9.30
C ARG L 341 -29.82 9.98 -7.92
N SER L 342 -28.68 9.51 -7.39
CA SER L 342 -28.66 8.95 -6.05
C SER L 342 -28.77 10.06 -5.02
N ILE L 343 -29.42 9.74 -3.90
CA ILE L 343 -29.65 10.70 -2.82
C ILE L 343 -28.88 10.21 -1.60
N LYS L 344 -28.02 11.07 -1.06
CA LYS L 344 -27.07 10.68 -0.03
C LYS L 344 -27.77 10.55 1.32
N TYR L 345 -27.07 9.89 2.25
CA TYR L 345 -27.59 9.71 3.60
C TYR L 345 -27.87 11.01 4.36
N PRO L 346 -27.01 12.05 4.33
CA PRO L 346 -27.38 13.28 5.05
C PRO L 346 -28.64 13.96 4.54
N ILE L 347 -29.00 13.75 3.28
CA ILE L 347 -30.27 14.27 2.77
C ILE L 347 -31.44 13.53 3.40
N ILE L 348 -31.31 12.21 3.56
CA ILE L 348 -32.38 11.39 4.11
C ILE L 348 -32.62 11.73 5.58
N ILE L 349 -31.54 11.83 6.35
CA ILE L 349 -31.70 12.01 7.80
C ILE L 349 -32.25 13.39 8.13
N LYS L 350 -31.99 14.39 7.29
CA LYS L 350 -32.61 15.70 7.51
C LYS L 350 -34.10 15.65 7.18
N ALA L 351 -34.48 14.96 6.11
CA ALA L 351 -35.89 14.78 5.80
C ALA L 351 -36.60 13.95 6.86
N LEU L 352 -35.91 12.95 7.41
CA LEU L 352 -36.45 12.18 8.52
C LEU L 352 -36.61 13.04 9.76
N ALA L 353 -35.66 13.95 10.00
CA ALA L 353 -35.74 14.80 11.18
C ALA L 353 -36.83 15.86 11.06
N VAL L 354 -37.02 16.40 9.85
CA VAL L 354 -38.07 17.40 9.64
C VAL L 354 -39.45 16.77 9.83
N SER L 355 -39.64 15.57 9.27
CA SER L 355 -40.96 14.95 9.29
C SER L 355 -41.35 14.48 10.68
N VAL L 356 -40.42 13.89 11.42
CA VAL L 356 -40.73 13.38 12.76
C VAL L 356 -40.95 14.53 13.73
N THR L 357 -40.12 15.56 13.66
CA THR L 357 -40.27 16.72 14.55
C THR L 357 -41.58 17.45 14.26
N SER L 358 -41.98 17.54 12.99
CA SER L 358 -43.21 18.24 12.64
C SER L 358 -44.43 17.47 13.13
N LEU L 359 -44.41 16.14 13.02
CA LEU L 359 -45.53 15.35 13.52
C LEU L 359 -45.60 15.35 15.03
N PHE L 360 -44.46 15.44 15.71
CA PHE L 360 -44.47 15.52 17.16
C PHE L 360 -45.04 16.84 17.64
N ILE L 361 -44.74 17.93 16.94
CA ILE L 361 -45.28 19.24 17.31
C ILE L 361 -46.77 19.31 17.00
N VAL L 362 -47.19 18.74 15.86
CA VAL L 362 -48.61 18.70 15.52
C VAL L 362 -49.38 17.88 16.54
N PHE L 363 -48.83 16.73 16.96
CA PHE L 363 -49.51 15.89 17.95
C PHE L 363 -49.64 16.61 19.28
N LEU L 364 -48.62 17.35 19.70
CA LEU L 364 -48.71 18.12 20.93
C LEU L 364 -49.74 19.24 20.80
N GLY L 365 -49.88 19.81 19.60
CA GLY L 365 -50.91 20.82 19.39
C GLY L 365 -52.31 20.27 19.49
N ILE L 366 -52.55 19.10 18.88
CA ILE L 366 -53.86 18.47 18.97
C ILE L 366 -54.14 18.02 20.40
N PHE L 367 -53.13 17.49 21.08
CA PHE L 367 -53.30 17.05 22.47
C PHE L 367 -53.61 18.22 23.39
N ALA L 368 -52.90 19.34 23.22
CA ALA L 368 -53.11 20.49 24.10
C ALA L 368 -54.39 21.24 23.78
N LEU L 369 -54.83 21.21 22.51
CA LEU L 369 -56.07 21.87 22.16
C LEU L 369 -57.28 21.11 22.67
N THR L 370 -57.18 19.79 22.78
CA THR L 370 -58.28 19.00 23.34
C THR L 370 -58.44 19.26 24.83
N ILE L 371 -57.34 19.52 25.53
CA ILE L 371 -57.41 19.86 26.95
C ILE L 371 -58.12 21.21 27.14
N THR L 372 -57.80 22.18 26.28
CA THR L 372 -58.31 23.54 26.44
C THR L 372 -59.66 23.73 25.76
N GLU L 373 -59.74 23.45 24.46
CA GLU L 373 -60.92 23.79 23.67
C GLU L 373 -61.97 22.69 23.76
N GLN L 374 -63.23 23.11 23.91
CA GLN L 374 -64.38 22.23 23.84
C GLN L 374 -64.94 22.32 22.43
N ALA L 375 -64.38 21.52 21.53
CA ALA L 375 -64.71 21.59 20.11
C ALA L 375 -64.77 20.18 19.56
N PRO L 376 -65.46 19.98 18.44
CA PRO L 376 -65.39 18.68 17.75
C PRO L 376 -63.96 18.37 17.34
N PHE L 377 -63.63 17.07 17.36
CA PHE L 377 -62.25 16.65 17.15
C PHE L 377 -61.75 16.96 15.75
N LEU L 378 -62.61 16.82 14.74
CA LEU L 378 -62.18 17.08 13.37
C LEU L 378 -61.82 18.55 13.17
N GLN L 379 -62.48 19.45 13.89
CA GLN L 379 -62.14 20.86 13.80
C GLN L 379 -60.86 21.19 14.57
N ILE L 380 -60.58 20.46 15.64
CA ILE L 380 -59.34 20.66 16.37
C ILE L 380 -58.15 20.16 15.56
N VAL L 381 -58.29 18.99 14.91
CA VAL L 381 -57.22 18.46 14.08
C VAL L 381 -57.01 19.34 12.86
N PHE L 382 -58.10 19.85 12.27
CA PHE L 382 -57.98 20.71 11.10
C PHE L 382 -57.28 22.01 11.44
N GLU L 383 -57.56 22.56 12.63
CA GLU L 383 -56.97 23.84 13.01
C GLU L 383 -55.48 23.69 13.32
N THR L 384 -55.07 22.52 13.83
CA THR L 384 -53.67 22.32 14.17
C THR L 384 -52.82 22.09 12.92
N PHE L 385 -53.32 21.33 11.96
CA PHE L 385 -52.60 21.15 10.70
C PHE L 385 -52.58 22.44 9.89
N SER L 386 -53.67 23.21 9.95
CA SER L 386 -53.72 24.48 9.26
C SER L 386 -52.76 25.49 9.88
N ALA L 387 -52.69 25.54 11.22
CA ALA L 387 -51.79 26.48 11.87
C ALA L 387 -50.34 26.10 11.69
N PHE L 388 -50.01 24.81 11.84
CA PHE L 388 -48.62 24.39 11.72
C PHE L 388 -48.11 24.53 10.29
N GLY L 389 -48.93 24.18 9.31
CA GLY L 389 -48.51 24.39 7.94
C GLY L 389 -48.57 25.83 7.49
N THR L 390 -49.08 26.71 8.35
CA THR L 390 -49.36 28.11 8.03
C THR L 390 -50.19 28.19 6.76
N VAL L 391 -51.35 27.54 6.80
CA VAL L 391 -52.26 27.56 5.67
C VAL L 391 -53.37 28.56 5.97
N GLY L 392 -54.07 28.37 7.07
CA GLY L 392 -55.10 29.31 7.47
C GLY L 392 -56.52 28.89 7.16
N LEU L 393 -56.72 27.71 6.58
CA LEU L 393 -58.07 27.20 6.36
C LEU L 393 -58.71 26.84 7.70
N THR L 394 -60.00 27.12 7.83
CA THR L 394 -60.73 26.86 9.05
C THR L 394 -61.97 26.03 8.75
N MET L 395 -62.45 25.32 9.77
CA MET L 395 -63.75 24.69 9.75
C MET L 395 -64.76 25.40 10.63
N GLY L 396 -64.37 26.49 11.29
CA GLY L 396 -65.27 27.24 12.14
C GLY L 396 -64.86 27.26 13.60
N LEU L 397 -63.55 27.22 13.85
CA LEU L 397 -63.04 27.11 15.21
C LEU L 397 -62.31 28.36 15.69
N THR L 398 -61.64 29.08 14.80
CA THR L 398 -60.78 30.19 15.22
C THR L 398 -61.52 31.31 15.95
N PRO L 399 -62.71 31.78 15.52
CA PRO L 399 -63.44 32.73 16.38
C PRO L 399 -63.90 32.14 17.70
N GLU L 400 -64.01 30.81 17.80
CA GLU L 400 -64.50 30.16 19.00
C GLU L 400 -63.38 29.73 19.94
N LEU L 401 -62.14 30.05 19.64
CA LEU L 401 -61.02 29.68 20.50
C LEU L 401 -61.07 30.48 21.80
N THR L 402 -60.59 29.86 22.88
CA THR L 402 -60.44 30.55 24.15
C THR L 402 -59.13 31.34 24.14
N THR L 403 -58.90 32.11 25.21
CA THR L 403 -57.67 32.89 25.30
C THR L 403 -56.45 31.98 25.40
N ALA L 404 -56.56 30.88 26.14
CA ALA L 404 -55.47 29.91 26.19
C ALA L 404 -55.36 29.12 24.89
N GLY L 405 -56.49 28.93 24.19
CA GLY L 405 -56.45 28.22 22.92
C GLY L 405 -55.72 29.00 21.84
N LYS L 406 -55.88 30.32 21.82
CA LYS L 406 -55.17 31.15 20.85
C LYS L 406 -53.68 31.16 21.13
N CYS L 407 -53.29 31.14 22.41
CA CYS L 407 -51.87 31.16 22.76
C CYS L 407 -51.17 29.89 22.31
N ILE L 408 -51.87 28.76 22.30
CA ILE L 408 -51.30 27.52 21.78
C ILE L 408 -51.09 27.62 20.27
N ILE L 409 -52.06 28.21 19.57
CA ILE L 409 -51.98 28.32 18.12
C ILE L 409 -50.84 29.24 17.70
N ILE L 410 -50.63 30.33 18.45
CA ILE L 410 -49.56 31.28 18.12
C ILE L 410 -48.19 30.61 18.18
N VAL L 411 -47.98 29.74 19.18
CA VAL L 411 -46.75 28.96 19.23
C VAL L 411 -46.68 28.00 18.06
N ILE L 412 -47.81 27.38 17.71
CA ILE L 412 -47.84 26.47 16.57
C ILE L 412 -47.56 27.20 15.26
N MET L 413 -48.14 28.38 15.10
CA MET L 413 -47.88 29.20 13.91
C MET L 413 -46.42 29.64 13.86
N PHE L 414 -45.85 29.99 15.01
CA PHE L 414 -44.48 30.49 15.04
C PHE L 414 -43.49 29.39 14.68
N ILE L 415 -43.64 28.21 15.26
CA ILE L 415 -42.74 27.10 14.97
C ILE L 415 -42.94 26.61 13.54
N GLY L 416 -44.19 26.62 13.06
CA GLY L 416 -44.45 26.14 11.72
C GLY L 416 -43.82 26.98 10.64
N ARG L 417 -43.82 28.31 10.81
CA ARG L 417 -43.18 29.17 9.81
C ARG L 417 -41.66 29.10 9.90
N ILE L 418 -41.12 29.14 11.11
CA ILE L 418 -39.66 29.13 11.26
C ILE L 418 -39.08 27.76 10.97
N GLY L 419 -39.90 26.71 11.01
CA GLY L 419 -39.41 25.37 10.81
C GLY L 419 -39.03 24.72 12.12
N PRO L 420 -39.39 23.45 12.30
CA PRO L 420 -39.03 22.75 13.54
C PRO L 420 -37.53 22.57 13.74
N LEU L 421 -36.75 22.42 12.67
CA LEU L 421 -35.31 22.24 12.85
C LEU L 421 -34.65 23.53 13.30
N THR L 422 -34.99 24.66 12.68
CA THR L 422 -34.36 25.92 13.04
C THR L 422 -34.82 26.41 14.40
N PHE L 423 -35.97 25.94 14.87
CA PHE L 423 -36.42 26.28 16.23
C PHE L 423 -35.67 25.45 17.27
N VAL L 424 -35.41 24.18 16.98
CA VAL L 424 -34.69 23.33 17.93
C VAL L 424 -33.23 23.73 18.01
N PHE L 425 -32.62 24.08 16.87
CA PHE L 425 -31.23 24.51 16.86
C PHE L 425 -31.02 25.83 17.59
N SER L 426 -32.10 26.57 17.86
CA SER L 426 -31.97 27.81 18.62
C SER L 426 -31.57 27.54 20.07
N PHE L 427 -32.27 26.63 20.74
CA PHE L 427 -32.04 26.39 22.16
C PHE L 427 -31.23 25.14 22.44
N ALA L 428 -30.64 24.52 21.42
CA ALA L 428 -29.78 23.35 21.60
C ALA L 428 -28.36 23.72 21.20
N LYS L 429 -27.40 23.40 22.06
CA LYS L 429 -25.99 23.66 21.79
C LYS L 429 -25.30 22.34 21.47
N THR L 430 -24.56 22.32 20.37
CA THR L 430 -23.92 21.09 19.92
C THR L 430 -22.51 20.98 20.46
N GLU L 431 -22.24 19.92 21.20
CA GLU L 431 -20.90 19.59 21.66
C GLU L 431 -20.34 18.49 20.78
N GLN L 432 -19.20 18.74 20.17
CA GLN L 432 -18.62 17.81 19.21
C GLN L 432 -17.75 16.80 19.93
N SER L 433 -18.14 15.52 19.82
CA SER L 433 -17.36 14.41 20.34
C SER L 433 -16.99 13.50 19.19
N ASN L 434 -15.70 13.19 19.07
CA ASN L 434 -15.20 12.33 18.01
C ASN L 434 -15.19 10.85 18.42
N ILE L 435 -15.58 10.55 19.65
CA ILE L 435 -15.55 9.18 20.12
C ILE L 435 -16.69 8.40 19.49
N ARG L 436 -16.54 7.09 19.42
CA ARG L 436 -17.54 6.20 18.87
C ARG L 436 -17.89 5.15 19.92
N TYR L 437 -18.82 4.28 19.58
CA TYR L 437 -19.28 3.23 20.48
C TYR L 437 -19.44 1.93 19.71
N PRO L 438 -19.33 0.79 20.39
CA PRO L 438 -19.54 -0.48 19.71
C PRO L 438 -20.97 -0.64 19.24
N ASP L 439 -21.14 -1.40 18.17
CA ASP L 439 -22.46 -1.60 17.60
C ASP L 439 -23.35 -2.39 18.54
N GLY L 440 -24.62 -2.04 18.58
CA GLY L 440 -25.62 -2.75 19.35
C GLY L 440 -26.77 -3.14 18.45
N GLU L 441 -27.24 -4.38 18.60
CA GLU L 441 -28.32 -4.91 17.78
C GLU L 441 -29.63 -4.79 18.54
N VAL L 442 -30.64 -4.19 17.90
CA VAL L 442 -31.96 -4.06 18.46
C VAL L 442 -32.87 -4.49 17.38
N PHE L 443 -33.92 -5.20 17.71
CA PHE L 443 -34.90 -5.70 16.76
C PHE L 443 -35.98 -4.65 16.55
N THR L 444 -36.15 -4.20 15.30
CA THR L 444 -37.07 -3.13 14.95
C THR L 444 -38.18 -3.64 14.04
N GLY L 445 -38.73 -4.80 14.38
CA GLY L 445 -39.84 -5.35 13.62
C GLY L 445 -41.18 -4.77 14.04
PG ATP M . 10.39 20.34 6.89
O1G ATP M . 11.69 21.01 7.13
O2G ATP M . 10.29 19.63 5.55
O3G ATP M . 9.20 21.26 7.06
PB ATP M . 9.01 18.22 8.47
O1B ATP M . 8.32 18.77 9.63
O2B ATP M . 8.14 17.89 7.27
O3B ATP M . 10.16 19.19 7.96
PA ATP M . 10.21 15.55 8.11
O1A ATP M . 10.03 15.64 6.65
O2A ATP M . 9.42 14.44 8.79
O3A ATP M . 9.82 16.90 8.83
O5' ATP M . 11.73 15.38 8.51
C5' ATP M . 12.75 16.16 7.87
C4' ATP M . 13.76 15.21 7.27
O4' ATP M . 14.23 14.30 8.28
C3' ATP M . 13.24 14.36 6.10
O3' ATP M . 14.13 14.43 4.99
C2' ATP M . 13.21 12.94 6.68
O2' ATP M . 13.51 11.98 5.68
C1' ATP M . 14.31 13.01 7.71
N9 ATP M . 14.20 12.02 8.78
C8 ATP M . 13.06 11.45 9.25
N7 ATP M . 13.25 10.58 10.21
C5 ATP M . 14.62 10.58 10.39
C6 ATP M . 15.48 9.88 11.26
N6 ATP M . 15.05 8.99 12.16
N1 ATP M . 16.80 10.12 11.17
C2 ATP M . 17.24 11.00 10.26
N3 ATP M . 16.53 11.72 9.40
C4 ATP M . 15.23 11.46 9.51
NA NA N . 6.82 22.13 7.04
PG ATP O . 2.98 22.95 6.64
O1G ATP O . 2.35 24.30 6.51
O2G ATP O . 2.57 22.19 7.87
O3G ATP O . 4.50 22.99 6.55
PB ATP O . 3.15 21.28 4.17
O1B ATP O . 4.09 22.15 3.45
O2B ATP O . 3.69 19.95 4.65
O3B ATP O . 2.53 22.02 5.43
PA ATP O . 0.68 19.90 3.33
O1A ATP O . 0.72 19.09 4.56
O2A ATP O . 0.79 19.10 2.03
O3A ATP O . 1.84 20.98 3.32
O5' ATP O . -0.62 20.80 3.26
C5' ATP O . -1.09 21.51 4.41
C4' ATP O . -2.57 21.24 4.57
O4' ATP O . -3.23 21.39 3.30
C3' ATP O . -2.91 19.85 5.10
O3' ATP O . -3.88 19.92 6.15
C2' ATP O . -3.49 19.14 3.87
O2' ATP O . -4.47 18.18 4.23
C1' ATP O . -4.14 20.31 3.15
N9 ATP O . -4.37 20.09 1.72
C8 ATP O . -3.61 19.33 0.88
N7 ATP O . -4.07 19.29 -0.35
C5 ATP O . -5.20 20.08 -0.30
C6 ATP O . -6.14 20.45 -1.29
N6 ATP O . -6.09 20.05 -2.57
N1 ATP O . -7.16 21.25 -0.91
C2 ATP O . -7.23 21.66 0.36
N3 ATP O . -6.40 21.37 1.36
C4 ATP O . -5.40 20.58 0.97
PG ATP P . 0.04 7.83 -22.97
O1G ATP P . 1.03 8.56 -23.81
O2G ATP P . 0.06 6.33 -23.15
O3G ATP P . -1.38 8.34 -23.16
PB ATP P . -0.05 9.01 -20.26
O1B ATP P . -0.48 10.32 -20.73
O2B ATP P . -1.03 8.25 -19.37
O3B ATP P . 0.35 8.06 -21.45
PA ATP P . 2.11 8.25 -18.41
O1A ATP P . 1.84 6.82 -18.57
O2A ATP P . 1.81 8.83 -17.03
O3A ATP P . 1.32 9.12 -19.46
O5' ATP P . 3.60 8.62 -18.75
C5' ATP P . 4.17 8.34 -20.05
C4' ATP P . 5.56 7.82 -19.85
O4' ATP P . 6.37 8.82 -19.20
C3' ATP P . 5.67 6.55 -18.99
O3' ATP P . 6.53 5.60 -19.59
C2' ATP P . 6.27 7.08 -17.68
O2' ATP P . 7.05 6.08 -17.02
C1' ATP P . 7.15 8.21 -18.20
N9 ATP P . 7.51 9.21 -17.21
C8 ATP P . 6.79 9.59 -16.10
N7 ATP P . 7.38 10.51 -15.38
C5 ATP P . 8.57 10.75 -16.05
C6 ATP P . 9.64 11.63 -15.80
N6 ATP P . 9.69 12.46 -14.75
N1 ATP P . 10.67 11.62 -16.67
C2 ATP P . 10.62 10.80 -17.72
N3 ATP P . 9.67 9.93 -18.06
C4 ATP P . 8.66 9.96 -17.18
NA NA Q . -3.95 7.76 -23.10
PG ATP R . -7.69 7.42 -21.67
O1G ATP R . -8.94 7.77 -22.38
O2G ATP R . -7.46 8.20 -20.38
O3G ATP R . -6.45 7.52 -22.54
PB ATP R . -6.75 4.76 -20.80
O1B ATP R . -6.15 4.11 -21.97
O2B ATP R . -5.79 5.35 -19.78
O3B ATP R . -7.73 5.91 -21.22
PA ATP R . -8.24 3.63 -18.52
O1A ATP R . -7.85 4.80 -17.70
O2A ATP R . -7.76 2.29 -17.99
O3A ATP R . -7.71 3.78 -20.00
O5' ATP R . -9.80 3.54 -18.74
C5' ATP R . -10.59 4.72 -19.00
C4' ATP R . -11.69 4.79 -17.98
O4' ATP R . -12.36 3.51 -17.90
C3' ATP R . -11.23 5.14 -16.56
O3' ATP R . -11.97 6.23 -16.03
C2' ATP R . -11.50 3.87 -15.76
O2' ATP R . -11.91 4.15 -14.44
C1' ATP R . -12.67 3.26 -16.55
N9 ATP R . -12.81 1.82 -16.36
C8 ATP R . -11.83 0.93 -16.03
N7 ATP R . -12.25 -0.31 -15.91
C5 ATP R . -13.61 -0.22 -16.16
C6 ATP R . -14.64 -1.18 -16.18
N6 ATP R . -14.44 -2.48 -15.94
N1 ATP R . -15.89 -0.76 -16.47
C2 ATP R . -16.09 0.54 -16.71
N3 ATP R . -15.20 1.54 -16.72
C4 ATP R . -13.97 1.09 -16.43
PG ATP S . -3.38 -22.13 -9.04
O1G ATP S . -2.71 -23.21 -9.79
O2G ATP S . -2.52 -21.50 -7.95
O3G ATP S . -4.72 -22.53 -8.44
PB ATP S . -4.24 -19.44 -9.95
O1B ATP S . -5.58 -19.32 -10.53
O2B ATP S . -4.08 -18.96 -8.51
O3B ATP S . -3.72 -20.91 -10.01
PA ATP S . -2.02 -17.59 -10.54
O1A ATP S . -1.55 -17.63 -9.14
O2A ATP S . -2.54 -16.24 -10.99
O3A ATP S . -3.14 -18.67 -10.80
O5' ATP S . -0.89 -18.04 -11.54
C5' ATP S . -0.02 -19.16 -11.25
C4' ATP S . 1.40 -18.67 -11.27
O4' ATP S . 1.65 -17.94 -12.49
C3' ATP S . 1.79 -17.75 -10.11
O3' ATP S . 2.89 -18.28 -9.37
C2' ATP S . 2.15 -16.43 -10.79
O2' ATP S . 3.25 -15.78 -10.16
C1' ATP S . 2.53 -16.89 -12.18
N9 ATP S . 2.41 -15.86 -13.21
C8 ATP S . 1.58 -14.76 -13.17
N7 ATP S . 1.68 -13.98 -14.21
C5 ATP S . 2.64 -14.60 -14.99
C6 ATP S . 3.20 -14.27 -16.24
N6 ATP S . 2.86 -13.19 -16.95
N1 ATP S . 4.14 -15.10 -16.74
C2 ATP S . 4.48 -16.19 -16.05
N3 ATP S . 4.03 -16.59 -14.86
C4 ATP S . 3.09 -15.75 -14.38
NA NA T . -7.00 -22.35 -7.49
PG ATP U . -10.15 -21.39 -5.32
O1G ATP U . -11.10 -22.29 -4.62
O2G ATP U . -10.82 -20.46 -6.33
O3G ATP U . -9.02 -22.12 -6.01
PB ATP U . -8.15 -20.35 -3.40
O1B ATP U . -7.64 -21.68 -3.10
O2B ATP U . -7.18 -19.38 -4.07
O3B ATP U . -9.44 -20.41 -4.30
PA ATP U . -9.18 -18.18 -1.67
O1A ATP U . -9.33 -17.29 -2.84
O2A ATP U . -8.22 -17.69 -0.59
O3A ATP U . -8.71 -19.64 -2.08
O5' ATP U . -10.57 -18.47 -0.99
C5' ATP U . -11.73 -18.81 -1.76
C4' ATP U . -12.87 -17.95 -1.28
O4' ATP U . -12.92 -17.96 0.16
C3' ATP U . -12.81 -16.49 -1.71
O3' ATP U . -14.03 -16.08 -2.34
C2' ATP U . -12.55 -15.73 -0.40
O2' ATP U . -13.19 -14.45 -0.38
C1' ATP U . -13.20 -16.66 0.61
N9 ATP U . -12.70 -16.51 1.97
C8 ATP U . -11.41 -16.19 2.33
N7 ATP U . -11.24 -16.10 3.63
C5 ATP U . -12.49 -16.36 4.15
C6 ATP U . -12.98 -16.43 5.47
N6 ATP U . -12.22 -16.21 6.55
N1 ATP U . -14.28 -16.72 5.65
C2 ATP U . -15.04 -16.94 4.57
N3 ATP U . -14.70 -16.91 3.29
C4 ATP U . -13.40 -16.62 3.15
PG ATP V . 6.62 -9.38 20.76
O1G ATP V . 7.26 -10.24 21.78
O2G ATP V . 7.54 -8.37 20.12
O3G ATP V . 5.37 -8.69 21.25
PB ATP V . 4.83 -10.49 18.68
O1B ATP V . 3.86 -11.35 19.36
O2B ATP V . 4.33 -9.12 18.24
O3B ATP V . 6.12 -10.27 19.55
PA ATP V . 6.11 -10.74 16.04
O1A ATP V . 6.52 -9.33 16.09
O2A ATP V . 5.16 -11.11 14.91
O3A ATP V . 5.44 -11.20 17.39
O5' ATP V . 7.36 -11.71 15.95
C5' ATP V . 8.57 -11.44 16.67
C4' ATP V . 9.72 -11.49 15.71
O4' ATP V . 9.59 -12.64 14.85
C3' ATP V . 9.87 -10.27 14.80
O3' ATP V . 11.16 -9.69 14.91
C2' ATP V . 9.63 -10.83 13.39
O2' ATP V . 10.46 -10.18 12.44
C1' ATP V . 10.04 -12.28 13.57
N9 ATP V . 9.47 -13.20 12.59
C8 ATP V . 8.26 -13.08 11.98
N7 ATP V . 8.00 -14.05 11.12
C5 ATP V . 9.12 -14.85 11.18
C6 ATP V . 9.48 -16.04 10.52
N6 ATP V . 8.70 -16.65 9.62
N1 ATP V . 10.68 -16.58 10.81
C2 ATP V . 11.47 -15.97 11.70
N3 ATP V . 11.24 -14.85 12.39
C4 ATP V . 10.04 -14.34 12.08
NA NA W . 3.61 -8.16 22.85
PG ATP X . 0.30 -6.12 22.97
O1G ATP X . -0.36 -5.94 24.29
O2G ATP X . -0.51 -6.91 21.97
O3G ATP X . 1.68 -6.72 23.07
PB ATP X . 1.64 -3.94 21.47
O1B ATP X . 2.82 -3.68 22.31
O2B ATP X . 1.89 -4.69 20.17
O3B ATP X . 0.54 -4.72 22.26
PA ATP X . 0.02 -2.05 19.90
O1A ATP X . -0.42 -3.14 19.00
O2A ATP X . 0.80 -0.93 19.23
O3A ATP X . 0.89 -2.59 21.10
O5' ATP X . -1.19 -1.38 20.65
C5' ATP X . -2.06 -2.15 21.51
C4' ATP X . -3.48 -1.72 21.22
O4' ATP X . -3.57 -0.28 21.34
C3' ATP X . -4.01 -2.10 19.85
O3' ATP X . -5.33 -2.64 19.92
C2' ATP X . -4.02 -0.75 19.10
O2' ATP X . -5.05 -0.71 18.13
C1' ATP X . -4.32 0.21 20.24
N9 ATP X . -3.90 1.58 19.98
C8 ATP X . -2.85 1.99 19.21
N7 ATP X . -2.71 3.30 19.14
C5 ATP X . -3.76 3.77 19.91
C6 ATP X . -4.18 5.08 20.24
N6 ATP X . -3.57 6.19 19.82
N1 ATP X . -5.27 5.20 21.04
C2 ATP X . -5.88 4.10 21.47
N3 ATP X . -5.57 2.83 21.22
C4 ATP X . -4.50 2.73 20.44
K K Y . 54.97 5.64 -24.01
K K Z . 51.70 -30.25 -2.59
K K AA . -55.69 -7.32 21.24
K K BA . -51.20 30.93 4.60
#